data_9HQ6
#
_entry.id   9HQ6
#
_cell.length_a   1.00
_cell.length_b   1.00
_cell.length_c   1.00
_cell.angle_alpha   90.00
_cell.angle_beta   90.00
_cell.angle_gamma   90.00
#
_symmetry.space_group_name_H-M   'P 1'
#
loop_
_entity.id
_entity.type
_entity.pdbx_description
1 polymer 'Ferritin heavy chain'
2 non-polymer 1-butyl-3-methyl-1H-imidazol-3-ium
3 non-polymer 'GOLD ION'
4 water water
#
_entity_poly.entity_id   1
_entity_poly.type   'polypeptide(L)'
_entity_poly.pdbx_seq_one_letter_code
;TTASTSQVRQNYHQDSEAAINRQINLELYASYVYLSMSYYFDRDDVALKNFAKYFLHQSHEEREHAEKLMKLQNQRGGRI
FLQDIKKPDCDDWESGLNAMECALHLEKNVNQSLLELHKLATDKNDPHLCDFIETHYLNEQVKAIKELGDHVTNLRKMGA
PESGLAEYLFDKHTLGDSDNES
;
_entity_poly.pdbx_strand_id   A,B,C,D,E,F,G,H,I,J,K,L,M,N,O,P,Q,R,S,T,V,W,X,Y
#
# COMPACT_ATOMS: atom_id res chain seq x y z
N THR A 5 21.33 -29.52 -52.20
CA THR A 5 20.18 -28.59 -52.04
C THR A 5 19.63 -28.67 -50.61
N SER A 6 19.36 -27.50 -50.03
CA SER A 6 18.83 -27.45 -48.68
C SER A 6 17.45 -28.08 -48.62
N GLN A 7 17.17 -28.77 -47.50
CA GLN A 7 15.87 -29.40 -47.31
C GLN A 7 14.74 -28.38 -47.19
N VAL A 8 15.06 -27.12 -46.88
CA VAL A 8 14.04 -26.09 -46.72
C VAL A 8 13.84 -25.25 -47.98
N ARG A 9 14.74 -25.36 -48.97
CA ARG A 9 14.71 -24.45 -50.10
C ARG A 9 13.48 -24.70 -50.97
N GLN A 10 12.80 -23.62 -51.34
CA GLN A 10 11.60 -23.72 -52.17
C GLN A 10 11.35 -22.37 -52.81
N ASN A 11 11.33 -22.33 -54.15
CA ASN A 11 11.04 -21.11 -54.90
C ASN A 11 12.07 -20.02 -54.61
N TYR A 12 13.33 -20.42 -54.40
CA TYR A 12 14.42 -19.50 -54.11
C TYR A 12 15.46 -19.63 -55.20
N HIS A 13 15.51 -18.65 -56.10
CA HIS A 13 16.40 -18.69 -57.25
C HIS A 13 17.83 -18.38 -56.83
N GLN A 14 18.78 -18.96 -57.57
CA GLN A 14 20.20 -18.73 -57.28
C GLN A 14 20.57 -17.25 -57.44
N ASP A 15 19.98 -16.58 -58.42
CA ASP A 15 20.23 -15.16 -58.61
C ASP A 15 19.80 -14.37 -57.38
N SER A 16 18.65 -14.72 -56.80
CA SER A 16 18.20 -14.05 -55.59
C SER A 16 19.17 -14.27 -54.45
N GLU A 17 19.69 -15.49 -54.32
CA GLU A 17 20.67 -15.79 -53.28
C GLU A 17 21.92 -14.94 -53.43
N ALA A 18 22.43 -14.84 -54.65
CA ALA A 18 23.61 -14.01 -54.90
C ALA A 18 23.33 -12.55 -54.60
N ALA A 19 22.17 -12.05 -55.02
CA ALA A 19 21.83 -10.66 -54.76
C ALA A 19 21.71 -10.39 -53.27
N ILE A 20 21.18 -11.35 -52.52
CA ILE A 20 21.09 -11.18 -51.07
C ILE A 20 22.49 -11.09 -50.45
N ASN A 21 23.42 -11.92 -50.93
CA ASN A 21 24.78 -11.83 -50.42
C ASN A 21 25.40 -10.46 -50.72
N ARG A 22 25.17 -9.95 -51.93
CA ARG A 22 25.67 -8.62 -52.26
C ARG A 22 25.06 -7.56 -51.35
N GLN A 23 23.76 -7.66 -51.07
CA GLN A 23 23.12 -6.70 -50.19
C GLN A 23 23.68 -6.77 -48.78
N ILE A 24 23.98 -7.98 -48.31
CA ILE A 24 24.61 -8.12 -47.00
C ILE A 24 25.91 -7.33 -46.96
N ASN A 25 26.74 -7.50 -48.00
CA ASN A 25 28.00 -6.78 -48.02
C ASN A 25 27.77 -5.27 -48.04
N LEU A 26 26.78 -4.82 -48.82
CA LEU A 26 26.51 -3.38 -48.90
C LEU A 26 26.08 -2.82 -47.55
N GLU A 27 25.23 -3.56 -46.82
CA GLU A 27 24.80 -3.08 -45.51
C GLU A 27 25.96 -3.01 -44.53
N LEU A 28 26.85 -4.02 -44.55
CA LEU A 28 28.01 -3.97 -43.69
C LEU A 28 28.90 -2.79 -44.03
N TYR A 29 29.06 -2.50 -45.33
CA TYR A 29 29.85 -1.35 -45.75
C TYR A 29 29.23 -0.04 -45.24
N ALA A 30 27.90 0.07 -45.33
CA ALA A 30 27.24 1.27 -44.82
C ALA A 30 27.46 1.43 -43.33
N SER A 31 27.36 0.32 -42.58
CA SER A 31 27.64 0.38 -41.15
C SER A 31 29.05 0.90 -40.91
N TYR A 32 30.03 0.43 -41.69
CA TYR A 32 31.40 0.89 -41.53
C TYR A 32 31.53 2.38 -41.80
N VAL A 33 30.87 2.85 -42.86
CA VAL A 33 30.91 4.28 -43.20
C VAL A 33 30.36 5.11 -42.04
N TYR A 34 29.23 4.68 -41.48
CA TYR A 34 28.65 5.44 -40.38
C TYR A 34 29.53 5.41 -39.14
N LEU A 35 30.22 4.29 -38.91
CA LEU A 35 31.16 4.24 -37.79
C LEU A 35 32.27 5.27 -37.96
N SER A 36 32.84 5.32 -39.17
CA SER A 36 33.87 6.30 -39.47
C SER A 36 33.36 7.72 -39.23
N MET A 37 32.17 8.02 -39.75
CA MET A 37 31.59 9.35 -39.55
C MET A 37 31.44 9.64 -38.06
N SER A 38 30.91 8.69 -37.30
CA SER A 38 30.65 8.92 -35.89
C SER A 38 31.94 9.30 -35.17
N TYR A 39 33.02 8.58 -35.42
CA TYR A 39 34.24 8.90 -34.70
C TYR A 39 35.02 10.06 -35.31
N TYR A 40 34.62 10.56 -36.48
CA TYR A 40 35.15 11.84 -36.93
C TYR A 40 34.65 12.97 -36.04
N PHE A 41 33.36 12.96 -35.68
CA PHE A 41 32.80 14.01 -34.85
C PHE A 41 33.18 13.89 -33.39
N ASP A 42 33.82 12.79 -33.00
CA ASP A 42 34.36 12.63 -31.66
C ASP A 42 35.76 13.21 -31.52
N ARG A 43 36.36 13.67 -32.62
CA ARG A 43 37.69 14.28 -32.57
C ARG A 43 37.66 15.56 -31.75
N ASP A 44 38.77 15.85 -31.08
CA ASP A 44 38.84 17.03 -30.24
C ASP A 44 38.76 18.33 -31.04
N ASP A 45 39.15 18.30 -32.31
CA ASP A 45 39.07 19.47 -33.17
C ASP A 45 37.78 19.51 -34.00
N VAL A 46 36.83 18.64 -33.72
CA VAL A 46 35.50 18.70 -34.33
C VAL A 46 34.48 18.83 -33.21
N ALA A 47 34.42 17.83 -32.34
CA ALA A 47 33.75 17.93 -31.05
C ALA A 47 32.27 18.30 -31.19
N LEU A 48 31.53 17.48 -31.93
CA LEU A 48 30.08 17.59 -32.02
C LEU A 48 29.50 16.26 -31.54
N LYS A 49 29.22 16.18 -30.25
CA LYS A 49 28.88 14.90 -29.63
C LYS A 49 27.61 14.30 -30.20
N ASN A 50 26.60 15.13 -30.47
CA ASN A 50 25.33 14.58 -30.92
C ASN A 50 25.40 14.11 -32.37
N PHE A 51 26.20 14.76 -33.21
CA PHE A 51 26.48 14.21 -34.52
C PHE A 51 27.10 12.82 -34.40
N ALA A 52 28.08 12.68 -33.51
CA ALA A 52 28.71 11.39 -33.30
C ALA A 52 27.71 10.34 -32.85
N LYS A 53 26.84 10.69 -31.91
CA LYS A 53 25.84 9.74 -31.43
CA LYS A 53 25.84 9.74 -31.43
C LYS A 53 24.88 9.36 -32.55
N TYR A 54 24.44 10.34 -33.34
CA TYR A 54 23.53 10.06 -34.45
C TYR A 54 24.15 9.04 -35.41
N PHE A 55 25.38 9.28 -35.82
CA PHE A 55 25.98 8.39 -36.80
C PHE A 55 26.34 7.03 -36.21
N LEU A 56 26.67 6.97 -34.92
CA LEU A 56 26.89 5.67 -34.29
C LEU A 56 25.59 4.86 -34.27
N HIS A 57 24.48 5.52 -33.96
CA HIS A 57 23.19 4.84 -34.02
C HIS A 57 22.91 4.31 -35.42
N GLN A 58 23.19 5.12 -36.44
CA GLN A 58 22.98 4.66 -37.81
C GLN A 58 23.86 3.46 -38.13
N SER A 59 25.10 3.47 -37.66
CA SER A 59 26.00 2.34 -37.89
C SER A 59 25.42 1.06 -37.30
N HIS A 60 24.96 1.12 -36.06
CA HIS A 60 24.40 -0.06 -35.43
C HIS A 60 23.13 -0.53 -36.16
N GLU A 61 22.30 0.42 -36.61
CA GLU A 61 21.12 0.04 -37.38
C GLU A 61 21.50 -0.69 -38.67
N GLU A 62 22.53 -0.21 -39.36
CA GLU A 62 22.98 -0.88 -40.57
C GLU A 62 23.44 -2.31 -40.27
N ARG A 63 24.17 -2.49 -39.15
CA ARG A 63 24.56 -3.84 -38.78
CA ARG A 63 24.56 -3.84 -38.78
C ARG A 63 23.34 -4.72 -38.56
N GLU A 64 22.31 -4.18 -37.91
CA GLU A 64 21.08 -4.95 -37.69
CA GLU A 64 21.08 -4.95 -37.69
C GLU A 64 20.46 -5.35 -39.03
N HIS A 65 20.44 -4.43 -39.99
CA HIS A 65 19.88 -4.75 -41.30
C HIS A 65 20.65 -5.89 -41.96
N ALA A 66 21.99 -5.83 -41.89
CA ALA A 66 22.79 -6.90 -42.47
C ALA A 66 22.48 -8.24 -41.81
N GLU A 67 22.36 -8.24 -40.48
CA GLU A 67 22.08 -9.49 -39.77
C GLU A 67 20.71 -10.03 -40.15
N LYS A 68 19.73 -9.15 -40.34
CA LYS A 68 18.41 -9.62 -40.77
C LYS A 68 18.49 -10.25 -42.15
N LEU A 69 19.29 -9.67 -43.05
CA LEU A 69 19.48 -10.29 -44.37
C LEU A 69 20.11 -11.67 -44.25
N MET A 70 21.11 -11.81 -43.37
CA MET A 70 21.73 -13.13 -43.18
C MET A 70 20.71 -14.13 -42.66
N LYS A 71 19.87 -13.71 -41.70
CA LYS A 71 18.81 -14.58 -41.21
C LYS A 71 17.88 -15.00 -42.33
N LEU A 72 17.52 -14.05 -43.21
CA LEU A 72 16.68 -14.39 -44.35
C LEU A 72 17.35 -15.42 -45.23
N GLN A 73 18.63 -15.21 -45.54
CA GLN A 73 19.37 -16.15 -46.37
C GLN A 73 19.26 -17.56 -45.80
N ASN A 74 19.46 -17.70 -44.48
CA ASN A 74 19.38 -19.03 -43.89
C ASN A 74 17.94 -19.56 -43.88
N GLN A 75 16.96 -18.68 -43.68
CA GLN A 75 15.58 -19.13 -43.65
C GLN A 75 15.17 -19.79 -44.95
N ARG A 76 15.60 -19.23 -46.07
CA ARG A 76 15.21 -19.72 -47.39
C ARG A 76 16.10 -20.84 -47.91
N GLY A 77 17.10 -21.25 -47.14
CA GLY A 77 17.99 -22.32 -47.56
C GLY A 77 19.14 -21.89 -48.43
N GLY A 78 19.35 -20.58 -48.59
CA GLY A 78 20.55 -20.11 -49.25
C GLY A 78 21.74 -20.18 -48.32
N ARG A 79 22.92 -19.92 -48.87
CA ARG A 79 24.17 -20.03 -48.14
C ARG A 79 24.89 -18.69 -48.17
N ILE A 80 25.24 -18.20 -46.99
CA ILE A 80 25.89 -16.89 -46.86
C ILE A 80 27.34 -17.02 -47.31
N PHE A 81 27.78 -16.11 -48.17
CA PHE A 81 29.18 -15.98 -48.55
C PHE A 81 29.58 -14.53 -48.32
N LEU A 82 30.47 -14.32 -47.35
CA LEU A 82 30.90 -12.99 -46.97
C LEU A 82 32.10 -12.56 -47.80
N GLN A 83 32.26 -11.25 -47.95
CA GLN A 83 33.34 -10.67 -48.71
C GLN A 83 33.99 -9.57 -47.87
N ASP A 84 35.12 -9.06 -48.35
CA ASP A 84 35.78 -7.95 -47.68
C ASP A 84 34.83 -6.78 -47.53
N ILE A 85 34.86 -6.15 -46.36
CA ILE A 85 34.17 -4.88 -46.14
C ILE A 85 35.16 -3.78 -46.47
N LYS A 86 34.92 -3.07 -47.58
CA LYS A 86 35.84 -2.03 -48.01
C LYS A 86 35.81 -0.86 -47.05
N LYS A 87 36.96 -0.21 -46.88
CA LYS A 87 37.03 0.94 -46.01
C LYS A 87 36.27 2.11 -46.63
N PRO A 88 35.77 3.04 -45.80
CA PRO A 88 35.06 4.20 -46.35
C PRO A 88 35.97 5.03 -47.25
N ASP A 89 35.35 5.69 -48.23
CA ASP A 89 36.11 6.47 -49.20
C ASP A 89 36.85 7.64 -48.54
N CYS A 90 36.31 8.18 -47.46
CA CYS A 90 36.86 9.36 -46.82
C CYS A 90 37.32 9.02 -45.40
N ASP A 91 38.42 9.62 -44.99
CA ASP A 91 38.85 9.61 -43.60
C ASP A 91 38.38 10.83 -42.83
N ASP A 92 38.25 11.97 -43.50
CA ASP A 92 37.86 13.24 -42.90
C ASP A 92 36.59 13.71 -43.58
N TRP A 93 35.52 13.87 -42.82
CA TRP A 93 34.20 14.18 -43.39
C TRP A 93 33.90 15.67 -43.46
N GLU A 94 34.76 16.49 -42.87
CA GLU A 94 34.92 17.93 -43.10
CA GLU A 94 34.91 17.93 -43.08
C GLU A 94 33.81 18.79 -42.47
N SER A 95 32.69 18.23 -42.03
CA SER A 95 31.66 19.06 -41.40
C SER A 95 30.44 18.20 -41.13
N GLY A 96 29.54 18.74 -40.31
CA GLY A 96 28.25 18.09 -40.13
C GLY A 96 27.42 18.10 -41.41
N LEU A 97 27.39 19.22 -42.12
CA LEU A 97 26.61 19.30 -43.34
C LEU A 97 27.15 18.34 -44.40
N ASN A 98 28.46 18.31 -44.58
CA ASN A 98 29.05 17.40 -45.57
C ASN A 98 28.78 15.95 -45.21
N ALA A 99 28.87 15.62 -43.91
CA ALA A 99 28.58 14.26 -43.48
C ALA A 99 27.13 13.90 -43.75
N MET A 100 26.21 14.84 -43.49
CA MET A 100 24.79 14.57 -43.77
C MET A 100 24.56 14.36 -45.27
N GLU A 101 25.21 15.17 -46.11
CA GLU A 101 25.07 14.98 -47.55
C GLU A 101 25.62 13.64 -48.00
N CYS A 102 26.77 13.23 -47.45
CA CYS A 102 27.34 11.93 -47.77
C CYS A 102 26.42 10.81 -47.32
N ALA A 103 25.82 10.94 -46.14
CA ALA A 103 24.88 9.94 -45.66
C ALA A 103 23.65 9.87 -46.56
N LEU A 104 23.17 11.01 -47.03
CA LEU A 104 22.04 11.01 -47.96
C LEU A 104 22.40 10.26 -49.24
N HIS A 105 23.59 10.53 -49.79
CA HIS A 105 24.05 9.82 -50.97
C HIS A 105 24.11 8.31 -50.71
N LEU A 106 24.68 7.92 -49.56
CA LEU A 106 24.80 6.51 -49.24
C LEU A 106 23.44 5.84 -49.11
N GLU A 107 22.51 6.49 -48.42
CA GLU A 107 21.19 5.90 -48.23
C GLU A 107 20.45 5.77 -49.55
N LYS A 108 20.62 6.73 -50.45
CA LYS A 108 19.99 6.60 -51.76
C LYS A 108 20.62 5.47 -52.57
N ASN A 109 21.94 5.28 -52.44
CA ASN A 109 22.57 4.14 -53.11
C ASN A 109 22.03 2.82 -52.58
N VAL A 110 21.91 2.70 -51.27
CA VAL A 110 21.37 1.48 -50.67
C VAL A 110 19.92 1.27 -51.13
N ASN A 111 19.14 2.34 -51.19
CA ASN A 111 17.77 2.22 -51.65
C ASN A 111 17.71 1.73 -53.09
N GLN A 112 18.59 2.25 -53.95
CA GLN A 112 18.62 1.79 -55.34
C GLN A 112 18.95 0.30 -55.40
N SER A 113 19.90 -0.14 -54.59
CA SER A 113 20.23 -1.55 -54.55
C SER A 113 19.02 -2.38 -54.12
N LEU A 114 18.29 -1.92 -53.11
CA LEU A 114 17.12 -2.64 -52.64
C LEU A 114 16.04 -2.69 -53.71
N LEU A 115 15.87 -1.60 -54.46
CA LEU A 115 14.88 -1.59 -55.53
C LEU A 115 15.25 -2.57 -56.63
N GLU A 116 16.54 -2.65 -56.96
CA GLU A 116 16.97 -3.66 -57.94
C GLU A 116 16.74 -5.06 -57.41
N LEU A 117 16.99 -5.28 -56.12
CA LEU A 117 16.72 -6.59 -55.53
C LEU A 117 15.24 -6.94 -55.62
N HIS A 118 14.37 -5.97 -55.34
CA HIS A 118 12.94 -6.21 -55.44
C HIS A 118 12.52 -6.52 -56.87
N LYS A 119 13.10 -5.80 -57.83
CA LYS A 119 12.81 -6.09 -59.23
C LYS A 119 13.22 -7.52 -59.59
N LEU A 120 14.41 -7.94 -59.13
CA LEU A 120 14.84 -9.31 -59.38
C LEU A 120 13.88 -10.31 -58.76
N ALA A 121 13.47 -10.07 -57.51
CA ALA A 121 12.55 -10.99 -56.86
C ALA A 121 11.23 -11.07 -57.61
N THR A 122 10.72 -9.92 -58.08
CA THR A 122 9.50 -9.92 -58.86
C THR A 122 9.66 -10.72 -60.14
N ASP A 123 10.80 -10.55 -60.81
CA ASP A 123 11.03 -11.28 -62.06
CA ASP A 123 11.04 -11.29 -62.06
C ASP A 123 11.08 -12.79 -61.83
N LYS A 124 11.59 -13.23 -60.68
CA LYS A 124 11.67 -14.64 -60.35
C LYS A 124 10.43 -15.16 -59.65
N ASN A 125 9.38 -14.34 -59.54
CA ASN A 125 8.12 -14.74 -58.92
C ASN A 125 8.35 -15.28 -57.51
N ASP A 126 9.07 -14.51 -56.71
CA ASP A 126 9.35 -14.86 -55.32
C ASP A 126 8.59 -13.92 -54.41
N PRO A 127 7.29 -14.14 -54.19
CA PRO A 127 6.50 -13.19 -53.39
C PRO A 127 6.99 -13.06 -51.96
N HIS A 128 7.53 -14.12 -51.36
CA HIS A 128 8.03 -13.99 -50.00
C HIS A 128 9.19 -13.01 -49.92
N LEU A 129 10.11 -13.08 -50.87
CA LEU A 129 11.25 -12.16 -50.86
C LEU A 129 10.80 -10.73 -51.14
N CYS A 130 9.87 -10.55 -52.08
CA CYS A 130 9.33 -9.23 -52.35
C CYS A 130 8.69 -8.64 -51.09
N ASP A 131 7.90 -9.45 -50.39
CA ASP A 131 7.24 -8.97 -49.17
C ASP A 131 8.27 -8.65 -48.10
N PHE A 132 9.31 -9.48 -47.98
CA PHE A 132 10.37 -9.20 -47.02
C PHE A 132 11.00 -7.84 -47.27
N ILE A 133 11.36 -7.58 -48.53
CA ILE A 133 11.99 -6.31 -48.88
C ILE A 133 11.04 -5.15 -48.62
N GLU A 134 9.78 -5.29 -49.03
CA GLU A 134 8.81 -4.22 -48.82
C GLU A 134 8.62 -3.93 -47.34
N THR A 135 8.44 -4.98 -46.54
CA THR A 135 8.06 -4.80 -45.15
C THR A 135 9.21 -4.28 -44.30
N HIS A 136 10.42 -4.76 -44.55
CA HIS A 136 11.52 -4.48 -43.63
C HIS A 136 12.51 -3.44 -44.14
N TYR A 137 12.49 -3.09 -45.42
CA TYR A 137 13.56 -2.25 -45.94
C TYR A 137 13.11 -1.00 -46.69
N LEU A 138 12.06 -1.09 -47.50
CA LEU A 138 11.77 0.03 -48.41
C LEU A 138 11.30 1.26 -47.66
N ASN A 139 10.32 1.11 -46.75
CA ASN A 139 9.85 2.28 -46.02
C ASN A 139 10.90 2.81 -45.07
N GLU A 140 11.72 1.93 -44.48
CA GLU A 140 12.81 2.40 -43.65
C GLU A 140 13.75 3.30 -44.45
N GLN A 141 14.07 2.91 -45.68
CA GLN A 141 14.93 3.74 -46.52
C GLN A 141 14.25 5.06 -46.87
N VAL A 142 12.96 5.03 -47.19
CA VAL A 142 12.28 6.27 -47.53
C VAL A 142 12.31 7.23 -46.34
N LYS A 143 12.03 6.71 -45.14
CA LYS A 143 12.07 7.55 -43.95
C LYS A 143 13.46 8.10 -43.69
N ALA A 144 14.49 7.25 -43.83
CA ALA A 144 15.85 7.72 -43.59
C ALA A 144 16.25 8.80 -44.57
N ILE A 145 15.89 8.63 -45.84
CA ILE A 145 16.23 9.62 -46.86
C ILE A 145 15.50 10.93 -46.57
N LYS A 146 14.22 10.86 -46.20
CA LYS A 146 13.48 12.07 -45.86
C LYS A 146 14.12 12.79 -44.67
N GLU A 147 14.48 12.03 -43.64
CA GLU A 147 15.10 12.65 -42.46
C GLU A 147 16.41 13.32 -42.81
N LEU A 148 17.25 12.64 -43.59
CA LEU A 148 18.54 13.24 -43.98
C LEU A 148 18.34 14.47 -44.84
N GLY A 149 17.37 14.44 -45.75
CA GLY A 149 17.07 15.63 -46.52
C GLY A 149 16.63 16.79 -45.65
N ASP A 150 15.80 16.51 -44.64
CA ASP A 150 15.39 17.55 -43.70
C ASP A 150 16.61 18.14 -42.98
N HIS A 151 17.51 17.26 -42.52
CA HIS A 151 18.70 17.73 -41.81
C HIS A 151 19.56 18.61 -42.71
N VAL A 152 19.77 18.17 -43.95
CA VAL A 152 20.58 18.96 -44.89
C VAL A 152 19.93 20.32 -45.14
N THR A 153 18.62 20.33 -45.34
CA THR A 153 17.92 21.59 -45.57
C THR A 153 18.10 22.54 -44.39
N ASN A 154 17.90 22.04 -43.18
CA ASN A 154 18.02 22.91 -42.01
C ASN A 154 19.43 23.42 -41.84
N LEU A 155 20.43 22.55 -42.01
CA LEU A 155 21.82 23.00 -41.87
C LEU A 155 22.17 24.05 -42.91
N ARG A 156 21.71 23.86 -44.15
CA ARG A 156 21.97 24.86 -45.19
C ARG A 156 21.31 26.19 -44.85
N LYS A 157 20.06 26.15 -44.41
CA LYS A 157 19.35 27.38 -44.09
C LYS A 157 20.01 28.12 -42.94
N MET A 158 20.46 27.39 -41.92
CA MET A 158 21.09 28.01 -40.76
C MET A 158 22.43 28.66 -41.10
N GLY A 159 23.01 28.36 -42.25
CA GLY A 159 24.27 28.96 -42.65
C GLY A 159 25.47 28.04 -42.60
N ALA A 160 25.28 26.74 -42.33
CA ALA A 160 26.38 25.80 -42.35
C ALA A 160 26.91 25.65 -43.78
N PRO A 161 28.16 25.22 -43.94
CA PRO A 161 29.15 24.87 -42.92
C PRO A 161 29.98 26.06 -42.45
N GLU A 162 29.83 27.21 -43.11
CA GLU A 162 30.68 28.36 -42.78
C GLU A 162 30.45 28.82 -41.35
N SER A 163 29.20 28.87 -40.91
CA SER A 163 28.86 29.31 -39.57
C SER A 163 28.96 28.09 -38.64
N GLY A 164 30.04 28.03 -37.86
CA GLY A 164 30.15 26.97 -36.86
C GLY A 164 29.07 27.06 -35.81
N LEU A 165 28.55 28.26 -35.57
CA LEU A 165 27.42 28.42 -34.66
C LEU A 165 26.21 27.63 -35.15
N ALA A 166 25.99 27.61 -36.47
CA ALA A 166 24.88 26.85 -37.02
C ALA A 166 24.99 25.38 -36.69
N GLU A 167 26.18 24.80 -36.89
CA GLU A 167 26.33 23.37 -36.61
C GLU A 167 26.26 23.09 -35.12
N TYR A 168 26.81 23.98 -34.29
CA TYR A 168 26.69 23.81 -32.84
C TYR A 168 25.22 23.78 -32.41
N LEU A 169 24.44 24.75 -32.90
CA LEU A 169 23.04 24.83 -32.49
C LEU A 169 22.23 23.68 -33.07
N PHE A 170 22.55 23.25 -34.29
CA PHE A 170 21.86 22.09 -34.86
C PHE A 170 22.16 20.84 -34.03
N ASP A 171 23.42 20.69 -33.62
CA ASP A 171 23.80 19.57 -32.77
C ASP A 171 23.00 19.59 -31.47
N LYS A 172 22.85 20.77 -30.87
CA LYS A 172 22.14 20.85 -29.59
CA LYS A 172 22.14 20.85 -29.59
C LYS A 172 20.64 20.60 -29.75
N HIS A 173 20.02 21.28 -30.71
CA HIS A 173 18.56 21.35 -30.76
C HIS A 173 17.91 20.27 -31.60
N THR A 174 18.52 19.87 -32.72
CA THR A 174 17.90 18.84 -33.54
C THR A 174 18.39 17.44 -33.15
N LEU A 175 19.70 17.25 -33.06
CA LEU A 175 20.26 15.95 -32.75
C LEU A 175 20.38 15.68 -31.26
N GLY A 176 20.15 16.68 -30.41
CA GLY A 176 20.25 16.50 -28.98
C GLY A 176 18.96 15.96 -28.38
N THR B 5 62.32 6.13 11.24
CA THR B 5 61.64 5.45 10.11
C THR B 5 60.26 4.95 10.54
N SER B 6 59.27 5.19 9.70
CA SER B 6 57.91 4.74 10.00
C SER B 6 57.83 3.22 10.07
N GLN B 7 57.03 2.73 11.01
CA GLN B 7 56.82 1.30 11.15
C GLN B 7 56.13 0.68 9.94
N VAL B 8 55.46 1.49 9.12
CA VAL B 8 54.74 0.98 7.95
C VAL B 8 55.56 1.11 6.66
N ARG B 9 56.65 1.85 6.68
CA ARG B 9 57.36 2.17 5.44
C ARG B 9 58.01 0.92 4.85
N GLN B 10 57.83 0.73 3.55
CA GLN B 10 58.40 -0.43 2.86
C GLN B 10 58.46 -0.14 1.38
N ASN B 11 59.66 -0.16 0.80
CA ASN B 11 59.86 0.05 -0.63
C ASN B 11 59.38 1.43 -1.06
N TYR B 12 59.58 2.42 -0.20
CA TYR B 12 59.17 3.80 -0.45
C TYR B 12 60.42 4.68 -0.42
N HIS B 13 60.89 5.09 -1.59
CA HIS B 13 62.12 5.86 -1.69
C HIS B 13 61.90 7.31 -1.28
N GLN B 14 62.96 7.92 -0.74
CA GLN B 14 62.87 9.31 -0.31
C GLN B 14 62.55 10.24 -1.47
N ASP B 15 63.10 9.95 -2.65
CA ASP B 15 62.81 10.75 -3.83
C ASP B 15 61.31 10.71 -4.15
N SER B 16 60.70 9.54 -4.03
CA SER B 16 59.26 9.43 -4.27
C SER B 16 58.48 10.26 -3.27
N GLU B 17 58.90 10.24 -2.00
CA GLU B 17 58.24 11.04 -0.97
C GLU B 17 58.30 12.52 -1.30
N ALA B 18 59.48 13.00 -1.70
CA ALA B 18 59.63 14.40 -2.06
C ALA B 18 58.78 14.75 -3.27
N ALA B 19 58.77 13.88 -4.28
CA ALA B 19 57.96 14.14 -5.47
C ALA B 19 56.47 14.18 -5.13
N ILE B 20 56.04 13.33 -4.21
CA ILE B 20 54.64 13.36 -3.80
C ILE B 20 54.31 14.68 -3.12
N ASN B 21 55.21 15.18 -2.28
CA ASN B 21 54.96 16.48 -1.66
C ASN B 21 54.86 17.59 -2.70
N ARG B 22 55.74 17.55 -3.71
CA ARG B 22 55.66 18.54 -4.78
C ARG B 22 54.33 18.45 -5.52
N GLN B 23 53.87 17.22 -5.77
CA GLN B 23 52.60 17.04 -6.47
C GLN B 23 51.44 17.56 -5.63
N ILE B 24 51.49 17.36 -4.31
CA ILE B 24 50.46 17.92 -3.44
C ILE B 24 50.39 19.43 -3.62
N ASN B 25 51.56 20.09 -3.60
CA ASN B 25 51.55 21.54 -3.76
C ASN B 25 50.98 21.93 -5.11
N LEU B 26 51.34 21.19 -6.17
CA LEU B 26 50.85 21.53 -7.50
C LEU B 26 49.33 21.39 -7.59
N GLU B 27 48.77 20.35 -6.97
CA GLU B 27 47.32 20.17 -6.98
C GLU B 27 46.62 21.29 -6.22
N LEU B 28 47.18 21.70 -5.08
CA LEU B 28 46.58 22.81 -4.34
C LEU B 28 46.64 24.09 -5.17
N TYR B 29 47.75 24.32 -5.86
CA TYR B 29 47.87 25.49 -6.72
C TYR B 29 46.82 25.46 -7.83
N ALA B 30 46.61 24.30 -8.45
CA ALA B 30 45.58 24.19 -9.49
C ALA B 30 44.20 24.49 -8.93
N SER B 31 43.90 23.98 -7.74
CA SER B 31 42.62 24.30 -7.11
C SER B 31 42.47 25.80 -6.93
N TYR B 32 43.54 26.48 -6.50
CA TYR B 32 43.49 27.92 -6.32
C TYR B 32 43.22 28.65 -7.64
N VAL B 33 43.90 28.20 -8.71
CA VAL B 33 43.70 28.82 -10.02
C VAL B 33 42.24 28.68 -10.45
N TYR B 34 41.66 27.48 -10.27
CA TYR B 34 40.28 27.28 -10.68
C TYR B 34 39.32 28.12 -9.82
N LEU B 35 39.64 28.30 -8.54
CA LEU B 35 38.81 29.17 -7.71
C LEU B 35 38.82 30.60 -8.23
N SER B 36 40.00 31.10 -8.57
CA SER B 36 40.11 32.44 -9.14
C SER B 36 39.28 32.55 -10.42
N MET B 37 39.43 31.58 -11.31
CA MET B 37 38.66 31.58 -12.55
C MET B 37 37.16 31.61 -12.25
N SER B 38 36.72 30.75 -11.33
CA SER B 38 35.30 30.65 -11.04
C SER B 38 34.73 32.00 -10.61
N TYR B 39 35.44 32.69 -9.72
CA TYR B 39 34.89 33.96 -9.26
C TYR B 39 35.18 35.12 -10.20
N TYR B 40 35.99 34.92 -11.23
CA TYR B 40 36.04 35.91 -12.31
C TYR B 40 34.71 35.95 -13.07
N PHE B 41 34.15 34.79 -13.37
CA PHE B 41 32.90 34.71 -14.13
C PHE B 41 31.68 35.04 -13.29
N ASP B 42 31.85 35.19 -11.97
CA ASP B 42 30.78 35.66 -11.10
C ASP B 42 30.71 37.18 -11.03
N ARG B 43 31.66 37.88 -11.64
CA ARG B 43 31.63 39.34 -11.65
C ARG B 43 30.42 39.86 -12.41
N ASP B 44 29.91 41.01 -11.98
CA ASP B 44 28.73 41.58 -12.60
C ASP B 44 28.98 42.01 -14.05
N ASP B 45 30.23 42.31 -14.40
CA ASP B 45 30.57 42.69 -15.76
C ASP B 45 31.07 41.51 -16.60
N VAL B 46 30.95 40.29 -16.10
CA VAL B 46 31.25 39.08 -16.87
C VAL B 46 29.98 38.24 -16.89
N ALA B 47 29.54 37.80 -15.72
CA ALA B 47 28.19 37.26 -15.52
C ALA B 47 27.91 36.06 -16.42
N LEU B 48 28.75 35.03 -16.29
CA LEU B 48 28.52 33.74 -16.95
C LEU B 48 28.46 32.70 -15.84
N LYS B 49 27.24 32.43 -15.36
CA LYS B 49 27.08 31.63 -14.15
C LYS B 49 27.58 30.21 -14.34
N ASN B 50 27.34 29.61 -15.50
CA ASN B 50 27.72 28.22 -15.69
C ASN B 50 29.21 28.05 -15.87
N PHE B 51 29.89 29.03 -16.46
CA PHE B 51 31.35 29.02 -16.43
C PHE B 51 31.86 29.03 -15.00
N ALA B 52 31.27 29.89 -14.16
CA ALA B 52 31.67 29.95 -12.76
C ALA B 52 31.45 28.62 -12.06
N LYS B 53 30.30 28.00 -12.29
CA LYS B 53 30.02 26.71 -11.66
CA LYS B 53 30.02 26.71 -11.66
C LYS B 53 31.01 25.65 -12.13
N TYR B 54 31.29 25.62 -13.43
CA TYR B 54 32.23 24.65 -13.98
C TYR B 54 33.59 24.76 -13.30
N PHE B 55 34.11 25.98 -13.22
CA PHE B 55 35.44 26.14 -12.66
C PHE B 55 35.45 25.94 -11.14
N LEU B 56 34.36 26.25 -10.45
CA LEU B 56 34.30 25.94 -9.02
C LEU B 56 34.34 24.43 -8.80
N HIS B 57 33.61 23.68 -9.63
CA HIS B 57 33.66 22.23 -9.54
C HIS B 57 35.08 21.72 -9.77
N GLN B 58 35.77 22.28 -10.77
CA GLN B 58 37.15 21.86 -11.01
C GLN B 58 38.04 22.17 -9.82
N SER B 59 37.84 23.32 -9.19
CA SER B 59 38.64 23.68 -8.00
C SER B 59 38.46 22.65 -6.90
N HIS B 60 37.20 22.28 -6.63
CA HIS B 60 36.95 21.31 -5.57
C HIS B 60 37.55 19.94 -5.93
N GLU B 61 37.46 19.56 -7.21
CA GLU B 61 38.08 18.31 -7.63
C GLU B 61 39.59 18.32 -7.41
N GLU B 62 40.24 19.44 -7.72
CA GLU B 62 41.68 19.54 -7.49
C GLU B 62 42.00 19.39 -6.00
N ARG B 63 41.19 20.01 -5.14
CA ARG B 63 41.40 19.83 -3.70
CA ARG B 63 41.40 19.84 -3.71
C ARG B 63 41.29 18.37 -3.32
N GLU B 64 40.31 17.66 -3.88
CA GLU B 64 40.17 16.24 -3.58
CA GLU B 64 40.17 16.24 -3.59
C GLU B 64 41.41 15.46 -4.02
N HIS B 65 41.95 15.80 -5.19
CA HIS B 65 43.17 15.12 -5.65
C HIS B 65 44.33 15.35 -4.69
N ALA B 66 44.49 16.59 -4.22
CA ALA B 66 45.55 16.88 -3.28
C ALA B 66 45.38 16.07 -1.99
N GLU B 67 44.14 15.99 -1.50
CA GLU B 67 43.89 15.25 -0.26
C GLU B 67 44.18 13.77 -0.45
N LYS B 68 43.84 13.22 -1.62
CA LYS B 68 44.16 11.82 -1.89
C LYS B 68 45.67 11.60 -1.88
N LEU B 69 46.44 12.54 -2.44
CA LEU B 69 47.89 12.42 -2.39
C LEU B 69 48.41 12.46 -0.96
N MET B 70 47.84 13.32 -0.13
CA MET B 70 48.26 13.36 1.28
C MET B 70 47.96 12.04 1.98
N LYS B 71 46.78 11.47 1.71
CA LYS B 71 46.43 10.16 2.25
C LYS B 71 47.45 9.12 1.80
N LEU B 72 47.82 9.14 0.53
CA LEU B 72 48.83 8.20 0.04
C LEU B 72 50.15 8.38 0.78
N GLN B 73 50.58 9.62 0.96
CA GLN B 73 51.82 9.89 1.68
C GLN B 73 51.79 9.24 3.05
N ASN B 74 50.68 9.40 3.78
CA ASN B 74 50.61 8.80 5.11
C ASN B 74 50.52 7.28 5.03
N GLN B 75 49.83 6.75 4.03
CA GLN B 75 49.70 5.29 3.91
C GLN B 75 51.05 4.62 3.79
N ARG B 76 51.96 5.21 3.02
CA ARG B 76 53.27 4.62 2.75
C ARG B 76 54.30 4.97 3.80
N GLY B 77 53.95 5.73 4.83
CA GLY B 77 54.88 6.10 5.86
C GLY B 77 55.74 7.30 5.56
N GLY B 78 55.46 8.02 4.48
CA GLY B 78 56.11 9.29 4.25
C GLY B 78 55.50 10.37 5.11
N ARG B 79 56.14 11.54 5.10
CA ARG B 79 55.73 12.66 5.93
C ARG B 79 55.42 13.86 5.05
N ILE B 80 54.23 14.42 5.24
CA ILE B 80 53.77 15.54 4.45
C ILE B 80 54.49 16.80 4.89
N PHE B 81 55.02 17.54 3.93
CA PHE B 81 55.59 18.87 4.18
C PHE B 81 54.94 19.83 3.21
N LEU B 82 54.13 20.75 3.74
CA LEU B 82 53.39 21.69 2.93
C LEU B 82 54.22 22.95 2.66
N GLN B 83 53.91 23.60 1.56
CA GLN B 83 54.59 24.82 1.15
C GLN B 83 53.55 25.88 0.80
N ASP B 84 54.03 27.10 0.58
CA ASP B 84 53.14 28.18 0.17
C ASP B 84 52.39 27.79 -1.10
N ILE B 85 51.10 28.11 -1.14
CA ILE B 85 50.32 27.99 -2.36
C ILE B 85 50.41 29.35 -3.07
N LYS B 86 51.12 29.37 -4.19
CA LYS B 86 51.31 30.62 -4.91
C LYS B 86 49.99 31.10 -5.52
N LYS B 87 49.83 32.41 -5.58
CA LYS B 87 48.63 32.98 -6.17
C LYS B 87 48.62 32.75 -7.68
N PRO B 88 47.45 32.67 -8.30
CA PRO B 88 47.39 32.49 -9.76
C PRO B 88 48.08 33.63 -10.48
N ASP B 89 48.62 33.31 -11.66
CA ASP B 89 49.36 34.31 -12.43
C ASP B 89 48.48 35.46 -12.87
N CYS B 90 47.20 35.21 -13.11
CA CYS B 90 46.28 36.21 -13.63
C CYS B 90 45.20 36.52 -12.61
N ASP B 91 44.81 37.80 -12.55
CA ASP B 91 43.62 38.22 -11.81
C ASP B 91 42.39 38.30 -12.69
N ASP B 92 42.57 38.62 -13.96
CA ASP B 92 41.49 38.80 -14.92
C ASP B 92 41.71 37.81 -16.06
N TRP B 93 40.74 36.91 -16.27
CA TRP B 93 40.91 35.82 -17.23
C TRP B 93 40.37 36.15 -18.62
N GLU B 94 39.69 37.29 -18.77
CA GLU B 94 39.41 38.00 -20.00
CA GLU B 94 39.41 38.01 -20.00
C GLU B 94 38.33 37.37 -20.87
N SER B 95 37.91 36.13 -20.62
CA SER B 95 36.84 35.55 -21.42
C SER B 95 36.68 34.09 -21.03
N GLY B 96 35.57 33.49 -21.49
CA GLY B 96 35.40 32.06 -21.34
C GLY B 96 36.41 31.27 -22.15
N LEU B 97 36.64 31.68 -23.40
CA LEU B 97 37.60 30.97 -24.25
C LEU B 97 39.00 31.04 -23.68
N ASN B 98 39.43 32.23 -23.25
CA ASN B 98 40.76 32.36 -22.68
C ASN B 98 40.91 31.54 -21.41
N ALA B 99 39.87 31.53 -20.57
CA ALA B 99 39.91 30.72 -19.36
C ALA B 99 40.01 29.24 -19.69
N MET B 100 39.26 28.78 -20.70
CA MET B 100 39.35 27.38 -21.10
C MET B 100 40.75 27.04 -21.62
N GLU B 101 41.35 27.94 -22.40
CA GLU B 101 42.70 27.69 -22.89
C GLU B 101 43.70 27.64 -21.74
N CYS B 102 43.56 28.54 -20.77
CA CYS B 102 44.44 28.52 -19.60
C CYS B 102 44.25 27.24 -18.81
N ALA B 103 43.01 26.78 -18.66
CA ALA B 103 42.76 25.52 -17.96
C ALA B 103 43.38 24.35 -18.71
N LEU B 104 43.31 24.36 -20.02
CA LEU B 104 43.95 23.30 -20.81
C LEU B 104 45.45 23.29 -20.57
N HIS B 105 46.08 24.47 -20.59
CA HIS B 105 47.51 24.57 -20.31
C HIS B 105 47.82 24.02 -18.92
N LEU B 106 47.02 24.42 -17.92
CA LEU B 106 47.26 23.96 -16.55
C LEU B 106 47.12 22.46 -16.44
N GLU B 107 46.08 21.89 -17.04
CA GLU B 107 45.87 20.45 -16.94
C GLU B 107 46.99 19.68 -17.63
N LYS B 108 47.50 20.20 -18.76
CA LYS B 108 48.63 19.53 -19.39
C LYS B 108 49.89 19.64 -18.55
N ASN B 109 50.09 20.76 -17.86
CA ASN B 109 51.23 20.86 -16.96
C ASN B 109 51.13 19.85 -15.82
N VAL B 110 49.94 19.72 -15.24
CA VAL B 110 49.74 18.75 -14.16
C VAL B 110 49.97 17.33 -14.68
N ASN B 111 49.48 17.05 -15.89
CA ASN B 111 49.70 15.74 -16.48
C ASN B 111 51.18 15.46 -16.66
N GLN B 112 51.94 16.44 -17.14
CA GLN B 112 53.38 16.24 -17.30
C GLN B 112 54.04 15.94 -15.96
N SER B 113 53.62 16.66 -14.91
CA SER B 113 54.16 16.37 -13.58
C SER B 113 53.84 14.94 -13.16
N LEU B 114 52.61 14.49 -13.41
CA LEU B 114 52.23 13.13 -13.03
C LEU B 114 53.02 12.10 -13.82
N LEU B 115 53.28 12.37 -15.10
CA LEU B 115 54.08 11.44 -15.90
C LEU B 115 55.50 11.36 -15.38
N GLU B 116 56.08 12.50 -14.99
CA GLU B 116 57.41 12.46 -14.39
C GLU B 116 57.40 11.69 -13.08
N LEU B 117 56.34 11.86 -12.28
CA LEU B 117 56.23 11.10 -11.03
C LEU B 117 56.15 9.61 -11.31
N HIS B 118 55.38 9.21 -12.33
CA HIS B 118 55.30 7.80 -12.68
C HIS B 118 56.65 7.26 -13.15
N LYS B 119 57.37 8.05 -13.94
CA LYS B 119 58.70 7.63 -14.37
C LYS B 119 59.62 7.42 -13.17
N LEU B 120 59.58 8.34 -12.20
CA LEU B 120 60.38 8.18 -11.00
C LEU B 120 60.00 6.91 -10.25
N ALA B 121 58.69 6.66 -10.08
CA ALA B 121 58.25 5.47 -9.38
C ALA B 121 58.71 4.21 -10.11
N THR B 122 58.64 4.20 -11.43
CA THR B 122 59.11 3.06 -12.20
C THR B 122 60.61 2.85 -11.99
N ASP B 123 61.38 3.95 -11.99
CA ASP B 123 62.82 3.81 -11.80
CA ASP B 123 62.82 3.83 -11.80
C ASP B 123 63.16 3.26 -10.43
N LYS B 124 62.36 3.58 -9.41
CA LYS B 124 62.59 3.10 -8.06
C LYS B 124 61.90 1.77 -7.79
N ASN B 125 61.31 1.14 -8.81
CA ASN B 125 60.66 -0.16 -8.67
C ASN B 125 59.62 -0.13 -7.56
N ASP B 126 58.73 0.86 -7.63
CA ASP B 126 57.65 1.02 -6.67
C ASP B 126 56.32 0.74 -7.37
N PRO B 127 55.98 -0.54 -7.57
CA PRO B 127 54.74 -0.86 -8.31
C PRO B 127 53.48 -0.31 -7.66
N HIS B 128 53.42 -0.23 -6.33
CA HIS B 128 52.23 0.32 -5.70
C HIS B 128 52.02 1.77 -6.09
N LEU B 129 53.09 2.57 -6.08
CA LEU B 129 52.96 3.97 -6.44
C LEU B 129 52.61 4.14 -7.91
N CYS B 130 53.23 3.33 -8.77
CA CYS B 130 52.88 3.36 -10.19
C CYS B 130 51.41 3.06 -10.40
N ASP B 131 50.91 2.02 -9.73
CA ASP B 131 49.52 1.66 -9.87
C ASP B 131 48.60 2.75 -9.34
N PHE B 132 48.99 3.36 -8.21
CA PHE B 132 48.21 4.47 -7.66
C PHE B 132 48.07 5.59 -8.68
N ILE B 133 49.19 5.99 -9.29
CA ILE B 133 49.16 7.07 -10.27
C ILE B 133 48.32 6.68 -11.48
N GLU B 134 48.52 5.46 -11.98
CA GLU B 134 47.76 5.02 -13.15
C GLU B 134 46.27 5.00 -12.86
N THR B 135 45.88 4.44 -11.72
CA THR B 135 44.47 4.19 -11.44
C THR B 135 43.73 5.48 -11.13
N HIS B 136 44.36 6.39 -10.37
CA HIS B 136 43.63 7.52 -9.84
C HIS B 136 43.90 8.84 -10.56
N TYR B 137 44.94 8.92 -11.40
CA TYR B 137 45.31 10.24 -11.92
C TYR B 137 45.46 10.31 -13.43
N LEU B 138 46.02 9.29 -14.07
CA LEU B 138 46.39 9.45 -15.48
C LEU B 138 45.18 9.55 -16.38
N ASN B 139 44.22 8.62 -16.24
CA ASN B 139 43.04 8.68 -17.09
C ASN B 139 42.18 9.88 -16.77
N GLU B 140 42.12 10.29 -15.50
CA GLU B 140 41.39 11.50 -15.16
C GLU B 140 41.97 12.70 -15.90
N GLN B 141 43.30 12.79 -15.96
CA GLN B 141 43.94 13.89 -16.69
C GLN B 141 43.64 13.81 -18.18
N VAL B 142 43.71 12.61 -18.75
CA VAL B 142 43.44 12.47 -20.18
C VAL B 142 42.01 12.92 -20.48
N LYS B 143 41.05 12.49 -19.66
CA LYS B 143 39.66 12.89 -19.88
C LYS B 143 39.49 14.40 -19.72
N ALA B 144 40.11 14.98 -18.71
CA ALA B 144 39.98 16.43 -18.50
C ALA B 144 40.56 17.21 -19.67
N ILE B 145 41.72 16.78 -20.17
CA ILE B 145 42.35 17.46 -21.29
C ILE B 145 41.48 17.33 -22.54
N LYS B 146 40.92 16.15 -22.78
CA LYS B 146 40.04 15.97 -23.93
C LYS B 146 38.81 16.87 -23.82
N GLU B 147 38.20 16.93 -22.64
CA GLU B 147 37.02 17.77 -22.46
C GLU B 147 37.35 19.24 -22.68
N LEU B 148 38.47 19.71 -22.13
CA LEU B 148 38.84 21.12 -22.33
C LEU B 148 39.14 21.41 -23.78
N GLY B 149 39.80 20.49 -24.48
CA GLY B 149 40.02 20.67 -25.90
C GLY B 149 38.72 20.77 -26.67
N ASP B 150 37.75 19.92 -26.33
CA ASP B 150 36.44 20.00 -26.97
C ASP B 150 35.80 21.37 -26.72
N HIS B 151 35.86 21.84 -25.49
CA HIS B 151 35.27 23.14 -25.16
C HIS B 151 35.93 24.26 -25.96
N VAL B 152 37.26 24.24 -26.01
CA VAL B 152 37.99 25.27 -26.77
C VAL B 152 37.60 25.23 -28.24
N THR B 153 37.53 24.02 -28.81
CA THR B 153 37.15 23.89 -30.21
C THR B 153 35.78 24.48 -30.46
N ASN B 154 34.81 24.12 -29.62
CA ASN B 154 33.45 24.61 -29.83
C ASN B 154 33.37 26.12 -29.68
N LEU B 155 34.03 26.67 -28.66
CA LEU B 155 34.00 28.12 -28.48
C LEU B 155 34.64 28.84 -29.66
N ARG B 156 35.75 28.32 -30.16
CA ARG B 156 36.39 28.92 -31.33
C ARG B 156 35.47 28.87 -32.54
N LYS B 157 34.84 27.72 -32.79
CA LYS B 157 33.97 27.59 -33.95
C LYS B 157 32.78 28.52 -33.86
N MET B 158 32.20 28.66 -32.67
CA MET B 158 31.03 29.52 -32.49
C MET B 158 31.35 30.99 -32.68
N GLY B 159 32.62 31.38 -32.70
CA GLY B 159 33.00 32.76 -32.90
C GLY B 159 33.52 33.49 -31.68
N ALA B 160 33.71 32.79 -30.57
CA ALA B 160 34.29 33.42 -29.38
C ALA B 160 35.74 33.80 -29.65
N PRO B 161 36.28 34.78 -28.91
CA PRO B 161 35.66 35.55 -27.84
C PRO B 161 34.96 36.81 -28.34
N GLU B 162 35.11 37.12 -29.64
CA GLU B 162 34.55 38.38 -30.16
C GLU B 162 33.04 38.39 -30.04
N SER B 163 32.38 37.28 -30.36
CA SER B 163 30.93 37.18 -30.30
C SER B 163 30.54 36.80 -28.87
N GLY B 164 30.06 37.79 -28.11
CA GLY B 164 29.55 37.49 -26.78
C GLY B 164 28.35 36.56 -26.81
N LEU B 165 27.61 36.58 -27.91
CA LEU B 165 26.51 35.64 -28.08
C LEU B 165 27.02 34.20 -28.05
N ALA B 166 28.18 33.95 -28.65
CA ALA B 166 28.75 32.61 -28.64
C ALA B 166 29.00 32.12 -27.22
N GLU B 167 29.62 32.97 -26.38
CA GLU B 167 29.91 32.54 -25.03
C GLU B 167 28.63 32.41 -24.21
N TYR B 168 27.66 33.29 -24.42
CA TYR B 168 26.37 33.15 -23.73
C TYR B 168 25.72 31.81 -24.06
N LEU B 169 25.66 31.46 -25.35
CA LEU B 169 25.00 30.24 -25.76
C LEU B 169 25.80 29.01 -25.33
N PHE B 170 27.12 29.10 -25.34
CA PHE B 170 27.93 27.98 -24.84
C PHE B 170 27.70 27.78 -23.35
N ASP B 171 27.61 28.87 -22.60
CA ASP B 171 27.30 28.79 -21.19
C ASP B 171 25.97 28.11 -20.95
N LYS B 172 24.96 28.46 -21.76
CA LYS B 172 23.62 27.89 -21.56
CA LYS B 172 23.63 27.88 -21.56
C LYS B 172 23.58 26.42 -21.96
N HIS B 173 24.10 26.09 -23.14
CA HIS B 173 23.84 24.78 -23.74
C HIS B 173 24.88 23.72 -23.41
N THR B 174 26.15 24.09 -23.32
CA THR B 174 27.17 23.09 -23.01
C THR B 174 27.40 22.98 -21.51
N LEU B 175 27.65 24.11 -20.84
CA LEU B 175 27.94 24.10 -19.41
C LEU B 175 26.69 24.13 -18.54
N GLY B 176 25.53 24.35 -19.12
CA GLY B 176 24.29 24.40 -18.36
C GLY B 176 23.69 23.03 -18.11
N THR C 5 -0.76 59.77 21.91
CA THR C 5 0.38 58.82 21.76
C THR C 5 -0.10 57.37 21.87
N SER C 6 0.40 56.53 20.96
CA SER C 6 0.02 55.13 20.95
C SER C 6 0.49 54.43 22.22
N GLN C 7 -0.33 53.51 22.73
CA GLN C 7 0.02 52.75 23.91
C GLN C 7 1.21 51.84 23.68
N VAL C 8 1.55 51.52 22.43
CA VAL C 8 2.66 50.64 22.13
C VAL C 8 3.94 51.40 21.80
N ARG C 9 3.87 52.70 21.57
CA ARG C 9 5.01 53.44 21.07
C ARG C 9 6.12 53.51 22.10
N GLN C 10 7.34 53.23 21.67
CA GLN C 10 8.50 53.27 22.57
C GLN C 10 9.77 53.39 21.73
N ASN C 11 10.53 54.46 21.97
CA ASN C 11 11.80 54.68 21.26
C ASN C 11 11.60 54.81 19.75
N TYR C 12 10.47 55.41 19.36
CA TYR C 12 10.13 55.60 17.95
C TYR C 12 10.03 57.10 17.68
N HIS C 13 11.03 57.65 17.02
CA HIS C 13 11.08 59.09 16.78
C HIS C 13 10.13 59.49 15.66
N GLN C 14 9.62 60.72 15.74
CA GLN C 14 8.70 61.22 14.71
C GLN C 14 9.37 61.27 13.34
N ASP C 15 10.66 61.62 13.32
CA ASP C 15 11.39 61.64 12.05
C ASP C 15 11.43 60.25 11.42
N SER C 16 11.62 59.22 12.23
CA SER C 16 11.61 57.85 11.70
C SER C 16 10.24 57.50 11.13
N GLU C 17 9.17 57.91 11.81
CA GLU C 17 7.82 57.66 11.33
C GLU C 17 7.60 58.31 9.97
N ALA C 18 8.01 59.58 9.84
CA ALA C 18 7.86 60.27 8.56
C ALA C 18 8.68 59.60 7.47
N ALA C 19 9.91 59.20 7.78
CA ALA C 19 10.75 58.54 6.79
C ALA C 19 10.15 57.21 6.36
N ILE C 20 9.54 56.48 7.30
CA ILE C 20 8.88 55.23 6.93
C ILE C 20 7.72 55.49 5.98
N ASN C 21 6.95 56.54 6.22
CA ASN C 21 5.86 56.87 5.30
C ASN C 21 6.40 57.18 3.91
N ARG C 22 7.49 57.96 3.85
CA ARG C 22 8.10 58.25 2.55
C ARG C 22 8.56 56.97 1.85
N GLN C 23 9.15 56.05 2.60
CA GLN C 23 9.61 54.79 2.01
C GLN C 23 8.44 53.97 1.50
N ILE C 24 7.32 53.98 2.23
CA ILE C 24 6.13 53.29 1.74
C ILE C 24 5.73 53.83 0.38
N ASN C 25 5.70 55.16 0.26
CA ASN C 25 5.31 55.74 -1.04
C ASN C 25 6.31 55.34 -2.12
N LEU C 26 7.60 55.34 -1.81
CA LEU C 26 8.61 54.98 -2.80
C LEU C 26 8.44 53.54 -3.27
N GLU C 27 8.15 52.62 -2.34
CA GLU C 27 7.96 51.22 -2.72
C GLU C 27 6.73 51.06 -3.60
N LEU C 28 5.65 51.76 -3.28
CA LEU C 28 4.45 51.69 -4.12
C LEU C 28 4.75 52.24 -5.51
N TYR C 29 5.52 53.32 -5.58
CA TYR C 29 5.89 53.87 -6.88
C TYR C 29 6.72 52.89 -7.69
N ALA C 30 7.66 52.21 -7.04
CA ALA C 30 8.47 51.21 -7.74
C ALA C 30 7.59 50.07 -8.26
N SER C 31 6.63 49.62 -7.45
CA SER C 31 5.70 48.61 -7.92
C SER C 31 4.96 49.08 -9.17
N TYR C 32 4.53 50.35 -9.18
CA TYR C 32 3.82 50.89 -10.34
C TYR C 32 4.72 50.91 -11.58
N VAL C 33 5.98 51.30 -11.40
CA VAL C 33 6.92 51.33 -12.51
C VAL C 33 7.09 49.94 -13.09
N TYR C 34 7.24 48.93 -12.24
CA TYR C 34 7.43 47.57 -12.73
C TYR C 34 6.17 47.06 -13.42
N LEU C 35 4.99 47.46 -12.95
CA LEU C 35 3.76 47.09 -13.63
C LEU C 35 3.73 47.66 -15.05
N SER C 36 4.07 48.94 -15.17
CA SER C 36 4.14 49.56 -16.50
C SER C 36 5.11 48.81 -17.40
N MET C 37 6.30 48.52 -16.90
CA MET C 37 7.28 47.78 -17.69
C MET C 37 6.72 46.44 -18.13
N SER C 38 6.10 45.71 -17.19
CA SER C 38 5.61 44.38 -17.51
C SER C 38 4.62 44.42 -18.66
N TYR C 39 3.69 45.38 -18.63
CA TYR C 39 2.70 45.39 -19.70
C TYR C 39 3.20 46.10 -20.96
N TYR C 40 4.37 46.75 -20.91
CA TYR C 40 5.00 47.15 -22.16
C TYR C 40 5.44 45.94 -22.98
N PHE C 41 6.02 44.94 -22.32
CA PHE C 41 6.51 43.75 -23.02
C PHE C 41 5.39 42.79 -23.39
N ASP C 42 4.17 43.04 -22.93
CA ASP C 42 3.00 42.28 -23.36
C ASP C 42 2.38 42.84 -24.62
N ARG C 43 2.86 43.97 -25.12
CA ARG C 43 2.33 44.54 -26.36
C ARG C 43 2.61 43.62 -27.54
N ASP C 44 1.70 43.63 -28.52
CA ASP C 44 1.85 42.77 -29.68
C ASP C 44 3.06 43.14 -30.52
N ASP C 45 3.51 44.38 -30.48
CA ASP C 45 4.67 44.82 -31.23
C ASP C 45 5.95 44.78 -30.40
N VAL C 46 5.92 44.18 -29.21
CA VAL C 46 7.11 43.94 -28.41
C VAL C 46 7.21 42.44 -28.17
N ALA C 47 6.22 41.89 -27.48
CA ALA C 47 5.98 40.44 -27.42
C ALA C 47 7.19 39.68 -26.89
N LEU C 48 7.60 40.03 -25.68
CA LEU C 48 8.62 39.28 -24.95
C LEU C 48 7.97 38.83 -23.63
N LYS C 49 7.39 37.63 -23.66
CA LYS C 49 6.55 37.19 -22.55
C LYS C 49 7.33 37.07 -21.25
N ASN C 50 8.56 36.57 -21.32
CA ASN C 50 9.31 36.33 -20.09
C ASN C 50 9.81 37.63 -19.47
N PHE C 51 10.13 38.64 -20.29
CA PHE C 51 10.38 39.97 -19.74
C PHE C 51 9.17 40.47 -18.99
N ALA C 52 7.98 40.31 -19.58
CA ALA C 52 6.75 40.75 -18.93
C ALA C 52 6.56 40.02 -17.60
N LYS C 53 6.77 38.70 -17.58
CA LYS C 53 6.61 37.95 -16.34
CA LYS C 53 6.61 37.95 -16.34
C LYS C 53 7.61 38.40 -15.29
N TYR C 54 8.87 38.62 -15.69
CA TYR C 54 9.89 39.06 -14.76
C TYR C 54 9.48 40.37 -14.09
N PHE C 55 9.06 41.34 -14.90
CA PHE C 55 8.74 42.65 -14.32
C PHE C 55 7.44 42.61 -13.52
N LEU C 56 6.49 41.76 -13.91
CA LEU C 56 5.28 41.62 -13.08
C LEU C 56 5.64 41.04 -11.71
N HIS C 57 6.53 40.05 -11.68
CA HIS C 57 6.98 39.51 -10.41
C HIS C 57 7.65 40.59 -9.57
N GLN C 58 8.49 41.42 -10.19
CA GLN C 58 9.12 42.52 -9.45
C GLN C 58 8.07 43.49 -8.90
N SER C 59 7.04 43.78 -9.69
CA SER C 59 5.97 44.67 -9.22
C SER C 59 5.33 44.11 -7.96
N HIS C 60 4.97 42.83 -7.98
CA HIS C 60 4.31 42.23 -6.82
C HIS C 60 5.24 42.22 -5.61
N GLU C 61 6.54 41.96 -5.84
CA GLU C 61 7.49 42.00 -4.74
C GLU C 61 7.57 43.40 -4.12
N GLU C 62 7.56 44.44 -4.96
CA GLU C 62 7.58 45.79 -4.42
C GLU C 62 6.34 46.07 -3.59
N ARG C 63 5.17 45.61 -4.05
CA ARG C 63 3.97 45.77 -3.23
CA ARG C 63 3.97 45.77 -3.23
C ARG C 63 4.13 45.09 -1.89
N GLU C 64 4.71 43.88 -1.87
CA GLU C 64 4.93 43.19 -0.60
CA GLU C 64 4.93 43.19 -0.60
C GLU C 64 5.84 43.99 0.31
N HIS C 65 6.90 44.60 -0.25
CA HIS C 65 7.79 45.41 0.58
C HIS C 65 7.04 46.59 1.18
N ALA C 66 6.20 47.26 0.38
CA ALA C 66 5.43 48.38 0.91
C ALA C 66 4.51 47.93 2.05
N GLU C 67 3.86 46.77 1.87
CA GLU C 67 2.95 46.28 2.91
C GLU C 67 3.72 45.94 4.19
N LYS C 68 4.93 45.38 4.04
CA LYS C 68 5.73 45.10 5.24
C LYS C 68 6.09 46.39 5.96
N LEU C 69 6.41 47.45 5.22
CA LEU C 69 6.68 48.73 5.86
C LEU C 69 5.45 49.26 6.60
N MET C 70 4.27 49.11 6.00
CA MET C 70 3.05 49.55 6.69
C MET C 70 2.84 48.75 7.98
N LYS C 71 3.07 47.44 7.93
CA LYS C 71 2.98 46.62 9.12
C LYS C 71 3.95 47.10 10.18
N LEU C 72 5.18 47.42 9.78
CA LEU C 72 6.16 47.94 10.73
C LEU C 72 5.66 49.25 11.36
N GLN C 73 5.15 50.15 10.54
CA GLN C 73 4.61 51.40 11.06
C GLN C 73 3.59 51.15 12.15
N ASN C 74 2.66 50.22 11.91
CA ASN C 74 1.65 49.94 12.92
C ASN C 74 2.25 49.25 14.14
N GLN C 75 3.24 48.38 13.94
CA GLN C 75 3.84 47.66 15.06
C GLN C 75 4.45 48.62 16.07
N ARG C 76 5.11 49.67 15.58
CA ARG C 76 5.81 50.61 16.43
C ARG C 76 4.92 51.73 16.95
N GLY C 77 3.65 51.74 16.59
CA GLY C 77 2.75 52.78 17.05
C GLY C 77 2.74 54.04 16.21
N GLY C 78 3.42 54.04 15.08
CA GLY C 78 3.29 55.14 14.15
C GLY C 78 1.99 55.06 13.37
N ARG C 79 1.72 56.10 12.61
CA ARG C 79 0.47 56.22 11.88
C ARG C 79 0.76 56.40 10.40
N ILE C 80 0.16 55.55 9.57
CA ILE C 80 0.40 55.56 8.14
C ILE C 80 -0.34 56.74 7.52
N PHE C 81 0.38 57.51 6.71
CA PHE C 81 -0.22 58.56 5.90
C PHE C 81 0.20 58.31 4.46
N LEU C 82 -0.77 57.98 3.61
CA LEU C 82 -0.51 57.66 2.21
C LEU C 82 -0.56 58.92 1.37
N GLN C 83 0.15 58.87 0.23
CA GLN C 83 0.20 59.98 -0.71
C GLN C 83 -0.06 59.45 -2.11
N ASP C 84 -0.22 60.37 -3.06
CA ASP C 84 -0.39 59.97 -4.44
C ASP C 84 0.78 59.10 -4.90
N ILE C 85 0.46 58.05 -5.65
CA ILE C 85 1.48 57.25 -6.33
C ILE C 85 1.65 57.87 -7.72
N LYS C 86 2.79 58.50 -7.95
CA LYS C 86 3.03 59.15 -9.22
C LYS C 86 3.17 58.14 -10.34
N LYS C 87 2.71 58.51 -11.53
CA LYS C 87 2.82 57.62 -12.67
C LYS C 87 4.29 57.48 -13.08
N PRO C 88 4.65 56.36 -13.71
CA PRO C 88 6.04 56.20 -14.16
C PRO C 88 6.43 57.27 -15.16
N ASP C 89 7.72 57.59 -15.19
CA ASP C 89 8.20 58.67 -16.05
C ASP C 89 8.02 58.32 -17.53
N CYS C 90 8.07 57.04 -17.88
CA CYS C 90 8.00 56.61 -19.27
C CYS C 90 6.76 55.77 -19.51
N ASP C 91 6.16 55.93 -20.68
CA ASP C 91 5.12 55.03 -21.15
C ASP C 91 5.66 53.91 -22.03
N ASP C 92 6.74 54.17 -22.76
CA ASP C 92 7.34 53.22 -23.68
C ASP C 92 8.79 53.00 -23.24
N TRP C 93 9.13 51.75 -22.93
CA TRP C 93 10.43 51.43 -22.33
C TRP C 93 11.48 51.04 -23.37
N GLU C 94 11.09 50.88 -24.63
CA GLU C 94 11.91 50.88 -25.83
CA GLU C 94 11.90 50.88 -25.84
C GLU C 94 12.73 49.61 -26.04
N SER C 95 12.87 48.73 -25.05
CA SER C 95 13.62 47.49 -25.28
C SER C 95 13.76 46.76 -23.94
N GLY C 96 14.17 45.49 -24.03
CA GLY C 96 14.52 44.76 -22.83
C GLY C 96 15.74 45.34 -22.14
N LEU C 97 16.78 45.69 -22.91
CA LEU C 97 17.99 46.24 -22.31
C LEU C 97 17.71 47.58 -21.63
N ASN C 98 16.95 48.46 -22.30
CA ASN C 98 16.64 49.75 -21.71
C ASN C 98 15.81 49.58 -20.45
N ALA C 99 14.85 48.65 -20.47
CA ALA C 99 14.05 48.40 -19.28
C ALA C 99 14.90 47.88 -18.14
N MET C 100 15.86 46.99 -18.43
CA MET C 100 16.74 46.48 -17.39
C MET C 100 17.60 47.61 -16.81
N GLU C 101 18.10 48.50 -17.67
CA GLU C 101 18.88 49.62 -17.17
C GLU C 101 18.04 50.55 -16.30
N CYS C 102 16.80 50.81 -16.71
CA CYS C 102 15.91 51.63 -15.90
C CYS C 102 15.62 50.97 -14.57
N ALA C 103 15.41 49.65 -14.57
CA ALA C 103 15.18 48.93 -13.32
C ALA C 103 16.40 49.00 -12.41
N LEU C 104 17.60 48.90 -12.99
CA LEU C 104 18.81 49.04 -12.19
C LEU C 104 18.88 50.41 -11.55
N HIS C 105 18.59 51.45 -12.32
CA HIS C 105 18.58 52.81 -11.77
C HIS C 105 17.56 52.92 -10.64
N LEU C 106 16.36 52.38 -10.85
CA LEU C 106 15.32 52.45 -9.83
C LEU C 106 15.73 51.72 -8.55
N GLU C 107 16.29 50.52 -8.70
CA GLU C 107 16.67 49.76 -7.52
C GLU C 107 17.79 50.43 -6.76
N LYS C 108 18.73 51.08 -7.47
CA LYS C 108 19.77 51.82 -6.77
C LYS C 108 19.19 53.05 -6.05
N ASN C 109 18.19 53.70 -6.65
CA ASN C 109 17.54 54.80 -5.96
C ASN C 109 16.85 54.33 -4.67
N VAL C 110 16.14 53.21 -4.75
CA VAL C 110 15.48 52.66 -3.57
C VAL C 110 16.51 52.29 -2.52
N ASN C 111 17.63 51.70 -2.96
CA ASN C 111 18.69 51.35 -2.01
C ASN C 111 19.23 52.58 -1.31
N GLN C 112 19.46 53.67 -2.06
CA GLN C 112 19.95 54.88 -1.43
C GLN C 112 18.95 55.40 -0.40
N SER C 113 17.66 55.35 -0.72
CA SER C 113 16.65 55.77 0.25
C SER C 113 16.71 54.91 1.50
N LEU C 114 16.87 53.59 1.33
CA LEU C 114 16.95 52.71 2.49
C LEU C 114 18.19 52.98 3.33
N LEU C 115 19.30 53.29 2.67
CA LEU C 115 20.53 53.62 3.41
C LEU C 115 20.36 54.90 4.21
N GLU C 116 19.68 55.90 3.63
CA GLU C 116 19.40 57.11 4.37
C GLU C 116 18.47 56.83 5.55
N LEU C 117 17.48 55.95 5.36
CA LEU C 117 16.62 55.56 6.46
C LEU C 117 17.40 54.89 7.57
N HIS C 118 18.33 54.00 7.21
CA HIS C 118 19.14 53.34 8.22
C HIS C 118 20.02 54.34 8.97
N LYS C 119 20.59 55.31 8.24
CA LYS C 119 21.38 56.34 8.90
C LYS C 119 20.52 57.12 9.90
N LEU C 120 19.30 57.48 9.51
CA LEU C 120 18.42 58.19 10.42
C LEU C 120 18.12 57.35 11.65
N ALA C 121 17.82 56.06 11.45
CA ALA C 121 17.52 55.19 12.59
C ALA C 121 18.72 55.08 13.51
N THR C 122 19.92 54.97 12.95
CA THR C 122 21.13 54.93 13.78
C THR C 122 21.30 56.22 14.57
N ASP C 123 21.04 57.36 13.93
CA ASP C 123 21.19 58.64 14.63
CA ASP C 123 21.18 58.64 14.62
C ASP C 123 20.19 58.76 15.78
N LYS C 124 19.01 58.18 15.64
CA LYS C 124 17.99 58.23 16.68
C LYS C 124 18.10 57.07 17.66
N ASN C 125 19.15 56.25 17.56
CA ASN C 125 19.36 55.13 18.47
C ASN C 125 18.15 54.22 18.52
N ASP C 126 17.68 53.81 17.34
CA ASP C 126 16.54 52.92 17.21
C ASP C 126 17.03 51.56 16.70
N PRO C 127 17.60 50.72 17.56
CA PRO C 127 18.16 49.45 17.07
C PRO C 127 17.15 48.54 16.42
N HIS C 128 15.88 48.55 16.87
CA HIS C 128 14.89 47.68 16.24
C HIS C 128 14.68 48.08 14.78
N LEU C 129 14.58 49.37 14.50
CA LEU C 129 14.37 49.82 13.13
C LEU C 129 15.60 49.53 12.27
N CYS C 130 16.79 49.75 12.81
CA CYS C 130 18.02 49.41 12.08
C CYS C 130 18.03 47.94 11.73
N ASP C 131 17.71 47.08 12.70
CA ASP C 131 17.71 45.65 12.44
C ASP C 131 16.64 45.27 11.42
N PHE C 132 15.47 45.90 11.49
CA PHE C 132 14.42 45.65 10.51
C PHE C 132 14.93 45.95 9.10
N ILE C 133 15.54 47.13 8.92
CA ILE C 133 16.04 47.52 7.61
C ILE C 133 17.13 46.54 7.14
N GLU C 134 18.08 46.22 8.03
CA GLU C 134 19.15 45.31 7.65
C GLU C 134 18.61 43.95 7.24
N THR C 135 17.70 43.40 8.04
CA THR C 135 17.27 42.03 7.85
C THR C 135 16.37 41.88 6.63
N HIS C 136 15.48 42.84 6.40
CA HIS C 136 14.44 42.65 5.40
C HIS C 136 14.68 43.42 4.10
N TYR C 137 15.61 44.37 4.06
CA TYR C 137 15.68 45.22 2.88
C TYR C 137 17.07 45.35 2.26
N LEU C 138 18.13 45.44 3.06
CA LEU C 138 19.43 45.81 2.49
C LEU C 138 19.99 44.71 1.61
N ASN C 139 20.00 43.46 2.09
CA ASN C 139 20.54 42.38 1.27
C ASN C 139 19.65 42.09 0.08
N GLU C 140 18.34 42.23 0.24
CA GLU C 140 17.44 42.07 -0.90
C GLU C 140 17.81 43.06 -2.00
N GLN C 141 18.06 44.32 -1.62
CA GLN C 141 18.45 45.32 -2.63
C GLN C 141 19.79 44.98 -3.26
N VAL C 142 20.76 44.54 -2.45
CA VAL C 142 22.06 44.20 -3.02
C VAL C 142 21.91 43.07 -4.04
N LYS C 143 21.14 42.04 -3.69
CA LYS C 143 20.93 40.93 -4.61
C LYS C 143 20.20 41.38 -5.88
N ALA C 144 19.18 42.22 -5.74
CA ALA C 144 18.44 42.69 -6.91
C ALA C 144 19.35 43.50 -7.83
N ILE C 145 20.17 44.38 -7.25
CA ILE C 145 21.08 45.19 -8.05
C ILE C 145 22.09 44.32 -8.77
N LYS C 146 22.64 43.32 -8.08
CA LYS C 146 23.59 42.41 -8.72
C LYS C 146 22.93 41.65 -9.87
N GLU C 147 21.71 41.16 -9.66
CA GLU C 147 21.02 40.43 -10.71
C GLU C 147 20.76 41.32 -11.92
N LEU C 148 20.29 42.54 -11.69
CA LEU C 148 20.03 43.44 -12.81
C LEU C 148 21.31 43.80 -13.54
N GLY C 149 22.41 44.01 -12.81
CA GLY C 149 23.69 44.24 -13.46
C GLY C 149 24.10 43.08 -14.33
N ASP C 150 23.91 41.85 -13.83
CA ASP C 150 24.22 40.67 -14.63
C ASP C 150 23.39 40.65 -15.90
N HIS C 151 22.09 40.94 -15.78
CA HIS C 151 21.21 40.93 -16.95
C HIS C 151 21.66 41.96 -17.97
N VAL C 152 21.97 43.17 -17.50
CA VAL C 152 22.41 44.22 -18.41
C VAL C 152 23.70 43.81 -19.11
N THR C 153 24.65 43.26 -18.36
CA THR C 153 25.91 42.82 -18.96
C THR C 153 25.67 41.79 -20.04
N ASN C 154 24.84 40.79 -19.75
CA ASN C 154 24.61 39.74 -20.74
C ASN C 154 23.90 40.28 -21.98
N LEU C 155 22.90 41.13 -21.79
CA LEU C 155 22.20 41.69 -22.95
C LEU C 155 23.14 42.54 -23.80
N ARG C 156 24.00 43.33 -23.16
CA ARG C 156 24.96 44.12 -23.91
C ARG C 156 25.92 43.23 -24.70
N LYS C 157 26.44 42.19 -24.06
CA LYS C 157 27.39 41.31 -24.73
C LYS C 157 26.74 40.60 -25.91
N MET C 158 25.49 40.17 -25.75
CA MET C 158 24.80 39.45 -26.82
C MET C 158 24.53 40.34 -28.02
N GLY C 159 24.63 41.65 -27.89
CA GLY C 159 24.39 42.57 -28.99
C GLY C 159 23.10 43.36 -28.92
N ALA C 160 22.36 43.28 -27.81
CA ALA C 160 21.17 44.08 -27.64
C ALA C 160 21.54 45.55 -27.55
N PRO C 161 20.60 46.46 -27.88
CA PRO C 161 19.24 46.24 -28.32
C PRO C 161 19.11 46.09 -29.84
N GLU C 162 20.19 46.33 -30.57
CA GLU C 162 20.12 46.31 -32.03
C GLU C 162 19.72 44.93 -32.54
N SER C 163 20.30 43.89 -31.97
CA SER C 163 20.01 42.52 -32.39
C SER C 163 18.77 42.04 -31.64
N GLY C 164 17.63 42.00 -32.33
CA GLY C 164 16.43 41.44 -31.74
C GLY C 164 16.58 39.98 -31.39
N LEU C 165 17.44 39.27 -32.12
CA LEU C 165 17.76 37.89 -31.78
C LEU C 165 18.32 37.79 -30.37
N ALA C 166 19.18 38.74 -29.98
CA ALA C 166 19.76 38.73 -28.65
C ALA C 166 18.68 38.80 -27.59
N GLU C 167 17.72 39.71 -27.73
CA GLU C 167 16.68 39.84 -26.72
C GLU C 167 15.75 38.65 -26.73
N TYR C 168 15.44 38.10 -27.91
CA TYR C 168 14.62 36.90 -27.97
C TYR C 168 15.28 35.74 -27.22
N LEU C 169 16.57 35.52 -27.47
CA LEU C 169 17.25 34.41 -26.85
C LEU C 169 17.46 34.65 -25.36
N PHE C 170 17.70 35.89 -24.96
CA PHE C 170 17.80 36.20 -23.54
C PHE C 170 16.47 35.94 -22.85
N ASP C 171 15.37 36.33 -23.49
CA ASP C 171 14.04 36.06 -22.95
C ASP C 171 13.83 34.56 -22.75
N LYS C 172 14.25 33.75 -23.74
CA LYS C 172 14.01 32.32 -23.65
CA LYS C 172 14.02 32.31 -23.65
C LYS C 172 14.92 31.66 -22.61
N HIS C 173 16.21 31.97 -22.62
CA HIS C 173 17.19 31.19 -21.88
C HIS C 173 17.46 31.71 -20.47
N THR C 174 17.49 33.03 -20.27
CA THR C 174 17.75 33.56 -18.94
C THR C 174 16.46 33.77 -18.16
N LEU C 175 15.48 34.47 -18.75
CA LEU C 175 14.24 34.77 -18.05
C LEU C 175 13.20 33.67 -18.18
N GLY C 176 13.43 32.66 -19.03
CA GLY C 176 12.47 31.59 -19.20
C GLY C 176 12.64 30.50 -18.16
N THR D 5 -62.46 1.31 -12.19
CA THR D 5 -61.74 0.96 -10.93
C THR D 5 -60.35 0.41 -11.24
N SER D 6 -59.36 0.89 -10.49
CA SER D 6 -57.99 0.44 -10.68
C SER D 6 -57.86 -1.04 -10.35
N GLN D 7 -57.03 -1.75 -11.14
CA GLN D 7 -56.80 -3.16 -10.90
C GLN D 7 -56.09 -3.42 -9.58
N VAL D 8 -55.44 -2.42 -9.00
CA VAL D 8 -54.73 -2.59 -7.73
C VAL D 8 -55.54 -2.16 -6.53
N ARG D 9 -56.66 -1.48 -6.73
CA ARG D 9 -57.38 -0.89 -5.61
C ARG D 9 -57.99 -1.96 -4.73
N GLN D 10 -57.82 -1.81 -3.40
CA GLN D 10 -58.36 -2.76 -2.45
C GLN D 10 -58.42 -2.10 -1.08
N ASN D 11 -59.62 -2.03 -0.51
CA ASN D 11 -59.82 -1.45 0.82
C ASN D 11 -59.40 0.01 0.88
N TYR D 12 -59.61 0.74 -0.22
CA TYR D 12 -59.26 2.15 -0.32
C TYR D 12 -60.52 2.95 -0.57
N HIS D 13 -61.01 3.63 0.45
CA HIS D 13 -62.26 4.36 0.37
C HIS D 13 -62.08 5.66 -0.41
N GLN D 14 -63.15 6.09 -1.07
CA GLN D 14 -63.10 7.33 -1.85
C GLN D 14 -62.81 8.54 -0.96
N ASP D 15 -63.36 8.53 0.26
CA ASP D 15 -63.09 9.62 1.20
C ASP D 15 -61.61 9.71 1.52
N SER D 16 -60.95 8.56 1.69
CA SER D 16 -59.52 8.56 1.95
C SER D 16 -58.75 9.12 0.76
N GLU D 17 -59.17 8.77 -0.46
CA GLU D 17 -58.53 9.30 -1.66
C GLU D 17 -58.64 10.82 -1.72
N ALA D 18 -59.83 11.34 -1.46
CA ALA D 18 -60.02 12.80 -1.46
C ALA D 18 -59.18 13.46 -0.38
N ALA D 19 -59.14 12.87 0.82
CA ALA D 19 -58.35 13.45 1.91
C ALA D 19 -56.87 13.45 1.56
N ILE D 20 -56.40 12.41 0.88
CA ILE D 20 -55.00 12.37 0.48
C ILE D 20 -54.70 13.47 -0.52
N ASN D 21 -55.63 13.73 -1.46
CA ASN D 21 -55.41 14.82 -2.40
C ASN D 21 -55.34 16.16 -1.66
N ARG D 22 -56.22 16.36 -0.68
CA ARG D 22 -56.18 17.59 0.10
C ARG D 22 -54.85 17.72 0.83
N GLN D 23 -54.35 16.62 1.39
CA GLN D 23 -53.08 16.67 2.11
C GLN D 23 -51.92 16.98 1.17
N ILE D 24 -51.98 16.45 -0.06
CA ILE D 24 -50.96 16.79 -1.05
C ILE D 24 -50.93 18.31 -1.26
N ASN D 25 -52.11 18.90 -1.45
CA ASN D 25 -52.14 20.34 -1.66
C ASN D 25 -51.59 21.09 -0.45
N LEU D 26 -51.93 20.63 0.76
CA LEU D 26 -51.46 21.31 1.96
C LEU D 26 -49.93 21.25 2.07
N GLU D 27 -49.35 20.09 1.74
CA GLU D 27 -47.90 19.97 1.81
C GLU D 27 -47.22 20.87 0.78
N LEU D 28 -47.78 20.95 -0.43
CA LEU D 28 -47.21 21.85 -1.43
C LEU D 28 -47.31 23.30 -0.96
N TYR D 29 -48.43 23.66 -0.34
CA TYR D 29 -48.57 25.01 0.19
C TYR D 29 -47.53 25.30 1.27
N ALA D 30 -47.29 24.34 2.16
CA ALA D 30 -46.27 24.53 3.20
C ALA D 30 -44.90 24.71 2.57
N SER D 31 -44.58 23.93 1.55
CA SER D 31 -43.31 24.11 0.84
C SER D 31 -43.21 25.53 0.29
N TYR D 32 -44.29 26.03 -0.29
CA TYR D 32 -44.28 27.40 -0.83
C TYR D 32 -44.04 28.43 0.26
N VAL D 33 -44.69 28.25 1.42
CA VAL D 33 -44.52 29.18 2.53
C VAL D 33 -43.06 29.20 2.97
N TYR D 34 -42.45 28.02 3.10
CA TYR D 34 -41.05 27.97 3.53
C TYR D 34 -40.13 28.58 2.50
N LEU D 35 -40.44 28.43 1.20
CA LEU D 35 -39.63 29.07 0.17
C LEU D 35 -39.68 30.59 0.32
N SER D 36 -40.88 31.13 0.52
CA SER D 36 -41.03 32.57 0.74
C SER D 36 -40.20 33.02 1.93
N MET D 37 -40.34 32.30 3.06
CA MET D 37 -39.56 32.65 4.24
C MET D 37 -38.07 32.64 3.94
N SER D 38 -37.60 31.59 3.27
CA SER D 38 -36.17 31.46 3.00
C SER D 38 -35.65 32.67 2.25
N TYR D 39 -36.37 33.08 1.20
CA TYR D 39 -35.85 34.20 0.43
C TYR D 39 -36.17 35.56 1.05
N TYR D 40 -36.99 35.61 2.11
CA TYR D 40 -37.06 36.84 2.89
C TYR D 40 -35.75 37.11 3.63
N PHE D 41 -35.15 36.07 4.21
CA PHE D 41 -33.91 36.23 4.96
C PHE D 41 -32.70 36.36 4.05
N ASP D 42 -32.87 36.18 2.75
CA ASP D 42 -31.81 36.44 1.79
C ASP D 42 -31.78 37.89 1.33
N ARG D 43 -32.74 38.71 1.74
CA ARG D 43 -32.74 40.12 1.37
C ARG D 43 -31.55 40.83 1.97
N ASP D 44 -31.08 41.86 1.26
CA ASP D 44 -29.91 42.60 1.72
C ASP D 44 -30.19 43.37 3.01
N ASP D 45 -31.45 43.72 3.28
CA ASP D 45 -31.81 44.43 4.49
C ASP D 45 -32.27 43.49 5.60
N VAL D 46 -32.12 42.18 5.43
CA VAL D 46 -32.38 41.21 6.49
C VAL D 46 -31.09 40.43 6.73
N ALA D 47 -30.63 39.71 5.70
CA ALA D 47 -29.28 39.18 5.63
C ALA D 47 -28.97 38.26 6.82
N LEU D 48 -29.76 37.21 6.95
CA LEU D 48 -29.51 36.14 7.92
C LEU D 48 -29.41 34.85 7.12
N LYS D 49 -28.19 34.50 6.70
CA LYS D 49 -28.00 33.43 5.74
C LYS D 49 -28.46 32.08 6.28
N ASN D 50 -28.21 31.82 7.57
CA ASN D 50 -28.54 30.50 8.09
C ASN D 50 -30.05 30.34 8.32
N PHE D 51 -30.75 31.42 8.64
CA PHE D 51 -32.21 31.36 8.63
C PHE D 51 -32.71 30.98 7.23
N ALA D 52 -32.14 31.62 6.20
CA ALA D 52 -32.54 31.33 4.84
C ALA D 52 -32.28 29.86 4.51
N LYS D 53 -31.11 29.35 4.87
CA LYS D 53 -30.80 27.95 4.59
CA LYS D 53 -30.80 27.95 4.59
C LYS D 53 -31.75 27.02 5.32
N TYR D 54 -32.04 27.31 6.59
CA TYR D 54 -32.96 26.48 7.37
C TYR D 54 -34.31 26.38 6.68
N PHE D 55 -34.87 27.54 6.29
CA PHE D 55 -36.21 27.51 5.72
C PHE D 55 -36.21 26.92 4.31
N LEU D 56 -35.12 27.08 3.55
CA LEU D 56 -35.05 26.41 2.25
C LEU D 56 -35.04 24.90 2.42
N HIS D 57 -34.29 24.41 3.41
CA HIS D 57 -34.30 22.98 3.70
C HIS D 57 -35.71 22.51 4.06
N GLN D 58 -36.42 23.28 4.88
CA GLN D 58 -37.78 22.91 5.23
C GLN D 58 -38.68 22.88 3.99
N SER D 59 -38.51 23.83 3.09
CA SER D 59 -39.31 23.86 1.86
C SER D 59 -39.10 22.58 1.06
N HIS D 60 -37.83 22.19 0.87
CA HIS D 60 -37.56 20.98 0.10
C HIS D 60 -38.11 19.74 0.80
N GLU D 61 -38.02 19.70 2.13
CA GLU D 61 -38.60 18.57 2.87
C GLU D 61 -40.11 18.49 2.64
N GLU D 62 -40.79 19.63 2.66
CA GLU D 62 -42.23 19.63 2.42
C GLU D 62 -42.55 19.11 1.02
N ARG D 63 -41.74 19.51 0.02
CA ARG D 63 -41.94 18.97 -1.31
CA ARG D 63 -41.94 18.97 -1.31
C ARG D 63 -41.80 17.45 -1.32
N GLU D 64 -40.80 16.94 -0.60
CA GLU D 64 -40.62 15.49 -0.51
CA GLU D 64 -40.61 15.49 -0.51
C GLU D 64 -41.84 14.82 0.10
N HIS D 65 -42.40 15.42 1.16
CA HIS D 65 -43.60 14.85 1.78
C HIS D 65 -44.76 14.80 0.79
N ALA D 66 -44.94 15.87 0.02
CA ALA D 66 -46.02 15.88 -0.97
C ALA D 66 -45.81 14.79 -2.00
N GLU D 67 -44.57 14.61 -2.46
CA GLU D 67 -44.31 13.59 -3.47
C GLU D 67 -44.54 12.19 -2.90
N LYS D 68 -44.21 11.97 -1.63
CA LYS D 68 -44.49 10.68 -1.03
C LYS D 68 -45.99 10.42 -0.96
N LEU D 69 -46.77 11.45 -0.66
CA LEU D 69 -48.23 11.28 -0.67
C LEU D 69 -48.74 10.94 -2.06
N MET D 70 -48.19 11.58 -3.10
CA MET D 70 -48.61 11.24 -4.46
C MET D 70 -48.26 9.80 -4.80
N LYS D 71 -47.07 9.36 -4.39
CA LYS D 71 -46.69 7.97 -4.59
C LYS D 71 -47.67 7.03 -3.89
N LEU D 72 -48.06 7.37 -2.65
CA LEU D 72 -49.05 6.56 -1.95
C LEU D 72 -50.36 6.50 -2.71
N GLN D 73 -50.83 7.65 -3.19
CA GLN D 73 -52.08 7.69 -3.95
C GLN D 73 -52.02 6.72 -5.12
N ASN D 74 -50.91 6.72 -5.86
CA ASN D 74 -50.81 5.80 -6.99
C ASN D 74 -50.69 4.36 -6.54
N GLN D 75 -49.99 4.11 -5.43
CA GLN D 75 -49.81 2.74 -4.95
C GLN D 75 -51.16 2.08 -4.65
N ARG D 76 -52.08 2.82 -4.05
CA ARG D 76 -53.36 2.28 -3.64
C ARG D 76 -54.41 2.32 -4.74
N GLY D 77 -54.06 2.81 -5.93
CA GLY D 77 -55.01 2.87 -7.02
C GLY D 77 -55.90 4.10 -7.04
N GLY D 78 -55.64 5.07 -6.16
CA GLY D 78 -56.33 6.34 -6.26
C GLY D 78 -55.75 7.18 -7.39
N ARG D 79 -56.42 8.29 -7.66
CA ARG D 79 -56.05 9.17 -8.76
C ARG D 79 -55.77 10.57 -8.22
N ILE D 80 -54.59 11.09 -8.55
CA ILE D 80 -54.16 12.40 -8.06
C ILE D 80 -54.92 13.48 -8.80
N PHE D 81 -55.47 14.42 -8.06
CA PHE D 81 -56.07 15.63 -8.63
C PHE D 81 -55.45 16.84 -7.94
N LEU D 82 -54.67 17.60 -8.69
CA LEU D 82 -53.95 18.75 -8.17
C LEU D 82 -54.82 19.99 -8.22
N GLN D 83 -54.53 20.93 -7.33
CA GLN D 83 -55.25 22.19 -7.24
C GLN D 83 -54.24 23.33 -7.16
N ASP D 84 -54.75 24.55 -7.26
CA ASP D 84 -53.89 25.72 -7.14
C ASP D 84 -53.14 25.68 -5.82
N ILE D 85 -51.86 26.03 -5.85
CA ILE D 85 -51.08 26.27 -4.64
C ILE D 85 -51.21 27.75 -4.31
N LYS D 86 -51.93 28.05 -3.23
CA LYS D 86 -52.15 29.44 -2.85
C LYS D 86 -50.86 30.09 -2.39
N LYS D 87 -50.72 31.37 -2.67
CA LYS D 87 -49.54 32.10 -2.25
C LYS D 87 -49.53 32.26 -0.73
N PRO D 88 -48.35 32.38 -0.12
CA PRO D 88 -48.30 32.57 1.33
C PRO D 88 -49.03 33.84 1.76
N ASP D 89 -49.56 33.80 2.99
CA ASP D 89 -50.34 34.93 3.48
C ASP D 89 -49.49 36.19 3.62
N CYS D 90 -48.20 36.04 3.88
CA CYS D 90 -47.31 37.18 4.13
C CYS D 90 -46.24 37.25 3.06
N ASP D 91 -45.88 38.48 2.68
CA ASP D 91 -44.70 38.73 1.86
C ASP D 91 -43.49 39.08 2.70
N ASP D 92 -43.68 39.72 3.85
CA ASP D 92 -42.62 40.17 4.74
C ASP D 92 -42.81 39.47 6.09
N TRP D 93 -41.83 38.69 6.51
CA TRP D 93 -41.95 37.87 7.70
C TRP D 93 -41.43 38.55 8.96
N GLU D 94 -40.78 39.70 8.82
CA GLU D 94 -40.52 40.72 9.83
CA GLU D 94 -40.52 40.73 9.82
C GLU D 94 -39.43 40.36 10.83
N SER D 95 -38.98 39.10 10.90
CA SER D 95 -37.90 38.77 11.83
C SER D 95 -37.69 37.27 11.82
N GLY D 96 -36.57 36.84 12.39
CA GLY D 96 -36.36 35.43 12.61
C GLY D 96 -37.34 34.84 13.61
N LEU D 97 -37.58 35.55 14.71
CA LEU D 97 -38.53 35.05 15.72
C LEU D 97 -39.93 34.94 15.15
N ASN D 98 -40.38 35.97 14.43
CA ASN D 98 -41.71 35.92 13.85
C ASN D 98 -41.84 34.80 12.84
N ALA D 99 -40.80 34.60 12.03
CA ALA D 99 -40.81 33.51 11.06
C ALA D 99 -40.88 32.15 11.76
N MET D 100 -40.12 31.99 12.85
CA MET D 100 -40.17 30.74 13.59
C MET D 100 -41.56 30.50 14.18
N GLU D 101 -42.18 31.55 14.71
CA GLU D 101 -43.54 31.41 15.25
C GLU D 101 -44.53 31.03 14.15
N CYS D 102 -44.41 31.67 12.98
CA CYS D 102 -45.28 31.33 11.86
C CYS D 102 -45.06 29.88 11.42
N ALA D 103 -43.81 29.44 11.39
CA ALA D 103 -43.53 28.06 11.03
C ALA D 103 -44.11 27.09 12.05
N LEU D 104 -44.04 27.43 13.33
CA LEU D 104 -44.65 26.60 14.36
C LEU D 104 -46.16 26.48 14.15
N HIS D 105 -46.81 27.61 13.86
CA HIS D 105 -48.24 27.60 13.56
C HIS D 105 -48.53 26.70 12.36
N LEU D 106 -47.75 26.86 11.30
CA LEU D 106 -47.96 26.07 10.09
C LEU D 106 -47.79 24.58 10.35
N GLU D 107 -46.74 24.20 11.08
CA GLU D 107 -46.49 22.80 11.34
C GLU D 107 -47.58 22.20 12.21
N LYS D 108 -48.11 22.97 13.17
CA LYS D 108 -49.22 22.47 13.97
C LYS D 108 -50.48 22.31 13.13
N ASN D 109 -50.71 23.22 12.17
CA ASN D 109 -51.85 23.06 11.28
C ASN D 109 -51.71 21.79 10.43
N VAL D 110 -50.52 21.55 9.89
CA VAL D 110 -50.29 20.34 9.11
C VAL D 110 -50.48 19.10 9.97
N ASN D 111 -50.00 19.15 11.21
CA ASN D 111 -50.17 18.03 12.12
C ASN D 111 -51.64 17.75 12.38
N GLN D 112 -52.44 18.81 12.59
CA GLN D 112 -53.87 18.61 12.80
C GLN D 112 -54.51 17.96 11.58
N SER D 113 -54.13 18.40 10.39
CA SER D 113 -54.66 17.78 9.17
C SER D 113 -54.29 16.30 9.11
N LEU D 114 -53.05 15.96 9.47
CA LEU D 114 -52.63 14.56 9.45
C LEU D 114 -53.40 13.74 10.48
N LEU D 115 -53.66 14.32 11.64
CA LEU D 115 -54.43 13.61 12.66
C LEU D 115 -55.85 13.34 12.19
N GLU D 116 -56.46 14.33 11.53
CA GLU D 116 -57.79 14.10 10.96
C GLU D 116 -57.75 13.03 9.89
N LEU D 117 -56.70 13.02 9.07
CA LEU D 117 -56.57 11.98 8.06
C LEU D 117 -56.44 10.60 8.69
N HIS D 118 -55.67 10.50 9.78
CA HIS D 118 -55.54 9.22 10.47
C HIS D 118 -56.87 8.78 11.07
N LYS D 119 -57.63 9.74 11.64
CA LYS D 119 -58.94 9.39 12.16
C LYS D 119 -59.85 8.86 11.06
N LEU D 120 -59.82 9.51 9.89
CA LEU D 120 -60.60 9.02 8.75
C LEU D 120 -60.18 7.61 8.37
N ALA D 121 -58.88 7.37 8.27
CA ALA D 121 -58.40 6.03 7.90
C ALA D 121 -58.83 4.99 8.92
N THR D 122 -58.77 5.33 10.21
CA THR D 122 -59.23 4.42 11.24
C THR D 122 -60.71 4.12 11.10
N ASP D 123 -61.51 5.15 10.81
CA ASP D 123 -62.95 4.95 10.67
CA ASP D 123 -62.95 4.96 10.66
C ASP D 123 -63.27 4.05 9.49
N LYS D 124 -62.48 4.12 8.42
CA LYS D 124 -62.68 3.30 7.23
C LYS D 124 -61.96 1.96 7.31
N ASN D 125 -61.36 1.64 8.45
CA ASN D 125 -60.66 0.37 8.65
C ASN D 125 -59.62 0.15 7.56
N ASP D 126 -58.77 1.15 7.37
CA ASP D 126 -57.68 1.07 6.40
C ASP D 126 -56.36 1.00 7.13
N PRO D 127 -55.97 -0.16 7.64
CA PRO D 127 -54.73 -0.24 8.44
C PRO D 127 -53.49 0.17 7.68
N HIS D 128 -53.42 -0.10 6.38
CA HIS D 128 -52.23 0.30 5.63
C HIS D 128 -52.06 1.81 5.62
N LEU D 129 -53.15 2.54 5.41
CA LEU D 129 -53.07 4.00 5.40
C LEU D 129 -52.73 4.54 6.78
N CYS D 130 -53.33 3.97 7.83
CA CYS D 130 -53.00 4.37 9.19
C CYS D 130 -51.51 4.17 9.46
N ASP D 131 -50.99 3.00 9.08
CA ASP D 131 -49.57 2.73 9.30
C ASP D 131 -48.70 3.68 8.50
N PHE D 132 -49.09 3.98 7.26
CA PHE D 132 -48.35 4.93 6.44
C PHE D 132 -48.24 6.28 7.16
N ILE D 133 -49.37 6.78 7.63
CA ILE D 133 -49.38 8.08 8.31
C ILE D 133 -48.53 8.03 9.57
N GLU D 134 -48.69 6.98 10.37
CA GLU D 134 -47.92 6.86 11.61
C GLU D 134 -46.43 6.82 11.32
N THR D 135 -46.02 5.98 10.38
CA THR D 135 -44.60 5.72 10.15
C THR D 135 -43.91 6.91 9.53
N HIS D 136 -44.55 7.58 8.57
CA HIS D 136 -43.84 8.57 7.76
C HIS D 136 -44.16 10.01 8.13
N TYR D 137 -45.21 10.27 8.91
CA TYR D 137 -45.62 11.67 9.08
C TYR D 137 -45.77 12.11 10.53
N LEU D 138 -46.32 11.28 11.42
CA LEU D 138 -46.70 11.78 12.74
C LEU D 138 -45.49 12.14 13.58
N ASN D 139 -44.51 11.23 13.67
CA ASN D 139 -43.33 11.54 14.47
C ASN D 139 -42.50 12.65 13.86
N GLU D 140 -42.46 12.71 12.52
CA GLU D 140 -41.76 13.82 11.88
C GLU D 140 -42.36 15.15 12.30
N GLN D 141 -43.69 15.23 12.33
CA GLN D 141 -44.35 16.45 12.76
C GLN D 141 -44.07 16.75 14.22
N VAL D 142 -44.11 15.73 15.09
CA VAL D 142 -43.84 15.97 16.50
C VAL D 142 -42.42 16.52 16.68
N LYS D 143 -41.45 15.93 15.99
CA LYS D 143 -40.07 16.41 16.09
C LYS D 143 -39.94 17.83 15.55
N ALA D 144 -40.58 18.13 14.42
CA ALA D 144 -40.48 19.47 13.85
C ALA D 144 -41.09 20.50 14.79
N ILE D 145 -42.24 20.18 15.39
CA ILE D 145 -42.90 21.10 16.31
C ILE D 145 -42.02 21.33 17.53
N LYS D 146 -41.43 20.26 18.07
CA LYS D 146 -40.55 20.41 19.23
C LYS D 146 -39.36 21.29 18.89
N GLU D 147 -38.75 21.07 17.72
CA GLU D 147 -37.59 21.86 17.33
C GLU D 147 -37.95 23.33 17.19
N LEU D 148 -39.08 23.62 16.53
CA LEU D 148 -39.49 25.01 16.36
C LEU D 148 -39.81 25.65 17.69
N GLY D 149 -40.45 24.91 18.61
CA GLY D 149 -40.67 25.45 19.94
C GLY D 149 -39.38 25.78 20.65
N ASP D 150 -38.38 24.90 20.53
CA ASP D 150 -37.08 25.18 21.13
C ASP D 150 -36.47 26.45 20.55
N HIS D 151 -36.55 26.60 19.22
CA HIS D 151 -35.99 27.78 18.57
C HIS D 151 -36.69 29.05 19.06
N VAL D 152 -38.02 29.02 19.13
CA VAL D 152 -38.77 30.18 19.59
C VAL D 152 -38.39 30.51 21.03
N THR D 153 -38.29 29.50 21.88
CA THR D 153 -37.92 29.74 23.28
C THR D 153 -36.55 30.41 23.37
N ASN D 154 -35.57 29.89 22.63
CA ASN D 154 -34.23 30.44 22.72
C ASN D 154 -34.19 31.88 22.19
N LEU D 155 -34.87 32.13 21.07
CA LEU D 155 -34.87 33.48 20.51
C LEU D 155 -35.53 34.46 21.47
N ARG D 156 -36.64 34.06 22.10
CA ARG D 156 -37.29 34.92 23.08
C ARG D 156 -36.37 35.20 24.26
N LYS D 157 -35.72 34.17 24.78
CA LYS D 157 -34.86 34.36 25.94
C LYS D 157 -33.68 35.27 25.61
N MET D 158 -33.10 35.12 24.42
CA MET D 158 -31.97 35.95 24.03
C MET D 158 -32.34 37.42 23.86
N GLY D 159 -33.62 37.75 23.78
CA GLY D 159 -34.05 39.12 23.62
C GLY D 159 -34.57 39.49 22.25
N ALA D 160 -34.73 38.53 21.35
CA ALA D 160 -35.30 38.81 20.05
C ALA D 160 -36.77 39.21 20.20
N PRO D 161 -37.33 39.96 19.23
CA PRO D 161 -36.72 40.46 18.00
C PRO D 161 -36.07 41.83 18.18
N GLU D 162 -36.23 42.45 19.34
CA GLU D 162 -35.72 43.80 19.53
C GLU D 162 -34.21 43.84 19.41
N SER D 163 -33.52 42.86 20.00
CA SER D 163 -32.07 42.81 19.96
C SER D 163 -31.66 42.08 18.68
N GLY D 164 -31.20 42.84 17.68
CA GLY D 164 -30.69 42.22 16.47
C GLY D 164 -29.46 41.37 16.74
N LEU D 165 -28.72 41.68 17.79
CA LEU D 165 -27.59 40.84 18.19
C LEU D 165 -28.06 39.44 18.52
N ALA D 166 -29.22 39.32 19.17
CA ALA D 166 -29.75 38.00 19.51
C ALA D 166 -29.98 37.17 18.26
N GLU D 167 -30.61 37.75 17.25
CA GLU D 167 -30.89 36.99 16.03
C GLU D 167 -29.60 36.68 15.27
N TYR D 168 -28.66 37.62 15.23
CA TYR D 168 -27.36 37.36 14.62
C TYR D 168 -26.68 36.15 15.28
N LEU D 169 -26.63 36.15 16.62
CA LEU D 169 -25.92 35.08 17.31
C LEU D 169 -26.68 33.76 17.21
N PHE D 170 -28.02 33.81 17.21
CA PHE D 170 -28.79 32.58 17.01
C PHE D 170 -28.55 32.01 15.62
N ASP D 171 -28.49 32.89 14.62
CA ASP D 171 -28.17 32.46 13.26
C ASP D 171 -26.81 31.77 13.22
N LYS D 172 -25.81 32.35 13.89
CA LYS D 172 -24.47 31.78 13.84
CA LYS D 172 -24.47 31.78 13.84
C LYS D 172 -24.38 30.47 14.62
N HIS D 173 -24.90 30.43 15.84
CA HIS D 173 -24.60 29.33 16.75
C HIS D 173 -25.61 28.19 16.71
N THR D 174 -26.90 28.48 16.52
CA THR D 174 -27.89 27.41 16.47
C THR D 174 -28.11 26.92 15.05
N LEU D 175 -28.37 27.83 14.12
CA LEU D 175 -28.66 27.45 12.75
C LEU D 175 -27.42 27.30 11.88
N GLY D 176 -26.25 27.68 12.39
CA GLY D 176 -25.03 27.58 11.63
C GLY D 176 -24.39 26.21 11.74
N THR E 5 -0.82 52.22 -36.39
CA THR E 5 -1.93 51.31 -36.00
C THR E 5 -1.41 49.90 -35.73
N SER E 6 -1.88 49.30 -34.64
CA SER E 6 -1.46 47.96 -34.27
C SER E 6 -1.92 46.95 -35.32
N GLN E 7 -1.06 45.96 -35.57
CA GLN E 7 -1.39 44.90 -36.54
C GLN E 7 -2.57 44.05 -36.08
N VAL E 8 -2.90 44.06 -34.80
CA VAL E 8 -3.99 43.24 -34.28
C VAL E 8 -5.29 44.02 -34.14
N ARG E 9 -5.25 45.35 -34.25
CA ARG E 9 -6.42 46.16 -33.94
C ARG E 9 -7.53 45.94 -34.97
N GLN E 10 -8.75 45.74 -34.47
CA GLN E 10 -9.90 45.53 -35.34
C GLN E 10 -11.17 45.83 -34.57
N ASN E 11 -11.96 46.77 -35.05
CA ASN E 11 -13.23 47.13 -34.44
C ASN E 11 -13.05 47.64 -33.01
N TYR E 12 -11.94 48.35 -32.78
CA TYR E 12 -11.62 48.91 -31.46
C TYR E 12 -11.55 50.42 -31.58
N HIS E 13 -12.57 51.09 -31.08
CA HIS E 13 -12.67 52.55 -31.20
C HIS E 13 -11.73 53.24 -30.23
N GLN E 14 -11.26 54.43 -30.62
CA GLN E 14 -10.36 55.20 -29.77
C GLN E 14 -11.03 55.57 -28.45
N ASP E 15 -12.33 55.89 -28.50
CA ASP E 15 -13.05 56.21 -27.28
C ASP E 15 -13.05 55.03 -26.32
N SER E 16 -13.23 53.82 -26.83
CA SER E 16 -13.18 52.64 -25.99
C SER E 16 -11.80 52.47 -25.35
N GLU E 17 -10.74 52.73 -26.12
CA GLU E 17 -9.39 52.64 -25.59
C GLU E 17 -9.18 53.63 -24.44
N ALA E 18 -9.62 54.87 -24.63
CA ALA E 18 -9.50 55.87 -23.58
C ALA E 18 -10.31 55.48 -22.35
N ALA E 19 -11.53 54.98 -22.54
CA ALA E 19 -12.35 54.56 -21.42
C ALA E 19 -11.72 53.41 -20.66
N ILE E 20 -11.08 52.49 -21.38
CA ILE E 20 -10.40 51.39 -20.72
C ILE E 20 -9.24 51.90 -19.86
N ASN E 21 -8.50 52.89 -20.37
CA ASN E 21 -7.42 53.45 -19.57
C ASN E 21 -7.97 54.11 -18.30
N ARG E 22 -9.09 54.83 -18.43
CA ARG E 22 -9.71 55.43 -17.25
C ARG E 22 -10.13 54.37 -16.25
N GLN E 23 -10.70 53.27 -16.74
CA GLN E 23 -11.12 52.19 -15.85
C GLN E 23 -9.93 51.55 -15.14
N ILE E 24 -8.81 51.41 -15.85
CA ILE E 24 -7.60 50.90 -15.21
C ILE E 24 -7.23 51.78 -14.03
N ASN E 25 -7.22 53.10 -14.25
CA ASN E 25 -6.87 53.99 -13.15
C ASN E 25 -7.86 53.86 -12.00
N LEU E 26 -9.15 53.74 -12.31
CA LEU E 26 -10.15 53.62 -11.24
C LEU E 26 -9.94 52.35 -10.42
N GLU E 27 -9.63 51.23 -11.09
CA GLU E 27 -9.40 49.99 -10.37
C GLU E 27 -8.16 50.09 -9.47
N LEU E 28 -7.10 50.71 -9.98
CA LEU E 28 -5.91 50.89 -9.14
C LEU E 28 -6.22 51.77 -7.93
N TYR E 29 -7.02 52.82 -8.14
CA TYR E 29 -7.41 53.67 -7.02
C TYR E 29 -8.22 52.89 -5.98
N ALA E 30 -9.14 52.04 -6.44
CA ALA E 30 -9.91 51.23 -5.50
C ALA E 30 -9.01 50.30 -4.71
N SER E 31 -8.03 49.69 -5.38
CA SER E 31 -7.07 48.85 -4.68
C SER E 31 -6.36 49.65 -3.59
N TYR E 32 -5.96 50.89 -3.91
CA TYR E 32 -5.28 51.72 -2.93
C TYR E 32 -6.18 52.03 -1.73
N VAL E 33 -7.45 52.33 -2.00
CA VAL E 33 -8.39 52.61 -0.92
C VAL E 33 -8.52 51.41 0.00
N TYR E 34 -8.65 50.22 -0.58
CA TYR E 34 -8.79 49.02 0.24
C TYR E 34 -7.53 48.74 1.04
N LEU E 35 -6.36 49.03 0.47
CA LEU E 35 -5.12 48.87 1.22
C LEU E 35 -5.11 49.79 2.45
N SER E 36 -5.49 51.06 2.25
CA SER E 36 -5.57 51.99 3.37
C SER E 36 -6.52 51.47 4.44
N MET E 37 -7.71 51.03 4.03
CA MET E 37 -8.67 50.49 4.98
C MET E 37 -8.07 49.32 5.74
N SER E 38 -7.44 48.39 5.03
CA SER E 38 -6.91 47.20 5.67
C SER E 38 -5.92 47.56 6.76
N TYR E 39 -5.02 48.49 6.49
CA TYR E 39 -4.04 48.82 7.51
C TYR E 39 -4.55 49.80 8.55
N TYR E 40 -5.74 50.38 8.36
CA TYR E 40 -6.38 51.08 9.47
C TYR E 40 -6.80 50.11 10.56
N PHE E 41 -7.36 48.96 10.18
CA PHE E 41 -7.81 47.97 11.17
C PHE E 41 -6.67 47.18 11.77
N ASP E 42 -5.45 47.32 11.25
CA ASP E 42 -4.26 46.73 11.84
C ASP E 42 -3.66 47.61 12.94
N ARG E 43 -4.18 48.81 13.13
CA ARG E 43 -3.67 49.70 14.18
C ARG E 43 -3.92 49.10 15.55
N ASP E 44 -3.02 49.39 16.49
CA ASP E 44 -3.15 48.84 17.83
C ASP E 44 -4.37 49.37 18.56
N ASP E 45 -4.85 50.56 18.20
CA ASP E 45 -6.04 51.14 18.82
C ASP E 45 -7.32 50.85 18.04
N VAL E 46 -7.25 49.98 17.04
CA VAL E 46 -8.44 49.50 16.34
C VAL E 46 -8.49 47.99 16.49
N ALA E 47 -7.48 47.31 15.94
CA ALA E 47 -7.20 45.91 16.26
C ALA E 47 -8.38 45.00 15.94
N LEU E 48 -8.80 45.01 14.68
CA LEU E 48 -9.80 44.08 14.17
C LEU E 48 -9.15 43.32 13.01
N LYS E 49 -8.52 42.18 13.33
CA LYS E 49 -7.66 41.50 12.37
C LYS E 49 -8.44 41.03 11.16
N ASN E 50 -9.66 40.53 11.35
CA ASN E 50 -10.39 39.97 10.22
C ASN E 50 -10.93 41.06 9.30
N PHE E 51 -11.28 42.23 9.84
CA PHE E 51 -11.56 43.37 8.98
C PHE E 51 -10.35 43.70 8.10
N ALA E 52 -9.17 43.72 8.72
CA ALA E 52 -7.95 44.01 7.97
C ALA E 52 -7.73 42.98 6.87
N LYS E 53 -7.91 41.70 7.18
CA LYS E 53 -7.72 40.66 6.18
CA LYS E 53 -7.72 40.66 6.18
C LYS E 53 -8.73 40.80 5.05
N TYR E 54 -9.99 41.07 5.40
CA TYR E 54 -11.02 41.24 4.38
C TYR E 54 -10.65 42.34 3.39
N PHE E 55 -10.26 43.50 3.93
CA PHE E 55 -9.98 44.63 3.04
C PHE E 55 -8.67 44.42 2.27
N LEU E 56 -7.70 43.73 2.85
CA LEU E 56 -6.49 43.41 2.08
C LEU E 56 -6.82 42.50 0.91
N HIS E 57 -7.68 41.50 1.14
CA HIS E 57 -8.12 40.64 0.04
C HIS E 57 -8.81 41.47 -1.04
N GLN E 58 -9.67 42.41 -0.64
CA GLN E 58 -10.33 43.25 -1.64
C GLN E 58 -9.32 44.08 -2.42
N SER E 59 -8.30 44.59 -1.75
CA SER E 59 -7.27 45.38 -2.43
C SER E 59 -6.58 44.54 -3.50
N HIS E 60 -6.18 43.32 -3.15
CA HIS E 60 -5.51 42.46 -4.11
C HIS E 60 -6.44 42.11 -5.28
N GLU E 61 -7.71 41.86 -5.00
CA GLU E 61 -8.67 41.60 -6.07
C GLU E 61 -8.78 42.78 -7.02
N GLU E 62 -8.81 44.00 -6.48
CA GLU E 62 -8.87 45.18 -7.34
C GLU E 62 -7.63 45.26 -8.23
N ARG E 63 -6.46 44.97 -7.67
CA ARG E 63 -5.24 44.97 -8.48
CA ARG E 63 -5.24 44.97 -8.48
C ARG E 63 -5.38 43.97 -9.63
N GLU E 64 -5.93 42.79 -9.32
CA GLU E 64 -6.13 41.79 -10.36
CA GLU E 64 -6.14 41.79 -10.36
C GLU E 64 -7.06 42.30 -11.46
N HIS E 65 -8.14 43.00 -11.07
CA HIS E 65 -9.05 43.56 -12.07
C HIS E 65 -8.33 44.55 -12.97
N ALA E 66 -7.52 45.43 -12.38
CA ALA E 66 -6.78 46.40 -13.18
C ALA E 66 -5.84 45.69 -14.16
N GLU E 67 -5.16 44.64 -13.69
CA GLU E 67 -4.24 43.92 -14.57
C GLU E 67 -4.98 43.23 -15.71
N LYS E 68 -6.17 42.71 -15.43
CA LYS E 68 -6.96 42.11 -16.51
C LYS E 68 -7.36 43.16 -17.53
N LEU E 69 -7.71 44.36 -17.08
CA LEU E 69 -8.01 45.42 -18.03
C LEU E 69 -6.80 45.79 -18.88
N MET E 70 -5.61 45.83 -18.28
CA MET E 70 -4.41 46.11 -19.07
C MET E 70 -4.17 45.02 -20.11
N LYS E 71 -4.37 43.76 -19.71
CA LYS E 71 -4.25 42.66 -20.66
C LYS E 71 -5.23 42.83 -21.80
N LEU E 72 -6.47 43.21 -21.49
CA LEU E 72 -7.45 43.46 -22.54
C LEU E 72 -6.98 44.56 -23.48
N GLN E 73 -6.49 45.65 -22.93
CA GLN E 73 -6.01 46.75 -23.74
C GLN E 73 -4.97 46.26 -24.74
N ASN E 74 -4.02 45.46 -24.28
CA ASN E 74 -3.00 44.95 -25.20
C ASN E 74 -3.57 43.96 -26.20
N GLN E 75 -4.53 43.13 -25.76
CA GLN E 75 -5.12 42.14 -26.67
C GLN E 75 -5.74 42.81 -27.88
N ARG E 76 -6.43 43.92 -27.68
CA ARG E 76 -7.16 44.59 -28.75
C ARG E 76 -6.30 45.57 -29.52
N GLY E 77 -5.02 45.70 -29.19
CA GLY E 77 -4.15 46.61 -29.90
C GLY E 77 -4.18 48.04 -29.42
N GLY E 78 -4.86 48.32 -28.31
CA GLY E 78 -4.77 49.62 -27.70
C GLY E 78 -3.48 49.77 -26.93
N ARG E 79 -3.22 50.99 -26.46
CA ARG E 79 -1.98 51.32 -25.78
C ARG E 79 -2.30 51.86 -24.39
N ILE E 80 -1.68 51.25 -23.39
CA ILE E 80 -1.92 51.61 -22.00
C ILE E 80 -1.23 52.94 -21.71
N PHE E 81 -1.96 53.87 -21.10
CA PHE E 81 -1.40 55.11 -20.59
C PHE E 81 -1.81 55.24 -19.14
N LEU E 82 -0.83 55.14 -18.24
CA LEU E 82 -1.09 55.18 -16.81
C LEU E 82 -1.08 56.61 -16.31
N GLN E 83 -1.79 56.84 -15.20
CA GLN E 83 -1.89 58.15 -14.59
C GLN E 83 -1.62 58.00 -13.09
N ASP E 84 -1.50 59.15 -12.42
CA ASP E 84 -1.32 59.14 -10.97
C ASP E 84 -2.45 58.37 -10.30
N ILE E 85 -2.09 57.57 -9.30
CA ILE E 85 -3.07 56.94 -8.43
C ILE E 85 -3.28 57.87 -7.25
N LYS E 86 -4.45 58.50 -7.18
CA LYS E 86 -4.72 59.45 -6.11
C LYS E 86 -4.81 58.74 -4.77
N LYS E 87 -4.38 59.43 -3.72
CA LYS E 87 -4.47 58.86 -2.39
C LYS E 87 -5.93 58.78 -1.94
N PRO E 88 -6.27 57.85 -1.06
CA PRO E 88 -7.64 57.76 -0.57
C PRO E 88 -8.07 59.05 0.13
N ASP E 89 -9.37 59.34 0.06
CA ASP E 89 -9.88 60.57 0.63
C ASP E 89 -9.71 60.61 2.15
N CYS E 90 -9.71 59.46 2.81
CA CYS E 90 -9.65 59.38 4.26
C CYS E 90 -8.38 58.67 4.70
N ASP E 91 -7.80 59.15 5.79
CA ASP E 91 -6.73 58.44 6.48
C ASP E 91 -7.24 57.56 7.61
N ASP E 92 -8.34 57.96 8.26
CA ASP E 92 -8.91 57.26 9.40
C ASP E 92 -10.35 56.90 9.03
N TRP E 93 -10.67 55.60 9.04
CA TRP E 93 -11.96 55.12 8.55
C TRP E 93 -13.00 54.97 9.66
N GLU E 94 -12.59 55.14 10.91
CA GLU E 94 -13.42 55.42 12.09
CA GLU E 94 -13.41 55.42 12.09
C GLU E 94 -14.20 54.22 12.62
N SER E 95 -14.32 53.12 11.88
CA SER E 95 -15.03 51.96 12.41
C SER E 95 -15.15 50.91 11.31
N GLY E 96 -15.52 49.69 11.72
CA GLY E 96 -15.84 48.67 10.74
C GLY E 96 -17.08 49.02 9.94
N LEU E 97 -18.13 49.52 10.60
CA LEU E 97 -19.35 49.86 9.88
C LEU E 97 -19.11 50.99 8.89
N ASN E 98 -18.38 52.03 9.31
CA ASN E 98 -18.09 53.14 8.41
C ASN E 98 -17.26 52.68 7.24
N ALA E 99 -16.27 51.81 7.48
CA ALA E 99 -15.46 51.28 6.40
C ALA E 99 -16.30 50.48 5.42
N MET E 100 -17.23 49.66 5.93
CA MET E 100 -18.10 48.89 5.04
C MET E 100 -18.99 49.82 4.21
N GLU E 101 -19.52 50.87 4.82
CA GLU E 101 -20.33 51.82 4.05
C GLU E 101 -19.51 52.52 2.97
N CYS E 102 -18.27 52.91 3.31
CA CYS E 102 -17.39 53.52 2.32
C CYS E 102 -17.08 52.55 1.19
N ALA E 103 -16.84 51.28 1.52
CA ALA E 103 -16.59 50.28 0.49
C ALA E 103 -17.81 50.07 -0.40
N LEU E 104 -19.00 50.09 0.19
CA LEU E 104 -20.22 49.98 -0.61
C LEU E 104 -20.32 51.15 -1.59
N HIS E 105 -20.06 52.36 -1.11
CA HIS E 105 -20.07 53.53 -1.98
C HIS E 105 -19.06 53.38 -3.11
N LEU E 106 -17.85 52.94 -2.77
CA LEU E 106 -16.80 52.78 -3.77
C LEU E 106 -17.19 51.74 -4.82
N GLU E 107 -17.72 50.60 -4.38
CA GLU E 107 -18.08 49.54 -5.31
C GLU E 107 -19.22 49.99 -6.22
N LYS E 108 -20.16 50.76 -5.70
CA LYS E 108 -21.23 51.27 -6.56
C LYS E 108 -20.69 52.28 -7.57
N ASN E 109 -19.71 53.10 -7.16
CA ASN E 109 -19.09 54.01 -8.12
C ASN E 109 -18.38 53.24 -9.24
N VAL E 110 -17.64 52.20 -8.87
CA VAL E 110 -16.95 51.39 -9.88
C VAL E 110 -17.97 50.72 -10.80
N ASN E 111 -19.07 50.24 -10.23
CA ASN E 111 -20.11 49.63 -11.04
C ASN E 111 -20.70 50.63 -12.03
N GLN E 112 -20.95 51.86 -11.58
CA GLN E 112 -21.47 52.86 -12.50
C GLN E 112 -20.49 53.14 -13.63
N SER E 113 -19.20 53.20 -13.31
CA SER E 113 -18.20 53.38 -14.35
C SER E 113 -18.23 52.23 -15.36
N LEU E 114 -18.35 51.00 -14.86
CA LEU E 114 -18.39 49.84 -15.75
C LEU E 114 -19.64 49.88 -16.62
N LEU E 115 -20.77 50.31 -16.07
CA LEU E 115 -21.99 50.40 -16.85
C LEU E 115 -21.86 51.43 -17.95
N GLU E 116 -21.22 52.57 -17.64
CA GLU E 116 -20.96 53.57 -18.68
C GLU E 116 -20.03 53.01 -19.75
N LEU E 117 -19.02 52.24 -19.34
CA LEU E 117 -18.12 51.63 -20.32
C LEU E 117 -18.88 50.66 -21.22
N HIS E 118 -19.78 49.87 -20.65
CA HIS E 118 -20.58 48.95 -21.45
C HIS E 118 -21.48 49.69 -22.41
N LYS E 119 -22.09 50.80 -21.96
CA LYS E 119 -22.90 51.60 -22.86
C LYS E 119 -22.08 52.14 -24.02
N LEU E 120 -20.86 52.61 -23.73
CA LEU E 120 -19.98 53.09 -24.80
C LEU E 120 -19.67 51.96 -25.78
N ALA E 121 -19.32 50.79 -25.26
CA ALA E 121 -19.00 49.66 -26.14
C ALA E 121 -20.20 49.29 -27.01
N THR E 122 -21.40 49.29 -26.43
CA THR E 122 -22.60 49.01 -27.21
C THR E 122 -22.80 50.05 -28.30
N ASP E 123 -22.58 51.32 -27.98
CA ASP E 123 -22.76 52.38 -28.97
CA ASP E 123 -22.75 52.38 -28.97
C ASP E 123 -21.77 52.23 -30.13
N LYS E 124 -20.57 51.73 -29.85
CA LYS E 124 -19.55 51.55 -30.88
C LYS E 124 -19.62 50.17 -31.52
N ASN E 125 -20.66 49.39 -31.22
CA ASN E 125 -20.84 48.05 -31.80
C ASN E 125 -19.58 47.20 -31.62
N ASP E 126 -19.10 47.12 -30.39
CA ASP E 126 -17.95 46.32 -30.05
C ASP E 126 -18.39 45.12 -29.20
N PRO E 127 -18.93 44.08 -29.81
CA PRO E 127 -19.47 42.96 -29.02
C PRO E 127 -18.42 42.27 -28.16
N HIS E 128 -17.18 42.20 -28.60
CA HIS E 128 -16.16 41.55 -27.77
C HIS E 128 -15.97 42.31 -26.46
N LEU E 129 -15.90 43.64 -26.53
CA LEU E 129 -15.72 44.42 -25.31
C LEU E 129 -16.93 44.33 -24.40
N CYS E 130 -18.13 44.37 -24.98
CA CYS E 130 -19.35 44.20 -24.19
C CYS E 130 -19.33 42.86 -23.46
N ASP E 131 -18.97 41.79 -24.19
CA ASP E 131 -18.93 40.47 -23.58
C ASP E 131 -17.86 40.40 -22.49
N PHE E 132 -16.71 41.04 -22.72
CA PHE E 132 -15.66 41.05 -21.71
C PHE E 132 -16.16 41.69 -20.42
N ILE E 133 -16.80 42.85 -20.55
CA ILE E 133 -17.32 43.55 -19.37
C ILE E 133 -18.39 42.70 -18.69
N GLU E 134 -19.32 42.14 -19.45
CA GLU E 134 -20.38 41.33 -18.85
C GLU E 134 -19.80 40.13 -18.10
N THR E 135 -18.87 39.42 -18.74
CA THR E 135 -18.41 38.15 -18.21
C THR E 135 -17.51 38.34 -17.00
N HIS E 136 -16.64 39.35 -17.02
CA HIS E 136 -15.61 39.45 -16.01
C HIS E 136 -15.87 40.51 -14.95
N TYR E 137 -16.82 41.43 -15.16
CA TYR E 137 -16.92 42.55 -14.24
C TYR E 137 -18.31 42.79 -13.65
N LEU E 138 -19.38 42.66 -14.45
CA LEU E 138 -20.69 43.11 -13.99
C LEU E 138 -21.22 42.26 -12.84
N ASN E 139 -21.20 40.93 -13.01
CA ASN E 139 -21.71 40.08 -11.94
C ASN E 139 -20.81 40.12 -10.71
N GLU E 140 -19.50 40.26 -10.90
CA GLU E 140 -18.61 40.42 -9.76
C GLU E 140 -19.00 41.64 -8.95
N GLN E 141 -19.30 42.76 -9.62
CA GLN E 141 -19.71 43.96 -8.92
C GLN E 141 -21.05 43.76 -8.21
N VAL E 142 -22.00 43.10 -8.87
CA VAL E 142 -23.29 42.88 -8.23
C VAL E 142 -23.12 42.06 -6.96
N LYS E 143 -22.31 40.99 -7.04
CA LYS E 143 -22.07 40.16 -5.87
C LYS E 143 -21.37 40.93 -4.76
N ALA E 144 -20.36 41.74 -5.12
CA ALA E 144 -19.65 42.51 -4.11
C ALA E 144 -20.57 43.50 -3.42
N ILE E 145 -21.42 44.18 -4.19
CA ILE E 145 -22.35 45.15 -3.63
C ILE E 145 -23.34 44.46 -2.71
N LYS E 146 -23.86 43.30 -3.12
CA LYS E 146 -24.79 42.55 -2.27
C LYS E 146 -24.12 42.15 -0.96
N GLU E 147 -22.89 41.65 -1.05
CA GLU E 147 -22.17 41.22 0.15
C GLU E 147 -21.94 42.40 1.11
N LEU E 148 -21.51 43.54 0.56
CA LEU E 148 -21.27 44.70 1.41
C LEU E 148 -22.57 45.19 2.03
N GLY E 149 -23.67 45.18 1.27
CA GLY E 149 -24.95 45.54 1.86
C GLY E 149 -25.34 44.62 2.99
N ASP E 150 -25.12 43.31 2.81
CA ASP E 150 -25.39 42.37 3.90
C ASP E 150 -24.56 42.69 5.13
N HIS E 151 -23.27 42.99 4.93
CA HIS E 151 -22.40 43.29 6.07
C HIS E 151 -22.88 44.55 6.79
N VAL E 152 -23.23 45.59 6.04
CA VAL E 152 -23.71 46.82 6.64
C VAL E 152 -24.99 46.55 7.43
N THR E 153 -25.92 45.79 6.84
CA THR E 153 -27.16 45.49 7.53
C THR E 153 -26.90 44.78 8.85
N ASN E 154 -26.04 43.75 8.83
CA ASN E 154 -25.78 43.01 10.05
C ASN E 154 -25.10 43.86 11.10
N LEU E 155 -24.12 44.67 10.70
CA LEU E 155 -23.43 45.52 11.66
C LEU E 155 -24.40 46.53 12.28
N ARG E 156 -25.29 47.12 11.47
CA ARG E 156 -26.26 48.04 12.01
C ARG E 156 -27.21 47.34 12.99
N LYS E 157 -27.70 46.16 12.63
CA LYS E 157 -28.62 45.45 13.51
C LYS E 157 -27.96 45.08 14.83
N MET E 158 -26.69 44.65 14.78
CA MET E 158 -26.00 44.26 16.00
C MET E 158 -25.74 45.44 16.94
N GLY E 159 -25.88 46.67 16.47
CA GLY E 159 -25.67 47.84 17.30
C GLY E 159 -24.40 48.62 17.02
N ALA E 160 -23.66 48.28 15.97
CA ALA E 160 -22.49 49.05 15.61
C ALA E 160 -22.90 50.45 15.14
N PRO E 161 -21.99 51.44 15.22
CA PRO E 161 -20.61 51.37 15.70
C PRO E 161 -20.50 51.61 17.20
N GLU E 162 -21.60 52.00 17.85
CA GLU E 162 -21.53 52.35 19.28
C GLU E 162 -21.10 51.16 20.12
N SER E 163 -21.64 49.99 19.84
CA SER E 163 -21.31 48.78 20.59
C SER E 163 -20.06 48.17 19.97
N GLY E 164 -18.91 48.36 20.62
CA GLY E 164 -17.69 47.72 20.16
C GLY E 164 -17.77 46.22 20.22
N LEU E 165 -18.61 45.68 21.11
CA LEU E 165 -18.84 44.24 21.16
C LEU E 165 -19.45 43.75 19.85
N ALA E 166 -20.31 44.55 19.24
CA ALA E 166 -20.90 44.17 17.96
C ALA E 166 -19.84 44.00 16.90
N GLU E 167 -18.91 44.95 16.79
CA GLU E 167 -17.87 44.85 15.77
C GLU E 167 -16.91 43.70 16.08
N TYR E 168 -16.57 43.50 17.37
CA TYR E 168 -15.75 42.37 17.75
C TYR E 168 -16.38 41.05 17.29
N LEU E 169 -17.67 40.87 17.60
CA LEU E 169 -18.31 39.60 17.28
C LEU E 169 -18.52 39.45 15.77
N PHE E 170 -18.79 40.55 15.06
CA PHE E 170 -18.88 40.49 13.61
C PHE E 170 -17.54 40.08 13.01
N ASP E 171 -16.45 40.66 13.52
CA ASP E 171 -15.12 40.29 13.07
C ASP E 171 -14.87 38.80 13.28
N LYS E 172 -15.26 38.26 14.43
CA LYS E 172 -15.01 36.85 14.72
CA LYS E 172 -15.00 36.86 14.71
C LYS E 172 -15.87 35.93 13.88
N HIS E 173 -17.18 36.20 13.82
CA HIS E 173 -18.13 35.22 13.28
C HIS E 173 -18.40 35.37 11.80
N THR E 174 -18.48 36.59 11.28
CA THR E 174 -18.75 36.77 9.86
C THR E 174 -17.46 36.81 9.03
N LEU E 175 -16.51 37.66 9.42
CA LEU E 175 -15.27 37.81 8.67
C LEU E 175 -14.20 36.80 9.07
N GLY E 176 -14.41 36.05 10.14
CA GLY E 176 -13.43 35.07 10.58
C GLY E 176 -13.56 33.75 9.86
N THR F 5 -14.92 33.38 52.11
CA THR F 5 -14.64 31.92 51.96
C THR F 5 -15.01 31.45 50.55
N SER F 6 -14.11 30.66 49.96
CA SER F 6 -14.33 30.14 48.62
C SER F 6 -15.55 29.21 48.59
N GLN F 7 -16.30 29.29 47.50
CA GLN F 7 -17.47 28.43 47.33
C GLN F 7 -17.10 26.96 47.23
N VAL F 8 -15.85 26.64 46.90
CA VAL F 8 -15.43 25.25 46.75
C VAL F 8 -14.75 24.71 48.00
N ARG F 9 -14.41 25.55 48.96
CA ARG F 9 -13.60 25.11 50.08
C ARG F 9 -14.37 24.16 50.98
N GLN F 10 -13.73 23.06 51.36
CA GLN F 10 -14.36 22.06 52.21
C GLN F 10 -13.28 21.21 52.85
N ASN F 11 -13.23 21.19 54.18
CA ASN F 11 -12.26 20.37 54.92
C ASN F 11 -10.82 20.77 54.59
N TYR F 12 -10.59 22.07 54.37
CA TYR F 12 -9.27 22.59 54.03
C TYR F 12 -8.87 23.58 55.11
N HIS F 13 -7.97 23.18 55.99
CA HIS F 13 -7.56 24.00 57.11
C HIS F 13 -6.63 25.12 56.67
N GLN F 14 -6.68 26.24 57.39
CA GLN F 14 -5.82 27.37 57.07
C GLN F 14 -4.34 27.01 57.20
N ASP F 15 -4.00 26.18 58.20
CA ASP F 15 -2.62 25.73 58.35
C ASP F 15 -2.15 24.96 57.13
N SER F 16 -3.00 24.11 56.57
CA SER F 16 -2.65 23.38 55.37
C SER F 16 -2.42 24.33 54.20
N GLU F 17 -3.26 25.36 54.08
CA GLU F 17 -3.09 26.35 53.01
C GLU F 17 -1.74 27.05 53.13
N ALA F 18 -1.39 27.48 54.34
CA ALA F 18 -0.10 28.14 54.56
C ALA F 18 1.06 27.19 54.24
N ALA F 19 0.96 25.94 54.68
CA ALA F 19 2.03 24.98 54.42
C ALA F 19 2.17 24.73 52.92
N ILE F 20 1.06 24.70 52.19
CA ILE F 20 1.14 24.52 50.74
C ILE F 20 1.85 25.71 50.10
N ASN F 21 1.58 26.92 50.57
CA ASN F 21 2.29 28.08 50.02
C ASN F 21 3.78 27.98 50.29
N ARG F 22 4.15 27.56 51.50
CA ARG F 22 5.56 27.38 51.81
C ARG F 22 6.20 26.33 50.89
N GLN F 23 5.49 25.24 50.64
CA GLN F 23 6.03 24.20 49.77
C GLN F 23 6.19 24.71 48.35
N ILE F 24 5.26 25.54 47.87
CA ILE F 24 5.41 26.14 46.55
C ILE F 24 6.71 26.92 46.49
N ASN F 25 6.97 27.75 47.51
CA ASN F 25 8.21 28.51 47.50
C ASN F 25 9.42 27.59 47.50
N LEU F 26 9.38 26.52 48.30
CA LEU F 26 10.52 25.62 48.36
C LEU F 26 10.79 24.95 47.01
N GLU F 27 9.73 24.54 46.31
CA GLU F 27 9.90 23.92 45.01
C GLU F 27 10.48 24.90 44.00
N LEU F 28 10.01 26.15 44.02
CA LEU F 28 10.59 27.15 43.12
C LEU F 28 12.07 27.38 43.44
N TYR F 29 12.41 27.41 44.72
CA TYR F 29 13.81 27.56 45.10
C TYR F 29 14.66 26.40 44.60
N ALA F 30 14.14 25.18 44.72
CA ALA F 30 14.88 24.02 44.22
C ALA F 30 15.08 24.11 42.71
N SER F 31 14.05 24.54 41.98
CA SER F 31 14.21 24.74 40.54
C SER F 31 15.33 25.74 40.26
N TYR F 32 15.37 26.83 41.03
CA TYR F 32 16.42 27.83 40.83
C TYR F 32 17.81 27.24 41.09
N VAL F 33 17.93 26.45 42.15
CA VAL F 33 19.22 25.83 42.47
C VAL F 33 19.67 24.94 41.32
N TYR F 34 18.76 24.13 40.78
CA TYR F 34 19.12 23.23 39.69
C TYR F 34 19.49 24.02 38.43
N LEU F 35 18.82 25.15 38.18
CA LEU F 35 19.19 25.99 37.05
C LEU F 35 20.62 26.50 37.19
N SER F 36 20.96 26.99 38.39
CA SER F 36 22.32 27.44 38.64
C SER F 36 23.32 26.32 38.40
N MET F 37 23.05 25.14 38.95
CA MET F 37 23.94 24.00 38.74
C MET F 37 24.10 23.71 37.26
N SER F 38 22.99 23.68 36.52
CA SER F 38 23.05 23.30 35.12
C SER F 38 23.97 24.25 34.35
N TYR F 39 23.84 25.55 34.59
CA TYR F 39 24.68 26.46 33.83
C TYR F 39 26.08 26.61 34.41
N TYR F 40 26.36 26.05 35.60
CA TYR F 40 27.75 25.92 36.01
C TYR F 40 28.50 24.94 35.13
N PHE F 41 27.88 23.82 34.79
CA PHE F 41 28.53 22.80 33.96
C PHE F 41 28.56 23.18 32.48
N ASP F 42 27.88 24.26 32.10
CA ASP F 42 27.97 24.79 30.75
C ASP F 42 29.14 25.76 30.58
N ARG F 43 29.85 26.08 31.66
CA ARG F 43 31.00 26.96 31.56
C ARG F 43 32.11 26.33 30.73
N ASP F 44 32.87 27.17 30.03
CA ASP F 44 33.93 26.66 29.17
C ASP F 44 35.04 25.98 29.97
N ASP F 45 35.23 26.36 31.23
CA ASP F 45 36.25 25.75 32.08
C ASP F 45 35.71 24.61 32.93
N VAL F 46 34.47 24.17 32.68
CA VAL F 46 33.91 22.99 33.32
C VAL F 46 33.53 22.00 32.23
N ALA F 47 32.59 22.41 31.36
CA ALA F 47 32.34 21.75 30.08
C ALA F 47 31.98 20.27 30.26
N LEU F 48 30.91 20.03 31.01
CA LEU F 48 30.33 18.69 31.15
C LEU F 48 28.88 18.80 30.70
N LYS F 49 28.65 18.57 29.40
CA LYS F 49 27.35 18.87 28.81
C LYS F 49 26.24 18.04 29.41
N ASN F 50 26.50 16.76 29.70
CA ASN F 50 25.43 15.91 30.18
C ASN F 50 25.08 16.19 31.64
N PHE F 51 26.06 16.61 32.44
CA PHE F 51 25.72 17.14 33.77
C PHE F 51 24.78 18.33 33.65
N ALA F 52 25.10 19.25 32.73
CA ALA F 52 24.26 20.42 32.53
C ALA F 52 22.85 20.01 32.12
N LYS F 53 22.73 19.07 31.18
CA LYS F 53 21.40 18.63 30.75
CA LYS F 53 21.40 18.63 30.75
C LYS F 53 20.64 17.98 31.89
N TYR F 54 21.31 17.14 32.68
CA TYR F 54 20.67 16.48 33.80
C TYR F 54 20.08 17.51 34.76
N PHE F 55 20.89 18.50 35.14
CA PHE F 55 20.40 19.46 36.13
C PHE F 55 19.35 20.40 35.54
N LEU F 56 19.43 20.72 34.25
CA LEU F 56 18.36 21.50 33.63
C LEU F 56 17.04 20.74 33.66
N HIS F 57 17.10 19.44 33.35
CA HIS F 57 15.88 18.63 33.44
C HIS F 57 15.33 18.64 34.87
N GLN F 58 16.20 18.52 35.87
CA GLN F 58 15.73 18.57 37.24
C GLN F 58 15.08 19.92 37.57
N SER F 59 15.66 21.01 37.06
CA SER F 59 15.09 22.33 37.30
C SER F 59 13.67 22.42 36.74
N HIS F 60 13.48 21.95 35.50
CA HIS F 60 12.16 22.01 34.90
C HIS F 60 11.17 21.13 35.66
N GLU F 61 11.63 19.96 36.11
CA GLU F 61 10.75 19.10 36.92
C GLU F 61 10.32 19.79 38.20
N GLU F 62 11.24 20.49 38.86
CA GLU F 62 10.88 21.21 40.07
C GLU F 62 9.85 22.29 39.78
N ARG F 63 9.99 22.99 38.66
CA ARG F 63 8.98 23.98 38.28
CA ARG F 63 8.98 23.97 38.29
C ARG F 63 7.63 23.31 38.10
N GLU F 64 7.60 22.14 37.46
CA GLU F 64 6.33 21.42 37.29
CA GLU F 64 6.33 21.42 37.29
C GLU F 64 5.72 21.06 38.64
N HIS F 65 6.54 20.63 39.60
CA HIS F 65 6.02 20.31 40.93
C HIS F 65 5.41 21.54 41.58
N ALA F 66 6.08 22.69 41.48
CA ALA F 66 5.52 23.91 42.06
C ALA F 66 4.18 24.26 41.41
N GLU F 67 4.09 24.13 40.10
CA GLU F 67 2.85 24.46 39.41
C GLU F 67 1.73 23.51 39.82
N LYS F 68 2.05 22.23 40.03
CA LYS F 68 1.03 21.30 40.49
C LYS F 68 0.54 21.68 41.89
N LEU F 69 1.44 22.13 42.75
CA LEU F 69 1.01 22.60 44.07
C LEU F 69 0.10 23.81 43.96
N MET F 70 0.42 24.74 43.05
CA MET F 70 -0.45 25.90 42.87
C MET F 70 -1.83 25.47 42.38
N LYS F 71 -1.86 24.52 41.44
CA LYS F 71 -3.14 23.98 40.99
C LYS F 71 -3.92 23.37 42.14
N LEU F 72 -3.25 22.62 43.01
CA LEU F 72 -3.91 22.05 44.17
C LEU F 72 -4.49 23.15 45.06
N GLN F 73 -3.69 24.18 45.32
CA GLN F 73 -4.17 25.28 46.15
C GLN F 73 -5.47 25.85 45.60
N ASN F 74 -5.53 26.08 44.28
CA ASN F 74 -6.76 26.61 43.70
C ASN F 74 -7.89 25.60 43.74
N GLN F 75 -7.58 24.32 43.55
CA GLN F 75 -8.63 23.30 43.54
C GLN F 75 -9.37 23.27 44.87
N ARG F 76 -8.66 23.41 45.98
CA ARG F 76 -9.25 23.30 47.31
C ARG F 76 -9.80 24.63 47.82
N GLY F 77 -9.72 25.69 47.03
CA GLY F 77 -10.23 26.97 47.44
C GLY F 77 -9.29 27.80 48.29
N GLY F 78 -8.04 27.38 48.43
CA GLY F 78 -7.04 28.22 49.05
C GLY F 78 -6.56 29.29 48.09
N ARG F 79 -5.77 30.21 48.62
CA ARG F 79 -5.30 31.35 47.86
C ARG F 79 -3.77 31.38 47.86
N ILE F 80 -3.19 31.43 46.67
CA ILE F 80 -1.75 31.40 46.51
C ILE F 80 -1.17 32.74 46.92
N PHE F 81 -0.14 32.70 47.76
CA PHE F 81 0.64 33.89 48.10
C PHE F 81 2.10 33.57 47.85
N LEU F 82 2.69 34.23 46.86
CA LEU F 82 4.05 33.98 46.45
C LEU F 82 5.01 34.85 47.26
N GLN F 83 6.25 34.37 47.38
CA GLN F 83 7.30 35.07 48.11
C GLN F 83 8.55 35.11 47.25
N ASP F 84 9.53 35.87 47.71
CA ASP F 84 10.81 35.93 47.00
C ASP F 84 11.40 34.53 46.85
N ILE F 85 11.95 34.25 45.68
CA ILE F 85 12.74 33.04 45.47
C ILE F 85 14.19 33.40 45.77
N LYS F 86 14.72 32.88 46.86
CA LYS F 86 16.08 33.20 47.26
C LYS F 86 17.07 32.61 46.28
N LYS F 87 18.19 33.32 46.08
CA LYS F 87 19.22 32.83 45.19
C LYS F 87 19.91 31.61 45.81
N PRO F 88 20.47 30.73 44.98
CA PRO F 88 21.17 29.56 45.53
C PRO F 88 22.35 29.98 46.41
N ASP F 89 22.66 29.14 47.39
CA ASP F 89 23.73 29.47 48.33
C ASP F 89 25.09 29.55 47.65
N CYS F 90 25.30 28.81 46.57
CA CYS F 90 26.58 28.74 45.90
C CYS F 90 26.47 29.29 44.48
N ASP F 91 27.52 29.97 44.02
CA ASP F 91 27.67 30.33 42.62
C ASP F 91 28.51 29.33 41.85
N ASP F 92 29.46 28.69 42.51
CA ASP F 92 30.39 27.74 41.90
C ASP F 92 30.22 26.41 42.62
N TRP F 93 29.85 25.37 41.87
CA TRP F 93 29.50 24.08 42.47
C TRP F 93 30.67 23.11 42.52
N GLU F 94 31.80 23.47 41.90
CA GLU F 94 33.14 22.93 42.11
CA GLU F 94 33.15 22.94 42.10
C GLU F 94 33.38 21.55 41.50
N SER F 95 32.35 20.82 41.09
CA SER F 95 32.58 19.52 40.46
C SER F 95 31.24 18.84 40.23
N GLY F 96 31.27 17.77 39.43
CA GLY F 96 30.09 16.94 39.29
C GLY F 96 29.73 16.23 40.57
N LEU F 97 30.73 15.67 41.27
CA LEU F 97 30.46 14.96 42.52
C LEU F 97 29.89 15.90 43.57
N ASN F 98 30.49 17.09 43.72
CA ASN F 98 29.99 18.04 44.71
C ASN F 98 28.57 18.48 44.36
N ALA F 99 28.29 18.71 43.09
CA ALA F 99 26.94 19.08 42.67
C ALA F 99 25.95 17.96 42.98
N MET F 100 26.33 16.71 42.73
CA MET F 100 25.45 15.60 43.05
C MET F 100 25.18 15.51 44.54
N GLU F 101 26.21 15.72 45.36
CA GLU F 101 26.02 15.69 46.81
C GLU F 101 25.10 16.83 47.26
N CYS F 102 25.28 18.02 46.70
CA CYS F 102 24.39 19.13 47.03
C CYS F 102 22.96 18.84 46.60
N ALA F 103 22.78 18.23 45.43
CA ALA F 103 21.44 17.87 44.99
C ALA F 103 20.82 16.83 45.91
N LEU F 104 21.61 15.87 46.39
CA LEU F 104 21.10 14.89 47.35
C LEU F 104 20.63 15.58 48.61
N HIS F 105 21.45 16.51 49.13
CA HIS F 105 21.05 17.27 50.31
C HIS F 105 19.75 18.03 50.08
N LEU F 106 19.65 18.69 48.93
CA LEU F 106 18.45 19.47 48.61
C LEU F 106 17.22 18.57 48.51
N GLU F 107 17.33 17.43 47.84
CA GLU F 107 16.20 16.55 47.68
C GLU F 107 15.76 15.97 49.02
N LYS F 108 16.71 15.68 49.90
CA LYS F 108 16.32 15.20 51.23
C LYS F 108 15.64 16.30 52.04
N ASN F 109 16.08 17.56 51.88
CA ASN F 109 15.40 18.66 52.56
C ASN F 109 13.96 18.79 52.05
N VAL F 110 13.77 18.72 50.74
CA VAL F 110 12.43 18.81 50.18
C VAL F 110 11.57 17.65 50.67
N ASN F 111 12.16 16.45 50.73
CA ASN F 111 11.42 15.30 51.23
C ASN F 111 10.98 15.51 52.67
N GLN F 112 11.88 16.04 53.51
CA GLN F 112 11.50 16.29 54.90
C GLN F 112 10.35 17.29 54.97
N SER F 113 10.39 18.33 54.14
CA SER F 113 9.30 19.29 54.12
C SER F 113 7.99 18.61 53.72
N LEU F 114 8.04 17.73 52.72
CA LEU F 114 6.83 17.03 52.30
C LEU F 114 6.31 16.10 53.39
N LEU F 115 7.22 15.46 54.12
CA LEU F 115 6.79 14.59 55.22
C LEU F 115 6.12 15.40 56.31
N GLU F 116 6.65 16.58 56.62
CA GLU F 116 6.00 17.44 57.60
C GLU F 116 4.62 17.89 57.10
N LEU F 117 4.52 18.20 55.81
CA LEU F 117 3.23 18.57 55.24
C LEU F 117 2.23 17.43 55.36
N HIS F 118 2.66 16.20 55.09
CA HIS F 118 1.78 15.05 55.22
C HIS F 118 1.35 14.85 56.66
N LYS F 119 2.28 15.04 57.61
CA LYS F 119 1.91 14.93 59.03
C LYS F 119 0.86 15.97 59.38
N LEU F 120 1.02 17.20 58.90
CA LEU F 120 0.03 18.24 59.16
C LEU F 120 -1.32 17.84 58.58
N ALA F 121 -1.33 17.36 57.34
CA ALA F 121 -2.59 16.97 56.71
C ALA F 121 -3.26 15.85 57.48
N THR F 122 -2.48 14.88 57.95
CA THR F 122 -3.03 13.80 58.76
C THR F 122 -3.63 14.34 60.06
N ASP F 123 -2.95 15.28 60.70
CA ASP F 123 -3.45 15.83 61.95
CA ASP F 123 -3.44 15.85 61.95
C ASP F 123 -4.76 16.58 61.74
N LYS F 124 -4.93 17.23 60.59
CA LYS F 124 -6.15 17.96 60.27
C LYS F 124 -7.21 17.09 59.60
N ASN F 125 -6.97 15.77 59.51
CA ASN F 125 -7.93 14.84 58.92
C ASN F 125 -8.33 15.29 57.51
N ASP F 126 -7.33 15.55 56.68
CA ASP F 126 -7.54 15.96 55.30
C ASP F 126 -7.08 14.82 54.39
N PRO F 127 -7.90 13.78 54.21
CA PRO F 127 -7.45 12.63 53.40
C PRO F 127 -7.13 12.98 51.96
N HIS F 128 -7.82 13.95 51.37
CA HIS F 128 -7.51 14.31 49.99
C HIS F 128 -6.09 14.86 49.87
N LEU F 129 -5.71 15.74 50.80
CA LEU F 129 -4.35 16.30 50.76
C LEU F 129 -3.30 15.24 51.03
N CYS F 130 -3.56 14.34 51.99
CA CYS F 130 -2.65 13.23 52.25
C CYS F 130 -2.45 12.40 51.00
N ASP F 131 -3.55 12.05 50.33
CA ASP F 131 -3.47 11.25 49.12
C ASP F 131 -2.72 11.99 48.02
N PHE F 132 -2.97 13.29 47.88
CA PHE F 132 -2.25 14.09 46.90
C PHE F 132 -0.74 14.00 47.13
N ILE F 133 -0.32 14.21 48.37
CA ILE F 133 1.11 14.18 48.69
C ILE F 133 1.68 12.79 48.42
N GLU F 134 0.97 11.74 48.87
CA GLU F 134 1.47 10.38 48.67
C GLU F 134 1.60 10.07 47.19
N THR F 135 0.58 10.39 46.41
CA THR F 135 0.52 9.94 45.03
C THR F 135 1.50 10.70 44.15
N HIS F 136 1.65 12.01 44.38
CA HIS F 136 2.39 12.84 43.43
C HIS F 136 3.79 13.22 43.90
N TYR F 137 4.11 13.06 45.19
CA TYR F 137 5.37 13.62 45.67
C TYR F 137 6.28 12.63 46.41
N LEU F 138 5.73 11.77 47.26
CA LEU F 138 6.59 11.00 48.15
C LEU F 138 7.45 9.99 47.39
N ASN F 139 6.83 9.20 46.51
CA ASN F 139 7.63 8.21 45.77
C ASN F 139 8.56 8.88 44.78
N GLU F 140 8.16 10.01 44.20
CA GLU F 140 9.08 10.74 43.33
C GLU F 140 10.32 11.14 44.09
N GLN F 141 10.16 11.63 45.33
CA GLN F 141 11.30 12.01 46.14
C GLN F 141 12.16 10.81 46.48
N VAL F 142 11.53 9.68 46.84
CA VAL F 142 12.32 8.49 47.17
C VAL F 142 13.15 8.06 45.98
N LYS F 143 12.53 8.04 44.79
CA LYS F 143 13.27 7.65 43.58
C LYS F 143 14.40 8.64 43.28
N ALA F 144 14.14 9.93 43.41
CA ALA F 144 15.18 10.93 43.13
C ALA F 144 16.35 10.77 44.09
N ILE F 145 16.06 10.56 45.38
CA ILE F 145 17.11 10.39 46.37
C ILE F 145 17.92 9.14 46.08
N LYS F 146 17.25 8.05 45.74
CA LYS F 146 17.97 6.82 45.41
C LYS F 146 18.87 7.02 44.20
N GLU F 147 18.36 7.68 43.16
CA GLU F 147 19.17 7.92 41.97
C GLU F 147 20.39 8.77 42.28
N LEU F 148 20.20 9.84 43.05
CA LEU F 148 21.33 10.70 43.39
C LEU F 148 22.35 9.96 44.25
N GLY F 149 21.88 9.12 45.18
CA GLY F 149 22.81 8.30 45.94
C GLY F 149 23.61 7.37 45.05
N ASP F 150 22.94 6.75 44.08
CA ASP F 150 23.66 5.90 43.14
C ASP F 150 24.72 6.68 42.38
N HIS F 151 24.38 7.88 41.92
CA HIS F 151 25.32 8.70 41.17
C HIS F 151 26.53 9.05 42.04
N VAL F 152 26.27 9.47 43.28
CA VAL F 152 27.36 9.82 44.19
C VAL F 152 28.26 8.62 44.43
N THR F 153 27.65 7.45 44.67
CA THR F 153 28.45 6.24 44.90
C THR F 153 29.35 5.95 43.71
N ASN F 154 28.78 5.98 42.49
CA ASN F 154 29.59 5.67 41.32
C ASN F 154 30.70 6.68 41.11
N LEU F 155 30.41 7.98 41.28
CA LEU F 155 31.44 8.98 41.09
C LEU F 155 32.56 8.81 42.11
N ARG F 156 32.21 8.52 43.37
CA ARG F 156 33.22 8.29 44.38
C ARG F 156 34.08 7.07 44.03
N LYS F 157 33.45 5.98 43.62
CA LYS F 157 34.20 4.76 43.32
C LYS F 157 35.13 4.99 42.13
N MET F 158 34.67 5.73 41.12
CA MET F 158 35.50 5.97 39.95
C MET F 158 36.71 6.84 40.24
N GLY F 159 36.75 7.52 41.38
CA GLY F 159 37.87 8.36 41.76
C GLY F 159 37.62 9.85 41.68
N ALA F 160 36.39 10.27 41.44
CA ALA F 160 36.07 11.70 41.45
C ALA F 160 36.21 12.24 42.87
N PRO F 161 36.44 13.56 43.00
CA PRO F 161 36.57 14.59 41.96
C PRO F 161 37.99 14.76 41.47
N GLU F 162 38.95 14.09 42.12
CA GLU F 162 40.36 14.29 41.76
C GLU F 162 40.63 13.87 40.32
N SER F 163 40.08 12.73 39.91
CA SER F 163 40.28 12.21 38.56
C SER F 163 39.23 12.85 37.65
N GLY F 164 39.66 13.82 36.84
CA GLY F 164 38.74 14.40 35.87
C GLY F 164 38.29 13.39 34.83
N LEU F 165 39.11 12.36 34.59
CA LEU F 165 38.69 11.29 33.70
C LEU F 165 37.44 10.60 34.23
N ALA F 166 37.35 10.43 35.54
CA ALA F 166 36.17 9.80 36.13
C ALA F 166 34.92 10.59 35.82
N GLU F 167 34.97 11.92 36.00
CA GLU F 167 33.78 12.72 35.73
C GLU F 167 33.47 12.77 34.25
N TYR F 168 34.49 12.83 33.39
CA TYR F 168 34.25 12.78 31.96
C TYR F 168 33.53 11.49 31.56
N LEU F 169 34.02 10.36 32.05
CA LEU F 169 33.43 9.09 31.66
C LEU F 169 32.04 8.91 32.28
N PHE F 170 31.84 9.41 33.49
CA PHE F 170 30.51 9.36 34.09
C PHE F 170 29.54 10.20 33.29
N ASP F 171 29.98 11.38 32.85
CA ASP F 171 29.16 12.22 32.00
C ASP F 171 28.76 11.50 30.72
N LYS F 172 29.72 10.80 30.10
CA LYS F 172 29.43 10.12 28.84
CA LYS F 172 29.43 10.12 28.84
C LYS F 172 28.53 8.91 29.04
N HIS F 173 28.84 8.05 30.01
CA HIS F 173 28.23 6.73 30.07
C HIS F 173 26.98 6.68 30.94
N THR F 174 26.94 7.42 32.05
CA THR F 174 25.75 7.38 32.91
C THR F 174 24.74 8.45 32.52
N LEU F 175 25.19 9.70 32.42
CA LEU F 175 24.29 10.81 32.11
C LEU F 175 24.07 11.01 30.61
N GLY F 176 24.85 10.34 29.77
CA GLY F 176 24.71 10.49 28.33
C GLY F 176 23.60 9.61 27.77
N THR G 5 2.55 -47.67 42.10
CA THR G 5 3.42 -47.39 40.93
C THR G 5 2.66 -46.63 39.85
N SER G 6 3.30 -45.61 39.30
CA SER G 6 2.68 -44.79 38.27
C SER G 6 2.43 -45.62 37.01
N GLN G 7 1.30 -45.35 36.36
CA GLN G 7 0.97 -46.04 35.12
C GLN G 7 1.94 -45.73 33.99
N VAL G 8 2.68 -44.61 34.08
CA VAL G 8 3.62 -44.23 33.04
C VAL G 8 5.05 -44.68 33.33
N ARG G 9 5.34 -45.12 34.54
CA ARG G 9 6.72 -45.38 34.92
C ARG G 9 7.29 -46.57 34.16
N GLN G 10 8.50 -46.41 33.65
CA GLN G 10 9.16 -47.47 32.89
C GLN G 10 10.65 -47.18 32.85
N ASN G 11 11.45 -48.11 33.37
CA ASN G 11 12.91 -47.99 33.34
C ASN G 11 13.38 -46.75 34.11
N TYR G 12 12.67 -46.43 35.19
CA TYR G 12 13.00 -45.27 36.03
C TYR G 12 13.32 -45.76 37.43
N HIS G 13 14.60 -45.77 37.78
CA HIS G 13 15.05 -46.30 39.06
C HIS G 13 14.74 -45.32 40.19
N GLN G 14 14.51 -45.87 41.38
CA GLN G 14 14.22 -45.03 42.55
C GLN G 14 15.39 -44.10 42.87
N ASP G 15 16.62 -44.59 42.70
CA ASP G 15 17.80 -43.76 42.93
C ASP G 15 17.80 -42.55 42.00
N SER G 16 17.43 -42.76 40.74
CA SER G 16 17.36 -41.64 39.79
C SER G 16 16.31 -40.63 40.23
N GLU G 17 15.16 -41.12 40.72
CA GLU G 17 14.11 -40.22 41.20
C GLU G 17 14.61 -39.37 42.36
N ALA G 18 15.28 -40.00 43.32
CA ALA G 18 15.83 -39.26 44.46
C ALA G 18 16.87 -38.24 44.00
N ALA G 19 17.75 -38.63 43.08
CA ALA G 19 18.78 -37.71 42.60
C ALA G 19 18.15 -36.53 41.88
N ILE G 20 17.05 -36.77 41.14
CA ILE G 20 16.38 -35.67 40.46
C ILE G 20 15.79 -34.71 41.48
N ASN G 21 15.22 -35.23 42.57
CA ASN G 21 14.70 -34.33 43.59
C ASN G 21 15.82 -33.49 44.21
N ARG G 22 16.97 -34.11 44.46
CA ARG G 22 18.11 -33.35 44.99
C ARG G 22 18.54 -32.27 44.01
N GLN G 23 18.58 -32.58 42.72
CA GLN G 23 18.96 -31.59 41.72
C GLN G 23 17.96 -30.45 41.67
N ILE G 24 16.67 -30.75 41.82
CA ILE G 24 15.66 -29.69 41.87
C ILE G 24 16.00 -28.73 43.01
N ASN G 25 16.28 -29.28 44.18
CA ASN G 25 16.59 -28.41 45.31
C ASN G 25 17.85 -27.58 45.03
N LEU G 26 18.87 -28.19 44.42
CA LEU G 26 20.10 -27.45 44.14
C LEU G 26 19.85 -26.31 43.17
N GLU G 27 19.02 -26.53 42.15
CA GLU G 27 18.72 -25.47 41.19
C GLU G 27 17.96 -24.33 41.85
N LEU G 28 17.00 -24.66 42.72
CA LEU G 28 16.29 -23.61 43.42
C LEU G 28 17.24 -22.81 44.32
N TYR G 29 18.18 -23.51 44.97
CA TYR G 29 19.16 -22.82 45.79
C TYR G 29 20.02 -21.88 44.96
N ALA G 30 20.45 -22.33 43.78
CA ALA G 30 21.24 -21.46 42.92
C ALA G 30 20.45 -20.23 42.50
N SER G 31 19.17 -20.41 42.17
CA SER G 31 18.33 -19.27 41.85
C SER G 31 18.29 -18.28 43.01
N TYR G 32 18.17 -18.79 44.24
CA TYR G 32 18.14 -17.92 45.41
C TYR G 32 19.46 -17.15 45.55
N VAL G 33 20.58 -17.83 45.35
CA VAL G 33 21.88 -17.18 45.45
C VAL G 33 21.98 -16.04 44.44
N TYR G 34 21.55 -16.30 43.20
CA TYR G 34 21.64 -15.26 42.18
C TYR G 34 20.71 -14.09 42.50
N LEU G 35 19.54 -14.37 43.09
CA LEU G 35 18.66 -13.29 43.51
C LEU G 35 19.34 -12.40 44.54
N SER G 36 19.95 -13.02 45.55
CA SER G 36 20.70 -12.27 46.55
C SER G 36 21.76 -11.41 45.89
N MET G 37 22.57 -12.00 45.02
CA MET G 37 23.60 -11.24 44.33
C MET G 37 23.01 -10.06 43.58
N SER G 38 21.92 -10.29 42.85
CA SER G 38 21.35 -9.24 42.02
C SER G 38 20.96 -8.05 42.88
N TYR G 39 20.31 -8.30 44.01
CA TYR G 39 19.88 -7.17 44.82
C TYR G 39 20.99 -6.61 45.71
N TYR G 40 22.14 -7.29 45.79
CA TYR G 40 23.30 -6.63 46.39
C TYR G 40 23.78 -5.46 45.53
N PHE G 41 23.83 -5.66 44.21
CA PHE G 41 24.30 -4.63 43.30
C PHE G 41 23.27 -3.54 43.06
N ASP G 42 22.05 -3.72 43.55
CA ASP G 42 21.03 -2.68 43.52
C ASP G 42 21.11 -1.74 44.71
N ARG G 43 21.98 -2.02 45.67
CA ARG G 43 22.14 -1.15 46.83
C ARG G 43 22.68 0.21 46.40
N ASP G 44 22.29 1.25 47.14
CA ASP G 44 22.71 2.60 46.80
C ASP G 44 24.21 2.79 46.98
N ASP G 45 24.85 2.01 47.85
CA ASP G 45 26.29 2.09 48.07
C ASP G 45 27.08 1.09 47.23
N VAL G 46 26.42 0.42 46.28
CA VAL G 46 27.11 -0.45 45.32
C VAL G 46 26.78 0.08 43.93
N ALA G 47 25.50 0.05 43.56
CA ALA G 47 24.97 0.80 42.43
C ALA G 47 25.65 0.42 41.12
N LEU G 48 25.60 -0.87 40.78
CA LEU G 48 26.04 -1.37 39.49
C LEU G 48 24.84 -2.05 38.84
N LYS G 49 24.08 -1.29 38.05
CA LYS G 49 22.79 -1.75 37.57
C LYS G 49 22.92 -2.96 36.67
N ASN G 50 23.94 -3.00 35.81
CA ASN G 50 24.04 -4.09 34.86
C ASN G 50 24.50 -5.38 35.53
N PHE G 51 25.33 -5.30 36.58
CA PHE G 51 25.60 -6.48 37.40
C PHE G 51 24.30 -7.03 37.98
N ALA G 52 23.47 -6.14 38.51
CA ALA G 52 22.20 -6.56 39.09
C ALA G 52 21.33 -7.24 38.04
N LYS G 53 21.24 -6.66 36.84
CA LYS G 53 20.43 -7.27 35.79
CA LYS G 53 20.43 -7.27 35.79
C LYS G 53 20.97 -8.63 35.38
N TYR G 54 22.29 -8.73 35.25
CA TYR G 54 22.92 -10.00 34.88
C TYR G 54 22.54 -11.09 35.87
N PHE G 55 22.71 -10.80 37.17
CA PHE G 55 22.45 -11.85 38.16
C PHE G 55 20.96 -12.13 38.31
N LEU G 56 20.09 -11.13 38.10
CA LEU G 56 18.66 -11.42 38.11
C LEU G 56 18.29 -12.36 36.97
N HIS G 57 18.86 -12.13 35.78
CA HIS G 57 18.62 -13.03 34.66
C HIS G 57 19.09 -14.44 35.00
N GLN G 58 20.26 -14.56 35.63
CA GLN G 58 20.74 -15.89 36.02
C GLN G 58 19.80 -16.55 37.01
N SER G 59 19.26 -15.78 37.95
CA SER G 59 18.32 -16.33 38.93
C SER G 59 17.09 -16.91 38.23
N HIS G 60 16.52 -16.14 37.29
CA HIS G 60 15.34 -16.62 36.59
C HIS G 60 15.66 -17.87 35.75
N GLU G 61 16.84 -17.90 35.13
CA GLU G 61 17.24 -19.08 34.38
C GLU G 61 17.34 -20.30 35.28
N GLU G 62 17.89 -20.14 36.48
CA GLU G 62 17.98 -21.26 37.41
C GLU G 62 16.59 -21.76 37.79
N ARG G 63 15.64 -20.83 38.02
CA ARG G 63 14.28 -21.25 38.28
CA ARG G 63 14.28 -21.25 38.28
C ARG G 63 13.72 -22.07 37.12
N GLU G 64 13.98 -21.63 35.89
CA GLU G 64 13.51 -22.39 34.74
CA GLU G 64 13.51 -22.38 34.73
C GLU G 64 14.10 -23.79 34.71
N HIS G 65 15.39 -23.91 35.04
CA HIS G 65 16.01 -25.24 35.08
C HIS G 65 15.34 -26.13 36.11
N ALA G 66 15.06 -25.58 37.29
CA ALA G 66 14.39 -26.37 38.32
C ALA G 66 13.02 -26.83 37.85
N GLU G 67 12.27 -25.94 37.20
CA GLU G 67 10.94 -26.30 36.72
C GLU G 67 11.01 -27.38 35.64
N LYS G 68 12.02 -27.31 34.78
CA LYS G 68 12.20 -28.37 33.78
C LYS G 68 12.48 -29.70 34.45
N LEU G 69 13.28 -29.71 35.50
CA LEU G 69 13.52 -30.96 36.22
C LEU G 69 12.24 -31.50 36.85
N MET G 70 11.40 -30.61 37.40
CA MET G 70 10.13 -31.07 37.96
C MET G 70 9.24 -31.68 36.87
N LYS G 71 9.21 -31.03 35.71
CA LYS G 71 8.46 -31.58 34.59
C LYS G 71 8.98 -32.96 34.21
N LEU G 72 10.30 -33.12 34.18
CA LEU G 72 10.89 -34.43 33.88
C LEU G 72 10.45 -35.46 34.91
N GLN G 73 10.51 -35.10 36.19
CA GLN G 73 10.09 -36.01 37.25
C GLN G 73 8.68 -36.52 37.00
N ASN G 74 7.77 -35.60 36.65
CA ASN G 74 6.39 -36.03 36.40
C ASN G 74 6.27 -36.85 35.12
N GLN G 75 7.05 -36.51 34.09
CA GLN G 75 6.98 -37.23 32.83
C GLN G 75 7.30 -38.70 33.03
N ARG G 76 8.31 -39.00 33.85
CA ARG G 76 8.77 -40.37 34.04
C ARG G 76 8.00 -41.12 35.12
N GLY G 77 7.02 -40.48 35.75
CA GLY G 77 6.23 -41.13 36.78
C GLY G 77 6.83 -41.08 38.16
N GLY G 78 7.91 -40.32 38.36
CA GLY G 78 8.41 -40.08 39.70
C GLY G 78 7.55 -39.05 40.41
N ARG G 79 7.83 -38.87 41.70
CA ARG G 79 7.06 -37.98 42.54
C ARG G 79 7.97 -36.94 43.15
N ILE G 80 7.61 -35.67 42.97
CA ILE G 80 8.41 -34.55 43.44
C ILE G 80 8.27 -34.44 44.96
N PHE G 81 9.39 -34.33 45.65
CA PHE G 81 9.42 -34.03 47.07
C PHE G 81 10.34 -32.84 47.29
N LEU G 82 9.75 -31.71 47.68
CA LEU G 82 10.48 -30.47 47.86
C LEU G 82 11.06 -30.40 49.26
N GLN G 83 12.15 -29.64 49.40
CA GLN G 83 12.81 -29.43 50.68
C GLN G 83 13.04 -27.94 50.87
N ASP G 84 13.50 -27.58 52.07
CA ASP G 84 13.83 -26.19 52.35
C ASP G 84 14.87 -25.69 51.35
N ILE G 85 14.68 -24.46 50.88
CA ILE G 85 15.70 -23.77 50.09
C ILE G 85 16.55 -22.98 51.08
N LYS G 86 17.79 -23.41 51.26
CA LYS G 86 18.67 -22.76 52.22
C LYS G 86 19.04 -21.36 51.74
N LYS G 87 19.21 -20.45 52.70
CA LYS G 87 19.60 -19.10 52.35
C LYS G 87 21.04 -19.08 51.84
N PRO G 88 21.39 -18.10 51.00
CA PRO G 88 22.77 -18.02 50.51
C PRO G 88 23.75 -17.83 51.67
N ASP G 89 24.98 -18.33 51.47
CA ASP G 89 25.98 -18.27 52.52
C ASP G 89 26.36 -16.84 52.86
N CYS G 90 26.29 -15.93 51.90
CA CYS G 90 26.72 -14.55 52.08
C CYS G 90 25.54 -13.61 51.95
N ASP G 91 25.54 -12.55 52.76
CA ASP G 91 24.62 -11.44 52.59
C ASP G 91 25.23 -10.30 51.79
N ASP G 92 26.55 -10.11 51.88
CA ASP G 92 27.28 -9.04 51.21
C ASP G 92 28.32 -9.69 50.30
N TRP G 93 28.24 -9.41 49.01
CA TRP G 93 29.08 -10.09 48.02
C TRP G 93 30.35 -9.31 47.69
N GLU G 94 30.49 -8.09 48.20
CA GLU G 94 31.71 -7.32 48.36
CA GLU G 94 31.71 -7.30 48.35
C GLU G 94 32.26 -6.72 47.06
N SER G 95 31.80 -7.15 45.88
CA SER G 95 32.31 -6.55 44.64
C SER G 95 31.73 -7.32 43.46
N GLY G 96 31.87 -6.72 42.28
CA GLY G 96 31.54 -7.44 41.06
C GLY G 96 32.45 -8.63 40.83
N LEU G 97 33.76 -8.44 41.02
CA LEU G 97 34.70 -9.54 40.81
C LEU G 97 34.44 -10.68 41.77
N ASN G 98 34.23 -10.38 43.05
CA ASN G 98 33.97 -11.43 44.03
C ASN G 98 32.68 -12.16 43.71
N ALA G 99 31.65 -11.42 43.29
CA ALA G 99 30.39 -12.05 42.91
C ALA G 99 30.57 -12.97 41.72
N MET G 100 31.34 -12.54 40.72
CA MET G 100 31.60 -13.40 39.57
C MET G 100 32.35 -14.65 39.97
N GLU G 101 33.34 -14.53 40.86
CA GLU G 101 34.07 -15.70 41.32
C GLU G 101 33.15 -16.66 42.08
N CYS G 102 32.27 -16.12 42.93
CA CYS G 102 31.31 -16.95 43.64
C CYS G 102 30.36 -17.65 42.68
N ALA G 103 29.91 -16.93 41.65
CA ALA G 103 29.04 -17.53 40.65
C ALA G 103 29.76 -18.64 39.90
N LEU G 104 31.04 -18.44 39.58
CA LEU G 104 31.81 -19.50 38.92
C LEU G 104 31.89 -20.74 39.80
N HIS G 105 32.17 -20.54 41.09
CA HIS G 105 32.20 -21.66 42.03
C HIS G 105 30.86 -22.38 42.06
N LEU G 106 29.77 -21.61 42.14
CA LEU G 106 28.44 -22.20 42.19
C LEU G 106 28.12 -23.00 40.93
N GLU G 107 28.44 -22.44 39.76
CA GLU G 107 28.13 -23.12 38.52
C GLU G 107 28.95 -24.39 38.38
N LYS G 108 30.20 -24.38 38.85
CA LYS G 108 30.99 -25.61 38.81
C LYS G 108 30.43 -26.66 39.77
N ASN G 109 29.93 -26.22 40.93
CA ASN G 109 29.28 -27.18 41.84
C ASN G 109 28.06 -27.80 41.20
N VAL G 110 27.23 -26.99 40.56
CA VAL G 110 26.04 -27.50 39.89
C VAL G 110 26.43 -28.47 38.78
N ASN G 111 27.49 -28.12 38.03
CA ASN G 111 27.96 -29.00 36.97
C ASN G 111 28.42 -30.34 37.53
N GLN G 112 29.14 -30.32 38.65
CA GLN G 112 29.56 -31.58 39.25
C GLN G 112 28.36 -32.42 39.67
N SER G 113 27.34 -31.78 40.22
CA SER G 113 26.12 -32.51 40.58
C SER G 113 25.48 -33.14 39.33
N LEU G 114 25.43 -32.39 38.24
CA LEU G 114 24.84 -32.92 37.01
C LEU G 114 25.65 -34.08 36.46
N LEU G 115 26.98 -34.00 36.56
CA LEU G 115 27.82 -35.09 36.09
C LEU G 115 27.60 -36.35 36.92
N GLU G 116 27.45 -36.18 38.24
CA GLU G 116 27.15 -37.33 39.08
C GLU G 116 25.78 -37.91 38.73
N LEU G 117 24.81 -37.05 38.45
CA LEU G 117 23.49 -37.53 38.03
C LEU G 117 23.58 -38.31 36.73
N HIS G 118 24.37 -37.83 35.78
CA HIS G 118 24.54 -38.54 34.51
C HIS G 118 25.21 -39.88 34.73
N LYS G 119 26.22 -39.93 35.62
CA LYS G 119 26.86 -41.20 35.93
C LYS G 119 25.86 -42.19 36.53
N LEU G 120 25.01 -41.70 37.43
CA LEU G 120 23.99 -42.57 38.01
C LEU G 120 23.04 -43.09 36.93
N ALA G 121 22.59 -42.20 36.05
CA ALA G 121 21.68 -42.62 34.98
C ALA G 121 22.34 -43.66 34.08
N THR G 122 23.61 -43.46 33.76
CA THR G 122 24.33 -44.44 32.94
C THR G 122 24.42 -45.79 33.66
N ASP G 123 24.69 -45.76 34.97
CA ASP G 123 24.79 -47.01 35.71
CA ASP G 123 24.78 -47.01 35.72
C ASP G 123 23.47 -47.76 35.74
N LYS G 124 22.35 -47.03 35.77
CA LYS G 124 21.03 -47.64 35.78
C LYS G 124 20.47 -47.90 34.38
N ASN G 125 21.28 -47.69 33.35
CA ASN G 125 20.87 -47.93 31.97
C ASN G 125 19.58 -47.19 31.64
N ASP G 126 19.58 -45.89 31.93
CA ASP G 126 18.43 -45.03 31.65
C ASP G 126 18.80 -44.07 30.53
N PRO G 127 18.78 -44.51 29.27
CA PRO G 127 19.22 -43.63 28.18
C PRO G 127 18.39 -42.36 28.04
N HIS G 128 17.10 -42.40 28.35
CA HIS G 128 16.30 -41.19 28.24
C HIS G 128 16.79 -40.12 29.21
N LEU G 129 17.08 -40.52 30.45
CA LEU G 129 17.57 -39.55 31.44
C LEU G 129 18.94 -39.03 31.07
N CYS G 130 19.81 -39.91 30.59
CA CYS G 130 21.13 -39.47 30.13
C CYS G 130 21.00 -38.44 29.01
N ASP G 131 20.13 -38.72 28.04
CA ASP G 131 19.94 -37.79 26.94
C ASP G 131 19.35 -36.47 27.42
N PHE G 132 18.41 -36.54 28.36
CA PHE G 132 17.84 -35.33 28.93
C PHE G 132 18.93 -34.45 29.54
N ILE G 133 19.79 -35.05 30.36
CA ILE G 133 20.86 -34.30 31.02
C ILE G 133 21.81 -33.72 29.97
N GLU G 134 22.21 -34.54 29.00
CA GLU G 134 23.15 -34.07 27.97
C GLU G 134 22.56 -32.91 27.19
N THR G 135 21.30 -33.05 26.77
CA THR G 135 20.72 -32.09 25.84
C THR G 135 20.39 -30.77 26.52
N HIS G 136 19.89 -30.82 27.75
CA HIS G 136 19.35 -29.62 28.37
C HIS G 136 20.25 -29.00 29.43
N TYR G 137 21.29 -29.70 29.90
CA TYR G 137 22.01 -29.17 31.05
C TYR G 137 23.53 -29.08 30.87
N LEU G 138 24.16 -30.07 30.25
CA LEU G 138 25.62 -30.14 30.28
C LEU G 138 26.25 -29.01 29.49
N ASN G 139 25.82 -28.80 28.25
CA ASN G 139 26.41 -27.73 27.46
C ASN G 139 26.05 -26.36 28.00
N GLU G 140 24.85 -26.20 28.56
CA GLU G 140 24.50 -24.95 29.20
C GLU G 140 25.47 -24.63 30.33
N GLN G 141 25.81 -25.64 31.15
CA GLN G 141 26.77 -25.42 32.22
C GLN G 141 28.15 -25.08 31.67
N VAL G 142 28.58 -25.79 30.63
CA VAL G 142 29.90 -25.50 30.08
C VAL G 142 29.96 -24.06 29.58
N LYS G 143 28.92 -23.63 28.87
CA LYS G 143 28.88 -22.25 28.37
C LYS G 143 28.86 -21.25 29.51
N ALA G 144 28.07 -21.52 30.55
CA ALA G 144 28.00 -20.58 31.67
C ALA G 144 29.35 -20.46 32.38
N ILE G 145 30.02 -21.60 32.58
CA ILE G 145 31.32 -21.59 33.24
C ILE G 145 32.34 -20.83 32.38
N LYS G 146 32.33 -21.06 31.07
CA LYS G 146 33.24 -20.33 30.19
C LYS G 146 32.98 -18.82 30.26
N GLU G 147 31.71 -18.42 30.22
CA GLU G 147 31.39 -17.01 30.27
C GLU G 147 31.84 -16.38 31.59
N LEU G 148 31.58 -17.07 32.71
CA LEU G 148 31.99 -16.52 34.00
C LEU G 148 33.51 -16.44 34.10
N GLY G 149 34.22 -17.44 33.58
CA GLY G 149 35.67 -17.36 33.55
C GLY G 149 36.16 -16.18 32.74
N ASP G 150 35.54 -15.93 31.59
CA ASP G 150 35.89 -14.76 30.79
C ASP G 150 35.68 -13.47 31.58
N HIS G 151 34.54 -13.37 32.26
CA HIS G 151 34.24 -12.16 33.04
C HIS G 151 35.28 -11.96 34.14
N VAL G 152 35.61 -13.04 34.86
CA VAL G 152 36.60 -12.93 35.93
C VAL G 152 37.94 -12.50 35.37
N THR G 153 38.35 -13.09 34.25
CA THR G 153 39.62 -12.72 33.65
C THR G 153 39.65 -11.24 33.30
N ASN G 154 38.60 -10.76 32.65
CA ASN G 154 38.57 -9.36 32.23
C ASN G 154 38.58 -8.43 33.43
N LEU G 155 37.79 -8.74 34.46
CA LEU G 155 37.76 -7.88 35.63
C LEU G 155 39.12 -7.85 36.32
N ARG G 156 39.79 -9.00 36.42
CA ARG G 156 41.11 -9.03 37.03
C ARG G 156 42.09 -8.21 36.21
N LYS G 157 42.08 -8.35 34.88
CA LYS G 157 43.02 -7.61 34.06
C LYS G 157 42.79 -6.11 34.15
N MET G 158 41.52 -5.69 34.19
CA MET G 158 41.20 -4.27 34.27
C MET G 158 41.63 -3.64 35.59
N GLY G 159 41.96 -4.44 36.61
CA GLY G 159 42.38 -3.91 37.89
C GLY G 159 41.37 -4.03 39.01
N ALA G 160 40.25 -4.70 38.79
CA ALA G 160 39.28 -4.92 39.86
C ALA G 160 39.88 -5.83 40.92
N PRO G 161 39.37 -5.77 42.16
CA PRO G 161 38.28 -4.92 42.66
C PRO G 161 38.78 -3.57 43.18
N GLU G 162 40.09 -3.38 43.24
CA GLU G 162 40.63 -2.15 43.82
C GLU G 162 40.22 -0.93 43.02
N SER G 163 40.26 -1.03 41.70
CA SER G 163 39.89 0.08 40.83
C SER G 163 38.39 0.02 40.59
N GLY G 164 37.64 0.90 41.26
CA GLY G 164 36.21 0.99 41.02
C GLY G 164 35.89 1.42 39.61
N LEU G 165 36.81 2.15 38.97
CA LEU G 165 36.65 2.49 37.57
C LEU G 165 36.57 1.24 36.70
N ALA G 166 37.37 0.23 37.03
CA ALA G 166 37.34 -1.02 36.27
C ALA G 166 35.96 -1.65 36.32
N GLU G 167 35.37 -1.74 37.51
CA GLU G 167 34.05 -2.36 37.62
C GLU G 167 32.98 -1.51 36.96
N TYR G 168 33.08 -0.19 37.08
CA TYR G 168 32.12 0.68 36.40
C TYR G 168 32.17 0.47 34.89
N LEU G 169 33.37 0.45 34.32
CA LEU G 169 33.49 0.30 32.87
C LEU G 169 33.10 -1.09 32.42
N PHE G 170 33.40 -2.11 33.23
CA PHE G 170 32.96 -3.47 32.89
C PHE G 170 31.45 -3.55 32.91
N ASP G 171 30.82 -2.92 33.90
CA ASP G 171 29.37 -2.87 33.95
C ASP G 171 28.80 -2.22 32.71
N LYS G 172 29.40 -1.12 32.25
CA LYS G 172 28.87 -0.41 31.08
CA LYS G 172 28.87 -0.41 31.08
C LYS G 172 29.10 -1.19 29.80
N HIS G 173 30.32 -1.67 29.58
CA HIS G 173 30.71 -2.17 28.26
C HIS G 173 30.48 -3.66 28.06
N THR G 174 30.69 -4.48 29.08
CA THR G 174 30.48 -5.91 28.92
C THR G 174 29.06 -6.32 29.27
N LEU G 175 28.58 -5.93 30.46
CA LEU G 175 27.25 -6.31 30.91
C LEU G 175 26.15 -5.38 30.42
N GLY G 176 26.51 -4.25 29.81
CA GLY G 176 25.51 -3.31 29.33
C GLY G 176 25.01 -3.66 27.95
N THR H 5 -41.79 24.13 -41.53
CA THR H 5 -41.10 24.78 -40.38
C THR H 5 -40.76 23.76 -39.30
N SER H 6 -39.54 23.85 -38.78
CA SER H 6 -39.08 22.93 -37.75
C SER H 6 -39.91 23.11 -36.47
N GLN H 7 -40.19 22.01 -35.79
CA GLN H 7 -40.93 22.05 -34.54
C GLN H 7 -40.17 22.77 -33.43
N VAL H 8 -38.85 22.91 -33.56
CA VAL H 8 -38.05 23.56 -32.53
C VAL H 8 -37.77 25.02 -32.85
N ARG H 9 -38.06 25.48 -34.06
CA ARG H 9 -37.63 26.81 -34.48
C ARG H 9 -38.40 27.89 -33.72
N GLN H 10 -37.67 28.89 -33.22
CA GLN H 10 -38.29 29.98 -32.47
C GLN H 10 -37.34 31.16 -32.46
N ASN H 11 -37.79 32.30 -32.98
CA ASN H 11 -37.00 33.52 -32.99
C ASN H 11 -35.70 33.35 -33.79
N TYR H 12 -35.76 32.56 -34.86
CA TYR H 12 -34.61 32.29 -35.71
C TYR H 12 -34.92 32.78 -37.12
N HIS H 13 -34.35 33.91 -37.50
CA HIS H 13 -34.63 34.54 -38.78
C HIS H 13 -33.92 33.80 -39.91
N GLN H 14 -34.54 33.84 -41.09
CA GLN H 14 -33.96 33.17 -42.26
C GLN H 14 -32.60 33.76 -42.61
N ASP H 15 -32.46 35.09 -42.46
CA ASP H 15 -31.18 35.73 -42.72
C ASP H 15 -30.09 35.18 -41.81
N SER H 16 -30.41 34.96 -40.54
CA SER H 16 -29.45 34.38 -39.62
C SER H 16 -29.06 32.97 -40.05
N GLU H 17 -30.03 32.19 -40.51
CA GLU H 17 -29.74 30.83 -40.97
C GLU H 17 -28.79 30.85 -42.16
N ALA H 18 -29.05 31.74 -43.12
CA ALA H 18 -28.16 31.85 -44.28
C ALA H 18 -26.77 32.29 -43.86
N ALA H 19 -26.68 33.27 -42.95
CA ALA H 19 -25.38 33.75 -42.50
C ALA H 19 -24.61 32.64 -41.78
N ILE H 20 -25.31 31.81 -41.02
CA ILE H 20 -24.66 30.70 -40.35
C ILE H 20 -24.09 29.72 -41.36
N ASN H 21 -24.85 29.44 -42.43
CA ASN H 21 -24.32 28.55 -43.46
C ASN H 21 -23.07 29.14 -44.11
N ARG H 22 -23.08 30.44 -44.38
CA ARG H 22 -21.89 31.09 -44.93
C ARG H 22 -20.71 30.96 -43.99
N GLN H 23 -20.95 31.16 -42.69
CA GLN H 23 -19.88 31.05 -41.71
C GLN H 23 -19.32 29.63 -41.65
N ILE H 24 -20.20 28.63 -41.77
CA ILE H 24 -19.73 27.24 -41.82
C ILE H 24 -18.76 27.07 -42.96
N ASN H 25 -19.13 27.56 -44.15
CA ASN H 25 -18.24 27.41 -45.29
C ASN H 25 -16.91 28.14 -45.05
N LEU H 26 -16.97 29.32 -44.45
CA LEU H 26 -15.74 30.07 -44.20
C LEU H 26 -14.81 29.33 -43.23
N GLU H 27 -15.38 28.73 -42.19
CA GLU H 27 -14.56 27.98 -41.24
C GLU H 27 -13.93 26.76 -41.90
N LEU H 28 -14.69 26.05 -42.75
CA LEU H 28 -14.11 24.92 -43.46
C LEU H 28 -12.99 25.37 -44.38
N TYR H 29 -13.16 26.51 -45.04
CA TYR H 29 -12.11 27.03 -45.90
C TYR H 29 -10.86 27.37 -45.10
N ALA H 30 -11.04 27.98 -43.93
CA ALA H 30 -9.88 28.29 -43.08
C ALA H 30 -9.15 27.01 -42.67
N SER H 31 -9.91 25.98 -42.30
CA SER H 31 -9.29 24.69 -41.98
C SER H 31 -8.46 24.19 -43.16
N TYR H 32 -9.00 24.30 -44.37
CA TYR H 32 -8.26 23.85 -45.55
C TYR H 32 -6.97 24.65 -45.74
N VAL H 33 -7.05 25.96 -45.55
CA VAL H 33 -5.86 26.80 -45.69
C VAL H 33 -4.79 26.37 -44.69
N TYR H 34 -5.18 26.13 -43.45
CA TYR H 34 -4.21 25.74 -42.44
C TYR H 34 -3.63 24.36 -42.74
N LEU H 35 -4.43 23.45 -43.31
CA LEU H 35 -3.89 22.15 -43.71
C LEU H 35 -2.80 22.32 -44.78
N SER H 36 -3.09 23.15 -45.78
CA SER H 36 -2.10 23.42 -46.82
C SER H 36 -0.82 23.98 -46.21
N MET H 37 -0.96 24.97 -45.33
CA MET H 37 0.22 25.54 -44.68
C MET H 37 1.00 24.48 -43.93
N SER H 38 0.30 23.64 -43.16
CA SER H 38 0.97 22.64 -42.35
C SER H 38 1.82 21.73 -43.22
N TYR H 39 1.28 21.26 -44.34
CA TYR H 39 2.06 20.34 -45.15
C TYR H 39 3.04 21.04 -46.07
N TYR H 40 2.99 22.38 -46.17
CA TYR H 40 4.10 23.08 -46.80
C TYR H 40 5.37 22.97 -45.95
N PHE H 41 5.25 23.12 -44.63
CA PHE H 41 6.40 23.06 -43.75
C PHE H 41 6.88 21.65 -43.50
N ASP H 42 6.15 20.64 -43.96
CA ASP H 42 6.58 19.25 -43.91
C ASP H 42 7.42 18.87 -45.12
N ARG H 43 7.57 19.76 -46.09
CA ARG H 43 8.38 19.48 -47.27
C ARG H 43 9.84 19.33 -46.88
N ASP H 44 10.56 18.47 -47.62
CA ASP H 44 11.96 18.23 -47.31
C ASP H 44 12.83 19.46 -47.52
N ASP H 45 12.42 20.37 -48.39
CA ASP H 45 13.16 21.60 -48.64
C ASP H 45 12.67 22.77 -47.81
N VAL H 46 11.79 22.53 -46.84
CA VAL H 46 11.38 23.54 -45.87
C VAL H 46 11.71 23.03 -44.48
N ALA H 47 11.09 21.92 -44.10
CA ALA H 47 11.52 21.11 -42.96
C ALA H 47 11.54 21.92 -41.66
N LEU H 48 10.38 22.47 -41.31
CA LEU H 48 10.17 23.12 -40.01
C LEU H 48 9.02 22.39 -39.33
N LYS H 49 9.37 21.37 -38.55
CA LYS H 49 8.36 20.45 -38.03
C LYS H 49 7.37 21.15 -37.12
N ASN H 50 7.84 22.08 -36.28
CA ASN H 50 6.94 22.69 -35.32
C ASN H 50 5.99 23.70 -35.97
N PHE H 51 6.44 24.37 -37.04
CA PHE H 51 5.51 25.16 -37.84
C PHE H 51 4.40 24.27 -38.40
N ALA H 52 4.78 23.10 -38.93
CA ALA H 52 3.80 22.17 -39.46
C ALA H 52 2.82 21.75 -38.39
N LYS H 53 3.31 21.39 -37.20
CA LYS H 53 2.42 20.98 -36.12
CA LYS H 53 2.42 20.98 -36.12
C LYS H 53 1.49 22.11 -35.71
N TYR H 54 2.02 23.34 -35.60
CA TYR H 54 1.19 24.47 -35.23
C TYR H 54 0.03 24.65 -36.20
N PHE H 55 0.33 24.65 -37.50
CA PHE H 55 -0.73 24.89 -38.47
C PHE H 55 -1.68 23.71 -38.59
N LEU H 56 -1.21 22.48 -38.38
CA LEU H 56 -2.14 21.35 -38.35
C LEU H 56 -3.10 21.47 -37.18
N HIS H 57 -2.60 21.88 -36.02
CA HIS H 57 -3.49 22.12 -34.89
C HIS H 57 -4.53 23.19 -35.21
N GLN H 58 -4.10 24.27 -35.86
CA GLN H 58 -5.05 25.31 -36.24
C GLN H 58 -6.10 24.77 -37.21
N SER H 59 -5.69 23.92 -38.15
CA SER H 59 -6.64 23.34 -39.10
C SER H 59 -7.71 22.54 -38.36
N HIS H 60 -7.28 21.69 -37.43
CA HIS H 60 -8.25 20.89 -36.69
C HIS H 60 -9.17 21.76 -35.84
N GLU H 61 -8.62 22.82 -35.25
CA GLU H 61 -9.47 23.75 -34.49
C GLU H 61 -10.53 24.40 -35.38
N GLU H 62 -10.15 24.79 -36.60
CA GLU H 62 -11.12 25.38 -37.51
C GLU H 62 -12.22 24.38 -37.85
N ARG H 63 -11.85 23.11 -38.06
CA ARG H 63 -12.87 22.09 -38.30
CA ARG H 63 -12.87 22.09 -38.30
C ARG H 63 -13.82 22.00 -37.13
N GLU H 64 -13.29 22.04 -35.90
CA GLU H 64 -14.15 22.00 -34.72
CA GLU H 64 -14.15 22.00 -34.72
C GLU H 64 -15.12 23.18 -34.70
N HIS H 65 -14.63 24.38 -35.05
CA HIS H 65 -15.50 25.55 -35.08
C HIS H 65 -16.62 25.35 -36.09
N ALA H 66 -16.30 24.84 -37.27
CA ALA H 66 -17.34 24.61 -38.28
C ALA H 66 -18.37 23.61 -37.76
N GLU H 67 -17.92 22.54 -37.11
CA GLU H 67 -18.86 21.55 -36.61
C GLU H 67 -19.75 22.13 -35.52
N LYS H 68 -19.20 23.01 -34.67
CA LYS H 68 -20.02 23.66 -33.66
C LYS H 68 -21.10 24.54 -34.32
N LEU H 69 -20.74 25.24 -35.40
CA LEU H 69 -21.75 26.01 -36.10
C LEU H 69 -22.84 25.13 -36.69
N MET H 70 -22.46 23.97 -37.24
CA MET H 70 -23.48 23.06 -37.77
C MET H 70 -24.41 22.58 -36.66
N LYS H 71 -23.83 22.25 -35.49
CA LYS H 71 -24.65 21.87 -34.35
C LYS H 71 -25.60 22.98 -33.96
N LEU H 72 -25.12 24.23 -33.96
CA LEU H 72 -26.00 25.36 -33.66
C LEU H 72 -27.14 25.44 -34.66
N GLN H 73 -26.81 25.31 -35.96
CA GLN H 73 -27.85 25.36 -36.98
C GLN H 73 -28.94 24.35 -36.70
N ASN H 74 -28.56 23.12 -36.36
CA ASN H 74 -29.58 22.11 -36.07
C ASN H 74 -30.33 22.42 -34.78
N GLN H 75 -29.63 22.94 -33.78
CA GLN H 75 -30.26 23.24 -32.49
C GLN H 75 -31.42 24.21 -32.67
N ARG H 76 -31.25 25.22 -33.52
CA ARG H 76 -32.24 26.27 -33.70
C ARG H 76 -33.28 25.93 -34.76
N GLY H 77 -33.19 24.76 -35.38
CA GLY H 77 -34.16 24.37 -36.38
C GLY H 77 -33.86 24.85 -37.78
N GLY H 78 -32.69 25.45 -38.00
CA GLY H 78 -32.27 25.75 -39.35
C GLY H 78 -31.77 24.51 -40.06
N ARG H 79 -31.52 24.66 -41.36
CA ARG H 79 -31.11 23.53 -42.20
C ARG H 79 -29.76 23.85 -42.84
N ILE H 80 -28.82 22.93 -42.66
CA ILE H 80 -27.46 23.11 -43.17
C ILE H 80 -27.47 22.91 -44.67
N PHE H 81 -26.87 23.85 -45.40
CA PHE H 81 -26.62 23.71 -46.83
C PHE H 81 -25.14 23.96 -47.06
N LEU H 82 -24.44 22.91 -47.47
CA LEU H 82 -23.00 22.98 -47.67
C LEU H 82 -22.68 23.42 -49.10
N GLN H 83 -21.51 24.01 -49.26
CA GLN H 83 -21.03 24.49 -50.56
C GLN H 83 -19.61 24.00 -50.78
N ASP H 84 -19.11 24.21 -51.98
CA ASP H 84 -17.73 23.84 -52.29
C ASP H 84 -16.78 24.54 -51.33
N ILE H 85 -15.78 23.80 -50.87
CA ILE H 85 -14.68 24.38 -50.11
C ILE H 85 -13.59 24.75 -51.13
N LYS H 86 -13.40 26.05 -51.34
CA LYS H 86 -12.43 26.50 -52.32
C LYS H 86 -11.02 26.18 -51.87
N LYS H 87 -10.15 25.89 -52.84
CA LYS H 87 -8.76 25.59 -52.51
C LYS H 87 -8.06 26.86 -52.04
N PRO H 88 -7.02 26.72 -51.21
CA PRO H 88 -6.28 27.91 -50.76
C PRO H 88 -5.68 28.67 -51.93
N ASP H 89 -5.56 29.99 -51.74
CA ASP H 89 -5.04 30.84 -52.81
C ASP H 89 -3.60 30.51 -53.19
N CYS H 90 -2.82 30.01 -52.24
CA CYS H 90 -1.40 29.74 -52.46
C CYS H 90 -1.12 28.26 -52.30
N ASP H 91 -0.20 27.76 -53.12
CA ASP H 91 0.36 26.43 -52.95
C ASP H 91 1.67 26.44 -52.17
N ASP H 92 2.45 27.53 -52.30
CA ASP H 92 3.75 27.67 -51.67
C ASP H 92 3.69 28.91 -50.78
N TRP H 93 3.91 28.71 -49.47
CA TRP H 93 3.73 29.78 -48.49
C TRP H 93 5.02 30.55 -48.21
N GLU H 94 6.15 30.10 -48.73
CA GLU H 94 7.40 30.81 -48.93
CA GLU H 94 7.41 30.80 -48.93
C GLU H 94 8.21 31.04 -47.65
N SER H 95 7.65 30.84 -46.46
CA SER H 95 8.44 31.00 -45.24
C SER H 95 7.52 30.86 -44.04
N GLY H 96 8.13 30.75 -42.86
CA GLY H 96 7.37 30.80 -41.63
C GLY H 96 6.76 32.17 -41.39
N LEU H 97 7.53 33.23 -41.63
CA LEU H 97 7.01 34.58 -41.41
C LEU H 97 5.85 34.88 -42.36
N ASN H 98 6.01 34.53 -43.63
CA ASN H 98 4.93 34.79 -44.60
C ASN H 98 3.69 33.99 -44.24
N ALA H 99 3.86 32.74 -43.80
CA ALA H 99 2.72 31.94 -43.40
C ALA H 99 2.02 32.54 -42.19
N MET H 100 2.80 33.04 -41.22
CA MET H 100 2.20 33.67 -40.06
C MET H 100 1.42 34.93 -40.46
N GLU H 101 1.98 35.72 -41.37
CA GLU H 101 1.25 36.92 -41.83
C GLU H 101 -0.02 36.54 -42.56
N CYS H 102 0.02 35.50 -43.40
CA CYS H 102 -1.18 35.04 -44.08
C CYS H 102 -2.22 34.54 -43.09
N ALA H 103 -1.78 33.81 -42.05
CA ALA H 103 -2.71 33.35 -41.03
C ALA H 103 -3.32 34.52 -40.28
N LEU H 104 -2.54 35.56 -39.99
CA LEU H 104 -3.08 36.74 -39.34
C LEU H 104 -4.17 37.38 -40.20
N HIS H 105 -3.89 37.52 -41.51
CA HIS H 105 -4.88 38.06 -42.43
C HIS H 105 -6.15 37.21 -42.42
N LEU H 106 -5.99 35.89 -42.48
CA LEU H 106 -7.14 34.99 -42.51
C LEU H 106 -7.96 35.10 -41.23
N GLU H 107 -7.29 35.13 -40.07
CA GLU H 107 -8.01 35.20 -38.81
C GLU H 107 -8.75 36.52 -38.67
N LYS H 108 -8.16 37.62 -39.17
CA LYS H 108 -8.87 38.89 -39.13
C LYS H 108 -10.07 38.88 -40.07
N ASN H 109 -9.96 38.21 -41.22
CA ASN H 109 -11.12 38.09 -42.10
C ASN H 109 -12.24 37.30 -41.44
N VAL H 110 -11.89 36.19 -40.79
CA VAL H 110 -12.90 35.40 -40.09
C VAL H 110 -13.53 36.21 -38.96
N ASN H 111 -12.72 36.98 -38.24
CA ASN H 111 -13.25 37.83 -37.18
C ASN H 111 -14.23 38.85 -37.73
N GLN H 112 -13.90 39.47 -38.86
CA GLN H 112 -14.81 40.44 -39.46
C GLN H 112 -16.13 39.78 -39.83
N SER H 113 -16.06 38.57 -40.39
CA SER H 113 -17.29 37.85 -40.72
C SER H 113 -18.11 37.58 -39.47
N LEU H 114 -17.46 37.18 -38.38
CA LEU H 114 -18.17 36.92 -37.13
C LEU H 114 -18.81 38.20 -36.57
N LEU H 115 -18.11 39.32 -36.70
CA LEU H 115 -18.67 40.58 -36.23
C LEU H 115 -19.89 40.97 -37.04
N GLU H 116 -19.84 40.75 -38.35
CA GLU H 116 -21.03 41.00 -39.17
C GLU H 116 -22.18 40.08 -38.79
N LEU H 117 -21.87 38.81 -38.49
CA LEU H 117 -22.90 37.89 -38.04
C LEU H 117 -23.52 38.35 -36.74
N HIS H 118 -22.70 38.83 -35.81
CA HIS H 118 -23.23 39.33 -34.54
C HIS H 118 -24.10 40.56 -34.75
N LYS H 119 -23.68 41.45 -35.65
CA LYS H 119 -24.51 42.62 -35.96
C LYS H 119 -25.86 42.19 -36.52
N LEU H 120 -25.85 41.20 -37.42
CA LEU H 120 -27.11 40.69 -37.96
C LEU H 120 -27.99 40.12 -36.85
N ALA H 121 -27.40 39.31 -35.97
CA ALA H 121 -28.17 38.72 -34.88
C ALA H 121 -28.76 39.81 -33.98
N THR H 122 -27.98 40.84 -33.69
CA THR H 122 -28.50 41.95 -32.89
C THR H 122 -29.65 42.64 -33.58
N ASP H 123 -29.53 42.86 -34.89
CA ASP H 123 -30.61 43.53 -35.63
CA ASP H 123 -30.61 43.52 -35.64
C ASP H 123 -31.89 42.71 -35.61
N LYS H 124 -31.78 41.38 -35.62
CA LYS H 124 -32.93 40.49 -35.61
C LYS H 124 -33.39 40.14 -34.20
N ASN H 125 -32.80 40.77 -33.18
CA ASN H 125 -33.18 40.54 -31.78
C ASN H 125 -33.12 39.06 -31.44
N ASP H 126 -31.99 38.43 -31.75
CA ASP H 126 -31.76 37.03 -31.45
C ASP H 126 -30.72 36.91 -30.35
N PRO H 127 -31.09 37.12 -29.09
CA PRO H 127 -30.08 37.10 -28.02
C PRO H 127 -29.34 35.79 -27.88
N HIS H 128 -29.99 34.65 -28.16
CA HIS H 128 -29.30 33.39 -28.06
C HIS H 128 -28.15 33.30 -29.05
N LEU H 129 -28.38 33.74 -30.30
CA LEU H 129 -27.33 33.69 -31.30
C LEU H 129 -26.21 34.67 -30.97
N CYS H 130 -26.55 35.87 -30.50
CA CYS H 130 -25.53 36.82 -30.06
C CYS H 130 -24.67 36.23 -28.96
N ASP H 131 -25.31 35.61 -27.97
CA ASP H 131 -24.56 35.03 -26.87
C ASP H 131 -23.69 33.88 -27.35
N PHE H 132 -24.20 33.06 -28.28
CA PHE H 132 -23.42 31.98 -28.84
C PHE H 132 -22.14 32.52 -29.49
N ILE H 133 -22.28 33.55 -30.33
CA ILE H 133 -21.13 34.13 -31.01
C ILE H 133 -20.15 34.72 -30.00
N GLU H 134 -20.66 35.47 -29.02
CA GLU H 134 -19.79 36.08 -28.02
C GLU H 134 -19.02 35.02 -27.24
N THR H 135 -19.73 33.99 -26.78
CA THR H 135 -19.15 33.04 -25.86
C THR H 135 -18.15 32.12 -26.54
N HIS H 136 -18.44 31.69 -27.77
CA HIS H 136 -17.65 30.63 -28.40
C HIS H 136 -16.70 31.14 -29.48
N TYR H 137 -16.86 32.36 -29.98
CA TYR H 137 -16.07 32.74 -31.15
C TYR H 137 -15.27 34.04 -30.98
N LEU H 138 -15.85 35.08 -30.38
CA LEU H 138 -15.22 36.39 -30.45
C LEU H 138 -13.90 36.43 -29.68
N ASN H 139 -13.89 35.96 -28.43
CA ASN H 139 -12.66 35.99 -27.65
C ASN H 139 -11.62 35.02 -28.22
N GLU H 140 -12.07 33.88 -28.75
CA GLU H 140 -11.14 32.97 -29.40
C GLU H 140 -10.42 33.67 -30.55
N GLN H 141 -11.17 34.43 -31.35
CA GLN H 141 -10.55 35.17 -32.46
C GLN H 141 -9.59 36.23 -31.95
N VAL H 142 -9.98 36.96 -30.90
CA VAL H 142 -9.10 38.00 -30.38
C VAL H 142 -7.79 37.37 -29.90
N LYS H 143 -7.87 36.26 -29.17
CA LYS H 143 -6.68 35.59 -28.69
C LYS H 143 -5.82 35.08 -29.84
N ALA H 144 -6.45 34.49 -30.86
CA ALA H 144 -5.68 33.97 -32.00
C ALA H 144 -4.97 35.10 -32.73
N ILE H 145 -5.65 36.23 -32.93
CA ILE H 145 -5.06 37.36 -33.62
C ILE H 145 -3.89 37.91 -32.81
N LYS H 146 -4.06 38.03 -31.49
CA LYS H 146 -2.97 38.51 -30.65
C LYS H 146 -1.77 37.58 -30.72
N GLU H 147 -2.01 36.26 -30.66
CA GLU H 147 -0.91 35.31 -30.71
C GLU H 147 -0.17 35.39 -32.05
N LEU H 148 -0.92 35.47 -33.15
CA LEU H 148 -0.27 35.56 -34.46
C LEU H 148 0.51 36.86 -34.60
N GLY H 149 -0.03 37.97 -34.08
CA GLY H 149 0.71 39.21 -34.09
C GLY H 149 2.01 39.10 -33.31
N ASP H 150 1.96 38.44 -32.15
CA ASP H 150 3.18 38.22 -31.37
C ASP H 150 4.19 37.42 -32.17
N HIS H 151 3.73 36.35 -32.82
CA HIS H 151 4.65 35.52 -33.60
C HIS H 151 5.28 36.32 -34.73
N VAL H 152 4.48 37.12 -35.45
CA VAL H 152 5.01 37.92 -36.54
C VAL H 152 6.04 38.91 -36.01
N THR H 153 5.72 39.57 -34.89
CA THR H 153 6.67 40.52 -34.32
C THR H 153 8.00 39.84 -33.98
N ASN H 154 7.94 38.70 -33.32
CA ASN H 154 9.17 38.04 -32.92
C ASN H 154 9.98 37.58 -34.13
N LEU H 155 9.30 37.02 -35.14
CA LEU H 155 10.02 36.57 -36.33
C LEU H 155 10.67 37.74 -37.05
N ARG H 156 9.97 38.87 -37.14
CA ARG H 156 10.56 40.05 -37.78
C ARG H 156 11.77 40.54 -36.99
N LYS H 157 11.66 40.61 -35.67
CA LYS H 157 12.77 41.10 -34.86
C LYS H 157 13.99 40.19 -34.98
N MET H 158 13.76 38.88 -34.99
CA MET H 158 14.87 37.93 -35.08
C MET H 158 15.60 38.00 -36.42
N GLY H 159 15.01 38.62 -37.44
CA GLY H 159 15.64 38.74 -38.73
C GLY H 159 15.04 37.90 -39.83
N ALA H 160 13.92 37.22 -39.57
CA ALA H 160 13.25 36.46 -40.62
C ALA H 160 12.70 37.41 -41.68
N PRO H 161 12.50 36.92 -42.92
CA PRO H 161 12.73 35.56 -43.41
C PRO H 161 14.14 35.35 -43.95
N GLU H 162 14.94 36.42 -44.05
CA GLU H 162 16.25 36.31 -44.65
C GLU H 162 17.15 35.37 -43.85
N SER H 163 17.12 35.48 -42.52
CA SER H 163 17.94 34.64 -41.66
C SER H 163 17.18 33.35 -41.40
N GLY H 164 17.60 32.27 -42.06
CA GLY H 164 17.02 30.97 -41.80
C GLY H 164 17.27 30.51 -40.38
N LEU H 165 18.36 30.98 -39.77
CA LEU H 165 18.62 30.69 -38.37
C LEU H 165 17.49 31.23 -37.49
N ALA H 166 16.96 32.40 -37.82
CA ALA H 166 15.86 32.96 -37.05
C ALA H 166 14.66 32.05 -37.06
N GLU H 167 14.28 31.55 -38.24
CA GLU H 167 13.10 30.67 -38.31
C GLU H 167 13.37 29.34 -37.64
N TYR H 168 14.58 28.80 -37.78
CA TYR H 168 14.92 27.56 -37.09
C TYR H 168 14.79 27.71 -35.57
N LEU H 169 15.35 28.80 -35.03
CA LEU H 169 15.30 28.99 -33.59
C LEU H 169 13.89 29.32 -33.10
N PHE H 170 13.12 30.04 -33.91
CA PHE H 170 11.73 30.29 -33.54
C PHE H 170 10.93 28.99 -33.53
N ASP H 171 11.18 28.13 -34.50
CA ASP H 171 10.54 26.82 -34.53
C ASP H 171 10.88 26.03 -33.28
N LYS H 172 12.14 26.06 -32.86
CA LYS H 172 12.54 25.27 -31.69
CA LYS H 172 12.54 25.27 -31.69
C LYS H 172 11.99 25.85 -30.39
N HIS H 173 12.13 27.16 -30.20
CA HIS H 173 11.91 27.75 -28.88
C HIS H 173 10.49 28.25 -28.65
N THR H 174 9.84 28.82 -29.68
CA THR H 174 8.49 29.32 -29.49
C THR H 174 7.45 28.25 -29.82
N LEU H 175 7.55 27.62 -30.98
CA LEU H 175 6.58 26.62 -31.40
C LEU H 175 6.89 25.22 -30.90
N GLY H 176 8.06 25.00 -30.32
CA GLY H 176 8.43 23.69 -29.83
C GLY H 176 7.91 23.43 -28.43
N THR I 5 46.47 -24.81 35.73
CA THR I 5 45.15 -25.37 35.37
C THR I 5 44.14 -24.25 35.12
N SER I 6 43.37 -24.40 34.04
CA SER I 6 42.37 -23.40 33.68
C SER I 6 41.29 -23.31 34.75
N GLN I 7 40.82 -22.09 35.01
CA GLN I 7 39.76 -21.87 35.99
C GLN I 7 38.45 -22.52 35.57
N VAL I 8 38.26 -22.82 34.28
CA VAL I 8 37.02 -23.42 33.79
C VAL I 8 37.11 -24.94 33.67
N ARG I 9 38.29 -25.52 33.78
CA ARG I 9 38.46 -26.93 33.47
C ARG I 9 37.76 -27.80 34.52
N GLN I 10 37.01 -28.79 34.05
CA GLN I 10 36.29 -29.69 34.96
C GLN I 10 35.93 -30.95 34.21
N ASN I 11 36.41 -32.10 34.70
CA ASN I 11 36.10 -33.39 34.09
C ASN I 11 36.63 -33.48 32.66
N TYR I 12 37.76 -32.84 32.40
CA TYR I 12 38.38 -32.83 31.07
C TYR I 12 39.75 -33.49 31.19
N HIS I 13 39.86 -34.72 30.68
CA HIS I 13 41.09 -35.48 30.80
C HIS I 13 42.12 -34.99 29.78
N GLN I 14 43.40 -35.13 30.15
CA GLN I 14 44.48 -34.71 29.27
C GLN I 14 44.47 -35.50 27.97
N ASP I 15 44.14 -36.79 28.04
CA ASP I 15 44.05 -37.60 26.82
C ASP I 15 42.99 -37.05 25.88
N SER I 16 41.86 -36.62 26.42
CA SER I 16 40.81 -36.03 25.58
C SER I 16 41.31 -34.76 24.92
N GLU I 17 42.05 -33.93 25.67
CA GLU I 17 42.61 -32.70 25.11
C GLU I 17 43.54 -33.01 23.94
N ALA I 18 44.43 -33.98 24.13
CA ALA I 18 45.35 -34.35 23.05
C ALA I 18 44.60 -34.89 21.84
N ALA I 19 43.58 -35.73 22.08
CA ALA I 19 42.80 -36.29 20.97
C ALA I 19 42.07 -35.18 20.21
N ILE I 20 41.58 -34.18 20.93
CA ILE I 20 40.91 -33.06 20.27
C ILE I 20 41.89 -32.30 19.39
N ASN I 21 43.12 -32.10 19.87
CA ASN I 21 44.11 -31.43 19.03
C ASN I 21 44.40 -32.24 17.77
N ARG I 22 44.52 -33.56 17.91
CA ARG I 22 44.73 -34.41 16.74
C ARG I 22 43.57 -34.29 15.76
N GLN I 23 42.34 -34.27 16.28
CA GLN I 23 41.17 -34.16 15.41
C GLN I 23 41.16 -32.81 14.69
N ILE I 24 41.57 -31.74 15.37
CA ILE I 24 41.67 -30.44 14.72
C ILE I 24 42.60 -30.54 13.52
N ASN I 25 43.77 -31.16 13.72
CA ASN I 25 44.70 -31.27 12.60
C ASN I 25 44.11 -32.09 11.47
N LEU I 26 43.40 -33.17 11.80
CA LEU I 26 42.79 -34.01 10.77
C LEU I 26 41.76 -33.24 9.96
N GLU I 27 40.92 -32.44 10.63
CA GLU I 27 39.92 -31.66 9.92
C GLU I 27 40.58 -30.62 9.00
N LEU I 28 41.64 -29.97 9.48
CA LEU I 28 42.34 -29.02 8.61
C LEU I 28 42.93 -29.72 7.40
N TYR I 29 43.49 -30.92 7.60
CA TYR I 29 44.03 -31.69 6.49
C TYR I 29 42.95 -32.04 5.48
N ALA I 30 41.78 -32.45 5.96
CA ALA I 30 40.68 -32.77 5.06
C ALA I 30 40.25 -31.54 4.26
N SER I 31 40.19 -30.38 4.92
CA SER I 31 39.88 -29.15 4.20
C SER I 31 40.91 -28.90 3.09
N TYR I 32 42.19 -29.13 3.38
CA TYR I 32 43.22 -28.93 2.37
C TYR I 32 43.05 -29.89 1.20
N VAL I 33 42.72 -31.16 1.49
CA VAL I 33 42.51 -32.14 0.43
C VAL I 33 41.37 -31.69 -0.47
N TYR I 34 40.27 -31.23 0.12
CA TYR I 34 39.12 -30.82 -0.68
C TYR I 34 39.45 -29.57 -1.50
N LEU I 35 40.28 -28.67 -0.97
CA LEU I 35 40.71 -27.51 -1.74
C LEU I 35 41.49 -27.95 -2.98
N SER I 36 42.43 -28.87 -2.78
CA SER I 36 43.19 -29.41 -3.91
C SER I 36 42.26 -30.01 -4.96
N MET I 37 41.32 -30.85 -4.52
CA MET I 37 40.37 -31.45 -5.45
C MET I 37 39.61 -30.38 -6.21
N SER I 38 39.11 -29.37 -5.49
CA SER I 38 38.29 -28.35 -6.12
C SER I 38 39.05 -27.67 -7.25
N TYR I 39 40.30 -27.30 -7.00
CA TYR I 39 41.02 -26.60 -8.05
C TYR I 39 41.62 -27.55 -9.09
N TYR I 40 41.58 -28.86 -8.88
CA TYR I 40 41.87 -29.77 -9.98
C TYR I 40 40.79 -29.69 -11.06
N PHE I 41 39.53 -29.63 -10.65
CA PHE I 41 38.42 -29.59 -11.61
C PHE I 41 38.25 -28.21 -12.23
N ASP I 42 38.97 -27.20 -11.74
CA ASP I 42 38.98 -25.88 -12.36
C ASP I 42 40.02 -25.77 -13.47
N ARG I 43 40.84 -26.80 -13.67
CA ARG I 43 41.83 -26.78 -14.74
C ARG I 43 41.15 -26.74 -16.10
N ASP I 44 41.81 -26.09 -17.06
CA ASP I 44 41.24 -25.97 -18.39
C ASP I 44 41.12 -27.31 -19.10
N ASP I 45 41.95 -28.28 -18.74
CA ASP I 45 41.89 -29.60 -19.35
C ASP I 45 41.05 -30.59 -18.53
N VAL I 46 40.33 -30.11 -17.53
CA VAL I 46 39.37 -30.93 -16.78
C VAL I 46 38.01 -30.26 -16.91
N ALA I 47 37.90 -29.04 -16.39
CA ALA I 47 36.79 -28.14 -16.70
C ALA I 47 35.43 -28.76 -16.34
N LEU I 48 35.28 -29.11 -15.07
CA LEU I 48 33.99 -29.55 -14.51
C LEU I 48 33.66 -28.60 -13.37
N LYS I 49 32.94 -27.52 -13.70
CA LYS I 49 32.76 -26.43 -12.75
C LYS I 49 32.00 -26.88 -11.51
N ASN I 50 30.99 -27.72 -11.66
CA ASN I 50 30.18 -28.09 -10.51
C ASN I 50 30.90 -29.08 -9.59
N PHE I 51 31.76 -29.93 -10.14
CA PHE I 51 32.65 -30.71 -9.28
C PHE I 51 33.53 -29.79 -8.44
N ALA I 52 34.09 -28.76 -9.08
CA ALA I 52 34.94 -27.81 -8.36
C ALA I 52 34.15 -27.12 -7.25
N LYS I 53 32.93 -26.67 -7.55
CA LYS I 53 32.12 -26.01 -6.54
CA LYS I 53 32.12 -26.01 -6.54
C LYS I 53 31.79 -26.95 -5.39
N TYR I 54 31.43 -28.20 -5.71
CA TYR I 54 31.12 -29.18 -4.67
C TYR I 54 32.29 -29.35 -3.72
N PHE I 55 33.49 -29.56 -4.27
CA PHE I 55 34.62 -29.82 -3.40
C PHE I 55 35.08 -28.57 -2.66
N LEU I 56 34.91 -27.39 -3.25
CA LEU I 56 35.21 -26.17 -2.50
C LEU I 56 34.29 -26.00 -1.31
N HIS I 57 32.99 -26.30 -1.51
CA HIS I 57 32.06 -26.27 -0.39
C HIS I 57 32.48 -27.25 0.69
N GLN I 58 32.89 -28.46 0.31
CA GLN I 58 33.35 -29.43 1.29
C GLN I 58 34.56 -28.92 2.06
N SER I 59 35.49 -28.26 1.35
CA SER I 59 36.67 -27.72 2.01
C SER I 59 36.28 -26.70 3.07
N HIS I 60 35.39 -25.79 2.73
CA HIS I 60 34.97 -24.78 3.69
C HIS I 60 34.25 -25.41 4.87
N GLU I 61 33.43 -26.44 4.62
CA GLU I 61 32.78 -27.14 5.72
C GLU I 61 33.79 -27.78 6.66
N GLU I 62 34.84 -28.38 6.10
CA GLU I 62 35.87 -28.98 6.94
C GLU I 62 36.55 -27.92 7.80
N ARG I 63 36.82 -26.74 7.22
CA ARG I 63 37.39 -25.66 8.03
CA ARG I 63 37.39 -25.67 8.02
C ARG I 63 36.46 -25.29 9.17
N GLU I 64 35.16 -25.23 8.90
CA GLU I 64 34.20 -24.92 9.97
CA GLU I 64 34.19 -24.92 9.96
C GLU I 64 34.25 -25.97 11.07
N HIS I 65 34.35 -27.25 10.69
CA HIS I 65 34.44 -28.30 11.70
C HIS I 65 35.68 -28.13 12.56
N ALA I 66 36.81 -27.82 11.94
CA ALA I 66 38.04 -27.61 12.71
C ALA I 66 37.87 -26.45 13.68
N GLU I 67 37.26 -25.36 13.22
CA GLU I 67 37.08 -24.20 14.10
C GLU I 67 36.15 -24.53 15.26
N LYS I 68 35.12 -25.33 15.01
CA LYS I 68 34.24 -25.73 16.11
C LYS I 68 35.00 -26.56 17.13
N LEU I 69 35.89 -27.45 16.68
CA LEU I 69 36.71 -28.21 17.62
C LEU I 69 37.61 -27.28 18.44
N MET I 70 38.19 -26.27 17.80
CA MET I 70 39.02 -25.32 18.55
C MET I 70 38.20 -24.58 19.60
N LYS I 71 36.98 -24.17 19.23
CA LYS I 71 36.09 -23.55 20.20
C LYS I 71 35.81 -24.48 21.36
N LEU I 72 35.55 -25.75 21.07
CA LEU I 72 35.33 -26.72 22.14
C LEU I 72 36.54 -26.82 23.05
N GLN I 73 37.73 -26.90 22.47
CA GLN I 73 38.95 -26.98 23.27
C GLN I 73 39.02 -25.81 24.25
N ASN I 74 38.75 -24.60 23.77
CA ASN I 74 38.80 -23.45 24.67
C ASN I 74 37.68 -23.48 25.69
N GLN I 75 36.49 -23.95 25.30
CA GLN I 75 35.36 -23.98 26.22
C GLN I 75 35.67 -24.83 27.45
N ARG I 76 36.33 -25.98 27.24
CA ARG I 76 36.59 -26.92 28.32
C ARG I 76 37.88 -26.60 29.07
N GLY I 77 38.59 -25.56 28.70
CA GLY I 77 39.82 -25.19 29.38
C GLY I 77 41.05 -25.90 28.88
N GLY I 78 40.96 -26.64 27.78
CA GLY I 78 42.15 -27.18 27.15
C GLY I 78 42.87 -26.12 26.35
N ARG I 79 44.06 -26.48 25.88
CA ARG I 79 44.91 -25.54 25.15
C ARG I 79 45.21 -26.09 23.77
N ILE I 80 44.94 -25.27 22.75
CA ILE I 80 45.13 -25.68 21.37
C ILE I 80 46.60 -25.70 21.05
N PHE I 81 47.07 -26.79 20.45
CA PHE I 81 48.42 -26.88 19.91
C PHE I 81 48.31 -27.32 18.45
N LEU I 82 48.67 -26.44 17.54
CA LEU I 82 48.55 -26.69 16.12
C LEU I 82 49.82 -27.35 15.59
N GLN I 83 49.66 -28.10 14.50
CA GLN I 83 50.75 -28.80 13.86
C GLN I 83 50.71 -28.52 12.36
N ASP I 84 51.77 -28.95 11.67
CA ASP I 84 51.80 -28.79 10.22
C ASP I 84 50.58 -29.45 9.59
N ILE I 85 50.00 -28.78 8.60
CA ILE I 85 48.96 -29.38 7.77
C ILE I 85 49.67 -30.00 6.58
N LYS I 86 49.68 -31.33 6.51
CA LYS I 86 50.39 -32.02 5.45
C LYS I 86 49.68 -31.81 4.12
N LYS I 87 50.46 -31.75 3.05
CA LYS I 87 49.88 -31.58 1.73
C LYS I 87 49.13 -32.84 1.32
N PRO I 88 48.12 -32.71 0.45
CA PRO I 88 47.38 -33.90 0.00
C PRO I 88 48.31 -34.88 -0.71
N ASP I 89 47.94 -36.16 -0.62
CA ASP I 89 48.77 -37.21 -1.20
C ASP I 89 48.87 -37.09 -2.71
N CYS I 90 47.85 -36.57 -3.36
CA CYS I 90 47.79 -36.49 -4.82
C CYS I 90 47.75 -35.04 -5.27
N ASP I 91 48.41 -34.77 -6.39
CA ASP I 91 48.28 -33.50 -7.09
C ASP I 91 47.24 -33.56 -8.20
N ASP I 92 47.07 -34.72 -8.83
CA ASP I 92 46.16 -34.92 -9.94
C ASP I 92 45.16 -36.00 -9.53
N TRP I 93 43.88 -35.67 -9.54
CA TRP I 93 42.84 -36.55 -9.01
C TRP I 93 42.20 -37.43 -10.08
N GLU I 94 42.51 -37.18 -11.36
CA GLU I 94 42.35 -38.05 -12.51
CA GLU I 94 42.36 -38.04 -12.52
C GLU I 94 40.92 -38.18 -13.01
N SER I 95 39.90 -37.76 -12.26
CA SER I 95 38.53 -37.85 -12.76
C SER I 95 37.57 -37.43 -11.64
N GLY I 96 36.32 -37.21 -12.03
CA GLY I 96 35.28 -37.01 -11.04
C GLY I 96 35.02 -38.25 -10.20
N LEU I 97 34.96 -39.42 -10.84
CA LEU I 97 34.71 -40.65 -10.11
C LEU I 97 35.84 -40.95 -9.13
N ASN I 98 37.09 -40.80 -9.58
CA ASN I 98 38.22 -41.06 -8.70
C ASN I 98 38.23 -40.09 -7.53
N ALA I 99 37.92 -38.82 -7.79
CA ALA I 99 37.86 -37.83 -6.72
C ALA I 99 36.77 -38.19 -5.72
N MET I 100 35.61 -38.62 -6.20
CA MET I 100 34.54 -39.01 -5.30
C MET I 100 34.96 -40.22 -4.45
N GLU I 101 35.63 -41.19 -5.05
CA GLU I 101 36.09 -42.34 -4.29
C GLU I 101 37.12 -41.93 -3.23
N CYS I 102 38.03 -41.03 -3.60
CA CYS I 102 39.01 -40.54 -2.62
C CYS I 102 38.32 -39.79 -1.50
N ALA I 103 37.30 -38.98 -1.82
CA ALA I 103 36.56 -38.27 -0.79
C ALA I 103 35.83 -39.25 0.13
N LEU I 104 35.28 -40.32 -0.42
CA LEU I 104 34.63 -41.34 0.40
C LEU I 104 35.63 -41.97 1.37
N HIS I 105 36.81 -42.32 0.86
CA HIS I 105 37.86 -42.85 1.72
C HIS I 105 38.21 -41.87 2.83
N LEU I 106 38.39 -40.60 2.47
CA LEU I 106 38.76 -39.58 3.46
C LEU I 106 37.69 -39.43 4.52
N GLU I 107 36.42 -39.37 4.10
CA GLU I 107 35.35 -39.18 5.06
C GLU I 107 35.21 -40.37 5.99
N LYS I 108 35.44 -41.59 5.48
CA LYS I 108 35.41 -42.75 6.35
C LYS I 108 36.58 -42.73 7.34
N ASN I 109 37.75 -42.25 6.90
CA ASN I 109 38.87 -42.12 7.82
C ASN I 109 38.55 -41.12 8.94
N VAL I 110 37.97 -39.98 8.58
CA VAL I 110 37.60 -38.99 9.58
C VAL I 110 36.56 -39.56 10.53
N ASN I 111 35.59 -40.31 9.99
CA ASN I 111 34.58 -40.93 10.83
C ASN I 111 35.21 -41.90 11.82
N GLN I 112 36.17 -42.71 11.37
CA GLN I 112 36.83 -43.64 12.27
C GLN I 112 37.56 -42.88 13.38
N SER I 113 38.22 -41.78 13.03
CA SER I 113 38.88 -40.97 14.05
C SER I 113 37.86 -40.44 15.07
N LEU I 114 36.71 -39.98 14.59
CA LEU I 114 35.69 -39.47 15.50
C LEU I 114 35.14 -40.57 16.40
N LEU I 115 34.98 -41.77 15.86
CA LEU I 115 34.50 -42.88 16.68
C LEU I 115 35.51 -43.24 17.76
N GLU I 116 36.80 -43.22 17.42
CA GLU I 116 37.82 -43.44 18.44
C GLU I 116 37.80 -42.35 19.50
N LEU I 117 37.59 -41.10 19.08
CA LEU I 117 37.48 -40.00 20.04
C LEU I 117 36.29 -40.22 20.97
N HIS I 118 35.16 -40.64 20.42
CA HIS I 118 33.98 -40.89 21.25
C HIS I 118 34.24 -42.04 22.23
N LYS I 119 34.92 -43.09 21.78
CA LYS I 119 35.26 -44.18 22.68
C LYS I 119 36.15 -43.69 23.82
N LEU I 120 37.14 -42.84 23.50
CA LEU I 120 37.99 -42.28 24.53
C LEU I 120 37.17 -41.46 25.53
N ALA I 121 36.28 -40.61 25.02
CA ALA I 121 35.46 -39.78 25.90
C ALA I 121 34.58 -40.65 26.80
N THR I 122 34.02 -41.72 26.25
CA THR I 122 33.22 -42.64 27.06
C THR I 122 34.07 -43.28 28.14
N ASP I 123 35.29 -43.70 27.80
CA ASP I 123 36.15 -44.33 28.79
CA ASP I 123 36.17 -44.33 28.78
C ASP I 123 36.51 -43.38 29.92
N LYS I 124 36.65 -42.09 29.63
CA LYS I 124 36.97 -41.08 30.63
C LYS I 124 35.74 -40.49 31.29
N ASN I 125 34.56 -41.04 31.02
CA ASN I 125 33.30 -40.56 31.62
C ASN I 125 33.14 -39.06 31.43
N ASP I 126 33.26 -38.62 30.18
CA ASP I 126 33.09 -37.22 29.81
C ASP I 126 31.81 -37.07 29.00
N PRO I 127 30.64 -37.06 29.64
CA PRO I 127 29.38 -37.00 28.88
C PRO I 127 29.25 -35.78 28.00
N HIS I 128 29.79 -34.62 28.42
CA HIS I 128 29.68 -33.44 27.58
C HIS I 128 30.41 -33.63 26.26
N LEU I 129 31.61 -34.20 26.30
CA LEU I 129 32.37 -34.42 25.07
C LEU I 129 31.69 -35.46 24.19
N CYS I 130 31.18 -36.54 24.80
CA CYS I 130 30.43 -37.53 24.03
C CYS I 130 29.25 -36.89 23.32
N ASP I 131 28.49 -36.08 24.05
CA ASP I 131 27.33 -35.43 23.45
C ASP I 131 27.74 -34.46 22.35
N PHE I 132 28.84 -33.73 22.55
CA PHE I 132 29.35 -32.84 21.52
C PHE I 132 29.64 -33.61 20.24
N ILE I 133 30.36 -34.72 20.35
CA ILE I 133 30.70 -35.52 19.18
C ILE I 133 29.45 -36.07 18.51
N GLU I 134 28.53 -36.62 19.32
CA GLU I 134 27.30 -37.17 18.75
C GLU I 134 26.50 -36.11 18.01
N THR I 135 26.32 -34.95 18.63
CA THR I 135 25.41 -33.94 18.12
C THR I 135 25.98 -33.27 16.89
N HIS I 136 27.28 -32.97 16.87
CA HIS I 136 27.84 -32.11 15.83
C HIS I 136 28.63 -32.86 14.77
N TYR I 137 28.98 -34.13 14.98
CA TYR I 137 29.91 -34.76 14.04
C TYR I 137 29.45 -36.10 13.49
N LEU I 138 28.84 -36.96 14.31
CA LEU I 138 28.62 -38.34 13.87
C LEU I 138 27.60 -38.43 12.76
N ASN I 139 26.44 -37.78 12.93
CA ASN I 139 25.42 -37.85 11.89
C ASN I 139 25.86 -37.09 10.63
N GLU I 140 26.60 -36.00 10.80
CA GLU I 140 27.13 -35.30 9.64
C GLU I 140 28.01 -36.23 8.82
N GLN I 141 28.87 -37.00 9.49
CA GLN I 141 29.72 -37.96 8.78
C GLN I 141 28.91 -39.04 8.10
N VAL I 142 27.90 -39.57 8.79
CA VAL I 142 27.08 -40.62 8.18
C VAL I 142 26.40 -40.08 6.92
N LYS I 143 25.84 -38.88 6.99
CA LYS I 143 25.19 -38.29 5.82
C LYS I 143 26.19 -38.04 4.69
N ALA I 144 27.38 -37.53 5.02
CA ALA I 144 28.38 -37.28 3.98
C ALA I 144 28.80 -38.57 3.30
N ILE I 145 29.02 -39.63 4.09
CA ILE I 145 29.42 -40.91 3.53
C ILE I 145 28.33 -41.47 2.63
N LYS I 146 27.07 -41.38 3.07
CA LYS I 146 25.96 -41.85 2.25
C LYS I 146 25.88 -41.08 0.94
N GLU I 147 26.02 -39.75 1.00
CA GLU I 147 25.96 -38.95 -0.21
C GLU I 147 27.08 -39.31 -1.17
N LEU I 148 28.30 -39.45 -0.66
CA LEU I 148 29.42 -39.81 -1.53
C LEU I 148 29.24 -41.19 -2.14
N GLY I 149 28.73 -42.15 -1.35
CA GLY I 149 28.42 -43.45 -1.90
C GLY I 149 27.40 -43.38 -3.03
N ASP I 150 26.36 -42.57 -2.83
CA ASP I 150 25.38 -42.39 -3.90
C ASP I 150 26.02 -41.82 -5.15
N HIS I 151 26.89 -40.81 -4.98
CA HIS I 151 27.55 -40.20 -6.14
C HIS I 151 28.41 -41.22 -6.87
N VAL I 152 29.20 -42.00 -6.12
CA VAL I 152 30.04 -43.02 -6.74
C VAL I 152 29.19 -44.02 -7.49
N THR I 153 28.09 -44.48 -6.87
CA THR I 153 27.23 -45.45 -7.53
C THR I 153 26.70 -44.90 -8.85
N ASN I 154 26.20 -43.66 -8.83
CA ASN I 154 25.62 -43.10 -10.04
C ASN I 154 26.68 -42.91 -11.12
N LEU I 155 27.86 -42.42 -10.75
CA LEU I 155 28.91 -42.23 -11.76
C LEU I 155 29.34 -43.57 -12.36
N ARG I 156 29.45 -44.61 -11.53
CA ARG I 156 29.81 -45.92 -12.05
C ARG I 156 28.73 -46.43 -13.01
N LYS I 157 27.46 -46.30 -12.63
CA LYS I 157 26.39 -46.81 -13.48
C LYS I 157 26.34 -46.05 -14.80
N MET I 158 26.56 -44.75 -14.78
CA MET I 158 26.52 -43.95 -16.00
C MET I 158 27.64 -44.29 -16.96
N GLY I 159 28.68 -44.99 -16.51
CA GLY I 159 29.79 -45.37 -17.36
C GLY I 159 31.08 -44.61 -17.12
N ALA I 160 31.15 -43.78 -16.09
CA ALA I 160 32.39 -43.11 -15.75
C ALA I 160 33.43 -44.12 -15.30
N PRO I 161 34.73 -43.78 -15.40
CA PRO I 161 35.31 -42.54 -15.91
C PRO I 161 35.56 -42.57 -17.42
N GLU I 162 35.37 -43.72 -18.06
CA GLU I 162 35.68 -43.85 -19.48
C GLU I 162 34.81 -42.92 -20.32
N SER I 163 33.52 -42.84 -20.00
CA SER I 163 32.59 -41.99 -20.74
C SER I 163 32.66 -40.59 -20.14
N GLY I 164 33.35 -39.68 -20.84
CA GLY I 164 33.35 -38.30 -20.41
C GLY I 164 31.98 -37.67 -20.43
N LEU I 165 31.10 -38.18 -21.30
CA LEU I 165 29.72 -37.72 -21.31
C LEU I 165 29.05 -38.00 -19.97
N ALA I 166 29.35 -39.14 -19.36
CA ALA I 166 28.76 -39.46 -18.06
C ALA I 166 29.14 -38.42 -17.03
N GLU I 167 30.42 -38.05 -16.96
CA GLU I 167 30.84 -37.07 -15.96
C GLU I 167 30.29 -35.69 -16.28
N TYR I 168 30.22 -35.32 -17.55
CA TYR I 168 29.62 -34.04 -17.92
C TYR I 168 28.17 -33.96 -17.47
N LEU I 169 27.40 -35.01 -17.74
CA LEU I 169 25.99 -35.00 -17.39
C LEU I 169 25.79 -35.09 -15.88
N PHE I 170 26.64 -35.83 -15.19
CA PHE I 170 26.57 -35.87 -13.73
C PHE I 170 26.86 -34.49 -13.15
N ASP I 171 27.86 -33.81 -13.70
CA ASP I 171 28.18 -32.46 -13.26
C ASP I 171 26.98 -31.53 -13.46
N LYS I 172 26.30 -31.65 -14.60
CA LYS I 172 25.16 -30.76 -14.87
CA LYS I 172 25.17 -30.76 -14.86
C LYS I 172 23.96 -31.08 -13.99
N HIS I 173 23.58 -32.36 -13.91
CA HIS I 173 22.29 -32.73 -13.35
C HIS I 173 22.32 -33.03 -11.86
N THR I 174 23.39 -33.65 -11.36
CA THR I 174 23.43 -33.95 -9.92
C THR I 174 24.10 -32.83 -9.13
N LEU I 175 25.28 -32.39 -9.55
CA LEU I 175 26.01 -31.36 -8.83
C LEU I 175 25.62 -29.95 -9.24
N GLY I 176 24.82 -29.79 -10.29
CA GLY I 176 24.42 -28.47 -10.74
C GLY I 176 23.20 -27.95 -10.00
N THR J 5 -1.07 -56.87 -28.57
CA THR J 5 -1.96 -56.31 -27.51
C THR J 5 -1.22 -55.28 -26.67
N SER J 6 -1.89 -54.16 -26.41
CA SER J 6 -1.29 -53.09 -25.61
C SER J 6 -1.03 -53.56 -24.19
N GLN J 7 0.09 -53.11 -23.62
CA GLN J 7 0.44 -53.46 -22.25
C GLN J 7 -0.54 -52.90 -21.24
N VAL J 8 -1.32 -51.88 -21.61
CA VAL J 8 -2.27 -51.27 -20.69
C VAL J 8 -3.69 -51.80 -20.85
N ARG J 9 -3.96 -52.56 -21.91
CA ARG J 9 -5.33 -52.94 -22.22
C ARG J 9 -5.86 -53.91 -21.18
N GLN J 10 -7.09 -53.65 -20.71
CA GLN J 10 -7.72 -54.51 -19.71
C GLN J 10 -9.22 -54.26 -19.73
N ASN J 11 -10.00 -55.31 -19.99
CA ASN J 11 -11.45 -55.22 -20.00
C ASN J 11 -11.96 -54.24 -21.05
N TYR J 12 -11.26 -54.18 -22.19
CA TYR J 12 -11.60 -53.28 -23.29
C TYR J 12 -11.91 -54.12 -24.52
N HIS J 13 -13.18 -54.26 -24.85
CA HIS J 13 -13.60 -55.11 -25.95
C HIS J 13 -13.32 -54.44 -27.29
N GLN J 14 -13.08 -55.26 -28.31
CA GLN J 14 -12.81 -54.73 -29.65
C GLN J 14 -14.01 -53.96 -30.19
N ASP J 15 -15.22 -54.43 -29.89
CA ASP J 15 -16.41 -53.71 -30.32
C ASP J 15 -16.46 -52.31 -29.72
N SER J 16 -16.09 -52.17 -28.45
CA SER J 16 -16.05 -50.85 -27.84
C SER J 16 -15.02 -49.96 -28.52
N GLU J 17 -13.87 -50.53 -28.86
CA GLU J 17 -12.84 -49.77 -29.57
C GLU J 17 -13.36 -49.24 -30.91
N ALA J 18 -14.01 -50.11 -31.67
CA ALA J 18 -14.57 -49.69 -32.96
C ALA J 18 -15.64 -48.62 -32.77
N ALA J 19 -16.51 -48.80 -31.79
CA ALA J 19 -17.56 -47.81 -31.54
C ALA J 19 -16.96 -46.47 -31.15
N ILE J 20 -15.88 -46.48 -30.38
CA ILE J 20 -15.23 -45.23 -30.01
C ILE J 20 -14.67 -44.53 -31.23
N ASN J 21 -14.08 -45.31 -32.15
CA ASN J 21 -13.58 -44.68 -33.39
C ASN J 21 -14.72 -44.05 -34.19
N ARG J 22 -15.85 -44.75 -34.28
CA ARG J 22 -17.01 -44.19 -34.96
C ARG J 22 -17.48 -42.91 -34.29
N GLN J 23 -17.49 -42.88 -32.96
CA GLN J 23 -17.92 -41.69 -32.25
C GLN J 23 -16.95 -40.53 -32.49
N ILE J 24 -15.65 -40.83 -32.56
CA ILE J 24 -14.69 -39.78 -32.89
C ILE J 24 -15.03 -39.15 -34.23
N ASN J 25 -15.30 -39.99 -35.23
CA ASN J 25 -15.63 -39.44 -36.54
C ASN J 25 -16.91 -38.60 -36.48
N LEU J 26 -17.91 -39.07 -35.72
CA LEU J 26 -19.16 -38.32 -35.63
C LEU J 26 -18.95 -36.96 -34.98
N GLU J 27 -18.13 -36.90 -33.93
CA GLU J 27 -17.86 -35.62 -33.28
C GLU J 27 -17.13 -34.66 -34.22
N LEU J 28 -16.16 -35.18 -34.98
CA LEU J 28 -15.47 -34.31 -35.94
C LEU J 28 -16.43 -33.81 -37.00
N TYR J 29 -17.34 -34.66 -37.45
CA TYR J 29 -18.35 -34.23 -38.43
C TYR J 29 -19.24 -33.13 -37.85
N ALA J 30 -19.66 -33.28 -36.59
CA ALA J 30 -20.49 -32.25 -35.97
C ALA J 30 -19.72 -30.94 -35.88
N SER J 31 -18.44 -30.99 -35.51
CA SER J 31 -17.63 -29.78 -35.50
C SER J 31 -17.62 -29.11 -36.87
N TYR J 32 -17.48 -29.92 -37.93
CA TYR J 32 -17.46 -29.37 -39.29
C TYR J 32 -18.80 -28.71 -39.62
N VAL J 33 -19.90 -29.34 -39.25
CA VAL J 33 -21.23 -28.78 -39.51
C VAL J 33 -21.36 -27.43 -38.82
N TYR J 34 -20.95 -27.35 -37.56
CA TYR J 34 -21.05 -26.08 -36.84
C TYR J 34 -20.16 -25.01 -37.44
N LEU J 35 -18.98 -25.40 -37.95
CA LEU J 35 -18.12 -24.42 -38.62
C LEU J 35 -18.82 -23.84 -39.85
N SER J 36 -19.42 -24.72 -40.66
CA SER J 36 -20.16 -24.27 -41.82
C SER J 36 -21.27 -23.30 -41.42
N MET J 37 -22.05 -23.68 -40.41
CA MET J 37 -23.12 -22.81 -39.93
C MET J 37 -22.57 -21.46 -39.51
N SER J 38 -21.48 -21.46 -38.74
CA SER J 38 -20.94 -20.21 -38.21
C SER J 38 -20.58 -19.27 -39.34
N TYR J 39 -19.92 -19.78 -40.37
CA TYR J 39 -19.52 -18.88 -41.44
C TYR J 39 -20.62 -18.61 -42.45
N TYR J 40 -21.76 -19.30 -42.35
CA TYR J 40 -22.92 -18.85 -43.10
C TYR J 40 -23.46 -17.52 -42.55
N PHE J 41 -23.51 -17.38 -41.23
CA PHE J 41 -24.00 -16.15 -40.61
C PHE J 41 -23.00 -15.01 -40.65
N ASP J 42 -21.77 -15.28 -41.09
CA ASP J 42 -20.78 -14.24 -41.33
C ASP J 42 -20.88 -13.63 -42.72
N ARG J 43 -21.75 -14.18 -43.57
CA ARG J 43 -21.94 -13.64 -44.92
C ARG J 43 -22.51 -12.23 -44.85
N ASP J 44 -22.14 -11.41 -45.82
CA ASP J 44 -22.61 -10.03 -45.84
C ASP J 44 -24.12 -9.93 -46.06
N ASP J 45 -24.72 -10.92 -46.70
CA ASP J 45 -26.16 -10.92 -46.92
C ASP J 45 -26.92 -11.71 -45.85
N VAL J 46 -26.26 -12.10 -44.78
CA VAL J 46 -26.92 -12.71 -43.63
C VAL J 46 -26.62 -11.83 -42.41
N ALA J 47 -25.33 -11.74 -42.05
CA ALA J 47 -24.83 -10.72 -41.14
C ALA J 47 -25.51 -10.77 -39.78
N LEU J 48 -25.41 -11.93 -39.12
CA LEU J 48 -25.85 -12.09 -37.74
C LEU J 48 -24.63 -12.56 -36.95
N LYS J 49 -23.90 -11.59 -36.40
CA LYS J 49 -22.59 -11.87 -35.81
C LYS J 49 -22.69 -12.83 -34.63
N ASN J 50 -23.72 -12.67 -33.79
CA ASN J 50 -23.79 -13.49 -32.59
C ASN J 50 -24.22 -14.93 -32.91
N PHE J 51 -25.03 -15.12 -33.94
CA PHE J 51 -25.27 -16.48 -34.42
C PHE J 51 -23.97 -17.13 -34.85
N ALA J 52 -23.15 -16.38 -35.61
CA ALA J 52 -21.86 -16.90 -36.05
C ALA J 52 -20.98 -17.28 -34.87
N LYS J 53 -20.91 -16.40 -33.87
CA LYS J 53 -20.09 -16.69 -32.69
CA LYS J 53 -20.09 -16.69 -32.69
C LYS J 53 -20.60 -17.91 -31.95
N TYR J 54 -21.92 -18.03 -31.79
CA TYR J 54 -22.50 -19.18 -31.11
C TYR J 54 -22.10 -20.47 -31.80
N PHE J 55 -22.26 -20.53 -33.12
CA PHE J 55 -21.97 -21.77 -33.81
C PHE J 55 -20.48 -22.06 -33.89
N LEU J 56 -19.63 -21.02 -33.94
CA LEU J 56 -18.20 -21.26 -33.88
C LEU J 56 -17.80 -21.85 -32.54
N HIS J 57 -18.39 -21.34 -31.46
CA HIS J 57 -18.13 -21.92 -30.14
C HIS J 57 -18.55 -23.39 -30.11
N GLN J 58 -19.72 -23.70 -30.68
CA GLN J 58 -20.16 -25.09 -30.71
C GLN J 58 -19.19 -25.97 -31.51
N SER J 59 -18.67 -25.44 -32.62
CA SER J 59 -17.72 -26.20 -33.42
C SER J 59 -16.48 -26.54 -32.61
N HIS J 60 -15.94 -25.56 -31.90
CA HIS J 60 -14.74 -25.81 -31.11
C HIS J 60 -15.03 -26.79 -29.98
N GLU J 61 -16.21 -26.69 -29.36
CA GLU J 61 -16.58 -27.66 -28.33
C GLU J 61 -16.64 -29.07 -28.89
N GLU J 62 -17.19 -29.23 -30.09
CA GLU J 62 -17.24 -30.56 -30.70
C GLU J 62 -15.84 -31.10 -30.94
N ARG J 63 -14.92 -30.24 -31.40
CA ARG J 63 -13.54 -30.67 -31.58
CA ARG J 63 -13.54 -30.67 -31.58
C ARG J 63 -12.95 -31.17 -30.26
N GLU J 64 -13.25 -30.44 -29.18
CA GLU J 64 -12.76 -30.85 -27.87
CA GLU J 64 -12.77 -30.84 -27.86
C GLU J 64 -13.32 -32.21 -27.49
N HIS J 65 -14.60 -32.46 -27.76
CA HIS J 65 -15.19 -33.77 -27.46
C HIS J 65 -14.48 -34.88 -28.23
N ALA J 66 -14.21 -34.63 -29.51
CA ALA J 66 -13.51 -35.65 -30.31
C ALA J 66 -12.12 -35.93 -29.74
N GLU J 67 -11.41 -34.87 -29.33
CA GLU J 67 -10.07 -35.07 -28.79
C GLU J 67 -10.12 -35.84 -27.48
N LYS J 68 -11.13 -35.58 -26.66
CA LYS J 68 -11.27 -36.34 -25.42
C LYS J 68 -11.52 -37.81 -25.71
N LEU J 69 -12.32 -38.11 -26.74
CA LEU J 69 -12.53 -39.51 -27.11
C LEU J 69 -11.22 -40.15 -27.58
N MET J 70 -10.41 -39.42 -28.35
CA MET J 70 -9.13 -39.98 -28.77
C MET J 70 -8.23 -40.25 -27.57
N LYS J 71 -8.21 -39.34 -26.60
CA LYS J 71 -7.46 -39.56 -25.38
C LYS J 71 -7.95 -40.82 -24.67
N LEU J 72 -9.26 -41.00 -24.58
CA LEU J 72 -9.80 -42.20 -23.97
C LEU J 72 -9.34 -43.45 -24.70
N GLN J 73 -9.42 -43.43 -26.03
CA GLN J 73 -8.97 -44.57 -26.82
C GLN J 73 -7.54 -44.94 -26.45
N ASN J 74 -6.66 -43.95 -26.35
CA ASN J 74 -5.27 -44.25 -26.02
C ASN J 74 -5.13 -44.72 -24.58
N GLN J 75 -5.90 -44.15 -23.66
CA GLN J 75 -5.81 -44.55 -22.26
C GLN J 75 -6.10 -46.03 -22.08
N ARG J 76 -7.09 -46.55 -22.78
CA ARG J 76 -7.51 -47.93 -22.63
C ARG J 76 -6.73 -48.90 -23.49
N GLY J 77 -5.75 -48.42 -24.26
CA GLY J 77 -4.95 -49.29 -25.09
C GLY J 77 -5.54 -49.60 -26.44
N GLY J 78 -6.64 -48.95 -26.82
CA GLY J 78 -7.13 -49.06 -28.17
C GLY J 78 -6.31 -48.22 -29.13
N ARG J 79 -6.59 -48.39 -30.41
CA ARG J 79 -5.84 -47.72 -31.46
C ARG J 79 -6.78 -46.89 -32.31
N ILE J 80 -6.46 -45.62 -32.46
CA ILE J 80 -7.29 -44.68 -33.20
C ILE J 80 -7.14 -44.95 -34.69
N PHE J 81 -8.27 -45.07 -35.38
CA PHE J 81 -8.29 -45.13 -36.85
C PHE J 81 -9.25 -44.06 -37.34
N LEU J 82 -8.69 -43.06 -38.01
CA LEU J 82 -9.47 -41.92 -38.49
C LEU J 82 -10.03 -42.21 -39.87
N GLN J 83 -11.14 -41.54 -40.19
CA GLN J 83 -11.80 -41.70 -41.47
C GLN J 83 -12.09 -40.31 -42.04
N ASP J 84 -12.55 -40.29 -43.29
CA ASP J 84 -12.93 -39.03 -43.92
C ASP J 84 -13.97 -38.31 -43.08
N ILE J 85 -13.82 -37.00 -42.95
CA ILE J 85 -14.85 -36.16 -42.36
C ILE J 85 -15.72 -35.67 -43.51
N LYS J 86 -16.95 -36.16 -43.57
CA LYS J 86 -17.85 -35.80 -44.66
C LYS J 86 -18.25 -34.33 -44.55
N LYS J 87 -18.45 -33.69 -45.70
CA LYS J 87 -18.87 -32.31 -45.70
C LYS J 87 -20.31 -32.20 -45.21
N PRO J 88 -20.69 -31.06 -44.64
CA PRO J 88 -22.08 -30.90 -44.20
C PRO J 88 -23.06 -31.03 -45.34
N ASP J 89 -24.27 -31.51 -45.02
CA ASP J 89 -25.27 -31.74 -46.04
C ASP J 89 -25.69 -30.44 -46.74
N CYS J 90 -25.67 -29.32 -46.03
CA CYS J 90 -26.13 -28.05 -46.57
C CYS J 90 -24.97 -27.07 -46.69
N ASP J 91 -25.01 -26.26 -47.75
CA ASP J 91 -24.12 -25.12 -47.87
C ASP J 91 -24.76 -23.82 -47.38
N ASP J 92 -26.08 -23.70 -47.50
CA ASP J 92 -26.84 -22.52 -47.13
C ASP J 92 -27.87 -22.95 -46.09
N TRP J 93 -27.79 -22.35 -44.89
CA TRP J 93 -28.62 -22.77 -43.77
C TRP J 93 -29.92 -21.98 -43.64
N GLU J 94 -30.08 -20.93 -44.45
CA GLU J 94 -31.33 -20.25 -44.79
CA GLU J 94 -31.31 -20.24 -44.79
C GLU J 94 -31.89 -19.37 -43.68
N SER J 95 -31.43 -19.47 -42.44
CA SER J 95 -31.95 -18.58 -41.40
C SER J 95 -31.36 -19.01 -40.06
N GLY J 96 -31.51 -18.14 -39.06
CA GLY J 96 -31.16 -18.51 -37.71
C GLY J 96 -32.05 -19.62 -37.17
N LEU J 97 -33.36 -19.53 -37.41
CA LEU J 97 -34.26 -20.57 -36.91
C LEU J 97 -33.98 -21.91 -37.56
N ASN J 98 -33.77 -21.92 -38.87
CA ASN J 98 -33.48 -23.19 -39.55
C ASN J 98 -32.17 -23.77 -39.06
N ALA J 99 -31.16 -22.93 -38.85
CA ALA J 99 -29.88 -23.40 -38.33
C ALA J 99 -30.05 -24.00 -36.94
N MET J 100 -30.85 -23.34 -36.09
CA MET J 100 -31.08 -23.87 -34.75
C MET J 100 -31.79 -25.22 -34.81
N GLU J 101 -32.78 -25.35 -35.70
CA GLU J 101 -33.46 -26.64 -35.85
C GLU J 101 -32.52 -27.72 -36.34
N CYS J 102 -31.65 -27.39 -37.30
CA CYS J 102 -30.66 -28.36 -37.79
C CYS J 102 -29.70 -28.75 -36.68
N ALA J 103 -29.27 -27.78 -35.86
CA ALA J 103 -28.39 -28.10 -34.74
C ALA J 103 -29.09 -29.00 -33.73
N LEU J 104 -30.38 -28.76 -33.48
CA LEU J 104 -31.12 -29.62 -32.57
C LEU J 104 -31.16 -31.05 -33.10
N HIS J 105 -31.44 -31.19 -34.40
CA HIS J 105 -31.43 -32.52 -35.01
C HIS J 105 -30.07 -33.18 -34.87
N LEU J 106 -29.00 -32.44 -35.15
CA LEU J 106 -27.66 -32.98 -35.06
C LEU J 106 -27.32 -33.42 -33.64
N GLU J 107 -27.66 -32.59 -32.65
CA GLU J 107 -27.34 -32.92 -31.28
C GLU J 107 -28.12 -34.14 -30.81
N LYS J 108 -29.38 -34.28 -31.26
CA LYS J 108 -30.13 -35.48 -30.91
C LYS J 108 -29.53 -36.72 -31.57
N ASN J 109 -29.04 -36.59 -32.81
CA ASN J 109 -28.38 -37.73 -33.45
C ASN J 109 -27.13 -38.14 -32.68
N VAL J 110 -26.32 -37.16 -32.27
CA VAL J 110 -25.12 -37.46 -31.50
C VAL J 110 -25.49 -38.12 -30.17
N ASN J 111 -26.55 -37.62 -29.53
CA ASN J 111 -26.99 -38.21 -28.28
C ASN J 111 -27.42 -39.66 -28.48
N GLN J 112 -28.14 -39.95 -29.56
CA GLN J 112 -28.53 -41.33 -29.82
C GLN J 112 -27.31 -42.22 -30.01
N SER J 113 -26.31 -41.71 -30.72
CA SER J 113 -25.07 -42.47 -30.88
C SER J 113 -24.42 -42.75 -29.54
N LEU J 114 -24.38 -41.74 -28.66
CA LEU J 114 -23.78 -41.93 -27.34
C LEU J 114 -24.56 -42.94 -26.51
N LEU J 115 -25.89 -42.92 -26.61
CA LEU J 115 -26.69 -43.87 -25.87
C LEU J 115 -26.44 -45.30 -26.37
N GLU J 116 -26.31 -45.47 -27.68
CA GLU J 116 -25.96 -46.78 -28.22
C GLU J 116 -24.58 -47.21 -27.72
N LEU J 117 -23.62 -46.28 -27.68
CA LEU J 117 -22.30 -46.61 -27.16
C LEU J 117 -22.37 -47.04 -25.70
N HIS J 118 -23.17 -46.34 -24.90
CA HIS J 118 -23.32 -46.71 -23.50
C HIS J 118 -23.96 -48.09 -23.36
N LYS J 119 -24.96 -48.39 -24.19
CA LYS J 119 -25.57 -49.72 -24.14
C LYS J 119 -24.56 -50.79 -24.49
N LEU J 120 -23.72 -50.53 -25.50
CA LEU J 120 -22.66 -51.48 -25.85
C LEU J 120 -21.71 -51.69 -24.67
N ALA J 121 -21.28 -50.59 -24.04
CA ALA J 121 -20.36 -50.71 -22.92
C ALA J 121 -21.00 -51.50 -21.78
N THR J 122 -22.28 -51.26 -21.50
CA THR J 122 -22.97 -52.02 -20.47
C THR J 122 -23.01 -53.51 -20.82
N ASP J 123 -23.28 -53.83 -22.09
CA ASP J 123 -23.35 -55.23 -22.50
CA ASP J 123 -23.34 -55.22 -22.51
C ASP J 123 -22.00 -55.92 -22.33
N LYS J 124 -20.90 -55.20 -22.55
CA LYS J 124 -19.56 -55.75 -22.42
C LYS J 124 -19.01 -55.62 -21.01
N ASN J 125 -19.82 -55.18 -20.05
CA ASN J 125 -19.42 -55.05 -18.66
C ASN J 125 -18.15 -54.21 -18.53
N ASP J 126 -18.17 -53.03 -19.14
CA ASP J 126 -17.06 -52.09 -19.09
C ASP J 126 -17.46 -50.88 -18.25
N PRO J 127 -17.42 -51.00 -16.92
CA PRO J 127 -17.89 -49.87 -16.08
C PRO J 127 -17.11 -48.60 -16.28
N HIS J 128 -15.81 -48.67 -16.57
CA HIS J 128 -15.04 -47.45 -16.78
C HIS J 128 -15.56 -46.69 -18.00
N LEU J 129 -15.84 -47.39 -19.09
CA LEU J 129 -16.34 -46.72 -20.29
C LEU J 129 -17.74 -46.16 -20.06
N CYS J 130 -18.60 -46.91 -19.37
CA CYS J 130 -19.92 -46.40 -19.03
C CYS J 130 -19.82 -45.12 -18.21
N ASP J 131 -18.94 -45.13 -17.20
CA ASP J 131 -18.79 -43.94 -16.36
C ASP J 131 -18.23 -42.77 -17.17
N PHE J 132 -17.28 -43.05 -18.07
CA PHE J 132 -16.74 -41.99 -18.93
C PHE J 132 -17.86 -41.34 -19.74
N ILE J 133 -18.69 -42.15 -20.38
CA ILE J 133 -19.78 -41.62 -21.20
C ILE J 133 -20.76 -40.83 -20.34
N GLU J 134 -21.14 -41.38 -19.18
CA GLU J 134 -22.08 -40.69 -18.31
C GLU J 134 -21.53 -39.35 -17.85
N THR J 135 -20.27 -39.34 -17.40
CA THR J 135 -19.71 -38.17 -16.75
C THR J 135 -19.44 -37.06 -17.75
N HIS J 136 -18.92 -37.40 -18.93
CA HIS J 136 -18.42 -36.38 -19.84
C HIS J 136 -19.34 -36.07 -21.02
N TYR J 137 -20.34 -36.90 -21.29
CA TYR J 137 -21.08 -36.70 -22.54
C TYR J 137 -22.60 -36.62 -22.37
N LEU J 138 -23.21 -37.44 -21.52
CA LEU J 138 -24.67 -37.55 -21.54
C LEU J 138 -25.34 -36.27 -21.05
N ASN J 139 -24.90 -35.74 -19.90
CA ASN J 139 -25.53 -34.53 -19.40
C ASN J 139 -25.21 -33.33 -20.29
N GLU J 140 -24.01 -33.29 -20.87
CA GLU J 140 -23.69 -32.23 -21.81
C GLU J 140 -24.67 -32.23 -22.98
N GLN J 141 -24.97 -33.42 -23.50
CA GLN J 141 -25.94 -33.52 -24.60
C GLN J 141 -27.33 -33.09 -24.16
N VAL J 142 -27.75 -33.52 -22.97
CA VAL J 142 -29.08 -33.13 -22.49
C VAL J 142 -29.18 -31.61 -22.37
N LYS J 143 -28.15 -30.99 -21.81
CA LYS J 143 -28.15 -29.53 -21.67
C LYS J 143 -28.15 -28.85 -23.04
N ALA J 144 -27.35 -29.34 -23.97
CA ALA J 144 -27.29 -28.72 -25.29
C ALA J 144 -28.64 -28.84 -26.00
N ILE J 145 -29.28 -30.00 -25.90
CA ILE J 145 -30.58 -30.20 -26.54
C ILE J 145 -31.62 -29.28 -25.92
N LYS J 146 -31.62 -29.15 -24.59
CA LYS J 146 -32.56 -28.25 -23.92
C LYS J 146 -32.34 -26.82 -24.36
N GLU J 147 -31.08 -26.38 -24.43
CA GLU J 147 -30.79 -25.01 -24.85
C GLU J 147 -31.26 -24.75 -26.27
N LEU J 148 -30.97 -25.69 -27.18
CA LEU J 148 -31.40 -25.50 -28.57
C LEU J 148 -32.92 -25.49 -28.68
N GLY J 149 -33.60 -26.35 -27.91
CA GLY J 149 -35.05 -26.31 -27.90
C GLY J 149 -35.58 -24.96 -27.42
N ASP J 150 -34.97 -24.41 -26.38
CA ASP J 150 -35.37 -23.09 -25.91
C ASP J 150 -35.18 -22.04 -26.99
N HIS J 151 -34.04 -22.08 -27.68
CA HIS J 151 -33.77 -21.11 -28.74
C HIS J 151 -34.81 -21.23 -29.85
N VAL J 152 -35.10 -22.46 -30.27
CA VAL J 152 -36.09 -22.66 -31.33
C VAL J 152 -37.45 -22.13 -30.89
N THR J 153 -37.85 -22.43 -29.65
CA THR J 153 -39.14 -21.96 -29.16
C THR J 153 -39.20 -20.44 -29.19
N ASN J 154 -38.16 -19.77 -28.70
CA ASN J 154 -38.19 -18.31 -28.65
C ASN J 154 -38.21 -17.72 -30.05
N LEU J 155 -37.40 -18.26 -30.97
CA LEU J 155 -37.39 -17.73 -32.33
C LEU J 155 -38.75 -17.91 -33.00
N ARG J 156 -39.39 -19.06 -32.79
CA ARG J 156 -40.72 -19.28 -33.36
C ARG J 156 -41.73 -18.30 -32.78
N LYS J 157 -41.71 -18.11 -31.46
CA LYS J 157 -42.67 -17.21 -30.84
C LYS J 157 -42.47 -15.78 -31.33
N MET J 158 -41.23 -15.35 -31.47
CA MET J 158 -40.96 -13.98 -31.92
C MET J 158 -41.40 -13.73 -33.35
N GLY J 159 -41.68 -14.76 -34.13
CA GLY J 159 -42.12 -14.60 -35.49
C GLY J 159 -41.10 -14.97 -36.56
N ALA J 160 -39.96 -15.53 -36.17
CA ALA J 160 -38.99 -15.98 -37.16
C ALA J 160 -39.55 -17.16 -37.94
N PRO J 161 -39.04 -17.40 -39.16
CA PRO J 161 -37.98 -16.67 -39.87
C PRO J 161 -38.50 -15.51 -40.71
N GLU J 162 -39.83 -15.37 -40.82
CA GLU J 162 -40.40 -14.35 -41.69
C GLU J 162 -40.02 -12.95 -41.21
N SER J 163 -40.07 -12.71 -39.91
CA SER J 163 -39.72 -11.41 -39.35
C SER J 163 -38.23 -11.37 -39.12
N GLY J 164 -37.51 -10.66 -40.00
CA GLY J 164 -36.08 -10.48 -39.80
C GLY J 164 -35.78 -9.69 -38.53
N LEU J 165 -36.72 -8.86 -38.10
CA LEU J 165 -36.57 -8.16 -36.83
C LEU J 165 -36.46 -9.14 -35.68
N ALA J 166 -37.22 -10.24 -35.74
CA ALA J 166 -37.16 -11.25 -34.69
C ALA J 166 -35.77 -11.84 -34.58
N GLU J 167 -35.16 -12.20 -35.70
CA GLU J 167 -33.83 -12.80 -35.66
C GLU J 167 -32.79 -11.77 -35.25
N TYR J 168 -32.93 -10.52 -35.69
CA TYR J 168 -32.01 -9.48 -35.26
C TYR J 168 -32.05 -9.31 -33.74
N LEU J 169 -33.25 -9.20 -33.18
CA LEU J 169 -33.37 -9.00 -31.74
C LEU J 169 -32.94 -10.23 -30.96
N PHE J 170 -33.21 -11.42 -31.48
CA PHE J 170 -32.74 -12.63 -30.82
C PHE J 170 -31.21 -12.68 -30.81
N ASP J 171 -30.59 -12.30 -31.93
CA ASP J 171 -29.15 -12.22 -32.00
C ASP J 171 -28.60 -11.26 -30.96
N LYS J 172 -29.24 -10.09 -30.80
CA LYS J 172 -28.74 -9.10 -29.86
CA LYS J 172 -28.73 -9.10 -29.86
C LYS J 172 -28.95 -9.53 -28.41
N HIS J 173 -30.15 -9.99 -28.07
CA HIS J 173 -30.53 -10.13 -26.67
C HIS J 173 -30.26 -11.52 -26.10
N THR J 174 -30.45 -12.58 -26.88
CA THR J 174 -30.20 -13.92 -26.35
C THR J 174 -28.77 -14.36 -26.60
N LEU J 175 -28.29 -14.27 -27.84
CA LEU J 175 -26.96 -14.72 -28.20
C LEU J 175 -25.89 -13.67 -27.95
N GLY J 176 -26.27 -12.43 -27.66
CA GLY J 176 -25.30 -11.37 -27.44
C GLY J 176 -24.79 -11.34 -26.01
N THR K 5 49.43 19.21 -35.19
CA THR K 5 49.41 18.47 -33.89
C THR K 5 48.17 18.81 -33.09
N SER K 6 47.52 17.78 -32.56
CA SER K 6 46.32 17.96 -31.76
C SER K 6 46.63 18.76 -30.49
N GLN K 7 45.69 19.62 -30.10
CA GLN K 7 45.85 20.42 -28.89
C GLN K 7 45.86 19.56 -27.63
N VAL K 8 45.34 18.32 -27.70
CA VAL K 8 45.30 17.45 -26.53
C VAL K 8 46.46 16.47 -26.48
N ARG K 9 47.24 16.35 -27.55
CA ARG K 9 48.24 15.29 -27.63
C ARG K 9 49.37 15.55 -26.65
N GLN K 10 49.75 14.51 -25.91
CA GLN K 10 50.83 14.63 -24.93
C GLN K 10 51.36 13.24 -24.61
N ASN K 11 52.65 13.02 -24.85
CA ASN K 11 53.30 11.75 -24.55
C ASN K 11 52.67 10.60 -25.34
N TYR K 12 52.26 10.87 -26.57
CA TYR K 12 51.63 9.89 -27.44
C TYR K 12 52.49 9.74 -28.69
N HIS K 13 53.22 8.65 -28.78
CA HIS K 13 54.14 8.43 -29.88
C HIS K 13 53.40 8.03 -31.14
N GLN K 14 53.98 8.38 -32.29
CA GLN K 14 53.37 8.03 -33.58
C GLN K 14 53.28 6.52 -33.75
N ASP K 15 54.29 5.78 -33.27
CA ASP K 15 54.25 4.33 -33.35
C ASP K 15 53.06 3.77 -32.58
N SER K 16 52.78 4.32 -31.40
CA SER K 16 51.63 3.89 -30.63
C SER K 16 50.33 4.16 -31.38
N GLU K 17 50.24 5.31 -32.03
CA GLU K 17 49.05 5.65 -32.82
C GLU K 17 48.83 4.64 -33.94
N ALA K 18 49.91 4.32 -34.66
CA ALA K 18 49.79 3.34 -35.74
C ALA K 18 49.40 1.97 -35.21
N ALA K 19 50.00 1.55 -34.09
CA ALA K 19 49.66 0.26 -33.50
C ALA K 19 48.20 0.22 -33.06
N ILE K 20 47.69 1.32 -32.54
CA ILE K 20 46.29 1.37 -32.14
C ILE K 20 45.39 1.22 -33.35
N ASN K 21 45.75 1.86 -34.47
CA ASN K 21 44.94 1.69 -35.68
C ASN K 21 44.95 0.23 -36.14
N ARG K 22 46.12 -0.42 -36.09
CA ARG K 22 46.18 -1.83 -36.46
C ARG K 22 45.31 -2.68 -35.53
N GLN K 23 45.32 -2.39 -34.23
CA GLN K 23 44.50 -3.13 -33.29
C GLN K 23 43.01 -2.92 -33.56
N ILE K 24 42.63 -1.70 -33.94
CA ILE K 24 41.24 -1.46 -34.31
C ILE K 24 40.84 -2.38 -35.46
N ASN K 25 41.69 -2.45 -36.48
CA ASN K 25 41.34 -3.31 -37.61
C ASN K 25 41.25 -4.77 -37.19
N LEU K 26 42.16 -5.21 -36.32
CA LEU K 26 42.13 -6.61 -35.86
C LEU K 26 40.85 -6.92 -35.10
N GLU K 27 40.41 -6.00 -34.25
CA GLU K 27 39.18 -6.23 -33.49
C GLU K 27 37.97 -6.29 -34.42
N LEU K 28 37.93 -5.40 -35.42
CA LEU K 28 36.82 -5.46 -36.38
C LEU K 28 36.83 -6.78 -37.14
N TYR K 29 38.03 -7.26 -37.51
CA TYR K 29 38.13 -8.54 -38.19
C TYR K 29 37.62 -9.67 -37.30
N ALA K 30 37.98 -9.66 -36.02
CA ALA K 30 37.50 -10.69 -35.10
C ALA K 30 35.99 -10.65 -35.00
N SER K 31 35.40 -9.46 -34.91
CA SER K 31 33.95 -9.34 -34.90
C SER K 31 33.35 -9.98 -36.15
N TYR K 32 33.96 -9.73 -37.31
CA TYR K 32 33.45 -10.31 -38.55
C TYR K 32 33.52 -11.84 -38.52
N VAL K 33 34.63 -12.38 -38.02
CA VAL K 33 34.79 -13.84 -37.93
C VAL K 33 33.69 -14.42 -37.04
N TYR K 34 33.43 -13.79 -35.90
CA TYR K 34 32.41 -14.32 -35.00
C TYR K 34 31.02 -14.22 -35.63
N LEU K 35 30.77 -13.16 -36.41
CA LEU K 35 29.48 -13.06 -37.10
C LEU K 35 29.30 -14.23 -38.07
N SER K 36 30.34 -14.51 -38.86
CA SER K 36 30.30 -15.64 -39.78
C SER K 36 30.01 -16.94 -39.03
N MET K 37 30.74 -17.18 -37.94
CA MET K 37 30.52 -18.38 -37.15
C MET K 37 29.08 -18.45 -36.67
N SER K 38 28.56 -17.34 -36.13
CA SER K 38 27.22 -17.34 -35.57
C SER K 38 26.20 -17.77 -36.61
N TYR K 39 26.30 -17.21 -37.82
CA TYR K 39 25.30 -17.57 -38.81
C TYR K 39 25.60 -18.87 -39.52
N TYR K 40 26.76 -19.48 -39.30
CA TYR K 40 26.93 -20.88 -39.72
C TYR K 40 26.04 -21.81 -38.91
N PHE K 41 25.98 -21.61 -37.59
CA PHE K 41 25.17 -22.46 -36.73
C PHE K 41 23.68 -22.16 -36.83
N ASP K 42 23.30 -21.09 -37.53
CA ASP K 42 21.90 -20.81 -37.81
C ASP K 42 21.40 -21.52 -39.06
N ARG K 43 22.28 -22.20 -39.79
CA ARG K 43 21.87 -22.94 -40.98
C ARG K 43 20.94 -24.09 -40.61
N ASP K 44 20.02 -24.40 -41.52
CA ASP K 44 19.05 -25.46 -41.25
C ASP K 44 19.71 -26.83 -41.15
N ASP K 45 20.86 -27.03 -41.78
CA ASP K 45 21.58 -28.29 -41.71
C ASP K 45 22.65 -28.31 -40.62
N VAL K 46 22.69 -27.29 -39.76
CA VAL K 46 23.55 -27.29 -38.59
C VAL K 46 22.67 -27.15 -37.35
N ALA K 47 21.96 -26.03 -37.27
CA ALA K 47 20.83 -25.87 -36.35
C ALA K 47 21.25 -26.09 -34.89
N LEU K 48 22.21 -25.29 -34.44
CA LEU K 48 22.61 -25.26 -33.03
C LEU K 48 22.42 -23.81 -32.56
N LYS K 49 21.23 -23.52 -32.04
CA LYS K 49 20.84 -22.14 -31.78
C LYS K 49 21.74 -21.48 -30.74
N ASN K 50 22.12 -22.22 -29.70
CA ASN K 50 22.89 -21.60 -28.63
C ASN K 50 24.35 -21.35 -29.05
N PHE K 51 24.91 -22.20 -29.90
CA PHE K 51 26.19 -21.86 -30.52
C PHE K 51 26.10 -20.56 -31.28
N ALA K 52 25.03 -20.41 -32.07
CA ALA K 52 24.84 -19.18 -32.83
C ALA K 52 24.74 -17.97 -31.91
N LYS K 53 23.97 -18.08 -30.84
CA LYS K 53 23.84 -16.96 -29.90
CA LYS K 53 23.84 -16.96 -29.90
C LYS K 53 25.17 -16.64 -29.26
N TYR K 54 25.93 -17.67 -28.84
CA TYR K 54 27.22 -17.44 -28.23
C TYR K 54 28.14 -16.65 -29.15
N PHE K 55 28.24 -17.08 -30.40
CA PHE K 55 29.17 -16.41 -31.30
C PHE K 55 28.67 -15.03 -31.72
N LEU K 56 27.36 -14.83 -31.80
CA LEU K 56 26.86 -13.48 -32.06
C LEU K 56 27.21 -12.54 -30.91
N HIS K 57 27.07 -13.02 -29.68
CA HIS K 57 27.47 -12.21 -28.54
C HIS K 57 28.96 -11.85 -28.62
N GLN K 58 29.79 -12.83 -28.98
CA GLN K 58 31.23 -12.56 -29.11
C GLN K 58 31.48 -11.51 -30.20
N SER K 59 30.75 -11.59 -31.31
CA SER K 59 30.92 -10.62 -32.38
C SER K 59 30.62 -9.21 -31.89
N HIS K 60 29.51 -9.05 -31.18
CA HIS K 60 29.15 -7.73 -30.68
C HIS K 60 30.17 -7.22 -29.66
N GLU K 61 30.68 -8.12 -28.82
CA GLU K 61 31.72 -7.73 -27.87
C GLU K 61 32.96 -7.24 -28.59
N GLU K 62 33.36 -7.92 -29.67
CA GLU K 62 34.52 -7.48 -30.44
C GLU K 62 34.29 -6.09 -31.01
N ARG K 63 33.09 -5.84 -31.54
CA ARG K 63 32.77 -4.51 -32.05
CA ARG K 63 32.77 -4.51 -32.05
C ARG K 63 32.94 -3.46 -30.95
N GLU K 64 32.47 -3.80 -29.74
CA GLU K 64 32.62 -2.87 -28.62
CA GLU K 64 32.61 -2.87 -28.62
C GLU K 64 34.08 -2.59 -28.33
N HIS K 65 34.92 -3.63 -28.36
CA HIS K 65 36.35 -3.42 -28.13
C HIS K 65 36.96 -2.49 -29.17
N ALA K 66 36.59 -2.69 -30.43
CA ALA K 66 37.11 -1.81 -31.49
C ALA K 66 36.67 -0.36 -31.25
N GLU K 67 35.42 -0.17 -30.86
CA GLU K 67 34.93 1.19 -30.62
C GLU K 67 35.65 1.83 -29.44
N LYS K 68 35.95 1.05 -28.40
CA LYS K 68 36.71 1.60 -27.28
C LYS K 68 38.10 2.02 -27.72
N LEU K 69 38.73 1.24 -28.60
CA LEU K 69 40.04 1.64 -29.12
C LEU K 69 39.95 2.94 -29.92
N MET K 70 38.90 3.08 -30.73
CA MET K 70 38.73 4.33 -31.47
C MET K 70 38.56 5.52 -30.53
N LYS K 71 37.77 5.32 -29.47
CA LYS K 71 37.61 6.37 -28.47
C LYS K 71 38.95 6.73 -27.85
N LEU K 72 39.77 5.72 -27.53
CA LEU K 72 41.10 5.98 -26.98
C LEU K 72 41.93 6.80 -27.96
N GLN K 73 41.92 6.40 -29.23
CA GLN K 73 42.67 7.14 -30.24
C GLN K 73 42.29 8.61 -30.21
N ASN K 74 41.00 8.91 -30.18
CA ASN K 74 40.58 10.32 -30.17
C ASN K 74 40.95 10.99 -28.85
N GLN K 75 40.87 10.27 -27.73
CA GLN K 75 41.18 10.87 -26.43
C GLN K 75 42.62 11.39 -26.40
N ARG K 76 43.55 10.63 -26.96
CA ARG K 76 44.96 10.97 -26.90
C ARG K 76 45.40 11.89 -28.03
N GLY K 77 44.48 12.29 -28.91
CA GLY K 77 44.82 13.18 -30.00
C GLY K 77 45.38 12.51 -31.23
N GLY K 78 45.34 11.17 -31.29
CA GLY K 78 45.67 10.48 -32.52
C GLY K 78 44.51 10.54 -33.50
N ARG K 79 44.78 10.07 -34.71
CA ARG K 79 43.80 10.14 -35.79
C ARG K 79 43.53 8.74 -36.31
N ILE K 80 42.25 8.38 -36.35
CA ILE K 80 41.83 7.04 -36.77
C ILE K 80 41.98 6.94 -38.28
N PHE K 81 42.61 5.87 -38.74
CA PHE K 81 42.66 5.53 -40.17
C PHE K 81 42.18 4.09 -40.31
N LEU K 82 41.04 3.92 -40.94
CA LEU K 82 40.42 2.62 -41.10
C LEU K 82 40.92 1.93 -42.36
N GLN K 83 40.88 0.61 -42.36
CA GLN K 83 41.31 -0.20 -43.49
C GLN K 83 40.24 -1.23 -43.79
N ASP K 84 40.41 -1.93 -44.91
CA ASP K 84 39.49 -3.00 -45.26
C ASP K 84 39.41 -4.02 -44.15
N ILE K 85 38.20 -4.48 -43.86
CA ILE K 85 37.99 -5.62 -42.97
C ILE K 85 37.97 -6.86 -43.84
N LYS K 86 39.01 -7.69 -43.72
CA LYS K 86 39.12 -8.88 -44.55
C LYS K 86 38.06 -9.89 -44.16
N LYS K 87 37.59 -10.64 -45.15
CA LYS K 87 36.58 -11.65 -44.89
C LYS K 87 37.21 -12.81 -44.11
N PRO K 88 36.42 -13.53 -43.32
CA PRO K 88 36.96 -14.68 -42.59
C PRO K 88 37.54 -15.73 -43.52
N ASP K 89 38.55 -16.44 -43.03
CA ASP K 89 39.23 -17.43 -43.85
C ASP K 89 38.31 -18.57 -44.27
N CYS K 90 37.31 -18.88 -43.45
CA CYS K 90 36.43 -20.01 -43.70
C CYS K 90 35.00 -19.53 -43.91
N ASP K 91 34.29 -20.20 -44.82
CA ASP K 91 32.85 -20.03 -44.94
C ASP K 91 32.07 -21.08 -44.16
N ASP K 92 32.62 -22.28 -44.01
CA ASP K 92 31.98 -23.40 -43.34
C ASP K 92 32.87 -23.81 -42.18
N TRP K 93 32.34 -23.74 -40.96
CA TRP K 93 33.14 -23.97 -39.75
C TRP K 93 33.10 -25.41 -39.26
N GLU K 94 32.25 -26.25 -39.87
CA GLU K 94 32.27 -27.71 -39.85
CA GLU K 94 32.26 -27.71 -39.86
C GLU K 94 31.80 -28.33 -38.54
N SER K 95 31.68 -27.60 -37.45
CA SER K 95 31.19 -28.21 -36.21
C SER K 95 31.29 -27.18 -35.09
N GLY K 96 30.63 -27.48 -33.97
CA GLY K 96 30.81 -26.68 -32.78
C GLY K 96 32.21 -26.76 -32.23
N LEU K 97 32.78 -27.97 -32.18
CA LEU K 97 34.14 -28.13 -31.66
C LEU K 97 35.15 -27.41 -32.52
N ASN K 98 35.05 -27.55 -33.84
CA ASN K 98 35.98 -26.87 -34.73
C ASN K 98 35.85 -25.36 -34.61
N ALA K 99 34.62 -24.85 -34.49
CA ALA K 99 34.42 -23.43 -34.31
C ALA K 99 35.04 -22.94 -33.00
N MET K 100 34.88 -23.72 -31.93
CA MET K 100 35.49 -23.33 -30.66
C MET K 100 37.00 -23.32 -30.76
N GLU K 101 37.60 -24.30 -31.44
CA GLU K 101 39.04 -24.31 -31.61
C GLU K 101 39.52 -23.11 -32.43
N CYS K 102 38.77 -22.77 -33.49
CA CYS K 102 39.11 -21.60 -34.29
C CYS K 102 39.01 -20.32 -33.46
N ALA K 103 37.97 -20.22 -32.62
CA ALA K 103 37.83 -19.06 -31.75
C ALA K 103 38.97 -18.98 -30.76
N LEU K 104 39.41 -20.11 -30.22
CA LEU K 104 40.56 -20.12 -29.32
C LEU K 104 41.80 -19.60 -30.02
N HIS K 105 42.04 -20.08 -31.25
CA HIS K 105 43.17 -19.59 -32.03
C HIS K 105 43.07 -18.08 -32.25
N LEU K 106 41.89 -17.61 -32.62
CA LEU K 106 41.70 -16.18 -32.89
C LEU K 106 41.94 -15.35 -31.63
N GLU K 107 41.41 -15.79 -30.50
CA GLU K 107 41.56 -15.03 -29.27
C GLU K 107 43.02 -15.00 -28.83
N LYS K 108 43.75 -16.10 -29.03
CA LYS K 108 45.17 -16.08 -28.69
C LYS K 108 45.95 -15.15 -29.63
N ASN K 109 45.56 -15.10 -30.91
CA ASN K 109 46.21 -14.15 -31.81
C ASN K 109 45.96 -12.71 -31.38
N VAL K 110 44.72 -12.40 -31.01
CA VAL K 110 44.40 -11.05 -30.54
C VAL K 110 45.18 -10.74 -29.26
N ASN K 111 45.28 -11.71 -28.36
CA ASN K 111 46.04 -11.51 -27.14
C ASN K 111 47.50 -11.22 -27.44
N GLN K 112 48.10 -11.95 -28.38
CA GLN K 112 49.49 -11.69 -28.75
C GLN K 112 49.64 -10.28 -29.30
N SER K 113 48.69 -9.84 -30.12
CA SER K 113 48.75 -8.48 -30.63
C SER K 113 48.69 -7.47 -29.49
N LEU K 114 47.81 -7.70 -28.52
CA LEU K 114 47.70 -6.79 -27.39
C LEU K 114 48.97 -6.76 -26.56
N LEU K 115 49.61 -7.93 -26.40
CA LEU K 115 50.86 -7.97 -25.64
C LEU K 115 51.96 -7.21 -26.35
N GLU K 116 52.01 -7.32 -27.68
CA GLU K 116 52.98 -6.53 -28.45
C GLU K 116 52.68 -5.04 -28.31
N LEU K 117 51.40 -4.67 -28.32
CA LEU K 117 51.04 -3.26 -28.14
C LEU K 117 51.47 -2.77 -26.77
N HIS K 118 51.28 -3.58 -25.73
CA HIS K 118 51.71 -3.18 -24.39
C HIS K 118 53.23 -3.05 -24.32
N LYS K 119 53.95 -3.95 -24.97
CA LYS K 119 55.41 -3.83 -25.00
C LYS K 119 55.83 -2.53 -25.67
N LEU K 120 55.18 -2.18 -26.79
CA LEU K 120 55.48 -0.93 -27.46
C LEU K 120 55.21 0.26 -26.54
N ALA K 121 54.05 0.25 -25.86
CA ALA K 121 53.72 1.36 -24.96
C ALA K 121 54.74 1.47 -23.84
N THR K 122 55.18 0.34 -23.28
CA THR K 122 56.20 0.36 -22.25
C THR K 122 57.50 0.96 -22.78
N ASP K 123 57.89 0.57 -24.00
CA ASP K 123 59.13 1.08 -24.57
CA ASP K 123 59.12 1.08 -24.58
C ASP K 123 59.07 2.59 -24.78
N LYS K 124 57.89 3.13 -25.12
CA LYS K 124 57.71 4.54 -25.33
C LYS K 124 57.35 5.30 -24.05
N ASN K 125 57.39 4.63 -22.90
CA ASN K 125 57.10 5.26 -21.61
C ASN K 125 55.74 5.96 -21.63
N ASP K 126 54.72 5.23 -22.06
CA ASP K 126 53.36 5.73 -22.11
C ASP K 126 52.52 5.03 -21.06
N PRO K 127 52.63 5.43 -19.79
CA PRO K 127 51.90 4.70 -18.73
C PRO K 127 50.40 4.71 -18.91
N HIS K 128 49.81 5.78 -19.46
CA HIS K 128 48.37 5.79 -19.64
C HIS K 128 47.94 4.69 -20.62
N LEU K 129 48.67 4.53 -21.72
CA LEU K 129 48.31 3.50 -22.69
C LEU K 129 48.51 2.11 -22.11
N CYS K 130 49.60 1.90 -21.37
CA CYS K 130 49.83 0.62 -20.70
C CYS K 130 48.68 0.30 -19.77
N ASP K 131 48.27 1.28 -18.96
CA ASP K 131 47.18 1.05 -18.02
C ASP K 131 45.87 0.78 -18.76
N PHE K 132 45.62 1.49 -19.85
CA PHE K 132 44.43 1.23 -20.66
C PHE K 132 44.40 -0.22 -21.13
N ILE K 133 45.51 -0.69 -21.69
CA ILE K 133 45.57 -2.07 -22.19
C ILE K 133 45.39 -3.06 -21.05
N GLU K 134 46.07 -2.84 -19.92
CA GLU K 134 45.96 -3.75 -18.79
C GLU K 134 44.52 -3.81 -18.28
N THR K 135 43.90 -2.65 -18.11
CA THR K 135 42.61 -2.57 -17.43
C THR K 135 41.49 -3.11 -18.30
N HIS K 136 41.51 -2.79 -19.59
CA HIS K 136 40.36 -3.08 -20.44
C HIS K 136 40.53 -4.28 -21.36
N TYR K 137 41.74 -4.80 -21.53
CA TYR K 137 41.91 -5.83 -22.56
C TYR K 137 42.59 -7.10 -22.09
N LEU K 138 43.62 -7.02 -21.25
CA LEU K 138 44.44 -8.21 -20.99
C LEU K 138 43.67 -9.26 -20.21
N ASN K 139 43.01 -8.87 -19.11
CA ASN K 139 42.28 -9.86 -18.33
C ASN K 139 41.06 -10.37 -19.10
N GLU K 140 40.42 -9.52 -19.89
CA GLU K 140 39.32 -9.98 -20.73
C GLU K 140 39.79 -11.09 -21.66
N GLN K 141 40.96 -10.91 -22.27
CA GLN K 141 41.50 -11.95 -23.16
C GLN K 141 41.83 -13.22 -22.38
N VAL K 142 42.44 -13.08 -21.20
CA VAL K 142 42.77 -14.28 -20.43
C VAL K 142 41.50 -15.05 -20.09
N LYS K 143 40.46 -14.35 -19.66
CA LYS K 143 39.19 -14.99 -19.33
C LYS K 143 38.57 -15.66 -20.55
N ALA K 144 38.58 -14.97 -21.70
CA ALA K 144 38.00 -15.55 -22.91
C ALA K 144 38.75 -16.80 -23.33
N ILE K 145 40.08 -16.77 -23.26
CA ILE K 145 40.87 -17.93 -23.64
C ILE K 145 40.60 -19.10 -22.70
N LYS K 146 40.52 -18.82 -21.40
CA LYS K 146 40.22 -19.89 -20.44
C LYS K 146 38.85 -20.49 -20.72
N GLU K 147 37.85 -19.65 -20.98
CA GLU K 147 36.51 -20.16 -21.25
C GLU K 147 36.49 -21.02 -22.51
N LEU K 148 37.14 -20.56 -23.58
CA LEU K 148 37.17 -21.34 -24.81
C LEU K 148 37.91 -22.65 -24.62
N GLY K 149 39.01 -22.64 -23.86
CA GLY K 149 39.69 -23.89 -23.54
C GLY K 149 38.79 -24.85 -22.79
N ASP K 150 38.03 -24.34 -21.82
CA ASP K 150 37.08 -25.19 -21.10
C ASP K 150 36.06 -25.80 -22.05
N HIS K 151 35.52 -24.98 -22.96
CA HIS K 151 34.53 -25.47 -23.91
C HIS K 151 35.12 -26.57 -24.79
N VAL K 152 36.32 -26.33 -25.31
CA VAL K 152 36.96 -27.33 -26.17
C VAL K 152 37.18 -28.62 -25.39
N THR K 153 37.67 -28.52 -24.16
CA THR K 153 37.90 -29.71 -23.35
C THR K 153 36.61 -30.49 -23.16
N ASN K 154 35.53 -29.81 -22.80
CA ASN K 154 34.28 -30.52 -22.55
C ASN K 154 33.74 -31.16 -23.82
N LEU K 155 33.79 -30.44 -24.95
CA LEU K 155 33.31 -31.02 -26.20
C LEU K 155 34.12 -32.24 -26.60
N ARG K 156 35.45 -32.17 -26.43
CA ARG K 156 36.27 -33.33 -26.74
C ARG K 156 35.94 -34.51 -25.85
N LYS K 157 35.78 -34.27 -24.55
CA LYS K 157 35.49 -35.36 -23.63
C LYS K 157 34.14 -36.00 -23.94
N MET K 158 33.15 -35.18 -24.28
CA MET K 158 31.82 -35.71 -24.58
C MET K 158 31.79 -36.55 -25.85
N GLY K 159 32.83 -36.50 -26.68
CA GLY K 159 32.87 -37.28 -27.90
C GLY K 159 32.66 -36.50 -29.18
N ALA K 160 32.59 -35.16 -29.11
CA ALA K 160 32.48 -34.36 -30.32
C ALA K 160 33.77 -34.47 -31.13
N PRO K 161 33.70 -34.23 -32.45
CA PRO K 161 32.53 -33.84 -33.25
C PRO K 161 31.77 -35.05 -33.81
N GLU K 162 32.31 -36.26 -33.63
CA GLU K 162 31.67 -37.43 -34.22
C GLU K 162 30.28 -37.65 -33.65
N SER K 163 30.13 -37.50 -32.34
CA SER K 163 28.84 -37.70 -31.69
C SER K 163 28.06 -36.40 -31.76
N GLY K 164 27.09 -36.34 -32.67
CA GLY K 164 26.22 -35.17 -32.73
C GLY K 164 25.41 -34.98 -31.46
N LEU K 165 25.16 -36.07 -30.74
CA LEU K 165 24.50 -35.97 -29.44
C LEU K 165 25.32 -35.13 -28.48
N ALA K 166 26.65 -35.27 -28.52
CA ALA K 166 27.51 -34.48 -27.66
C ALA K 166 27.34 -32.99 -27.91
N GLU K 167 27.34 -32.59 -29.18
CA GLU K 167 27.21 -31.16 -29.49
C GLU K 167 25.80 -30.66 -29.16
N TYR K 168 24.78 -31.48 -29.40
CA TYR K 168 23.42 -31.09 -29.03
C TYR K 168 23.31 -30.84 -27.53
N LEU K 169 23.85 -31.77 -26.73
CA LEU K 169 23.73 -31.63 -25.27
C LEU K 169 24.60 -30.50 -24.76
N PHE K 170 25.77 -30.28 -25.37
CA PHE K 170 26.60 -29.14 -24.98
C PHE K 170 25.88 -27.83 -25.30
N ASP K 171 25.23 -27.76 -26.45
CA ASP K 171 24.45 -26.59 -26.81
C ASP K 171 23.35 -26.33 -25.77
N LYS K 172 22.67 -27.39 -25.34
CA LYS K 172 21.57 -27.21 -24.39
CA LYS K 172 21.57 -27.21 -24.39
C LYS K 172 22.08 -26.82 -23.00
N HIS K 173 23.08 -27.55 -22.49
CA HIS K 173 23.41 -27.46 -21.07
C HIS K 173 24.50 -26.44 -20.76
N THR K 174 25.50 -26.27 -21.62
CA THR K 174 26.55 -25.29 -21.35
C THR K 174 26.22 -23.94 -21.94
N LEU K 175 25.87 -23.88 -23.22
CA LEU K 175 25.60 -22.62 -23.88
C LEU K 175 24.16 -22.16 -23.74
N GLY K 176 23.28 -23.00 -23.20
CA GLY K 176 21.89 -22.63 -23.04
C GLY K 176 21.63 -21.87 -21.75
N THR L 5 14.15 19.44 -58.93
CA THR L 5 13.93 18.06 -58.41
C THR L 5 14.29 17.97 -56.94
N SER L 6 13.43 17.32 -56.16
CA SER L 6 13.66 17.18 -54.74
C SER L 6 14.90 16.33 -54.48
N GLN L 7 15.65 16.69 -53.45
CA GLN L 7 16.85 15.94 -53.07
C GLN L 7 16.52 14.53 -52.59
N VAL L 8 15.28 14.27 -52.19
CA VAL L 8 14.88 12.96 -51.69
C VAL L 8 14.23 12.09 -52.76
N ARG L 9 13.87 12.66 -53.90
CA ARG L 9 13.07 11.93 -54.87
C ARG L 9 13.88 10.79 -55.49
N GLN L 10 13.27 9.62 -55.57
CA GLN L 10 13.93 8.45 -56.15
C GLN L 10 12.86 7.44 -56.55
N ASN L 11 12.82 7.08 -57.83
CA ASN L 11 11.89 6.07 -58.34
C ASN L 11 10.44 6.50 -58.12
N TYR L 12 10.17 7.79 -58.23
CA TYR L 12 8.85 8.35 -58.04
C TYR L 12 8.41 9.03 -59.33
N HIS L 13 7.52 8.39 -60.07
CA HIS L 13 7.10 8.90 -61.37
C HIS L 13 6.13 10.06 -61.22
N GLN L 14 6.15 10.96 -62.21
CA GLN L 14 5.25 12.11 -62.17
C GLN L 14 3.79 11.68 -62.20
N ASP L 15 3.48 10.62 -62.95
CA ASP L 15 2.11 10.11 -62.99
C ASP L 15 1.66 9.67 -61.60
N SER L 16 2.54 9.00 -60.86
CA SER L 16 2.20 8.60 -59.50
C SER L 16 1.94 9.81 -58.62
N GLU L 17 2.75 10.85 -58.76
CA GLU L 17 2.54 12.08 -57.99
C GLU L 17 1.18 12.69 -58.27
N ALA L 18 0.82 12.78 -59.55
CA ALA L 18 -0.48 13.33 -59.91
C ALA L 18 -1.61 12.47 -59.37
N ALA L 19 -1.48 11.14 -59.47
CA ALA L 19 -2.52 10.25 -58.97
C ALA L 19 -2.67 10.39 -57.46
N ILE L 20 -1.55 10.58 -56.75
CA ILE L 20 -1.63 10.77 -55.31
C ILE L 20 -2.39 12.06 -54.98
N ASN L 21 -2.14 13.13 -55.75
CA ASN L 21 -2.88 14.36 -55.51
C ASN L 21 -4.38 14.16 -55.74
N ARG L 22 -4.74 13.43 -56.80
CA ARG L 22 -6.14 13.14 -57.05
C ARG L 22 -6.75 12.34 -55.90
N GLN L 23 -6.01 11.37 -55.38
CA GLN L 23 -6.52 10.57 -54.27
C GLN L 23 -6.70 11.41 -53.02
N ILE L 24 -5.79 12.37 -52.78
CA ILE L 24 -5.96 13.28 -51.65
C ILE L 24 -7.29 14.01 -51.78
N ASN L 25 -7.57 14.54 -52.97
CA ASN L 25 -8.82 15.27 -53.15
C ASN L 25 -10.02 14.34 -52.92
N LEU L 26 -9.93 13.11 -53.41
CA LEU L 26 -11.05 12.18 -53.25
C LEU L 26 -11.30 11.87 -51.77
N GLU L 27 -10.23 11.68 -50.99
CA GLU L 27 -10.39 11.41 -49.57
C GLU L 27 -11.01 12.60 -48.86
N LEU L 28 -10.58 13.81 -49.20
CA LEU L 28 -11.18 14.99 -48.57
C LEU L 28 -12.66 15.09 -48.92
N TYR L 29 -13.01 14.79 -50.18
CA TYR L 29 -14.41 14.78 -50.58
C TYR L 29 -15.22 13.77 -49.79
N ALA L 30 -14.67 12.57 -49.59
CA ALA L 30 -15.38 11.56 -48.81
C ALA L 30 -15.60 12.04 -47.38
N SER L 31 -14.58 12.66 -46.79
CA SER L 31 -14.74 13.22 -45.45
C SER L 31 -15.89 14.23 -45.42
N TYR L 32 -15.97 15.08 -46.45
CA TYR L 32 -17.05 16.06 -46.51
C TYR L 32 -18.41 15.40 -46.60
N VAL L 33 -18.52 14.36 -47.43
CA VAL L 33 -19.78 13.64 -47.57
C VAL L 33 -20.21 13.06 -46.22
N TYR L 34 -19.27 12.44 -45.51
CA TYR L 34 -19.61 11.84 -44.22
C TYR L 34 -20.00 12.91 -43.21
N LEU L 35 -19.38 14.08 -43.26
CA LEU L 35 -19.77 15.17 -42.36
C LEU L 35 -21.21 15.58 -42.63
N SER L 36 -21.56 15.75 -43.91
CA SER L 36 -22.93 16.09 -44.26
C SER L 36 -23.91 15.04 -43.73
N MET L 37 -23.59 13.76 -43.98
CA MET L 37 -24.45 12.69 -43.48
C MET L 37 -24.61 12.77 -41.97
N SER L 38 -23.50 12.96 -41.25
CA SER L 38 -23.56 12.98 -39.80
C SER L 38 -24.51 14.05 -39.31
N TYR L 39 -24.42 15.25 -39.87
CA TYR L 39 -25.29 16.31 -39.37
C TYR L 39 -26.69 16.26 -39.97
N TYR L 40 -26.94 15.40 -40.94
CA TYR L 40 -28.33 15.14 -41.32
C TYR L 40 -29.06 14.39 -40.20
N PHE L 41 -28.41 13.40 -39.60
CA PHE L 41 -29.04 12.61 -38.54
C PHE L 41 -29.08 13.35 -37.20
N ASP L 42 -28.43 14.51 -37.11
CA ASP L 42 -28.53 15.39 -35.94
C ASP L 42 -29.74 16.31 -36.02
N ARG L 43 -30.46 16.33 -37.14
CA ARG L 43 -31.64 17.18 -37.28
C ARG L 43 -32.72 16.74 -36.30
N ASP L 44 -33.51 17.70 -35.83
CA ASP L 44 -34.55 17.40 -34.87
C ASP L 44 -35.65 16.53 -35.46
N ASP L 45 -35.84 16.56 -36.78
CA ASP L 45 -36.83 15.73 -37.44
C ASP L 45 -36.25 14.42 -37.98
N VAL L 46 -35.01 14.10 -37.63
CA VAL L 46 -34.41 12.80 -37.95
C VAL L 46 -34.02 12.15 -36.63
N ALA L 47 -33.09 12.78 -35.92
CA ALA L 47 -32.82 12.48 -34.52
C ALA L 47 -32.42 11.02 -34.30
N LEU L 48 -31.35 10.61 -34.98
CA LEU L 48 -30.73 9.31 -34.77
C LEU L 48 -29.28 9.56 -34.36
N LYS L 49 -29.05 9.68 -33.06
CA LYS L 49 -27.77 10.15 -32.56
C LYS L 49 -26.62 9.23 -32.94
N ASN L 50 -26.85 7.91 -32.89
CA ASN L 50 -25.75 6.99 -33.14
C ASN L 50 -25.41 6.92 -34.63
N PHE L 51 -26.38 7.09 -35.51
CA PHE L 51 -26.06 7.26 -36.92
C PHE L 51 -25.16 8.48 -37.12
N ALA L 52 -25.51 9.59 -36.46
CA ALA L 52 -24.70 10.79 -36.57
C ALA L 52 -23.28 10.54 -36.07
N LYS L 53 -23.14 9.87 -34.93
CA LYS L 53 -21.81 9.60 -34.40
CA LYS L 53 -21.82 9.59 -34.39
C LYS L 53 -21.02 8.70 -35.34
N TYR L 54 -21.67 7.66 -35.89
CA TYR L 54 -20.99 6.77 -36.80
C TYR L 54 -20.43 7.53 -38.00
N PHE L 55 -21.26 8.36 -38.61
CA PHE L 55 -20.80 9.06 -39.81
C PHE L 55 -19.79 10.15 -39.49
N LEU L 56 -19.87 10.78 -38.31
CA LEU L 56 -18.84 11.73 -37.93
C LEU L 56 -17.49 11.02 -37.76
N HIS L 57 -17.51 9.84 -37.14
CA HIS L 57 -16.29 9.07 -37.02
C HIS L 57 -15.71 8.74 -38.40
N GLN L 58 -16.58 8.34 -39.34
CA GLN L 58 -16.10 8.05 -40.69
C GLN L 58 -15.49 9.29 -41.34
N SER L 59 -16.10 10.45 -41.13
CA SER L 59 -15.57 11.69 -41.69
C SER L 59 -14.16 11.95 -41.18
N HIS L 60 -13.97 11.83 -39.87
CA HIS L 60 -12.65 12.06 -39.31
C HIS L 60 -11.63 11.05 -39.82
N GLU L 61 -12.04 9.79 -39.96
CA GLU L 61 -11.15 8.78 -40.51
C GLU L 61 -10.73 9.13 -41.93
N GLU L 62 -11.67 9.62 -42.74
CA GLU L 62 -11.32 10.01 -44.10
C GLU L 62 -10.31 11.15 -44.09
N ARG L 63 -10.49 12.12 -43.20
CA ARG L 63 -9.52 13.21 -43.08
CA ARG L 63 -9.51 13.21 -43.09
C ARG L 63 -8.13 12.65 -42.76
N GLU L 64 -8.09 11.67 -41.86
CA GLU L 64 -6.82 11.05 -41.51
CA GLU L 64 -6.82 11.04 -41.51
C GLU L 64 -6.18 10.38 -42.72
N HIS L 65 -6.98 9.69 -43.53
CA HIS L 65 -6.44 9.06 -44.73
C HIS L 65 -5.85 10.09 -45.69
N ALA L 66 -6.55 11.21 -45.87
CA ALA L 66 -6.03 12.26 -46.74
C ALA L 66 -4.72 12.80 -46.21
N GLU L 67 -4.63 13.01 -44.91
CA GLU L 67 -3.40 13.54 -44.32
C GLU L 67 -2.24 12.55 -44.48
N LYS L 68 -2.53 11.26 -44.35
CA LYS L 68 -1.48 10.26 -44.57
C LYS L 68 -1.00 10.30 -46.01
N LEU L 69 -1.91 10.49 -46.97
CA LEU L 69 -1.48 10.60 -48.36
C LEU L 69 -0.60 11.84 -48.57
N MET L 70 -0.95 12.96 -47.93
CA MET L 70 -0.11 14.15 -48.05
C MET L 70 1.28 13.90 -47.47
N LYS L 71 1.34 13.22 -46.32
CA LYS L 71 2.62 12.86 -45.74
C LYS L 71 3.43 11.99 -46.70
N LEU L 72 2.77 11.02 -47.35
CA LEU L 72 3.45 10.19 -48.32
C LEU L 72 4.01 11.05 -49.47
N GLN L 73 3.19 11.96 -49.99
CA GLN L 73 3.62 12.82 -51.07
C GLN L 73 4.91 13.55 -50.70
N ASN L 74 4.96 14.10 -49.48
CA ASN L 74 6.17 14.80 -49.06
C ASN L 74 7.33 13.85 -48.85
N GLN L 75 7.06 12.65 -48.32
CA GLN L 75 8.13 11.68 -48.07
C GLN L 75 8.88 11.35 -49.33
N ARG L 76 8.17 11.18 -50.44
CA ARG L 76 8.77 10.75 -51.70
C ARG L 76 9.28 11.91 -52.54
N GLY L 77 9.17 13.15 -52.05
CA GLY L 77 9.65 14.29 -52.79
C GLY L 77 8.68 14.86 -53.80
N GLY L 78 7.45 14.38 -53.83
CA GLY L 78 6.43 15.00 -54.64
C GLY L 78 5.92 16.27 -53.99
N ARG L 79 5.10 17.01 -54.73
CA ARG L 79 4.60 18.30 -54.27
C ARG L 79 3.08 18.26 -54.28
N ILE L 80 2.49 18.61 -53.14
CA ILE L 80 1.04 18.57 -52.97
C ILE L 80 0.42 19.75 -53.71
N PHE L 81 -0.60 19.48 -54.51
CA PHE L 81 -1.41 20.51 -55.14
C PHE L 81 -2.87 20.22 -54.81
N LEU L 82 -3.47 21.10 -54.02
CA LEU L 82 -4.83 20.92 -53.56
C LEU L 82 -5.82 21.54 -54.55
N GLN L 83 -7.03 21.01 -54.54
CA GLN L 83 -8.10 21.46 -55.43
C GLN L 83 -9.35 21.69 -54.60
N ASP L 84 -10.36 22.28 -55.22
CA ASP L 84 -11.64 22.48 -54.56
C ASP L 84 -12.19 21.15 -54.06
N ILE L 85 -12.73 21.17 -52.85
CA ILE L 85 -13.48 20.03 -52.33
C ILE L 85 -14.95 20.26 -52.70
N LYS L 86 -15.46 19.47 -53.62
CA LYS L 86 -16.83 19.64 -54.08
C LYS L 86 -17.81 19.29 -52.99
N LYS L 87 -18.93 19.99 -52.97
CA LYS L 87 -19.96 19.72 -51.98
C LYS L 87 -20.61 18.36 -52.27
N PRO L 88 -21.15 17.70 -51.24
CA PRO L 88 -21.82 16.41 -51.48
C PRO L 88 -23.00 16.57 -52.42
N ASP L 89 -23.29 15.50 -53.16
CA ASP L 89 -24.36 15.54 -54.15
C ASP L 89 -25.72 15.77 -53.50
N CYS L 90 -25.91 15.29 -52.27
CA CYS L 90 -27.20 15.35 -51.60
C CYS L 90 -27.10 16.25 -50.37
N ASP L 91 -28.18 16.99 -50.11
CA ASP L 91 -28.34 17.71 -48.85
C ASP L 91 -29.15 16.91 -47.83
N ASP L 92 -30.10 16.11 -48.29
CA ASP L 92 -30.99 15.33 -47.45
C ASP L 92 -30.79 13.86 -47.81
N TRP L 93 -30.39 13.05 -46.83
CA TRP L 93 -30.01 11.66 -47.08
C TRP L 93 -31.16 10.68 -46.88
N GLU L 94 -32.30 11.15 -46.37
CA GLU L 94 -33.62 10.53 -46.44
CA GLU L 94 -33.62 10.54 -46.43
C GLU L 94 -33.82 9.35 -45.50
N SER L 95 -32.76 8.78 -44.91
CA SER L 95 -32.97 7.67 -43.98
C SER L 95 -31.61 7.12 -43.59
N GLY L 96 -31.61 6.29 -42.53
CA GLY L 96 -30.41 5.55 -42.19
C GLY L 96 -30.03 4.54 -43.26
N LEU L 97 -31.01 3.80 -43.79
CA LEU L 97 -30.71 2.81 -44.81
C LEU L 97 -30.16 3.47 -46.08
N ASN L 98 -30.79 4.55 -46.52
CA ASN L 98 -30.31 5.24 -47.72
C ASN L 98 -28.91 5.79 -47.51
N ALA L 99 -28.64 6.34 -46.31
CA ALA L 99 -27.30 6.84 -46.02
C ALA L 99 -26.28 5.71 -46.05
N MET L 100 -26.63 4.55 -45.48
CA MET L 100 -25.71 3.42 -45.50
C MET L 100 -25.44 2.96 -46.93
N GLU L 101 -26.48 2.92 -47.77
CA GLU L 101 -26.27 2.54 -49.17
C GLU L 101 -25.38 3.55 -49.90
N CYS L 102 -25.60 4.84 -49.65
CA CYS L 102 -24.75 5.87 -50.24
C CYS L 102 -23.31 5.73 -49.78
N ALA L 103 -23.11 5.44 -48.49
CA ALA L 103 -21.76 5.24 -47.98
C ALA L 103 -21.11 4.02 -48.61
N LEU L 104 -21.87 2.95 -48.82
CA LEU L 104 -21.34 1.77 -49.49
C LEU L 104 -20.88 2.13 -50.91
N HIS L 105 -21.72 2.86 -51.63
CA HIS L 105 -21.34 3.31 -52.97
C HIS L 105 -20.06 4.14 -52.94
N LEU L 106 -19.98 5.08 -51.99
CA LEU L 106 -18.81 5.94 -51.89
C LEU L 106 -17.55 5.14 -51.58
N GLU L 107 -17.64 4.21 -50.63
CA GLU L 107 -16.47 3.42 -50.26
C GLU L 107 -16.02 2.54 -51.42
N LYS L 108 -16.95 2.00 -52.20
CA LYS L 108 -16.56 1.21 -53.36
C LYS L 108 -15.90 2.09 -54.42
N ASN L 109 -16.38 3.33 -54.59
CA ASN L 109 -15.72 4.25 -55.51
C ASN L 109 -14.29 4.54 -55.08
N VAL L 110 -14.11 4.81 -53.79
CA VAL L 110 -12.77 5.08 -53.27
C VAL L 110 -11.88 3.85 -53.45
N ASN L 111 -12.42 2.67 -53.20
CA ASN L 111 -11.65 1.45 -53.39
C ASN L 111 -11.22 1.29 -54.85
N GLN L 112 -12.12 1.57 -55.79
CA GLN L 112 -11.76 1.47 -57.20
C GLN L 112 -10.63 2.45 -57.53
N SER L 113 -10.70 3.67 -56.99
CA SER L 113 -9.63 4.63 -57.21
C SER L 113 -8.31 4.10 -56.66
N LEU L 114 -8.33 3.51 -55.46
CA LEU L 114 -7.11 2.97 -54.87
C LEU L 114 -6.55 1.82 -55.71
N LEU L 115 -7.44 0.98 -56.25
CA LEU L 115 -6.98 -0.12 -57.08
C LEU L 115 -6.33 0.40 -58.36
N GLU L 116 -6.91 1.44 -58.95
CA GLU L 116 -6.27 2.05 -60.13
C GLU L 116 -4.92 2.64 -59.76
N LEU L 117 -4.82 3.28 -58.58
CA LEU L 117 -3.54 3.82 -58.14
C LEU L 117 -2.51 2.71 -57.97
N HIS L 118 -2.91 1.58 -57.39
CA HIS L 118 -1.99 0.46 -57.22
C HIS L 118 -1.56 -0.09 -58.58
N LYS L 119 -2.48 -0.18 -59.53
CA LYS L 119 -2.11 -0.63 -60.87
C LYS L 119 -1.08 0.31 -61.49
N LEU L 120 -1.29 1.63 -61.34
CA LEU L 120 -0.33 2.59 -61.86
C LEU L 120 1.03 2.40 -61.20
N ALA L 121 1.06 2.24 -59.86
CA ALA L 121 2.32 2.06 -59.17
C ALA L 121 3.03 0.80 -59.64
N THR L 122 2.27 -0.29 -59.84
CA THR L 122 2.86 -1.52 -60.35
C THR L 122 3.45 -1.30 -61.74
N ASP L 123 2.73 -0.57 -62.61
CA ASP L 123 3.23 -0.34 -63.96
CA ASP L 123 3.23 -0.34 -63.96
C ASP L 123 4.51 0.47 -63.95
N LYS L 124 4.67 1.39 -62.99
CA LYS L 124 5.87 2.21 -62.87
C LYS L 124 6.94 1.57 -62.01
N ASN L 125 6.75 0.32 -61.59
CA ASN L 125 7.73 -0.40 -60.79
C ASN L 125 8.11 0.39 -59.54
N ASP L 126 7.10 0.83 -58.80
CA ASP L 126 7.29 1.57 -57.56
C ASP L 126 6.86 0.69 -56.39
N PRO L 127 7.70 -0.24 -55.95
CA PRO L 127 7.28 -1.16 -54.88
C PRO L 127 6.94 -0.46 -53.58
N HIS L 128 7.62 0.64 -53.25
CA HIS L 128 7.28 1.34 -52.01
C HIS L 128 5.86 1.86 -52.04
N LEU L 129 5.44 2.45 -53.15
CA LEU L 129 4.08 2.97 -53.26
C LEU L 129 3.06 1.85 -53.24
N CYS L 130 3.34 0.75 -53.94
CA CYS L 130 2.46 -0.41 -53.91
C CYS L 130 2.29 -0.92 -52.48
N ASP L 131 3.40 -1.04 -51.75
CA ASP L 131 3.32 -1.52 -50.37
C ASP L 131 2.56 -0.55 -49.50
N PHE L 132 2.77 0.75 -49.70
CA PHE L 132 2.03 1.75 -48.94
C PHE L 132 0.52 1.58 -49.13
N ILE L 133 0.10 1.45 -50.39
CA ILE L 133 -1.32 1.29 -50.69
C ILE L 133 -1.86 0.00 -50.08
N GLU L 134 -1.13 -1.10 -50.25
CA GLU L 134 -1.57 -2.38 -49.71
C GLU L 134 -1.71 -2.31 -48.19
N THR L 135 -0.70 -1.78 -47.53
CA THR L 135 -0.63 -1.85 -46.07
C THR L 135 -1.64 -0.92 -45.41
N HIS L 136 -1.83 0.28 -45.96
CA HIS L 136 -2.59 1.30 -45.26
C HIS L 136 -4.00 1.51 -45.81
N TYR L 137 -4.31 1.01 -47.01
CA TYR L 137 -5.59 1.40 -47.61
C TYR L 137 -6.46 0.23 -48.07
N LEU L 138 -5.89 -0.81 -48.67
CA LEU L 138 -6.73 -1.80 -49.34
C LEU L 138 -7.56 -2.61 -48.34
N ASN L 139 -6.92 -3.13 -47.29
CA ASN L 139 -7.69 -3.91 -46.32
C ASN L 139 -8.65 -3.03 -45.54
N GLU L 140 -8.27 -1.78 -45.26
CA GLU L 140 -9.21 -0.87 -44.61
C GLU L 140 -10.47 -0.72 -45.44
N GLN L 141 -10.31 -0.56 -46.75
CA GLN L 141 -11.48 -0.44 -47.62
C GLN L 141 -12.30 -1.71 -47.65
N VAL L 142 -11.63 -2.87 -47.72
CA VAL L 142 -12.38 -4.12 -47.74
C VAL L 142 -13.20 -4.26 -46.46
N LYS L 143 -12.60 -3.96 -45.31
CA LYS L 143 -13.32 -4.04 -44.05
C LYS L 143 -14.48 -3.06 -44.00
N ALA L 144 -14.26 -1.82 -44.46
CA ALA L 144 -15.32 -0.83 -44.43
C ALA L 144 -16.49 -1.25 -45.33
N ILE L 145 -16.19 -1.78 -46.51
CA ILE L 145 -17.23 -2.21 -47.43
C ILE L 145 -18.00 -3.38 -46.83
N LYS L 146 -17.30 -4.34 -46.22
CA LYS L 146 -17.98 -5.46 -45.59
C LYS L 146 -18.90 -4.97 -44.46
N GLU L 147 -18.41 -4.05 -43.63
CA GLU L 147 -19.23 -3.55 -42.53
C GLU L 147 -20.47 -2.83 -43.04
N LEU L 148 -20.31 -1.99 -44.06
CA LEU L 148 -21.46 -1.28 -44.61
C LEU L 148 -22.46 -2.25 -45.24
N GLY L 149 -21.96 -3.27 -45.93
CA GLY L 149 -22.86 -4.28 -46.45
C GLY L 149 -23.64 -4.99 -45.37
N ASP L 150 -22.97 -5.32 -44.26
CA ASP L 150 -23.66 -5.93 -43.13
C ASP L 150 -24.75 -5.00 -42.60
N HIS L 151 -24.43 -3.72 -42.46
CA HIS L 151 -25.41 -2.76 -41.95
C HIS L 151 -26.62 -2.67 -42.87
N VAL L 152 -26.36 -2.58 -44.17
CA VAL L 152 -27.46 -2.50 -45.14
C VAL L 152 -28.33 -3.75 -45.06
N THR L 153 -27.69 -4.92 -45.00
CA THR L 153 -28.45 -6.17 -44.91
C THR L 153 -29.34 -6.17 -43.68
N ASN L 154 -28.79 -5.81 -42.52
CA ASN L 154 -29.58 -5.85 -41.30
C ASN L 154 -30.72 -4.85 -41.34
N LEU L 155 -30.46 -3.64 -41.83
CA LEU L 155 -31.54 -2.65 -41.91
C LEU L 155 -32.64 -3.11 -42.85
N ARG L 156 -32.27 -3.70 -43.99
CA ARG L 156 -33.29 -4.20 -44.91
C ARG L 156 -34.11 -5.31 -44.27
N LYS L 157 -33.44 -6.25 -43.58
CA LYS L 157 -34.16 -7.36 -42.96
C LYS L 157 -35.11 -6.87 -41.88
N MET L 158 -34.68 -5.89 -41.08
CA MET L 158 -35.53 -5.38 -40.02
C MET L 158 -36.76 -4.63 -40.54
N GLY L 159 -36.78 -4.28 -41.81
CA GLY L 159 -37.93 -3.59 -42.39
C GLY L 159 -37.73 -2.12 -42.69
N ALA L 160 -36.50 -1.61 -42.57
CA ALA L 160 -36.24 -0.23 -42.94
C ALA L 160 -36.38 -0.06 -44.44
N PRO L 161 -36.64 1.17 -44.90
CA PRO L 161 -36.81 2.42 -44.16
C PRO L 161 -38.25 2.66 -43.72
N GLU L 162 -39.18 1.83 -44.17
CA GLU L 162 -40.59 2.06 -43.88
C GLU L 162 -40.86 2.00 -42.37
N SER L 163 -40.26 1.04 -41.68
CA SER L 163 -40.46 0.88 -40.25
C SER L 163 -39.44 1.75 -39.53
N GLY L 164 -39.88 2.89 -39.00
CA GLY L 164 -39.01 3.72 -38.21
C GLY L 164 -38.53 3.03 -36.95
N LEU L 165 -39.32 2.08 -36.46
CA LEU L 165 -38.88 1.27 -35.32
C LEU L 165 -37.61 0.50 -35.66
N ALA L 166 -37.50 0.00 -36.90
CA ALA L 166 -36.31 -0.72 -37.31
C ALA L 166 -35.07 0.16 -37.20
N GLU L 167 -35.15 1.39 -37.72
CA GLU L 167 -33.99 2.27 -37.68
C GLU L 167 -33.69 2.71 -36.25
N TYR L 168 -34.71 2.95 -35.43
CA TYR L 168 -34.48 3.28 -34.03
C TYR L 168 -33.72 2.16 -33.32
N LEU L 169 -34.17 0.92 -33.51
CA LEU L 169 -33.55 -0.20 -32.80
C LEU L 169 -32.16 -0.48 -33.36
N PHE L 170 -31.97 -0.31 -34.68
CA PHE L 170 -30.63 -0.47 -35.24
C PHE L 170 -29.68 0.58 -34.68
N ASP L 171 -30.16 1.82 -34.55
CA ASP L 171 -29.36 2.87 -33.95
C ASP L 171 -28.96 2.50 -32.53
N LYS L 172 -29.89 1.95 -31.75
CA LYS L 172 -29.60 1.63 -30.36
CA LYS L 172 -29.60 1.63 -30.36
C LYS L 172 -28.65 0.45 -30.24
N HIS L 173 -28.95 -0.65 -30.96
CA HIS L 173 -28.29 -1.92 -30.70
C HIS L 173 -27.03 -2.16 -31.53
N THR L 174 -27.02 -1.73 -32.79
CA THR L 174 -25.83 -1.94 -33.61
C THR L 174 -24.85 -0.78 -33.52
N LEU L 175 -25.33 0.44 -33.72
CA LEU L 175 -24.47 1.61 -33.71
C LEU L 175 -24.26 2.19 -32.31
N GLY L 176 -25.01 1.73 -31.32
CA GLY L 176 -24.88 2.24 -29.96
C GLY L 176 -23.77 1.57 -29.19
N THR M 5 -20.69 -15.86 58.08
CA THR M 5 -19.56 -14.98 57.68
C THR M 5 -19.01 -15.39 56.32
N SER M 6 -18.76 -14.41 55.46
CA SER M 6 -18.23 -14.69 54.13
C SER M 6 -16.83 -15.27 54.22
N GLN M 7 -16.54 -16.21 53.32
CA GLN M 7 -15.22 -16.83 53.29
C GLN M 7 -14.12 -15.84 52.91
N VAL M 8 -14.46 -14.72 52.29
CA VAL M 8 -13.47 -13.73 51.88
C VAL M 8 -13.31 -12.60 52.88
N ARG M 9 -14.20 -12.48 53.85
CA ARG M 9 -14.21 -11.30 54.72
C ARG M 9 -12.97 -11.29 55.62
N GLN M 10 -12.33 -10.14 55.70
CA GLN M 10 -11.13 -9.98 56.53
C GLN M 10 -10.91 -8.51 56.81
N ASN M 11 -10.90 -8.14 58.09
CA ASN M 11 -10.65 -6.75 58.50
C ASN M 11 -11.71 -5.80 57.95
N TYR M 12 -12.95 -6.29 57.85
CA TYR M 12 -14.07 -5.50 57.33
C TYR M 12 -15.11 -5.38 58.44
N HIS M 13 -15.19 -4.20 59.05
CA HIS M 13 -16.08 -3.98 60.18
C HIS M 13 -17.52 -3.81 59.72
N GLN M 14 -18.46 -4.21 60.58
CA GLN M 14 -19.87 -4.10 60.24
C GLN M 14 -20.28 -2.65 60.01
N ASP M 15 -19.72 -1.73 60.80
CA ASP M 15 -20.01 -0.31 60.61
C ASP M 15 -19.60 0.16 59.22
N SER M 16 -18.45 -0.30 58.75
CA SER M 16 -18.00 0.06 57.40
C SER M 16 -18.97 -0.49 56.35
N GLU M 17 -19.45 -1.71 56.55
CA GLU M 17 -20.41 -2.30 55.61
C GLU M 17 -21.68 -1.46 55.55
N ALA M 18 -22.20 -1.08 56.71
CA ALA M 18 -23.42 -0.25 56.74
C ALA M 18 -23.17 1.10 56.08
N ALA M 19 -22.02 1.73 56.35
CA ALA M 19 -21.72 3.01 55.74
C ALA M 19 -21.60 2.90 54.23
N ILE M 20 -21.05 1.79 53.74
CA ILE M 20 -20.96 1.60 52.31
C ILE M 20 -22.35 1.48 51.70
N ASN M 21 -23.26 0.78 52.37
CA ASN M 21 -24.62 0.69 51.85
C ASN M 21 -25.27 2.07 51.80
N ARG M 22 -25.07 2.88 52.85
CA ARG M 22 -25.61 4.24 52.83
C ARG M 22 -25.03 5.04 51.68
N GLN M 23 -23.73 4.91 51.43
CA GLN M 23 -23.10 5.64 50.33
C GLN M 23 -23.65 5.19 48.99
N ILE M 24 -23.92 3.90 48.83
CA ILE M 24 -24.54 3.42 47.60
C ILE M 24 -25.87 4.13 47.38
N ASN M 25 -26.69 4.21 48.43
CA ASN M 25 -27.98 4.88 48.26
C ASN M 25 -27.79 6.35 47.90
N LEU M 26 -26.82 7.01 48.53
CA LEU M 26 -26.59 8.43 48.25
C LEU M 26 -26.17 8.64 46.80
N GLU M 27 -25.30 7.77 46.27
CA GLU M 27 -24.87 7.90 44.89
C GLU M 27 -26.03 7.68 43.93
N LEU M 28 -26.88 6.69 44.21
CA LEU M 28 -28.05 6.48 43.36
C LEU M 28 -28.97 7.70 43.40
N TYR M 29 -29.15 8.29 44.58
CA TYR M 29 -29.96 9.50 44.69
C TYR M 29 -29.38 10.64 43.87
N ALA M 30 -28.06 10.81 43.92
CA ALA M 30 -27.43 11.87 43.13
C ALA M 30 -27.65 11.64 41.64
N SER M 31 -27.51 10.39 41.20
CA SER M 31 -27.80 10.07 39.80
C SER M 31 -29.22 10.47 39.43
N TYR M 32 -30.17 10.18 40.32
CA TYR M 32 -31.57 10.54 40.05
C TYR M 32 -31.73 12.06 39.94
N VAL M 33 -31.09 12.81 40.84
CA VAL M 33 -31.17 14.26 40.80
C VAL M 33 -30.64 14.79 39.47
N TYR M 34 -29.51 14.26 39.03
CA TYR M 34 -28.93 14.72 37.78
C TYR M 34 -29.81 14.36 36.59
N LEU M 35 -30.47 13.20 36.64
CA LEU M 35 -31.41 12.84 35.58
C LEU M 35 -32.55 13.85 35.50
N SER M 36 -33.12 14.19 36.66
CA SER M 36 -34.18 15.19 36.69
C SER M 36 -33.70 16.51 36.09
N MET M 37 -32.53 16.98 36.52
CA MET M 37 -31.98 18.21 35.98
C MET M 37 -31.83 18.12 34.47
N SER M 38 -31.28 17.02 33.98
CA SER M 38 -31.02 16.89 32.55
C SER M 38 -32.31 17.05 31.75
N TYR M 39 -33.38 16.38 32.20
CA TYR M 39 -34.60 16.48 31.42
C TYR M 39 -35.42 17.73 31.72
N TYR M 40 -35.03 18.51 32.73
CA TYR M 40 -35.59 19.86 32.84
C TYR M 40 -35.13 20.75 31.69
N PHE M 41 -33.85 20.66 31.32
CA PHE M 41 -33.30 21.49 30.26
C PHE M 41 -33.66 20.99 28.88
N ASP M 42 -34.28 19.81 28.77
CA ASP M 42 -34.81 19.30 27.52
C ASP M 42 -36.23 19.80 27.25
N ARG M 43 -36.84 20.50 28.20
CA ARG M 43 -38.19 21.03 28.00
C ARG M 43 -38.19 22.07 26.88
N ASP M 44 -39.32 22.14 26.17
CA ASP M 44 -39.41 23.08 25.05
C ASP M 44 -39.36 24.52 25.51
N ASP M 45 -39.75 24.81 26.74
CA ASP M 45 -39.70 26.17 27.27
C ASP M 45 -38.42 26.46 28.06
N VAL M 46 -37.44 25.56 28.00
CA VAL M 46 -36.11 25.81 28.57
C VAL M 46 -35.10 25.68 27.44
N ALA M 47 -35.01 24.49 26.86
CA ALA M 47 -34.33 24.28 25.58
C ALA M 47 -32.87 24.72 25.61
N LEU M 48 -32.12 24.13 26.54
CA LEU M 48 -30.68 24.30 26.61
C LEU M 48 -30.06 22.91 26.49
N LYS M 49 -29.76 22.52 25.25
CA LYS M 49 -29.40 21.12 24.97
C LYS M 49 -28.11 20.73 25.68
N ASN M 50 -27.13 21.63 25.72
CA ASN M 50 -25.84 21.25 26.28
C ASN M 50 -25.89 21.17 27.81
N PHE M 51 -26.72 21.99 28.46
CA PHE M 51 -26.99 21.78 29.88
C PHE M 51 -27.57 20.39 30.11
N ALA M 52 -28.54 20.00 29.28
CA ALA M 52 -29.14 18.68 29.40
C ALA M 52 -28.10 17.58 29.25
N LYS M 53 -27.24 17.70 28.23
CA LYS M 53 -26.21 16.68 28.02
CA LYS M 53 -26.21 16.68 28.02
C LYS M 53 -25.24 16.62 29.20
N TYR M 54 -24.83 17.79 29.71
CA TYR M 54 -23.93 17.82 30.84
C TYR M 54 -24.51 17.07 32.03
N PHE M 55 -25.76 17.37 32.37
CA PHE M 55 -26.34 16.75 33.55
C PHE M 55 -26.65 15.27 33.32
N LEU M 56 -26.98 14.88 32.09
CA LEU M 56 -27.15 13.45 31.82
C LEU M 56 -25.84 12.70 32.01
N HIS M 57 -24.73 13.29 31.53
CA HIS M 57 -23.44 12.68 31.76
C HIS M 57 -23.15 12.54 33.24
N GLN M 58 -23.45 13.58 34.02
CA GLN M 58 -23.24 13.48 35.47
C GLN M 58 -24.09 12.38 36.09
N SER M 59 -25.32 12.23 35.62
CA SER M 59 -26.19 11.18 36.14
C SER M 59 -25.58 9.80 35.91
N HIS M 60 -25.11 9.56 34.68
CA HIS M 60 -24.52 8.27 34.37
C HIS M 60 -23.24 8.03 35.19
N GLU M 61 -22.44 9.08 35.38
CA GLU M 61 -21.25 8.96 36.21
C GLU M 61 -21.61 8.57 37.64
N GLU M 62 -22.66 9.17 38.19
CA GLU M 62 -23.08 8.82 39.55
C GLU M 62 -23.51 7.35 39.61
N ARG M 63 -24.22 6.88 38.59
CA ARG M 63 -24.59 5.46 38.56
CA ARG M 63 -24.59 5.46 38.56
C ARG M 63 -23.34 4.59 38.57
N GLU M 64 -22.32 4.98 37.80
CA GLU M 64 -21.07 4.21 37.80
CA GLU M 64 -21.07 4.22 37.79
C GLU M 64 -20.43 4.18 39.18
N HIS M 65 -20.44 5.32 39.88
CA HIS M 65 -19.88 5.35 41.23
C HIS M 65 -20.64 4.40 42.16
N ALA M 66 -21.97 4.40 42.07
CA ALA M 66 -22.74 3.49 42.90
C ALA M 66 -22.40 2.03 42.61
N GLU M 67 -22.26 1.70 41.32
CA GLU M 67 -21.95 0.33 40.96
C GLU M 67 -20.57 -0.07 41.45
N LYS M 68 -19.60 0.86 41.41
CA LYS M 68 -18.28 0.56 41.94
C LYS M 68 -18.35 0.29 43.45
N LEU M 69 -19.18 1.05 44.16
CA LEU M 69 -19.34 0.79 45.60
C LEU M 69 -19.95 -0.59 45.84
N MET M 70 -20.93 -0.98 45.02
CA MET M 70 -21.50 -2.31 45.18
C MET M 70 -20.46 -3.40 44.92
N LYS M 71 -19.63 -3.20 43.90
CA LYS M 71 -18.56 -4.14 43.63
C LYS M 71 -17.62 -4.23 44.82
N LEU M 72 -17.28 -3.09 45.43
CA LEU M 72 -16.43 -3.09 46.61
C LEU M 72 -17.08 -3.88 47.73
N GLN M 73 -18.36 -3.64 47.98
CA GLN M 73 -19.07 -4.37 49.03
C GLN M 73 -18.93 -5.87 48.83
N ASN M 74 -19.12 -6.34 47.60
CA ASN M 74 -19.00 -7.78 47.35
C ASN M 74 -17.56 -8.25 47.48
N GLN M 75 -16.60 -7.43 47.06
CA GLN M 75 -15.19 -7.83 47.13
C GLN M 75 -14.77 -8.12 48.56
N ARG M 76 -15.22 -7.31 49.51
CA ARG M 76 -14.82 -7.44 50.90
C ARG M 76 -15.69 -8.41 51.69
N GLY M 77 -16.67 -9.03 51.05
CA GLY M 77 -17.52 -9.98 51.74
C GLY M 77 -18.70 -9.38 52.47
N GLY M 78 -18.95 -8.08 52.30
CA GLY M 78 -20.16 -7.49 52.81
C GLY M 78 -21.34 -7.83 51.93
N ARG M 79 -22.52 -7.47 52.41
CA ARG M 79 -23.77 -7.80 51.73
C ARG M 79 -24.54 -6.52 51.43
N ILE M 80 -24.89 -6.34 50.16
CA ILE M 80 -25.58 -5.14 49.71
C ILE M 80 -27.02 -5.19 50.18
N PHE M 81 -27.48 -4.10 50.78
CA PHE M 81 -28.89 -3.92 51.12
C PHE M 81 -29.35 -2.58 50.53
N LEU M 82 -30.23 -2.65 49.55
CA LEU M 82 -30.70 -1.47 48.84
C LEU M 82 -31.91 -0.88 49.55
N GLN M 83 -32.10 0.41 49.36
CA GLN M 83 -33.22 1.14 49.94
C GLN M 83 -33.89 1.98 48.86
N ASP M 84 -35.04 2.56 49.20
CA ASP M 84 -35.73 3.43 48.26
C ASP M 84 -34.80 4.56 47.81
N ILE M 85 -34.86 4.88 46.52
CA ILE M 85 -34.19 6.06 45.99
C ILE M 85 -35.22 7.19 46.03
N LYS M 86 -35.00 8.16 46.92
CA LYS M 86 -35.94 9.25 47.07
C LYS M 86 -35.94 10.14 45.85
N LYS M 87 -37.11 10.69 45.53
CA LYS M 87 -37.21 11.59 44.39
C LYS M 87 -36.48 12.90 44.69
N PRO M 88 -36.00 13.59 43.65
CA PRO M 88 -35.34 14.87 43.89
C PRO M 88 -36.26 15.88 44.55
N ASP M 89 -35.68 16.78 45.33
CA ASP M 89 -36.47 17.76 46.07
C ASP M 89 -37.23 18.69 45.13
N CYS M 90 -36.69 18.98 43.95
CA CYS M 90 -37.27 19.94 43.03
C CYS M 90 -37.71 19.23 41.76
N ASP M 91 -38.84 19.68 41.20
CA ASP M 91 -39.26 19.29 39.87
C ASP M 91 -38.82 20.29 38.80
N ASP M 92 -38.72 21.56 39.17
CA ASP M 92 -38.37 22.64 38.26
C ASP M 92 -37.12 23.32 38.81
N TRP M 93 -36.03 23.31 38.01
CA TRP M 93 -34.73 23.78 38.49
C TRP M 93 -34.47 25.25 38.17
N GLU M 94 -35.35 25.88 37.39
CA GLU M 94 -35.55 27.32 37.25
CA GLU M 94 -35.56 27.32 37.24
C GLU M 94 -34.48 28.02 36.43
N SER M 95 -33.34 27.40 36.13
CA SER M 95 -32.34 28.06 35.30
C SER M 95 -31.09 27.20 35.26
N GLY M 96 -30.18 27.54 34.33
CA GLY M 96 -28.88 26.91 34.32
C GLY M 96 -28.05 27.27 35.55
N LEU M 97 -28.06 28.53 35.94
CA LEU M 97 -27.29 28.94 37.11
C LEU M 97 -27.81 28.27 38.38
N ASN M 98 -29.13 28.24 38.56
CA ASN M 98 -29.69 27.60 39.74
C ASN M 98 -29.37 26.12 39.76
N ALA M 99 -29.45 25.47 38.60
CA ALA M 99 -29.12 24.05 38.52
C ALA M 99 -27.65 23.81 38.88
N MET M 100 -26.76 24.66 38.39
CA MET M 100 -25.35 24.52 38.72
C MET M 100 -25.11 24.71 40.21
N GLU M 101 -25.79 25.68 40.83
CA GLU M 101 -25.66 25.88 42.27
C GLU M 101 -26.17 24.67 43.04
N CYS M 102 -27.31 24.12 42.62
CA CYS M 102 -27.83 22.91 43.27
C CYS M 102 -26.88 21.74 43.11
N ALA M 103 -26.28 21.60 41.93
CA ALA M 103 -25.31 20.53 41.72
C ALA M 103 -24.09 20.72 42.60
N LEU M 104 -23.63 21.96 42.77
CA LEU M 104 -22.52 22.23 43.67
C LEU M 104 -22.85 21.81 45.10
N HIS M 105 -24.05 22.18 45.56
CA HIS M 105 -24.49 21.78 46.89
C HIS M 105 -24.51 20.26 47.01
N LEU M 106 -25.06 19.58 46.01
CA LEU M 106 -25.16 18.12 46.05
C LEU M 106 -23.78 17.49 46.09
N GLU M 107 -22.85 17.96 45.26
CA GLU M 107 -21.52 17.37 45.22
C GLU M 107 -20.78 17.60 46.53
N LYS M 108 -20.97 18.76 47.16
CA LYS M 108 -20.35 18.98 48.45
C LYS M 108 -20.96 18.08 49.52
N ASN M 109 -22.27 17.83 49.45
CA ASN M 109 -22.87 16.89 50.39
C ASN M 109 -22.29 15.48 50.21
N VAL M 110 -22.16 15.04 48.96
CA VAL M 110 -21.58 13.72 48.70
C VAL M 110 -20.14 13.66 49.20
N ASN M 111 -19.39 14.74 48.98
CA ASN M 111 -18.01 14.78 49.46
C ASN M 111 -17.95 14.67 50.97
N GLN M 112 -18.84 15.38 51.68
CA GLN M 112 -18.85 15.28 53.13
C GLN M 112 -19.15 13.86 53.57
N SER M 113 -20.09 13.19 52.90
CA SER M 113 -20.37 11.80 53.23
C SER M 113 -19.15 10.92 53.01
N LEU M 114 -18.42 11.14 51.91
CA LEU M 114 -17.23 10.35 51.64
C LEU M 114 -16.15 10.61 52.69
N LEU M 115 -16.02 11.86 53.13
CA LEU M 115 -15.02 12.17 54.16
C LEU M 115 -15.38 11.48 55.47
N GLU M 116 -16.67 11.46 55.82
CA GLU M 116 -17.08 10.73 57.02
C GLU M 116 -16.80 9.24 56.88
N LEU M 117 -17.04 8.69 55.69
CA LEU M 117 -16.73 7.27 55.45
C LEU M 117 -15.25 7.00 55.61
N HIS M 118 -14.40 7.90 55.09
CA HIS M 118 -12.96 7.72 55.24
C HIS M 118 -12.54 7.81 56.70
N LYS M 119 -13.15 8.72 57.45
CA LYS M 119 -12.84 8.81 58.89
C LYS M 119 -13.22 7.52 59.59
N LEU M 120 -14.38 6.96 59.25
CA LEU M 120 -14.79 5.69 59.84
C LEU M 120 -13.79 4.59 59.50
N ALA M 121 -13.39 4.51 58.24
CA ALA M 121 -12.44 3.48 57.82
C ALA M 121 -11.12 3.63 58.56
N THR M 122 -10.65 4.87 58.73
CA THR M 122 -9.42 5.11 59.48
C THR M 122 -9.58 4.66 60.93
N ASP M 123 -10.72 4.95 61.54
CA ASP M 123 -10.94 4.56 62.93
CA ASP M 123 -10.94 4.56 62.93
C ASP M 123 -10.94 3.04 63.09
N LYS M 124 -11.43 2.32 62.10
CA LYS M 124 -11.47 0.86 62.14
C LYS M 124 -10.21 0.22 61.58
N ASN M 125 -9.18 1.02 61.27
CA ASN M 125 -7.92 0.51 60.77
C ASN M 125 -8.12 -0.38 59.54
N ASP M 126 -8.87 0.14 58.57
CA ASP M 126 -9.13 -0.56 57.32
C ASP M 126 -8.40 0.14 56.19
N PRO M 127 -7.09 -0.09 56.04
CA PRO M 127 -6.33 0.64 55.02
C PRO M 127 -6.81 0.39 53.60
N HIS M 128 -7.32 -0.79 53.29
CA HIS M 128 -7.81 -1.04 51.94
C HIS M 128 -8.98 -0.14 51.61
N LEU M 129 -9.93 0.01 52.55
CA LEU M 129 -11.09 0.86 52.30
C LEU M 129 -10.68 2.33 52.22
N CYS M 130 -9.77 2.76 53.09
CA CYS M 130 -9.26 4.13 53.01
C CYS M 130 -8.64 4.39 51.64
N ASP M 131 -7.81 3.45 51.17
CA ASP M 131 -7.17 3.63 49.87
C ASP M 131 -8.20 3.63 48.75
N PHE M 132 -9.22 2.78 48.85
CA PHE M 132 -10.28 2.76 47.85
C PHE M 132 -10.95 4.13 47.76
N ILE M 133 -11.32 4.69 48.90
CA ILE M 133 -11.99 6.00 48.92
C ILE M 133 -11.06 7.07 48.36
N GLU M 134 -9.80 7.08 48.80
CA GLU M 134 -8.87 8.10 48.32
C GLU M 134 -8.69 8.00 46.81
N THR M 135 -8.47 6.79 46.31
CA THR M 135 -8.09 6.62 44.91
C THR M 135 -9.24 6.87 43.97
N HIS M 136 -10.45 6.43 44.33
CA HIS M 136 -11.55 6.44 43.37
C HIS M 136 -12.57 7.56 43.60
N TYR M 137 -12.57 8.21 44.76
CA TYR M 137 -13.66 9.13 45.05
C TYR M 137 -13.25 10.54 45.45
N LEU M 138 -12.20 10.69 46.25
CA LEU M 138 -11.93 12.00 46.86
C LEU M 138 -11.49 13.03 45.81
N ASN M 139 -10.52 12.67 44.96
CA ASN M 139 -10.07 13.64 43.97
C ASN M 139 -11.14 13.87 42.90
N GLU M 140 -11.93 12.86 42.58
CA GLU M 140 -13.04 13.07 41.65
C GLU M 140 -13.99 14.11 42.19
N GLN M 141 -14.31 14.03 43.50
CA GLN M 141 -15.19 15.03 44.10
C GLN M 141 -14.56 16.40 44.09
N VAL M 142 -13.27 16.49 44.42
CA VAL M 142 -12.61 17.80 44.42
C VAL M 142 -12.67 18.43 43.03
N LYS M 143 -12.39 17.63 42.01
CA LYS M 143 -12.42 18.13 40.64
C LYS M 143 -13.84 18.55 40.24
N ALA M 144 -14.84 17.75 40.59
CA ALA M 144 -16.22 18.09 40.25
C ALA M 144 -16.64 19.39 40.92
N ILE M 145 -16.29 19.55 42.20
CA ILE M 145 -16.65 20.76 42.93
C ILE M 145 -15.97 21.97 42.31
N LYS M 146 -14.68 21.84 41.97
CA LYS M 146 -13.98 22.96 41.34
C LYS M 146 -14.63 23.33 40.01
N GLU M 147 -14.97 22.33 39.20
CA GLU M 147 -15.59 22.61 37.91
C GLU M 147 -16.93 23.31 38.07
N LEU M 148 -17.75 22.83 39.01
CA LEU M 148 -19.05 23.45 39.22
C LEU M 148 -18.90 24.88 39.75
N GLY M 149 -17.92 25.11 40.63
CA GLY M 149 -17.66 26.46 41.08
C GLY M 149 -17.26 27.37 39.93
N ASP M 150 -16.41 26.87 39.03
CA ASP M 150 -16.03 27.65 37.85
C ASP M 150 -17.26 27.99 37.02
N HIS M 151 -18.13 27.01 36.80
CA HIS M 151 -19.33 27.25 36.00
C HIS M 151 -20.22 28.31 36.65
N VAL M 152 -20.43 28.20 37.96
CA VAL M 152 -21.26 29.17 38.66
C VAL M 152 -20.65 30.56 38.55
N THR M 153 -19.33 30.66 38.75
CA THR M 153 -18.67 31.96 38.65
C THR M 153 -18.88 32.58 37.28
N ASN M 154 -18.67 31.79 36.23
CA ASN M 154 -18.79 32.32 34.88
C ASN M 154 -20.24 32.74 34.58
N LEU M 155 -21.21 31.92 34.97
CA LEU M 155 -22.60 32.27 34.72
C LEU M 155 -22.98 33.54 35.46
N ARG M 156 -22.53 33.69 36.71
CA ARG M 156 -22.82 34.90 37.46
C ARG M 156 -22.19 36.12 36.78
N LYS M 157 -20.93 36.01 36.36
CA LYS M 157 -20.27 37.15 35.75
C LYS M 157 -20.94 37.54 34.44
N MET M 158 -21.36 36.56 33.64
CA MET M 158 -22.02 36.86 32.37
C MET M 158 -23.36 37.54 32.55
N GLY M 159 -23.95 37.52 33.74
CA GLY M 159 -25.22 38.16 33.98
C GLY M 159 -26.40 37.22 34.16
N ALA M 160 -26.16 35.92 34.24
CA ALA M 160 -27.24 34.98 34.50
C ALA M 160 -27.77 35.18 35.93
N PRO M 161 -29.02 34.78 36.19
CA PRO M 161 -29.99 34.15 35.29
C PRO M 161 -30.86 35.15 34.54
N GLU M 162 -30.74 36.44 34.87
CA GLU M 162 -31.61 37.44 34.26
C GLU M 162 -31.37 37.53 32.75
N SER M 163 -30.11 37.48 32.34
CA SER M 163 -29.75 37.54 30.92
C SER M 163 -29.85 36.14 30.34
N GLY M 164 -30.93 35.87 29.61
CA GLY M 164 -31.02 34.61 28.90
C GLY M 164 -29.94 34.45 27.85
N LEU M 165 -29.45 35.57 27.32
CA LEU M 165 -28.32 35.52 26.39
C LEU M 165 -27.09 34.91 27.07
N ALA M 166 -26.87 35.25 28.35
CA ALA M 166 -25.74 34.69 29.07
C ALA M 166 -25.82 33.17 29.12
N GLU M 167 -26.98 32.63 29.46
CA GLU M 167 -27.11 31.18 29.56
C GLU M 167 -27.02 30.52 28.18
N TYR M 168 -27.59 31.16 27.16
CA TYR M 168 -27.46 30.62 25.80
C TYR M 168 -26.00 30.53 25.39
N LEU M 169 -25.24 31.61 25.61
CA LEU M 169 -23.84 31.61 25.19
C LEU M 169 -22.99 30.68 26.04
N PHE M 170 -23.31 30.56 27.33
CA PHE M 170 -22.60 29.61 28.17
C PHE M 170 -22.86 28.19 27.71
N ASP M 171 -24.11 27.89 27.35
CA ASP M 171 -24.45 26.59 26.80
C ASP M 171 -23.66 26.30 25.54
N LYS M 172 -23.53 27.28 24.65
CA LYS M 172 -22.82 27.07 23.40
CA LYS M 172 -22.82 27.06 23.39
C LYS M 172 -21.32 26.92 23.60
N HIS M 173 -20.71 27.83 24.37
CA HIS M 173 -19.26 27.95 24.38
C HIS M 173 -18.57 27.13 25.47
N THR M 174 -19.17 27.01 26.65
CA THR M 174 -18.54 26.24 27.72
C THR M 174 -18.99 24.77 27.69
N LEU M 175 -20.29 24.54 27.67
CA LEU M 175 -20.82 23.18 27.70
C LEU M 175 -20.91 22.54 26.32
N GLY M 176 -20.73 23.31 25.25
CA GLY M 176 -20.80 22.77 23.91
C GLY M 176 -19.51 22.12 23.46
N THR N 5 40.94 35.05 33.88
CA THR N 5 40.24 35.37 32.60
C THR N 5 39.93 34.11 31.82
N SER N 6 38.72 34.02 31.30
CA SER N 6 38.30 32.86 30.54
C SER N 6 39.11 32.73 29.25
N GLN N 7 39.42 31.49 28.88
CA GLN N 7 40.17 31.24 27.66
C GLN N 7 39.39 31.63 26.41
N VAL N 8 38.07 31.76 26.50
CA VAL N 8 37.25 32.11 25.34
C VAL N 8 36.94 33.60 25.27
N ARG N 9 37.20 34.36 26.34
CA ARG N 9 36.75 35.74 26.39
C ARG N 9 37.48 36.59 25.37
N GLN N 10 36.74 37.43 24.65
CA GLN N 10 37.33 38.31 23.65
C GLN N 10 36.34 39.41 23.34
N ASN N 11 36.75 40.67 23.54
CA ASN N 11 35.93 41.83 23.25
C ASN N 11 34.64 41.82 24.07
N TYR N 12 34.72 41.34 25.31
CA TYR N 12 33.57 41.26 26.20
C TYR N 12 33.86 42.10 27.43
N HIS N 13 33.25 43.27 27.51
CA HIS N 13 33.52 44.21 28.59
C HIS N 13 32.83 43.77 29.88
N GLN N 14 33.44 44.12 31.02
CA GLN N 14 32.88 43.75 32.31
C GLN N 14 31.50 44.39 32.51
N ASP N 15 31.32 45.62 32.02
CA ASP N 15 30.02 46.27 32.13
C ASP N 15 28.94 45.48 31.39
N SER N 16 29.29 44.96 30.21
CA SER N 16 28.33 44.13 29.47
C SER N 16 27.99 42.87 30.24
N GLU N 17 28.98 42.25 30.88
CA GLU N 17 28.73 41.05 31.68
C GLU N 17 27.76 41.35 32.82
N ALA N 18 28.00 42.46 33.54
CA ALA N 18 27.10 42.84 34.62
C ALA N 18 25.70 43.12 34.11
N ALA N 19 25.58 43.83 32.98
CA ALA N 19 24.27 44.14 32.43
C ALA N 19 23.54 42.86 32.01
N ILE N 20 24.28 41.89 31.49
CA ILE N 20 23.65 40.62 31.12
C ILE N 20 23.12 39.91 32.35
N ASN N 21 23.86 39.95 33.46
CA ASN N 21 23.36 39.33 34.68
C ASN N 21 22.09 40.02 35.16
N ARG N 22 22.07 41.36 35.09
CA ARG N 22 20.87 42.09 35.47
C ARG N 22 19.68 41.69 34.59
N GLN N 23 19.93 41.56 33.28
CA GLN N 23 18.85 41.17 32.37
C GLN N 23 18.35 39.77 32.67
N ILE N 24 19.25 38.86 33.03
CA ILE N 24 18.81 37.52 33.44
C ILE N 24 17.84 37.61 34.59
N ASN N 25 18.20 38.40 35.61
CA ASN N 25 17.30 38.52 36.77
C ASN N 25 15.96 39.12 36.35
N LEU N 26 15.98 40.12 35.47
CA LEU N 26 14.73 40.74 35.04
C LEU N 26 13.84 39.76 34.30
N GLU N 27 14.42 38.93 33.44
CA GLU N 27 13.64 37.94 32.72
C GLU N 27 13.04 36.91 33.67
N LEU N 28 13.81 36.47 34.66
CA LEU N 28 13.26 35.53 35.64
C LEU N 28 12.12 36.16 36.42
N TYR N 29 12.26 37.44 36.78
CA TYR N 29 11.19 38.14 37.49
C TYR N 29 9.93 38.22 36.62
N ALA N 30 10.10 38.53 35.34
CA ALA N 30 8.94 38.58 34.45
C ALA N 30 8.25 37.22 34.37
N SER N 31 9.03 36.15 34.27
CA SER N 31 8.44 34.81 34.28
C SER N 31 7.63 34.59 35.55
N TYR N 32 8.15 35.02 36.70
CA TYR N 32 7.44 34.87 37.96
C TYR N 32 6.12 35.65 37.95
N VAL N 33 6.15 36.88 37.43
CA VAL N 33 4.95 37.69 37.35
C VAL N 33 3.89 36.99 36.51
N TYR N 34 4.30 36.46 35.36
CA TYR N 34 3.34 35.78 34.49
C TYR N 34 2.79 34.52 35.13
N LEU N 35 3.62 33.81 35.90
CA LEU N 35 3.12 32.64 36.62
C LEU N 35 2.03 33.04 37.62
N SER N 36 2.29 34.10 38.38
CA SER N 36 1.28 34.61 39.32
C SER N 36 -0.01 34.95 38.58
N MET N 37 0.10 35.69 37.48
CA MET N 37 -1.09 36.05 36.71
C MET N 37 -1.84 34.80 36.27
N SER N 38 -1.11 33.83 35.74
CA SER N 38 -1.76 32.63 35.20
C SER N 38 -2.58 31.94 36.27
N TYR N 39 -2.02 31.79 37.48
CA TYR N 39 -2.79 31.08 38.49
C TYR N 39 -3.79 31.97 39.21
N TYR N 40 -3.78 33.29 38.96
CA TYR N 40 -4.92 34.09 39.40
C TYR N 40 -6.18 33.74 38.62
N PHE N 41 -6.05 33.56 37.31
CA PHE N 41 -7.20 33.24 36.47
C PHE N 41 -7.64 31.79 36.59
N ASP N 42 -6.87 30.96 37.29
CA ASP N 42 -7.27 29.60 37.60
C ASP N 42 -8.11 29.51 38.87
N ARG N 43 -8.28 30.61 39.59
CA ARG N 43 -9.09 30.62 40.79
C ARG N 43 -10.55 30.32 40.46
N ASP N 44 -11.25 29.68 41.39
CA ASP N 44 -12.63 29.31 41.15
C ASP N 44 -13.54 30.53 41.06
N ASP N 45 -13.16 31.65 41.67
CA ASP N 45 -13.94 32.88 41.60
C ASP N 45 -13.47 33.82 40.48
N VAL N 46 -12.58 33.36 39.61
CA VAL N 46 -12.19 34.12 38.43
C VAL N 46 -12.51 33.26 37.21
N ALA N 47 -11.86 32.09 37.11
CA ALA N 47 -12.26 31.01 36.22
C ALA N 47 -12.30 31.46 34.76
N LEU N 48 -11.14 31.93 34.27
CA LEU N 48 -10.96 32.25 32.86
C LEU N 48 -9.78 31.39 32.38
N LYS N 49 -10.10 30.20 31.87
CA LYS N 49 -9.06 29.21 31.61
C LYS N 49 -8.08 29.68 30.55
N ASN N 50 -8.58 30.35 29.49
CA ASN N 50 -7.68 30.72 28.41
C ASN N 50 -6.79 31.89 28.79
N PHE N 51 -7.25 32.80 29.65
CA PHE N 51 -6.34 33.79 30.23
C PHE N 51 -5.22 33.10 30.98
N ALA N 52 -5.57 32.10 31.79
CA ALA N 52 -4.55 31.37 32.54
C ALA N 52 -3.55 30.70 31.61
N LYS N 53 -4.04 30.06 30.55
CA LYS N 53 -3.14 29.40 29.61
CA LYS N 53 -3.14 29.40 29.61
C LYS N 53 -2.24 30.42 28.92
N TYR N 54 -2.79 31.55 28.51
CA TYR N 54 -2.00 32.58 27.85
C TYR N 54 -0.85 33.03 28.74
N PHE N 55 -1.15 33.34 30.00
CA PHE N 55 -0.11 33.87 30.87
C PHE N 55 0.88 32.78 31.28
N LEU N 56 0.44 31.52 31.39
CA LEU N 56 1.40 30.45 31.65
C LEU N 56 2.38 30.30 30.49
N HIS N 57 1.86 30.38 29.26
CA HIS N 57 2.75 30.35 28.10
C HIS N 57 3.75 31.49 28.15
N GLN N 58 3.29 32.70 28.50
CA GLN N 58 4.22 33.83 28.60
C GLN N 58 5.27 33.58 29.67
N SER N 59 4.88 32.99 30.79
CA SER N 59 5.85 32.70 31.86
C SER N 59 6.94 31.75 31.35
N HIS N 60 6.54 30.69 30.65
CA HIS N 60 7.53 29.75 30.15
C HIS N 60 8.43 30.41 29.10
N GLU N 61 7.86 31.27 28.25
CA GLU N 61 8.68 31.98 27.28
C GLU N 61 9.72 32.86 27.97
N GLU N 62 9.33 33.54 29.04
CA GLU N 62 10.27 34.37 29.78
C GLU N 62 11.40 33.52 30.35
N ARG N 63 11.07 32.35 30.89
CA ARG N 63 12.10 31.46 31.40
CA ARG N 63 12.10 31.46 31.40
C ARG N 63 13.08 31.10 30.28
N GLU N 64 12.54 30.82 29.09
CA GLU N 64 13.40 30.51 27.95
CA GLU N 64 13.40 30.51 27.95
C GLU N 64 14.33 31.66 27.62
N HIS N 65 13.81 32.89 27.66
CA HIS N 65 14.66 34.06 27.38
C HIS N 65 15.78 34.16 28.40
N ALA N 66 15.47 33.95 29.68
CA ALA N 66 16.51 34.00 30.71
C ALA N 66 17.57 32.94 30.46
N GLU N 67 17.15 31.74 30.09
CA GLU N 67 18.12 30.66 29.85
C GLU N 67 19.00 30.98 28.65
N LYS N 68 18.42 31.59 27.61
CA LYS N 68 19.23 32.00 26.47
C LYS N 68 20.27 33.03 26.88
N LEU N 69 19.90 33.97 27.74
CA LEU N 69 20.87 34.94 28.23
C LEU N 69 21.99 34.26 29.02
N MET N 70 21.65 33.28 29.85
CA MET N 70 22.70 32.55 30.58
C MET N 70 23.64 31.82 29.62
N LYS N 71 23.07 31.20 28.58
CA LYS N 71 23.90 30.56 27.57
C LYS N 71 24.82 31.55 26.91
N LEU N 72 24.31 32.75 26.59
CA LEU N 72 25.15 33.79 26.01
C LEU N 72 26.29 34.16 26.95
N GLN N 73 25.97 34.34 28.23
CA GLN N 73 26.99 34.70 29.21
C GLN N 73 28.12 33.68 29.20
N ASN N 74 27.77 32.39 29.18
CA ASN N 74 28.82 31.37 29.15
C ASN N 74 29.56 31.35 27.83
N GLN N 75 28.86 31.59 26.72
CA GLN N 75 29.51 31.58 25.41
C GLN N 75 30.63 32.60 25.34
N ARG N 76 30.41 33.78 25.89
CA ARG N 76 31.38 34.87 25.80
C ARG N 76 32.41 34.83 26.90
N GLY N 77 32.38 33.85 27.79
CA GLY N 77 33.33 33.75 28.86
C GLY N 77 33.01 34.56 30.10
N GLY N 78 31.83 35.17 30.17
CA GLY N 78 31.40 35.79 31.40
C GLY N 78 30.93 34.75 32.40
N ARG N 79 30.66 35.22 33.61
CA ARG N 79 30.29 34.34 34.71
C ARG N 79 28.94 34.77 35.25
N ILE N 80 28.01 33.82 35.31
CA ILE N 80 26.65 34.09 35.77
C ILE N 80 26.66 34.28 37.28
N PHE N 81 26.03 35.34 37.74
CA PHE N 81 25.79 35.56 39.17
C PHE N 81 24.29 35.83 39.34
N LEU N 82 23.61 34.90 40.00
CA LEU N 82 22.17 34.97 40.18
C LEU N 82 21.85 35.75 41.45
N GLN N 83 20.66 36.34 41.47
CA GLN N 83 20.17 37.12 42.59
C GLN N 83 18.75 36.66 42.93
N ASP N 84 18.25 37.16 44.06
CA ASP N 84 16.88 36.85 44.45
C ASP N 84 15.91 37.25 43.34
N ILE N 85 14.93 36.38 43.08
CA ILE N 85 13.81 36.72 42.21
C ILE N 85 12.72 37.30 43.09
N LYS N 86 12.48 38.60 42.96
CA LYS N 86 11.50 39.27 43.81
C LYS N 86 10.10 38.80 43.46
N LYS N 87 9.24 38.75 44.48
CA LYS N 87 7.87 38.35 44.25
C LYS N 87 7.12 39.43 43.47
N PRO N 88 6.09 39.06 42.71
CA PRO N 88 5.33 40.08 41.97
C PRO N 88 4.69 41.09 42.91
N ASP N 89 4.53 42.31 42.41
CA ASP N 89 3.99 43.39 43.23
C ASP N 89 2.56 43.13 43.67
N CYS N 90 1.80 42.38 42.88
CA CYS N 90 0.39 42.14 43.15
C CYS N 90 0.14 40.66 43.39
N ASP N 91 -0.76 40.37 44.32
CA ASP N 91 -1.28 39.01 44.50
C ASP N 91 -2.58 38.78 43.75
N ASP N 92 -3.39 39.84 43.59
CA ASP N 92 -4.69 39.77 42.93
C ASP N 92 -4.67 40.74 41.77
N TRP N 93 -4.88 40.23 40.55
CA TRP N 93 -4.73 41.03 39.34
C TRP N 93 -6.04 41.66 38.87
N GLU N 94 -7.16 41.31 39.50
CA GLU N 94 -8.43 42.02 39.51
CA GLU N 94 -8.44 42.01 39.51
C GLU N 94 -9.24 41.88 38.21
N SER N 95 -8.66 41.41 37.11
CA SER N 95 -9.45 41.26 35.89
C SER N 95 -8.52 40.84 34.75
N GLY N 96 -9.13 40.38 33.67
CA GLY N 96 -8.37 40.15 32.45
C GLY N 96 -7.79 41.43 31.88
N LEU N 97 -8.60 42.50 31.83
CA LEU N 97 -8.12 43.76 31.28
C LEU N 97 -6.97 44.32 32.12
N ASN N 98 -7.12 44.32 33.44
CA ASN N 98 -6.06 44.84 34.30
C ASN N 98 -4.80 44.00 34.15
N ALA N 99 -4.93 42.68 34.06
CA ALA N 99 -3.76 41.83 33.87
C ALA N 99 -3.08 42.13 32.54
N MET N 100 -3.86 42.34 31.48
CA MET N 100 -3.27 42.68 30.19
C MET N 100 -2.53 44.01 30.25
N GLU N 101 -3.11 45.00 30.94
CA GLU N 101 -2.44 46.29 31.08
C GLU N 101 -1.14 46.15 31.87
N CYS N 102 -1.17 45.36 32.94
CA CYS N 102 0.05 45.12 33.72
C CYS N 102 1.10 44.40 32.87
N ALA N 103 0.68 43.44 32.06
CA ALA N 103 1.62 42.75 31.19
C ALA N 103 2.22 43.70 30.16
N LEU N 104 1.41 44.61 29.64
CA LEU N 104 1.92 45.62 28.70
C LEU N 104 2.98 46.48 29.37
N HIS N 105 2.70 46.94 30.59
CA HIS N 105 3.67 47.71 31.34
C HIS N 105 4.96 46.93 31.54
N LEU N 106 4.84 45.66 31.95
CA LEU N 106 6.01 44.83 32.19
C LEU N 106 6.83 44.65 30.92
N GLU N 107 6.16 44.36 29.80
CA GLU N 107 6.89 44.12 28.55
C GLU N 107 7.59 45.39 28.08
N LYS N 108 6.97 46.55 28.28
CA LYS N 108 7.64 47.79 27.92
C LYS N 108 8.85 48.06 28.83
N ASN N 109 8.74 47.70 30.11
CA ASN N 109 9.89 47.84 31.00
C ASN N 109 11.04 46.93 30.55
N VAL N 110 10.73 45.69 30.20
CA VAL N 110 11.77 44.77 29.73
C VAL N 110 12.37 45.29 28.44
N ASN N 111 11.54 45.83 27.55
CA ASN N 111 12.05 46.38 26.29
C ASN N 111 13.00 47.54 26.56
N GLN N 112 12.65 48.42 27.50
CA GLN N 112 13.54 49.53 27.83
C GLN N 112 14.88 49.02 28.35
N SER N 113 14.83 47.99 29.21
CA SER N 113 16.08 47.41 29.69
C SER N 113 16.92 46.86 28.54
N LEU N 114 16.27 46.17 27.59
CA LEU N 114 17.01 45.63 26.45
C LEU N 114 17.60 46.74 25.59
N LEU N 115 16.87 47.85 25.42
CA LEU N 115 17.40 48.96 24.65
C LEU N 115 18.62 49.57 25.33
N GLU N 116 18.56 49.69 26.66
CA GLU N 116 19.73 50.18 27.39
C GLU N 116 20.91 49.23 27.25
N LEU N 117 20.64 47.92 27.28
CA LEU N 117 21.70 46.93 27.08
C LEU N 117 22.31 47.07 25.69
N HIS N 118 21.48 47.28 24.67
CA HIS N 118 22.00 47.45 23.31
C HIS N 118 22.83 48.71 23.21
N LYS N 119 22.39 49.80 23.86
CA LYS N 119 23.19 51.02 23.86
C LYS N 119 24.55 50.79 24.51
N LEU N 120 24.57 50.06 25.62
CA LEU N 120 25.83 49.74 26.28
C LEU N 120 26.73 48.93 25.34
N ALA N 121 26.17 47.92 24.70
CA ALA N 121 26.97 47.09 23.79
C ALA N 121 27.52 47.92 22.64
N THR N 122 26.71 48.83 22.09
CA THR N 122 27.20 49.70 21.04
C THR N 122 28.34 50.59 21.53
N ASP N 123 28.21 51.12 22.75
CA ASP N 123 29.26 51.98 23.29
CA ASP N 123 29.25 51.99 23.30
C ASP N 123 30.56 51.23 23.48
N LYS N 124 30.49 49.94 23.82
CA LYS N 124 31.67 49.12 24.02
C LYS N 124 32.13 48.43 22.74
N ASN N 125 31.53 48.77 21.60
CA ASN N 125 31.93 48.21 20.31
C ASN N 125 31.92 46.67 20.35
N ASP N 126 30.79 46.12 20.82
CA ASP N 126 30.61 44.68 20.89
C ASP N 126 29.57 44.26 19.86
N PRO N 127 29.94 44.14 18.58
CA PRO N 127 28.93 43.83 17.56
C PRO N 127 28.23 42.51 17.77
N HIS N 128 28.91 41.50 18.32
CA HIS N 128 28.25 40.22 18.54
C HIS N 128 27.10 40.37 19.53
N LEU N 129 27.33 41.09 20.62
CA LEU N 129 26.26 41.30 21.61
C LEU N 129 25.12 42.11 21.03
N CYS N 130 25.45 43.16 20.26
CA CYS N 130 24.41 43.95 19.61
C CYS N 130 23.55 43.07 18.70
N ASP N 131 24.20 42.24 17.89
CA ASP N 131 23.46 41.38 16.99
C ASP N 131 22.62 40.37 17.77
N PHE N 132 23.17 39.83 18.85
CA PHE N 132 22.41 38.90 19.69
C PHE N 132 21.12 39.55 20.18
N ILE N 133 21.23 40.76 20.71
CA ILE N 133 20.06 41.47 21.23
C ILE N 133 19.07 41.75 20.11
N GLU N 134 19.57 42.25 18.98
CA GLU N 134 18.68 42.56 17.86
C GLU N 134 17.94 41.31 17.38
N THR N 135 18.67 40.22 17.19
CA THR N 135 18.12 39.05 16.54
C THR N 135 17.14 38.31 17.44
N HIS N 136 17.46 38.20 18.74
CA HIS N 136 16.69 37.33 19.61
C HIS N 136 15.72 38.05 20.53
N TYR N 137 15.84 39.37 20.70
CA TYR N 137 15.03 40.02 21.73
C TYR N 137 14.21 41.21 21.26
N LEU N 138 14.75 42.06 20.40
CA LEU N 138 14.09 43.34 20.14
C LEU N 138 12.77 43.15 19.39
N ASN N 139 12.79 42.38 18.30
CA ASN N 139 11.55 42.19 17.55
C ASN N 139 10.54 41.35 18.34
N GLU N 140 11.01 40.41 19.14
CA GLU N 140 10.11 39.66 20.00
C GLU N 140 9.37 40.61 20.94
N GLN N 141 10.09 41.57 21.52
CA GLN N 141 9.45 42.53 22.41
C GLN N 141 8.46 43.41 21.65
N VAL N 142 8.85 43.87 20.45
CA VAL N 142 7.93 44.71 19.69
C VAL N 142 6.64 43.95 19.39
N LYS N 143 6.77 42.69 18.97
CA LYS N 143 5.58 41.88 18.68
C LYS N 143 4.74 41.66 19.92
N ALA N 144 5.37 41.36 21.06
CA ALA N 144 4.63 41.14 22.29
C ALA N 144 3.87 42.39 22.71
N ILE N 145 4.52 43.54 22.61
CA ILE N 145 3.89 44.80 22.99
C ILE N 145 2.71 45.10 22.07
N LYS N 146 2.89 44.88 20.77
CA LYS N 146 1.79 45.09 19.83
C LYS N 146 0.62 44.18 20.15
N GLU N 147 0.89 42.90 20.42
CA GLU N 147 -0.18 41.97 20.72
C GLU N 147 -0.93 42.37 22.00
N LEU N 148 -0.19 42.74 23.05
CA LEU N 148 -0.84 43.15 24.28
C LEU N 148 -1.65 44.42 24.09
N GLY N 149 -1.15 45.37 23.31
CA GLY N 149 -1.93 46.55 23.00
C GLY N 149 -3.22 46.21 22.27
N ASP N 150 -3.15 45.28 21.32
CA ASP N 150 -4.36 44.85 20.62
C ASP N 150 -5.35 44.23 21.61
N HIS N 151 -4.87 43.38 22.51
CA HIS N 151 -5.75 42.75 23.48
C HIS N 151 -6.42 43.79 24.38
N VAL N 152 -5.64 44.76 24.86
CA VAL N 152 -6.19 45.81 25.71
C VAL N 152 -7.25 46.60 24.95
N THR N 153 -6.96 46.96 23.71
CA THR N 153 -7.91 47.71 22.92
C THR N 153 -9.22 46.94 22.77
N ASN N 154 -9.13 45.67 22.42
CA ASN N 154 -10.34 44.88 22.21
C ASN N 154 -11.13 44.73 23.49
N LEU N 155 -10.46 44.45 24.60
CA LEU N 155 -11.17 44.31 25.87
C LEU N 155 -11.85 45.61 26.27
N ARG N 156 -11.17 46.74 26.07
CA ARG N 156 -11.80 48.03 26.38
C ARG N 156 -13.02 48.27 25.51
N LYS N 157 -12.91 48.01 24.21
CA LYS N 157 -14.03 48.25 23.31
C LYS N 157 -15.22 47.36 23.66
N MET N 158 -14.96 46.10 24.01
CA MET N 158 -16.04 45.18 24.35
C MET N 158 -16.78 45.57 25.62
N GLY N 159 -16.22 46.46 26.44
CA GLY N 159 -16.85 46.89 27.66
C GLY N 159 -16.23 46.35 28.94
N ALA N 160 -15.10 45.67 28.87
CA ALA N 160 -14.42 45.21 30.07
C ALA N 160 -13.89 46.40 30.85
N PRO N 161 -13.68 46.25 32.17
CA PRO N 161 -13.87 45.05 32.99
C PRO N 161 -15.27 44.95 33.56
N GLU N 162 -16.09 45.98 33.40
CA GLU N 162 -17.42 45.99 34.01
C GLU N 162 -18.28 44.86 33.47
N SER N 163 -18.25 44.63 32.17
CA SER N 163 -19.04 43.58 31.54
C SER N 163 -18.26 42.28 31.61
N GLY N 164 -18.64 41.41 32.54
CA GLY N 164 -18.01 40.09 32.61
C GLY N 164 -18.26 39.27 31.36
N LEU N 165 -19.35 39.56 30.65
CA LEU N 165 -19.60 38.90 29.38
C LEU N 165 -18.49 39.22 28.38
N ALA N 166 -17.99 40.46 28.40
CA ALA N 166 -16.91 40.84 27.50
C ALA N 166 -15.68 39.99 27.74
N GLU N 167 -15.29 39.81 29.01
CA GLU N 167 -14.10 39.03 29.30
C GLU N 167 -14.32 37.55 28.99
N TYR N 168 -15.52 37.04 29.27
CA TYR N 168 -15.82 35.65 28.91
C TYR N 168 -15.68 35.43 27.41
N LEU N 169 -16.27 36.32 26.61
CA LEU N 169 -16.23 36.14 25.16
C LEU N 169 -14.82 36.37 24.62
N PHE N 170 -14.07 37.30 25.20
CA PHE N 170 -12.68 37.49 24.78
C PHE N 170 -11.86 36.25 25.09
N ASP N 171 -12.08 35.66 26.26
CA ASP N 171 -11.41 34.43 26.61
C ASP N 171 -11.71 33.32 25.60
N LYS N 172 -12.97 33.21 25.20
CA LYS N 172 -13.35 32.14 24.27
CA LYS N 172 -13.35 32.14 24.27
C LYS N 172 -12.81 32.40 22.87
N HIS N 173 -13.00 33.60 22.34
CA HIS N 173 -12.78 33.85 20.91
C HIS N 173 -11.38 34.31 20.56
N THR N 174 -10.75 35.12 21.41
CA THR N 174 -9.40 35.60 21.10
C THR N 174 -8.33 34.67 21.68
N LEU N 175 -8.42 34.36 22.96
CA LEU N 175 -7.42 33.54 23.62
C LEU N 175 -7.70 32.04 23.49
N GLY N 176 -8.87 31.65 22.99
CA GLY N 176 -9.20 30.25 22.86
C GLY N 176 -8.67 29.65 21.56
N THR O 5 -24.96 -11.55 -57.41
CA THR O 5 -23.63 -10.97 -57.04
C THR O 5 -23.72 -10.26 -55.69
N SER O 6 -22.71 -10.50 -54.85
CA SER O 6 -22.67 -9.88 -53.53
C SER O 6 -22.54 -8.37 -53.65
N GLN O 7 -23.22 -7.65 -52.75
CA GLN O 7 -23.15 -6.20 -52.73
C GLN O 7 -21.75 -5.69 -52.39
N VAL O 8 -20.90 -6.52 -51.78
CA VAL O 8 -19.56 -6.11 -51.40
C VAL O 8 -18.50 -6.50 -52.42
N ARG O 9 -18.83 -7.36 -53.38
CA ARG O 9 -17.83 -7.92 -54.26
C ARG O 9 -17.25 -6.85 -55.18
N GLN O 10 -15.93 -6.82 -55.29
CA GLN O 10 -15.25 -5.85 -56.15
C GLN O 10 -13.85 -6.36 -56.44
N ASN O 11 -13.54 -6.54 -57.73
CA ASN O 11 -12.22 -6.97 -58.17
C ASN O 11 -11.86 -8.35 -57.61
N TYR O 12 -12.86 -9.22 -57.48
CA TYR O 12 -12.69 -10.57 -56.95
C TYR O 12 -13.09 -11.57 -58.03
N HIS O 13 -12.10 -12.19 -58.66
CA HIS O 13 -12.35 -13.10 -59.76
C HIS O 13 -12.87 -14.44 -59.26
N GLN O 14 -13.68 -15.09 -60.10
CA GLN O 14 -14.25 -16.39 -59.73
C GLN O 14 -13.15 -17.43 -59.52
N ASP O 15 -12.09 -17.36 -60.33
CA ASP O 15 -10.98 -18.29 -60.17
C ASP O 15 -10.34 -18.13 -58.79
N SER O 16 -10.18 -16.89 -58.33
CA SER O 16 -9.62 -16.66 -57.00
C SER O 16 -10.53 -17.24 -55.92
N GLU O 17 -11.85 -17.09 -56.08
CA GLU O 17 -12.79 -17.64 -55.11
C GLU O 17 -12.66 -19.16 -55.04
N ALA O 18 -12.60 -19.82 -56.20
CA ALA O 18 -12.43 -21.26 -56.21
C ALA O 18 -11.12 -21.68 -55.58
N ALA O 19 -10.03 -20.97 -55.89
CA ALA O 19 -8.74 -21.30 -55.31
C ALA O 19 -8.75 -21.13 -53.80
N ILE O 20 -9.45 -20.11 -53.30
CA ILE O 20 -9.55 -19.92 -51.86
C ILE O 20 -10.29 -21.08 -51.22
N ASN O 21 -11.35 -21.56 -51.87
CA ASN O 21 -12.06 -22.71 -51.33
C ASN O 21 -11.15 -23.94 -51.28
N ARG O 22 -10.37 -24.16 -52.32
CA ARG O 22 -9.42 -25.28 -52.31
C ARG O 22 -8.41 -25.13 -51.19
N GLN O 23 -7.92 -23.91 -50.97
CA GLN O 23 -6.95 -23.68 -49.89
C GLN O 23 -7.57 -23.94 -48.53
N ILE O 24 -8.84 -23.58 -48.36
CA ILE O 24 -9.53 -23.88 -47.11
C ILE O 24 -9.52 -25.37 -46.86
N ASN O 25 -9.86 -26.15 -47.89
CA ASN O 25 -9.86 -27.61 -47.71
C ASN O 25 -8.47 -28.12 -47.37
N LEU O 26 -7.44 -27.58 -48.03
CA LEU O 26 -6.08 -28.04 -47.77
C LEU O 26 -5.66 -27.74 -46.32
N GLU O 27 -6.03 -26.56 -45.81
CA GLU O 27 -5.67 -26.23 -44.43
C GLU O 27 -6.39 -27.14 -43.45
N LEU O 28 -7.67 -27.44 -43.70
CA LEU O 28 -8.38 -28.36 -42.83
C LEU O 28 -7.75 -29.74 -42.86
N TYR O 29 -7.33 -30.18 -44.05
CA TYR O 29 -6.65 -31.48 -44.16
C TYR O 29 -5.35 -31.49 -43.36
N ALA O 30 -4.57 -30.41 -43.45
CA ALA O 30 -3.33 -30.34 -42.68
C ALA O 30 -3.61 -30.40 -41.19
N SER O 31 -4.65 -29.69 -40.73
CA SER O 31 -5.04 -29.78 -39.33
C SER O 31 -5.34 -31.22 -38.93
N TYR O 32 -6.06 -31.93 -39.79
CA TYR O 32 -6.39 -33.33 -39.50
C TYR O 32 -5.12 -34.20 -39.41
N VAL O 33 -4.19 -33.98 -40.33
CA VAL O 33 -2.94 -34.74 -40.30
C VAL O 33 -2.20 -34.50 -38.99
N TYR O 34 -2.12 -33.24 -38.57
CA TYR O 34 -1.40 -32.94 -37.33
C TYR O 34 -2.12 -33.52 -36.13
N LEU O 35 -3.44 -33.56 -36.14
CA LEU O 35 -4.18 -34.20 -35.06
C LEU O 35 -3.83 -35.69 -34.96
N SER O 36 -3.82 -36.37 -36.11
CA SER O 36 -3.44 -37.78 -36.13
C SER O 36 -2.04 -37.96 -35.57
N MET O 37 -1.09 -37.15 -36.03
CA MET O 37 0.27 -37.24 -35.52
C MET O 37 0.30 -37.05 -34.01
N SER O 38 -0.40 -36.03 -33.51
CA SER O 38 -0.36 -35.74 -32.09
C SER O 38 -0.82 -36.94 -31.27
N TYR O 39 -1.91 -37.57 -31.68
CA TYR O 39 -2.39 -38.68 -30.88
C TYR O 39 -1.66 -39.99 -31.18
N TYR O 40 -0.81 -40.04 -32.21
CA TYR O 40 0.11 -41.16 -32.32
C TYR O 40 1.13 -41.16 -31.18
N PHE O 41 1.68 -39.99 -30.86
CA PHE O 41 2.69 -39.89 -29.81
C PHE O 41 2.09 -39.95 -28.42
N ASP O 42 0.77 -39.93 -28.29
CA ASP O 42 0.09 -40.15 -27.02
C ASP O 42 -0.14 -41.63 -26.73
N ARG O 43 0.18 -42.52 -27.67
CA ARG O 43 0.02 -43.95 -27.44
C ARG O 43 0.96 -44.42 -26.34
N ASP O 44 0.51 -45.44 -25.60
CA ASP O 44 1.31 -45.95 -24.50
C ASP O 44 2.61 -46.60 -24.97
N ASP O 45 2.65 -47.10 -26.20
CA ASP O 45 3.86 -47.70 -26.75
C ASP O 45 4.69 -46.72 -27.57
N VAL O 46 4.37 -45.43 -27.52
CA VAL O 46 5.19 -44.39 -28.13
C VAL O 46 5.59 -43.41 -27.03
N ALA O 47 4.60 -42.76 -26.43
CA ALA O 47 4.75 -42.05 -25.16
C ALA O 47 5.82 -40.97 -25.24
N LEU O 48 5.64 -40.03 -26.16
CA LEU O 48 6.48 -38.83 -26.25
C LEU O 48 5.53 -37.64 -26.12
N LYS O 49 5.35 -37.17 -24.88
CA LYS O 49 4.29 -36.20 -24.60
C LYS O 49 4.54 -34.88 -25.33
N ASN O 50 5.80 -34.43 -25.41
CA ASN O 50 6.05 -33.13 -26.00
C ASN O 50 5.92 -33.16 -27.52
N PHE O 51 6.24 -34.28 -28.16
CA PHE O 51 5.90 -34.44 -29.56
C PHE O 51 4.39 -34.31 -29.77
N ALA O 52 3.61 -34.96 -28.92
CA ALA O 52 2.16 -34.87 -29.02
C ALA O 52 1.69 -33.45 -28.86
N LYS O 53 2.22 -32.73 -27.87
CA LYS O 53 1.81 -31.35 -27.66
CA LYS O 53 1.81 -31.35 -27.66
C LYS O 53 2.19 -30.48 -28.86
N TYR O 54 3.40 -30.67 -29.39
CA TYR O 54 3.83 -29.89 -30.55
C TYR O 54 2.86 -30.07 -31.71
N PHE O 55 2.53 -31.32 -32.04
CA PHE O 55 1.69 -31.54 -33.20
C PHE O 55 0.24 -31.13 -32.94
N LEU O 56 -0.24 -31.22 -31.69
CA LEU O 56 -1.57 -30.70 -31.40
C LEU O 56 -1.62 -29.19 -31.60
N HIS O 57 -0.57 -28.49 -31.16
CA HIS O 57 -0.50 -27.05 -31.40
C HIS O 57 -0.53 -26.75 -32.89
N GLN O 58 0.23 -27.52 -33.68
CA GLN O 58 0.23 -27.31 -35.13
C GLN O 58 -1.17 -27.54 -35.71
N SER O 59 -1.87 -28.55 -35.23
CA SER O 59 -3.22 -28.83 -35.72
C SER O 59 -4.14 -27.64 -35.47
N HIS O 60 -4.09 -27.10 -34.25
CA HIS O 60 -4.94 -25.96 -33.94
C HIS O 60 -4.57 -24.74 -34.78
N GLU O 61 -3.28 -24.53 -35.01
CA GLU O 61 -2.86 -23.42 -35.87
C GLU O 61 -3.40 -23.59 -37.28
N GLU O 62 -3.37 -24.81 -37.81
CA GLU O 62 -3.91 -25.04 -39.15
C GLU O 62 -5.41 -24.72 -39.19
N ARG O 63 -6.14 -25.11 -38.15
CA ARG O 63 -7.56 -24.76 -38.09
CA ARG O 63 -7.55 -24.76 -38.10
C ARG O 63 -7.74 -23.25 -38.12
N GLU O 64 -6.90 -22.52 -37.38
CA GLU O 64 -6.99 -21.06 -37.38
CA GLU O 64 -6.99 -21.06 -37.38
C GLU O 64 -6.75 -20.51 -38.78
N HIS O 65 -5.77 -21.06 -39.49
CA HIS O 65 -5.51 -20.60 -40.86
C HIS O 65 -6.72 -20.82 -41.76
N ALA O 66 -7.34 -22.00 -41.65
CA ALA O 66 -8.52 -22.27 -42.46
C ALA O 66 -9.63 -21.27 -42.14
N GLU O 67 -9.84 -20.99 -40.85
CA GLU O 67 -10.90 -20.05 -40.48
C GLU O 67 -10.61 -18.65 -41.00
N LYS O 68 -9.34 -18.24 -40.99
CA LYS O 68 -8.99 -16.94 -41.55
C LYS O 68 -9.29 -16.89 -43.04
N LEU O 69 -9.02 -17.98 -43.75
CA LEU O 69 -9.36 -18.02 -45.18
C LEU O 69 -10.87 -17.91 -45.39
N MET O 70 -11.66 -18.59 -44.55
CA MET O 70 -13.11 -18.48 -44.68
C MET O 70 -13.57 -17.04 -44.43
N LYS O 71 -12.99 -16.39 -43.42
CA LYS O 71 -13.31 -14.99 -43.17
C LYS O 71 -12.97 -14.13 -44.37
N LEU O 72 -11.81 -14.38 -44.99
CA LEU O 72 -11.44 -13.64 -46.20
C LEU O 72 -12.47 -13.85 -47.30
N GLN O 73 -12.87 -15.10 -47.51
CA GLN O 73 -13.85 -15.40 -48.55
C GLN O 73 -15.11 -14.58 -48.33
N ASN O 74 -15.60 -14.51 -47.09
CA ASN O 74 -16.80 -13.72 -46.84
C ASN O 74 -16.54 -12.23 -46.99
N GLN O 75 -15.36 -11.76 -46.58
CA GLN O 75 -15.05 -10.34 -46.69
C GLN O 75 -15.16 -9.84 -48.12
N ARG O 76 -14.66 -10.64 -49.07
CA ARG O 76 -14.61 -10.24 -50.47
C ARG O 76 -15.89 -10.56 -51.23
N GLY O 77 -16.90 -11.12 -50.56
CA GLY O 77 -18.15 -11.44 -51.23
C GLY O 77 -18.18 -12.77 -51.94
N GLY O 78 -17.16 -13.59 -51.78
CA GLY O 78 -17.22 -14.95 -52.28
C GLY O 78 -18.05 -15.82 -51.37
N ARG O 79 -18.31 -17.05 -51.83
CA ARG O 79 -19.16 -17.98 -51.11
C ARG O 79 -18.38 -19.24 -50.80
N ILE O 80 -18.37 -19.63 -49.53
CA ILE O 80 -17.62 -20.80 -49.08
C ILE O 80 -18.35 -22.06 -49.52
N PHE O 81 -17.62 -22.99 -50.12
CA PHE O 81 -18.13 -24.31 -50.43
C PHE O 81 -17.15 -25.33 -49.85
N LEU O 82 -17.60 -26.07 -48.84
CA LEU O 82 -16.77 -27.03 -48.14
C LEU O 82 -16.83 -28.38 -48.82
N GLN O 83 -15.77 -29.16 -48.65
CA GLN O 83 -15.66 -30.49 -49.22
C GLN O 83 -15.22 -31.46 -48.14
N ASP O 84 -15.25 -32.75 -48.46
CA ASP O 84 -14.78 -33.76 -47.53
C ASP O 84 -13.34 -33.47 -47.12
N ILE O 85 -13.07 -33.64 -45.83
CA ILE O 85 -11.69 -33.62 -45.33
C ILE O 85 -11.18 -35.05 -45.36
N LYS O 86 -10.25 -35.33 -46.27
CA LYS O 86 -9.73 -36.69 -46.41
C LYS O 86 -8.91 -37.08 -45.19
N LYS O 87 -8.96 -38.36 -44.86
CA LYS O 87 -8.20 -38.86 -43.72
C LYS O 87 -6.71 -38.83 -44.05
N PRO O 88 -5.86 -38.73 -43.05
CA PRO O 88 -4.41 -38.73 -43.31
C PRO O 88 -3.98 -40.04 -43.96
N ASP O 89 -2.92 -39.96 -44.77
CA ASP O 89 -2.45 -41.12 -45.51
C ASP O 89 -1.96 -42.22 -44.58
N CYS O 90 -1.43 -41.85 -43.40
CA CYS O 90 -0.84 -42.82 -42.47
C CYS O 90 -1.65 -42.86 -41.18
N ASP O 91 -1.76 -44.06 -40.62
CA ASP O 91 -2.27 -44.23 -39.26
C ASP O 91 -1.16 -44.30 -38.22
N ASP O 92 0.01 -44.81 -38.60
CA ASP O 92 1.15 -45.01 -37.72
C ASP O 92 2.32 -44.22 -38.30
N TRP O 93 2.82 -43.25 -37.53
CA TRP O 93 3.84 -42.33 -38.03
C TRP O 93 5.27 -42.79 -37.74
N GLU O 94 5.43 -43.85 -36.96
CA GLU O 94 6.62 -44.69 -36.83
CA GLU O 94 6.61 -44.70 -36.82
C GLU O 94 7.76 -44.06 -36.03
N SER O 95 7.75 -42.76 -35.76
CA SER O 95 8.82 -42.18 -34.95
C SER O 95 8.64 -40.67 -34.92
N GLY O 96 9.39 -40.02 -34.03
CA GLY O 96 9.44 -38.57 -34.04
C GLY O 96 10.11 -38.03 -35.28
N LEU O 97 11.22 -38.64 -35.70
CA LEU O 97 11.92 -38.16 -36.89
C LEU O 97 11.06 -38.32 -38.14
N ASN O 98 10.42 -39.47 -38.29
CA ASN O 98 9.56 -39.68 -39.46
C ASN O 98 8.39 -38.70 -39.46
N ALA O 99 7.80 -38.46 -38.28
CA ALA O 99 6.71 -37.49 -38.20
C ALA O 99 7.18 -36.10 -38.58
N MET O 100 8.38 -35.71 -38.12
CA MET O 100 8.91 -34.39 -38.49
C MET O 100 9.14 -34.30 -39.99
N GLU O 101 9.68 -35.36 -40.59
CA GLU O 101 9.88 -35.34 -42.04
C GLU O 101 8.55 -35.25 -42.80
N CYS O 102 7.54 -35.98 -42.33
CA CYS O 102 6.23 -35.89 -42.95
C CYS O 102 5.64 -34.50 -42.81
N ALA O 103 5.81 -33.88 -41.63
CA ALA O 103 5.33 -32.52 -41.43
C ALA O 103 6.06 -31.54 -42.35
N LEU O 104 7.36 -31.74 -42.53
CA LEU O 104 8.11 -30.87 -43.45
C LEU O 104 7.55 -31.00 -44.87
N HIS O 105 7.31 -32.24 -45.31
CA HIS O 105 6.71 -32.46 -46.63
C HIS O 105 5.36 -31.76 -46.74
N LEU O 106 4.52 -31.91 -45.71
CA LEU O 106 3.20 -31.31 -45.74
C LEU O 106 3.27 -29.79 -45.80
N GLU O 107 4.15 -29.20 -44.99
CA GLU O 107 4.26 -27.74 -44.97
C GLU O 107 4.78 -27.21 -46.29
N LYS O 108 5.69 -27.94 -46.93
CA LYS O 108 6.16 -27.51 -48.25
C LYS O 108 5.06 -27.63 -49.29
N ASN O 109 4.21 -28.66 -49.19
CA ASN O 109 3.07 -28.77 -50.10
C ASN O 109 2.12 -27.60 -49.92
N VAL O 110 1.81 -27.25 -48.68
CA VAL O 110 0.93 -26.12 -48.40
C VAL O 110 1.54 -24.83 -48.93
N ASN O 111 2.86 -24.66 -48.74
CA ASN O 111 3.53 -23.48 -49.24
C ASN O 111 3.43 -23.39 -50.76
N GLN O 112 3.61 -24.52 -51.45
CA GLN O 112 3.49 -24.50 -52.91
C GLN O 112 2.08 -24.10 -53.33
N SER O 113 1.08 -24.61 -52.62
CA SER O 113 -0.29 -24.22 -52.92
C SER O 113 -0.49 -22.71 -52.73
N LEU O 114 0.07 -22.16 -51.65
CA LEU O 114 -0.07 -20.74 -51.40
C LEU O 114 0.64 -19.91 -52.46
N LEU O 115 1.81 -20.39 -52.93
CA LEU O 115 2.52 -19.68 -53.98
C LEU O 115 1.72 -19.69 -55.28
N GLU O 116 1.09 -20.81 -55.60
CA GLU O 116 0.23 -20.85 -56.78
C GLU O 116 -0.96 -19.90 -56.61
N LEU O 117 -1.53 -19.83 -55.41
CA LEU O 117 -2.62 -18.90 -55.16
C LEU O 117 -2.17 -17.46 -55.35
N HIS O 118 -0.97 -17.12 -54.86
CA HIS O 118 -0.45 -15.78 -55.05
C HIS O 118 -0.21 -15.47 -56.52
N LYS O 119 0.30 -16.44 -57.27
CA LYS O 119 0.48 -16.24 -58.70
C LYS O 119 -0.85 -15.97 -59.38
N LEU O 120 -1.88 -16.73 -59.02
CA LEU O 120 -3.21 -16.50 -59.59
C LEU O 120 -3.71 -15.10 -59.25
N ALA O 121 -3.56 -14.68 -57.98
CA ALA O 121 -4.01 -13.36 -57.59
C ALA O 121 -3.27 -12.28 -58.36
N THR O 122 -1.96 -12.45 -58.55
CA THR O 122 -1.19 -11.49 -59.33
C THR O 122 -1.70 -11.42 -60.77
N ASP O 123 -1.98 -12.59 -61.35
CA ASP O 123 -2.46 -12.61 -62.73
CA ASP O 123 -2.46 -12.61 -62.74
C ASP O 123 -3.80 -11.90 -62.88
N LYS O 124 -4.65 -11.98 -61.85
CA LYS O 124 -5.96 -11.34 -61.88
C LYS O 124 -5.91 -9.91 -61.34
N ASN O 125 -4.73 -9.37 -61.06
CA ASN O 125 -4.58 -8.00 -60.59
C ASN O 125 -5.43 -7.76 -59.34
N ASP O 126 -5.30 -8.64 -58.36
CA ASP O 126 -6.02 -8.54 -57.10
C ASP O 126 -5.03 -8.19 -55.99
N PRO O 127 -4.62 -6.93 -55.87
CA PRO O 127 -3.59 -6.59 -54.86
C PRO O 127 -4.00 -6.89 -53.44
N HIS O 128 -5.29 -6.78 -53.10
CA HIS O 128 -5.71 -7.08 -51.74
C HIS O 128 -5.45 -8.56 -51.41
N LEU O 129 -5.79 -9.46 -52.33
CA LEU O 129 -5.56 -10.88 -52.09
C LEU O 129 -4.07 -11.19 -52.02
N CYS O 130 -3.28 -10.59 -52.91
CA CYS O 130 -1.83 -10.78 -52.84
C CYS O 130 -1.28 -10.35 -51.49
N ASP O 131 -1.71 -9.17 -51.02
CA ASP O 131 -1.23 -8.68 -49.75
C ASP O 131 -1.69 -9.57 -48.61
N PHE O 132 -2.92 -10.06 -48.66
CA PHE O 132 -3.41 -10.98 -47.65
C PHE O 132 -2.52 -12.22 -47.55
N ILE O 133 -2.22 -12.82 -48.71
CA ILE O 133 -1.39 -14.02 -48.73
C ILE O 133 0.01 -13.71 -48.21
N GLU O 134 0.60 -12.61 -48.66
CA GLU O 134 1.94 -12.25 -48.22
C GLU O 134 1.98 -12.03 -46.71
N THR O 135 1.02 -11.28 -46.19
CA THR O 135 1.07 -10.83 -44.81
C THR O 135 0.78 -11.97 -43.84
N HIS O 136 -0.19 -12.81 -44.15
CA HIS O 136 -0.67 -13.79 -43.18
C HIS O 136 -0.17 -15.21 -43.42
N TYR O 137 0.39 -15.51 -44.59
CA TYR O 137 0.68 -16.93 -44.86
C TYR O 137 2.10 -17.23 -45.29
N LEU O 138 2.72 -16.38 -46.13
CA LEU O 138 3.99 -16.77 -46.74
C LEU O 138 5.12 -16.86 -45.71
N ASN O 139 5.28 -15.82 -44.89
CA ASN O 139 6.35 -15.86 -43.91
C ASN O 139 6.09 -16.90 -42.84
N GLU O 140 4.83 -17.12 -42.47
CA GLU O 140 4.52 -18.18 -41.52
C GLU O 140 4.98 -19.53 -42.06
N GLN O 141 4.73 -19.78 -43.35
CA GLN O 141 5.18 -21.04 -43.95
C GLN O 141 6.70 -21.13 -43.98
N VAL O 142 7.38 -20.04 -44.33
CA VAL O 142 8.84 -20.08 -44.36
C VAL O 142 9.39 -20.40 -42.98
N LYS O 143 8.85 -19.75 -41.94
CA LYS O 143 9.30 -20.02 -40.59
C LYS O 143 9.01 -21.45 -40.18
N ALA O 144 7.82 -21.97 -40.49
CA ALA O 144 7.50 -23.34 -40.12
C ALA O 144 8.41 -24.33 -40.81
N ILE O 145 8.70 -24.11 -42.09
CA ILE O 145 9.58 -25.00 -42.83
C ILE O 145 10.99 -24.96 -42.24
N LYS O 146 11.48 -23.77 -41.92
CA LYS O 146 12.81 -23.66 -41.32
C LYS O 146 12.86 -24.38 -39.98
N GLU O 147 11.83 -24.21 -39.15
CA GLU O 147 11.81 -24.88 -37.85
C GLU O 147 11.80 -26.39 -38.00
N LEU O 148 10.97 -26.90 -38.91
CA LEU O 148 10.91 -28.35 -39.11
C LEU O 148 12.23 -28.88 -39.66
N GLY O 149 12.86 -28.15 -40.56
CA GLY O 149 14.18 -28.56 -41.03
C GLY O 149 15.20 -28.61 -39.91
N ASP O 150 15.17 -27.62 -39.02
CA ASP O 150 16.06 -27.64 -37.86
C ASP O 150 15.81 -28.87 -37.00
N HIS O 151 14.53 -29.18 -36.74
CA HIS O 151 14.20 -30.34 -35.92
C HIS O 151 14.70 -31.63 -36.57
N VAL O 152 14.47 -31.77 -37.87
CA VAL O 152 14.93 -32.97 -38.58
C VAL O 152 16.44 -33.09 -38.50
N THR O 153 17.15 -31.97 -38.72
CA THR O 153 18.61 -32.01 -38.65
C THR O 153 19.08 -32.46 -37.27
N ASN O 154 18.51 -31.88 -36.22
CA ASN O 154 18.95 -32.23 -34.87
C ASN O 154 18.65 -33.69 -34.55
N LEU O 155 17.46 -34.17 -34.92
CA LEU O 155 17.12 -35.56 -34.64
C LEU O 155 18.05 -36.51 -35.40
N ARG O 156 18.36 -36.19 -36.65
CA ARG O 156 19.29 -37.03 -37.41
C ARG O 156 20.67 -37.04 -36.77
N LYS O 157 21.16 -35.87 -36.37
CA LYS O 157 22.49 -35.80 -35.78
C LYS O 157 22.56 -36.57 -34.47
N MET O 158 21.51 -36.47 -33.65
CA MET O 158 21.48 -37.17 -32.37
C MET O 158 21.45 -38.68 -32.51
N GLY O 159 21.14 -39.20 -33.70
CA GLY O 159 21.10 -40.63 -33.91
C GLY O 159 19.72 -41.23 -34.06
N ALA O 160 18.67 -40.41 -34.12
CA ALA O 160 17.33 -40.93 -34.35
C ALA O 160 17.23 -41.50 -35.76
N PRO O 161 16.28 -42.42 -36.00
CA PRO O 161 15.29 -42.97 -35.08
C PRO O 161 15.78 -44.20 -34.32
N GLU O 162 16.97 -44.70 -34.68
CA GLU O 162 17.46 -45.94 -34.08
C GLU O 162 17.67 -45.77 -32.58
N SER O 163 18.25 -44.64 -32.16
CA SER O 163 18.51 -44.37 -30.75
C SER O 163 17.24 -43.76 -30.15
N GLY O 164 16.50 -44.55 -29.38
CA GLY O 164 15.35 -44.01 -28.68
C GLY O 164 15.74 -42.98 -27.65
N LEU O 165 16.97 -43.06 -27.14
CA LEU O 165 17.47 -42.03 -26.24
C LEU O 165 17.51 -40.68 -26.93
N ALA O 166 17.86 -40.65 -28.22
CA ALA O 166 17.89 -39.40 -28.95
C ALA O 166 16.52 -38.75 -28.98
N GLU O 167 15.48 -39.53 -29.29
CA GLU O 167 14.15 -38.95 -29.37
C GLU O 167 13.63 -38.55 -27.99
N TYR O 168 13.94 -39.34 -26.97
CA TYR O 168 13.57 -38.96 -25.60
C TYR O 168 14.18 -37.61 -25.22
N LEU O 169 15.49 -37.46 -25.46
CA LEU O 169 16.17 -36.23 -25.08
C LEU O 169 15.72 -35.05 -25.93
N PHE O 170 15.44 -35.29 -27.22
CA PHE O 170 14.91 -34.21 -28.06
C PHE O 170 13.54 -33.78 -27.57
N ASP O 171 12.70 -34.74 -27.18
CA ASP O 171 11.40 -34.42 -26.62
C ASP O 171 11.55 -33.56 -25.36
N LYS O 172 12.50 -33.91 -24.50
CA LYS O 172 12.66 -33.17 -23.25
CA LYS O 172 12.66 -33.16 -23.25
C LYS O 172 13.22 -31.77 -23.49
N HIS O 173 14.30 -31.67 -24.27
CA HIS O 173 15.09 -30.44 -24.32
C HIS O 173 14.66 -29.47 -25.41
N THR O 174 14.27 -29.96 -26.58
CA THR O 174 13.86 -29.06 -27.65
C THR O 174 12.36 -28.76 -27.60
N LEU O 175 11.53 -29.81 -27.52
CA LEU O 175 10.09 -29.62 -27.54
C LEU O 175 9.50 -29.39 -26.14
N GLY O 176 10.29 -29.55 -25.09
CA GLY O 176 9.80 -29.36 -23.74
C GLY O 176 9.86 -27.92 -23.31
N THR P 5 -51.14 -23.77 29.49
CA THR P 5 -50.89 -22.39 28.98
C THR P 5 -49.40 -22.07 28.99
N SER P 6 -48.93 -21.49 27.89
CA SER P 6 -47.53 -21.13 27.77
C SER P 6 -47.13 -20.09 28.82
N GLN P 7 -45.92 -20.23 29.35
CA GLN P 7 -45.42 -19.28 30.33
C GLN P 7 -45.22 -17.89 29.75
N VAL P 8 -45.14 -17.77 28.42
CA VAL P 8 -44.92 -16.47 27.78
C VAL P 8 -46.22 -15.84 27.30
N ARG P 9 -47.32 -16.58 27.26
CA ARG P 9 -48.54 -16.07 26.64
C ARG P 9 -49.13 -14.92 27.44
N GLN P 10 -49.51 -13.86 26.74
CA GLN P 10 -50.09 -12.68 27.38
C GLN P 10 -50.83 -11.88 26.32
N ASN P 11 -52.14 -11.68 26.53
CA ASN P 11 -52.97 -10.88 25.63
C ASN P 11 -53.00 -11.49 24.22
N TYR P 12 -52.98 -12.82 24.15
CA TYR P 12 -53.00 -13.53 22.87
C TYR P 12 -54.25 -14.41 22.84
N HIS P 13 -55.25 -13.98 22.07
CA HIS P 13 -56.53 -14.67 22.02
C HIS P 13 -56.43 -15.94 21.18
N GLN P 14 -57.24 -16.94 21.53
CA GLN P 14 -57.24 -18.19 20.79
C GLN P 14 -57.64 -17.99 19.33
N ASP P 15 -58.58 -17.07 19.08
CA ASP P 15 -58.98 -16.77 17.71
C ASP P 15 -57.80 -16.25 16.90
N SER P 16 -56.99 -15.38 17.51
CA SER P 16 -55.79 -14.88 16.82
C SER P 16 -54.83 -16.01 16.50
N GLU P 17 -54.65 -16.94 17.45
CA GLU P 17 -53.80 -18.10 17.22
C GLU P 17 -54.27 -18.90 16.01
N ALA P 18 -55.58 -19.19 15.96
CA ALA P 18 -56.12 -19.95 14.85
C ALA P 18 -55.95 -19.20 13.53
N ALA P 19 -56.21 -17.90 13.54
CA ALA P 19 -56.08 -17.11 12.32
C ALA P 19 -54.63 -17.10 11.85
N ILE P 20 -53.68 -17.05 12.77
CA ILE P 20 -52.27 -17.09 12.39
C ILE P 20 -51.94 -18.42 11.74
N ASN P 21 -52.46 -19.52 12.27
CA ASN P 21 -52.22 -20.81 11.64
C ASN P 21 -52.79 -20.85 10.23
N ARG P 22 -54.00 -20.30 10.04
CA ARG P 22 -54.58 -20.24 8.71
C ARG P 22 -53.71 -19.41 7.77
N GLN P 23 -53.19 -18.30 8.25
CA GLN P 23 -52.33 -17.46 7.42
C GLN P 23 -51.05 -18.17 7.04
N ILE P 24 -50.49 -18.96 7.97
CA ILE P 24 -49.31 -19.75 7.65
C ILE P 24 -49.61 -20.68 6.49
N ASN P 25 -50.75 -21.36 6.55
CA ASN P 25 -51.09 -22.27 5.46
C ASN P 25 -51.26 -21.51 4.15
N LEU P 26 -51.89 -20.34 4.20
CA LEU P 26 -52.09 -19.56 2.98
C LEU P 26 -50.76 -19.13 2.36
N GLU P 27 -49.81 -18.71 3.19
CA GLU P 27 -48.51 -18.30 2.66
C GLU P 27 -47.76 -19.48 2.04
N LEU P 28 -47.84 -20.65 2.68
CA LEU P 28 -47.20 -21.83 2.09
C LEU P 28 -47.85 -22.17 0.76
N TYR P 29 -49.18 -22.06 0.67
CA TYR P 29 -49.87 -22.32 -0.59
C TYR P 29 -49.42 -21.34 -1.67
N ALA P 30 -49.29 -20.06 -1.32
CA ALA P 30 -48.83 -19.08 -2.29
C ALA P 30 -47.42 -19.41 -2.79
N SER P 31 -46.54 -19.81 -1.86
CA SER P 31 -45.20 -20.24 -2.27
C SER P 31 -45.28 -21.39 -3.27
N TYR P 32 -46.16 -22.36 -3.02
CA TYR P 32 -46.31 -23.48 -3.93
C TYR P 32 -46.79 -23.04 -5.30
N VAL P 33 -47.75 -22.12 -5.33
CA VAL P 33 -48.27 -21.60 -6.60
C VAL P 33 -47.15 -20.94 -7.39
N TYR P 34 -46.34 -20.13 -6.71
CA TYR P 34 -45.26 -19.44 -7.41
C TYR P 34 -44.21 -20.42 -7.91
N LEU P 35 -43.95 -21.50 -7.15
CA LEU P 35 -43.03 -22.53 -7.62
C LEU P 35 -43.54 -23.17 -8.91
N SER P 36 -44.82 -23.52 -8.93
CA SER P 36 -45.42 -24.08 -10.14
C SER P 36 -45.26 -23.13 -11.32
N MET P 37 -45.60 -21.85 -11.10
CA MET P 37 -45.45 -20.87 -12.17
C MET P 37 -44.01 -20.81 -12.66
N SER P 38 -43.06 -20.76 -11.74
CA SER P 38 -41.66 -20.61 -12.13
C SER P 38 -41.23 -21.75 -13.03
N TYR P 39 -41.59 -22.98 -12.68
CA TYR P 39 -41.14 -24.08 -13.52
C TYR P 39 -42.03 -24.30 -14.74
N TYR P 40 -43.17 -23.62 -14.85
CA TYR P 40 -43.85 -23.58 -16.14
C TYR P 40 -43.03 -22.82 -17.18
N PHE P 41 -42.45 -21.70 -16.80
CA PHE P 41 -41.67 -20.89 -17.74
C PHE P 41 -40.29 -21.47 -18.00
N ASP P 42 -39.88 -22.51 -17.28
CA ASP P 42 -38.66 -23.22 -17.55
C ASP P 42 -38.85 -24.34 -18.58
N ARG P 43 -40.08 -24.60 -19.01
CA ARG P 43 -40.34 -25.61 -20.02
C ARG P 43 -39.69 -25.22 -21.35
N ASP P 44 -39.28 -26.23 -22.11
CA ASP P 44 -38.62 -25.97 -23.38
C ASP P 44 -39.55 -25.33 -24.40
N ASP P 45 -40.86 -25.54 -24.28
CA ASP P 45 -41.83 -24.94 -25.18
C ASP P 45 -42.41 -23.63 -24.65
N VAL P 46 -41.85 -23.10 -23.57
CA VAL P 46 -42.22 -21.78 -23.06
C VAL P 46 -40.95 -20.92 -23.05
N ALA P 47 -39.97 -21.33 -22.25
CA ALA P 47 -38.61 -20.84 -22.35
C ALA P 47 -38.53 -19.32 -22.18
N LEU P 48 -39.01 -18.85 -21.03
CA LEU P 48 -38.86 -17.45 -20.63
C LEU P 48 -38.13 -17.46 -19.29
N LYS P 49 -36.80 -17.38 -19.36
CA LYS P 49 -35.97 -17.62 -18.17
C LYS P 49 -36.22 -16.58 -17.09
N ASN P 50 -36.40 -15.32 -17.47
CA ASN P 50 -36.54 -14.28 -16.46
C ASN P 50 -37.92 -14.33 -15.79
N PHE P 51 -38.95 -14.74 -16.51
CA PHE P 51 -40.23 -15.03 -15.85
C PHE P 51 -40.05 -16.11 -14.80
N ALA P 52 -39.33 -17.18 -15.16
CA ALA P 52 -39.09 -18.26 -14.21
C ALA P 52 -38.34 -17.76 -12.98
N LYS P 53 -37.30 -16.95 -13.19
CA LYS P 53 -36.55 -16.43 -12.05
CA LYS P 53 -36.55 -16.42 -12.06
C LYS P 53 -37.42 -15.54 -11.17
N TYR P 54 -38.23 -14.68 -11.79
CA TYR P 54 -39.10 -13.80 -11.04
C TYR P 54 -40.03 -14.60 -10.13
N PHE P 55 -40.68 -15.62 -10.70
CA PHE P 55 -41.64 -16.37 -9.89
C PHE P 55 -40.96 -17.26 -8.86
N LEU P 56 -39.76 -17.76 -9.15
CA LEU P 56 -39.02 -18.50 -8.13
C LEU P 56 -38.67 -17.60 -6.95
N HIS P 57 -38.24 -16.37 -7.25
CA HIS P 57 -37.98 -15.42 -6.17
C HIS P 57 -39.23 -15.16 -5.34
N GLN P 58 -40.38 -15.00 -6.00
CA GLN P 58 -41.63 -14.81 -5.27
C GLN P 58 -41.94 -16.01 -4.39
N SER P 59 -41.71 -17.22 -4.90
CA SER P 59 -41.96 -18.42 -4.11
C SER P 59 -41.13 -18.42 -2.83
N HIS P 60 -39.84 -18.12 -2.97
CA HIS P 60 -38.98 -18.11 -1.79
C HIS P 60 -39.40 -17.03 -0.81
N GLU P 61 -39.81 -15.87 -1.32
CA GLU P 61 -40.30 -14.81 -0.44
C GLU P 61 -41.53 -15.26 0.34
N GLU P 62 -42.45 -15.95 -0.33
CA GLU P 62 -43.64 -16.46 0.37
C GLU P 62 -43.25 -17.44 1.47
N ARG P 63 -42.28 -18.31 1.19
CA ARG P 63 -41.81 -19.21 2.25
CA ARG P 63 -41.81 -19.21 2.25
C ARG P 63 -41.27 -18.42 3.43
N GLU P 64 -40.51 -17.35 3.15
CA GLU P 64 -39.98 -16.53 4.24
CA GLU P 64 -39.98 -16.53 4.24
C GLU P 64 -41.12 -15.92 5.06
N HIS P 65 -42.17 -15.45 4.39
CA HIS P 65 -43.31 -14.88 5.12
C HIS P 65 -43.95 -15.93 6.02
N ALA P 66 -44.13 -17.15 5.52
CA ALA P 66 -44.72 -18.21 6.33
C ALA P 66 -43.85 -18.49 7.55
N GLU P 67 -42.53 -18.55 7.36
CA GLU P 67 -41.64 -18.82 8.49
C GLU P 67 -41.69 -17.70 9.51
N LYS P 68 -41.80 -16.46 9.06
CA LYS P 68 -41.93 -15.36 10.01
C LYS P 68 -43.22 -15.48 10.82
N LEU P 69 -44.30 -15.90 10.18
CA LEU P 69 -45.54 -16.11 10.93
C LEU P 69 -45.38 -17.22 11.95
N MET P 70 -44.68 -18.30 11.60
CA MET P 70 -44.45 -19.37 12.57
C MET P 70 -43.62 -18.86 13.76
N LYS P 71 -42.60 -18.06 13.47
CA LYS P 71 -41.83 -17.44 14.54
C LYS P 71 -42.71 -16.59 15.44
N LEU P 72 -43.61 -15.80 14.85
CA LEU P 72 -44.53 -15.01 15.64
C LEU P 72 -45.39 -15.90 16.53
N GLN P 73 -45.94 -16.97 15.96
CA GLN P 73 -46.75 -17.91 16.73
C GLN P 73 -46.01 -18.36 17.97
N ASN P 74 -44.73 -18.77 17.80
CA ASN P 74 -43.98 -19.23 18.96
C ASN P 74 -43.67 -18.10 19.93
N GLN P 75 -43.38 -16.90 19.41
CA GLN P 75 -43.05 -15.77 20.28
C GLN P 75 -44.17 -15.48 21.25
N ARG P 76 -45.41 -15.53 20.79
CA ARG P 76 -46.57 -15.18 21.61
C ARG P 76 -47.10 -16.34 22.43
N GLY P 77 -46.47 -17.51 22.35
CA GLY P 77 -46.91 -18.66 23.11
C GLY P 77 -48.02 -19.46 22.48
N GLY P 78 -48.38 -19.17 21.24
CA GLY P 78 -49.29 -20.04 20.51
C GLY P 78 -48.59 -21.28 20.02
N ARG P 79 -49.38 -22.20 19.48
CA ARG P 79 -48.87 -23.48 19.02
C ARG P 79 -49.21 -23.66 17.55
N ILE P 80 -48.18 -23.96 16.76
CA ILE P 80 -48.33 -24.12 15.32
C ILE P 80 -49.01 -25.44 15.03
N PHE P 81 -50.05 -25.41 14.20
CA PHE P 81 -50.68 -26.62 13.68
C PHE P 81 -50.71 -26.50 12.16
N LEU P 82 -49.94 -27.34 11.49
CA LEU P 82 -49.81 -27.32 10.04
C LEU P 82 -50.90 -28.16 9.40
N GLN P 83 -51.23 -27.82 8.16
CA GLN P 83 -52.24 -28.52 7.39
C GLN P 83 -51.68 -28.83 6.01
N ASP P 84 -52.43 -29.63 5.25
CA ASP P 84 -52.03 -29.93 3.88
C ASP P 84 -51.85 -28.64 3.09
N ILE P 85 -50.79 -28.60 2.28
CA ILE P 85 -50.61 -27.53 1.31
C ILE P 85 -51.25 -28.01 0.01
N LYS P 86 -52.36 -27.40 -0.37
CA LYS P 86 -53.08 -27.82 -1.56
C LYS P 86 -52.27 -27.49 -2.81
N LYS P 87 -52.41 -28.35 -3.82
CA LYS P 87 -51.71 -28.10 -5.06
C LYS P 87 -52.32 -26.91 -5.79
N PRO P 88 -51.54 -26.21 -6.62
CA PRO P 88 -52.09 -25.07 -7.36
C PRO P 88 -53.23 -25.50 -8.26
N ASP P 89 -54.16 -24.57 -8.49
CA ASP P 89 -55.33 -24.87 -9.29
C ASP P 89 -54.98 -25.21 -10.74
N CYS P 90 -53.89 -24.64 -11.26
CA CYS P 90 -53.50 -24.81 -12.65
C CYS P 90 -52.17 -25.54 -12.74
N ASP P 91 -52.03 -26.39 -13.75
CA ASP P 91 -50.75 -26.97 -14.11
C ASP P 91 -50.06 -26.20 -15.22
N ASP P 92 -50.82 -25.58 -16.12
CA ASP P 92 -50.30 -24.84 -17.26
C ASP P 92 -50.82 -23.42 -17.15
N TRP P 93 -49.90 -22.45 -17.10
CA TRP P 93 -50.27 -21.06 -16.83
C TRP P 93 -50.46 -20.24 -18.09
N GLU P 94 -50.15 -20.80 -19.25
CA GLU P 94 -50.58 -20.40 -20.59
CA GLU P 94 -50.57 -20.40 -20.60
C GLU P 94 -49.87 -19.15 -21.13
N SER P 95 -49.17 -18.37 -20.32
CA SER P 95 -48.45 -17.21 -20.85
C SER P 95 -47.87 -16.42 -19.69
N GLY P 96 -46.99 -15.48 -20.03
CA GLY P 96 -46.50 -14.55 -19.04
C GLY P 96 -47.59 -13.62 -18.52
N LEU P 97 -48.41 -13.10 -19.44
CA LEU P 97 -49.49 -12.19 -19.03
C LEU P 97 -50.49 -12.91 -18.13
N ASN P 98 -50.90 -14.12 -18.51
CA ASN P 98 -51.85 -14.86 -17.70
C ASN P 98 -51.27 -15.17 -16.33
N ALA P 99 -50.00 -15.55 -16.28
CA ALA P 99 -49.36 -15.82 -15.00
C ALA P 99 -49.31 -14.57 -14.13
N MET P 100 -49.01 -13.41 -14.73
CA MET P 100 -48.99 -12.18 -13.97
C MET P 100 -50.38 -11.85 -13.43
N GLU P 101 -51.42 -12.04 -14.24
CA GLU P 101 -52.78 -11.80 -13.76
C GLU P 101 -53.15 -12.75 -12.63
N CYS P 102 -52.77 -14.02 -12.74
CA CYS P 102 -53.03 -14.97 -11.66
C CYS P 102 -52.28 -14.58 -10.40
N ALA P 103 -51.03 -14.11 -10.53
CA ALA P 103 -50.28 -13.67 -9.37
C ALA P 103 -50.93 -12.45 -8.73
N LEU P 104 -51.45 -11.53 -9.56
CA LEU P 104 -52.16 -10.37 -9.01
C LEU P 104 -53.37 -10.83 -8.20
N HIS P 105 -54.15 -11.75 -8.75
CA HIS P 105 -55.29 -12.29 -8.03
C HIS P 105 -54.87 -12.92 -6.70
N LEU P 106 -53.81 -13.72 -6.74
CA LEU P 106 -53.33 -14.39 -5.53
C LEU P 106 -52.88 -13.39 -4.49
N GLU P 107 -52.12 -12.37 -4.90
CA GLU P 107 -51.62 -11.39 -3.94
C GLU P 107 -52.75 -10.58 -3.33
N LYS P 108 -53.79 -10.28 -4.12
CA LYS P 108 -54.94 -9.59 -3.56
C LYS P 108 -55.70 -10.48 -2.58
N ASN P 109 -55.78 -11.78 -2.87
CA ASN P 109 -56.42 -12.69 -1.90
C ASN P 109 -55.64 -12.73 -0.60
N VAL P 110 -54.31 -12.82 -0.69
CA VAL P 110 -53.49 -12.83 0.52
C VAL P 110 -53.65 -11.53 1.29
N ASN P 111 -53.69 -10.41 0.56
CA ASN P 111 -53.89 -9.12 1.22
C ASN P 111 -55.22 -9.07 1.95
N GLN P 112 -56.29 -9.58 1.33
CA GLN P 112 -57.58 -9.59 2.00
C GLN P 112 -57.52 -10.43 3.27
N SER P 113 -56.84 -11.58 3.21
CA SER P 113 -56.69 -12.40 4.41
C SER P 113 -55.95 -11.63 5.50
N LEU P 114 -54.89 -10.91 5.13
CA LEU P 114 -54.14 -10.14 6.12
C LEU P 114 -54.98 -9.02 6.72
N LEU P 115 -55.81 -8.38 5.89
CA LEU P 115 -56.68 -7.33 6.41
C LEU P 115 -57.70 -7.89 7.39
N GLU P 116 -58.24 -9.08 7.10
CA GLU P 116 -59.15 -9.71 8.04
C GLU P 116 -58.42 -10.07 9.34
N LEU P 117 -57.18 -10.54 9.22
CA LEU P 117 -56.39 -10.82 10.42
C LEU P 117 -56.17 -9.57 11.25
N HIS P 118 -55.86 -8.45 10.59
CA HIS P 118 -55.67 -7.20 11.32
C HIS P 118 -56.96 -6.75 12.00
N LYS P 119 -58.10 -6.91 11.31
CA LYS P 119 -59.38 -6.57 11.93
C LYS P 119 -59.61 -7.43 13.17
N LEU P 120 -59.33 -8.72 13.08
CA LEU P 120 -59.47 -9.59 14.25
C LEU P 120 -58.57 -9.14 15.39
N ALA P 121 -57.32 -8.83 15.09
CA ALA P 121 -56.39 -8.39 16.12
C ALA P 121 -56.87 -7.10 16.77
N THR P 122 -57.39 -6.17 15.97
CA THR P 122 -57.94 -4.93 16.52
C THR P 122 -59.12 -5.22 17.42
N ASP P 123 -60.00 -6.13 17.01
CA ASP P 123 -61.16 -6.45 17.83
CA ASP P 123 -61.16 -6.45 17.83
C ASP P 123 -60.77 -7.06 19.17
N LYS P 124 -59.68 -7.82 19.20
CA LYS P 124 -59.20 -8.45 20.43
C LYS P 124 -58.21 -7.56 21.19
N ASN P 125 -58.03 -6.32 20.76
CA ASN P 125 -57.14 -5.37 21.44
C ASN P 125 -55.75 -5.96 21.62
N ASP P 126 -55.20 -6.46 20.52
CA ASP P 126 -53.85 -7.02 20.50
C ASP P 126 -52.94 -6.09 19.72
N PRO P 127 -52.46 -5.00 20.33
CA PRO P 127 -51.65 -4.03 19.57
C PRO P 127 -50.36 -4.61 19.02
N HIS P 128 -49.74 -5.58 19.72
CA HIS P 128 -48.51 -6.16 19.19
C HIS P 128 -48.77 -6.88 17.87
N LEU P 129 -49.85 -7.65 17.79
CA LEU P 129 -50.17 -8.37 16.57
C LEU P 129 -50.53 -7.40 15.45
N CYS P 130 -51.30 -6.37 15.77
CA CYS P 130 -51.63 -5.34 14.78
C CYS P 130 -50.36 -4.72 14.21
N ASP P 131 -49.43 -4.34 15.11
CA ASP P 131 -48.19 -3.73 14.65
C ASP P 131 -47.37 -4.69 13.82
N PHE P 132 -47.33 -5.97 14.22
CA PHE P 132 -46.62 -6.98 13.44
C PHE P 132 -47.15 -7.03 12.02
N ILE P 133 -48.48 -7.12 11.88
CA ILE P 133 -49.09 -7.20 10.56
C ILE P 133 -48.80 -5.93 9.75
N GLU P 134 -48.96 -4.77 10.38
CA GLU P 134 -48.72 -3.51 9.67
C GLU P 134 -47.28 -3.42 9.20
N THR P 135 -46.33 -3.73 10.08
CA THR P 135 -44.93 -3.48 9.81
C THR P 135 -44.38 -4.47 8.79
N HIS P 136 -44.77 -5.73 8.87
CA HIS P 136 -44.11 -6.77 8.09
C HIS P 136 -44.92 -7.25 6.88
N TYR P 137 -46.21 -6.92 6.79
CA TYR P 137 -47.00 -7.56 5.74
C TYR P 137 -47.81 -6.59 4.87
N LEU P 138 -48.40 -5.55 5.44
CA LEU P 138 -49.37 -4.76 4.68
C LEU P 138 -48.70 -3.97 3.56
N ASN P 139 -47.62 -3.25 3.86
CA ASN P 139 -46.96 -2.49 2.81
C ASN P 139 -46.30 -3.40 1.80
N GLU P 140 -45.76 -4.54 2.24
CA GLU P 140 -45.20 -5.49 1.29
C GLU P 140 -46.26 -5.92 0.28
N GLN P 141 -47.48 -6.21 0.76
CA GLN P 141 -48.55 -6.60 -0.15
C GLN P 141 -48.93 -5.46 -1.08
N VAL P 142 -49.02 -4.23 -0.55
CA VAL P 142 -49.38 -3.11 -1.42
C VAL P 142 -48.34 -2.94 -2.52
N LYS P 143 -47.06 -3.02 -2.17
CA LYS P 143 -46.00 -2.89 -3.17
C LYS P 143 -46.06 -4.03 -4.19
N ALA P 144 -46.28 -5.26 -3.73
CA ALA P 144 -46.34 -6.39 -4.65
C ALA P 144 -47.51 -6.23 -5.62
N ILE P 145 -48.67 -5.81 -5.11
CA ILE P 145 -49.84 -5.63 -5.96
C ILE P 145 -49.59 -4.54 -6.98
N LYS P 146 -48.99 -3.43 -6.55
CA LYS P 146 -48.68 -2.35 -7.49
C LYS P 146 -47.72 -2.82 -8.57
N GLU P 147 -46.68 -3.56 -8.19
CA GLU P 147 -45.72 -4.05 -9.17
C GLU P 147 -46.38 -4.99 -10.17
N LEU P 148 -47.21 -5.91 -9.69
CA LEU P 148 -47.88 -6.84 -10.60
C LEU P 148 -48.85 -6.10 -11.52
N GLY P 149 -49.55 -5.10 -11.00
CA GLY P 149 -50.40 -4.29 -11.86
C GLY P 149 -49.61 -3.59 -12.95
N ASP P 150 -48.45 -3.04 -12.59
CA ASP P 150 -47.59 -2.42 -13.59
C ASP P 150 -47.18 -3.42 -14.66
N HIS P 151 -46.78 -4.62 -14.24
CA HIS P 151 -46.36 -5.64 -15.20
C HIS P 151 -47.51 -6.00 -16.14
N VAL P 152 -48.70 -6.20 -15.58
CA VAL P 152 -49.85 -6.55 -16.42
C VAL P 152 -50.15 -5.44 -17.41
N THR P 153 -50.11 -4.18 -16.94
CA THR P 153 -50.37 -3.06 -17.83
C THR P 153 -49.38 -3.04 -18.98
N ASN P 154 -48.08 -3.19 -18.67
CA ASN P 154 -47.08 -3.12 -19.72
C ASN P 154 -47.22 -4.28 -20.70
N LEU P 155 -47.46 -5.49 -20.21
CA LEU P 155 -47.63 -6.63 -21.11
C LEU P 155 -48.84 -6.44 -22.01
N ARG P 156 -49.94 -5.93 -21.46
CA ARG P 156 -51.12 -5.68 -22.29
C ARG P 156 -50.84 -4.63 -23.35
N LYS P 157 -50.18 -3.54 -22.97
CA LYS P 157 -49.89 -2.48 -23.93
C LYS P 157 -48.98 -2.98 -25.04
N MET P 158 -47.98 -3.79 -24.70
CA MET P 158 -47.04 -4.29 -25.69
C MET P 158 -47.69 -5.26 -26.68
N GLY P 159 -48.89 -5.75 -26.40
CA GLY P 159 -49.58 -6.65 -27.30
C GLY P 159 -49.63 -8.10 -26.86
N ALA P 160 -49.17 -8.41 -25.65
CA ALA P 160 -49.27 -9.77 -25.14
C ALA P 160 -50.74 -10.14 -24.92
N PRO P 161 -51.06 -11.43 -24.93
CA PRO P 161 -50.19 -12.60 -25.12
C PRO P 161 -50.05 -13.01 -26.58
N GLU P 162 -50.81 -12.38 -27.47
CA GLU P 162 -50.77 -12.78 -28.87
C GLU P 162 -49.39 -12.58 -29.48
N SER P 163 -48.76 -11.47 -29.18
CA SER P 163 -47.43 -11.15 -29.71
C SER P 163 -46.40 -11.79 -28.79
N GLY P 164 -45.82 -12.92 -29.22
CA GLY P 164 -44.75 -13.53 -28.46
C GLY P 164 -43.53 -12.63 -28.37
N LEU P 165 -43.35 -11.75 -29.35
CA LEU P 165 -42.28 -10.77 -29.28
C LEU P 165 -42.44 -9.88 -28.06
N ALA P 166 -43.68 -9.51 -27.74
CA ALA P 166 -43.94 -8.67 -26.57
C ALA P 166 -43.45 -9.35 -25.30
N GLU P 167 -43.78 -10.63 -25.11
CA GLU P 167 -43.36 -11.32 -23.90
C GLU P 167 -41.85 -11.54 -23.88
N TYR P 168 -41.26 -11.84 -25.04
CA TYR P 168 -39.80 -11.97 -25.10
C TYR P 168 -39.11 -10.69 -24.66
N LEU P 169 -39.57 -9.54 -25.21
CA LEU P 169 -38.92 -8.28 -24.89
C LEU P 169 -39.20 -7.86 -23.44
N PHE P 170 -40.39 -8.16 -22.94
CA PHE P 170 -40.68 -7.88 -21.53
C PHE P 170 -39.78 -8.71 -20.62
N ASP P 171 -39.59 -9.98 -20.97
CA ASP P 171 -38.69 -10.83 -20.22
C ASP P 171 -37.28 -10.26 -20.20
N LYS P 172 -36.80 -9.77 -21.35
CA LYS P 172 -35.44 -9.25 -21.42
CA LYS P 172 -35.44 -9.25 -21.42
C LYS P 172 -35.30 -7.93 -20.67
N HIS P 173 -36.21 -6.98 -20.90
CA HIS P 173 -35.99 -5.60 -20.48
C HIS P 173 -36.57 -5.28 -19.11
N THR P 174 -37.72 -5.84 -18.74
CA THR P 174 -38.29 -5.55 -17.43
C THR P 174 -37.82 -6.55 -16.38
N LEU P 175 -37.94 -7.85 -16.66
CA LEU P 175 -37.58 -8.88 -15.69
C LEU P 175 -36.11 -9.26 -15.75
N GLY P 176 -35.37 -8.79 -16.75
CA GLY P 176 -33.97 -9.13 -16.87
C GLY P 176 -33.08 -8.22 -16.05
N THR Q 5 -35.91 52.55 -0.87
CA THR Q 5 -35.01 51.99 -1.92
C THR Q 5 -33.89 51.18 -1.28
N SER Q 6 -33.63 50.01 -1.86
CA SER Q 6 -32.58 49.14 -1.35
C SER Q 6 -31.21 49.79 -1.48
N GLN Q 7 -30.36 49.57 -0.47
CA GLN Q 7 -29.01 50.13 -0.49
C GLN Q 7 -28.16 49.54 -1.61
N VAL Q 8 -28.54 48.38 -2.16
CA VAL Q 8 -27.77 47.74 -3.22
C VAL Q 8 -28.30 48.06 -4.61
N ARG Q 9 -29.50 48.63 -4.72
CA ARG Q 9 -30.14 48.78 -6.02
C ARG Q 9 -29.37 49.77 -6.88
N GLN Q 10 -29.16 49.41 -8.14
CA GLN Q 10 -28.45 50.28 -9.08
C GLN Q 10 -28.76 49.82 -10.49
N ASN Q 11 -29.32 50.72 -11.31
CA ASN Q 11 -29.63 50.43 -12.70
C ASN Q 11 -30.61 49.26 -12.83
N TYR Q 12 -31.55 49.17 -11.89
CA TYR Q 12 -32.56 48.11 -11.87
C TYR Q 12 -33.93 48.76 -11.97
N HIS Q 13 -34.55 48.67 -13.14
CA HIS Q 13 -35.82 49.32 -13.39
C HIS Q 13 -36.97 48.56 -12.75
N GLN Q 14 -38.02 49.29 -12.37
CA GLN Q 14 -39.17 48.66 -11.74
C GLN Q 14 -39.85 47.66 -12.68
N ASP Q 15 -39.87 47.98 -13.98
CA ASP Q 15 -40.45 47.05 -14.95
C ASP Q 15 -39.69 45.74 -14.97
N SER Q 16 -38.36 45.79 -14.88
CA SER Q 16 -37.56 44.58 -14.84
C SER Q 16 -37.88 43.77 -13.58
N GLU Q 17 -38.04 44.45 -12.45
CA GLU Q 17 -38.41 43.78 -11.20
C GLU Q 17 -39.73 43.03 -11.36
N ALA Q 18 -40.74 43.71 -11.91
CA ALA Q 18 -42.04 43.07 -12.10
C ALA Q 18 -41.94 41.89 -13.06
N ALA Q 19 -41.19 42.04 -14.15
CA ALA Q 19 -41.03 40.95 -15.11
C ALA Q 19 -40.33 39.76 -14.47
N ILE Q 20 -39.36 40.01 -13.60
CA ILE Q 20 -38.68 38.92 -12.91
C ILE Q 20 -39.66 38.17 -12.00
N ASN Q 21 -40.53 38.91 -11.31
CA ASN Q 21 -41.52 38.23 -10.48
C ASN Q 21 -42.45 37.36 -11.33
N ARG Q 22 -42.88 37.88 -12.48
CA ARG Q 22 -43.72 37.09 -13.37
C ARG Q 22 -42.99 35.83 -13.83
N GLN Q 23 -41.70 35.95 -14.16
CA GLN Q 23 -40.94 34.80 -14.60
C GLN Q 23 -40.79 33.78 -13.48
N ILE Q 24 -40.62 34.24 -12.25
CA ILE Q 24 -40.58 33.31 -11.10
C ILE Q 24 -41.86 32.49 -11.07
N ASN Q 25 -43.01 33.16 -11.19
CA ASN Q 25 -44.26 32.42 -11.15
C ASN Q 25 -44.36 31.43 -12.30
N LEU Q 26 -43.91 31.83 -13.49
CA LEU Q 26 -43.98 30.93 -14.64
C LEU Q 26 -43.12 29.70 -14.43
N GLU Q 27 -41.92 29.87 -13.86
CA GLU Q 27 -41.05 28.73 -13.61
C GLU Q 27 -41.66 27.78 -12.57
N LEU Q 28 -42.26 28.35 -11.53
CA LEU Q 28 -42.92 27.49 -10.54
C LEU Q 28 -44.08 26.72 -11.17
N TYR Q 29 -44.84 27.39 -12.05
CA TYR Q 29 -45.93 26.71 -12.75
C TYR Q 29 -45.40 25.57 -13.61
N ALA Q 30 -44.29 25.79 -14.33
CA ALA Q 30 -43.72 24.74 -15.15
C ALA Q 30 -43.29 23.55 -14.28
N SER Q 31 -42.68 23.83 -13.13
CA SER Q 31 -42.32 22.76 -12.22
C SER Q 31 -43.55 21.96 -11.82
N TYR Q 32 -44.65 22.64 -11.52
CA TYR Q 32 -45.88 21.95 -11.14
C TYR Q 32 -46.40 21.07 -12.28
N VAL Q 33 -46.37 21.59 -13.51
CA VAL Q 33 -46.82 20.81 -14.65
C VAL Q 33 -45.99 19.54 -14.79
N TYR Q 34 -44.67 19.66 -14.66
CA TYR Q 34 -43.81 18.49 -14.80
C TYR Q 34 -44.05 17.49 -13.67
N LEU Q 35 -44.34 17.98 -12.47
CA LEU Q 35 -44.67 17.07 -11.38
C LEU Q 35 -45.93 16.27 -11.69
N SER Q 36 -46.96 16.95 -12.19
CA SER Q 36 -48.18 16.27 -12.59
C SER Q 36 -47.89 15.20 -13.64
N MET Q 37 -47.13 15.58 -14.68
CA MET Q 37 -46.78 14.62 -15.71
C MET Q 37 -46.06 13.42 -15.12
N SER Q 38 -45.08 13.67 -14.25
CA SER Q 38 -44.29 12.58 -13.70
C SER Q 38 -45.17 11.57 -12.99
N TYR Q 39 -46.10 12.06 -12.16
CA TYR Q 39 -46.92 11.10 -11.43
C TYR Q 39 -48.09 10.56 -12.25
N TYR Q 40 -48.34 11.09 -13.44
CA TYR Q 40 -49.24 10.40 -14.36
C TYR Q 40 -48.63 9.08 -14.83
N PHE Q 41 -47.35 9.09 -15.17
CA PHE Q 41 -46.69 7.88 -15.66
C PHE Q 41 -46.35 6.90 -14.55
N ASP Q 42 -46.54 7.29 -13.29
CA ASP Q 42 -46.41 6.37 -12.17
C ASP Q 42 -47.69 5.60 -11.88
N ARG Q 43 -48.78 5.92 -12.57
CA ARG Q 43 -50.04 5.21 -12.38
C ARG Q 43 -49.90 3.75 -12.80
N ASP Q 44 -50.65 2.88 -12.12
CA ASP Q 44 -50.56 1.46 -12.42
C ASP Q 44 -51.09 1.11 -13.80
N ASP Q 45 -51.98 1.94 -14.36
CA ASP Q 45 -52.50 1.72 -15.70
C ASP Q 45 -51.74 2.50 -16.77
N VAL Q 46 -50.61 3.10 -16.42
CA VAL Q 46 -49.73 3.74 -17.40
C VAL Q 46 -48.36 3.06 -17.28
N ALA Q 47 -47.74 3.19 -16.11
CA ALA Q 47 -46.61 2.36 -15.71
C ALA Q 47 -45.44 2.46 -16.70
N LEU Q 48 -44.95 3.69 -16.88
CA LEU Q 48 -43.74 3.94 -17.65
C LEU Q 48 -42.76 4.66 -16.70
N LYS Q 49 -41.93 3.88 -16.02
CA LYS Q 49 -41.14 4.42 -14.92
C LYS Q 49 -40.15 5.47 -15.40
N ASN Q 50 -39.54 5.27 -16.57
CA ASN Q 50 -38.51 6.21 -17.00
C ASN Q 50 -39.11 7.52 -17.51
N PHE Q 51 -40.31 7.48 -18.09
CA PHE Q 51 -41.02 8.73 -18.35
C PHE Q 51 -41.24 9.49 -17.05
N ALA Q 52 -41.69 8.79 -16.02
CA ALA Q 52 -41.92 9.43 -14.72
C ALA Q 52 -40.64 10.06 -14.18
N LYS Q 53 -39.52 9.32 -14.25
CA LYS Q 53 -38.27 9.85 -13.76
CA LYS Q 53 -38.27 9.85 -13.76
C LYS Q 53 -37.83 11.07 -14.57
N TYR Q 54 -37.97 11.01 -15.89
CA TYR Q 54 -37.60 12.14 -16.73
C TYR Q 54 -38.36 13.40 -16.33
N PHE Q 55 -39.68 13.27 -16.18
CA PHE Q 55 -40.47 14.46 -15.90
C PHE Q 55 -40.27 14.94 -14.46
N LEU Q 56 -40.00 14.04 -13.52
CA LEU Q 56 -39.67 14.49 -12.17
C LEU Q 56 -38.36 15.28 -12.17
N HIS Q 57 -37.37 14.82 -12.93
CA HIS Q 57 -36.13 15.57 -13.05
C HIS Q 57 -36.39 16.95 -13.63
N GLN Q 58 -37.24 17.03 -14.66
CA GLN Q 58 -37.57 18.33 -15.25
C GLN Q 58 -38.25 19.23 -14.21
N SER Q 59 -39.14 18.67 -13.40
CA SER Q 59 -39.82 19.46 -12.37
C SER Q 59 -38.81 20.07 -11.41
N HIS Q 60 -37.87 19.25 -10.93
CA HIS Q 60 -36.87 19.76 -9.99
C HIS Q 60 -35.99 20.82 -10.64
N GLU Q 61 -35.64 20.62 -11.91
CA GLU Q 61 -34.85 21.64 -12.63
C GLU Q 61 -35.62 22.96 -12.70
N GLU Q 62 -36.91 22.89 -12.98
CA GLU Q 62 -37.71 24.13 -13.04
C GLU Q 62 -37.71 24.83 -11.68
N ARG Q 63 -37.84 24.07 -10.60
CA ARG Q 63 -37.78 24.66 -9.26
CA ARG Q 63 -37.78 24.67 -9.27
C ARG Q 63 -36.45 25.38 -9.06
N GLU Q 64 -35.37 24.75 -9.52
CA GLU Q 64 -34.04 25.37 -9.40
CA GLU Q 64 -34.04 25.37 -9.40
C GLU Q 64 -33.99 26.68 -10.18
N HIS Q 65 -34.57 26.71 -11.37
CA HIS Q 65 -34.59 27.94 -12.16
C HIS Q 65 -35.34 29.04 -11.43
N ALA Q 66 -36.48 28.71 -10.85
CA ALA Q 66 -37.25 29.70 -10.09
C ALA Q 66 -36.43 30.24 -8.92
N GLU Q 67 -35.75 29.35 -8.20
CA GLU Q 67 -34.96 29.79 -7.06
C GLU Q 67 -33.81 30.69 -7.49
N LYS Q 68 -33.20 30.39 -8.64
CA LYS Q 68 -32.14 31.26 -9.14
C LYS Q 68 -32.69 32.65 -9.48
N LEU Q 69 -33.90 32.70 -10.05
CA LEU Q 69 -34.51 34.00 -10.32
C LEU Q 69 -34.76 34.76 -9.03
N MET Q 70 -35.22 34.08 -7.98
CA MET Q 70 -35.43 34.76 -6.70
C MET Q 70 -34.12 35.30 -6.14
N LYS Q 71 -33.06 34.49 -6.24
CA LYS Q 71 -31.74 34.96 -5.84
C LYS Q 71 -31.34 36.22 -6.60
N LEU Q 72 -31.58 36.21 -7.92
CA LEU Q 72 -31.27 37.40 -8.73
C LEU Q 72 -32.05 38.61 -8.24
N GLN Q 73 -33.35 38.42 -7.99
CA GLN Q 73 -34.18 39.52 -7.51
C GLN Q 73 -33.58 40.14 -6.26
N ASN Q 74 -33.14 39.30 -5.31
CA ASN Q 74 -32.56 39.83 -4.09
C ASN Q 74 -31.20 40.48 -4.34
N GLN Q 75 -30.41 39.91 -5.25
CA GLN Q 75 -29.09 40.45 -5.53
C GLN Q 75 -29.18 41.89 -6.02
N ARG Q 76 -30.16 42.19 -6.86
CA ARG Q 76 -30.29 43.51 -7.47
C ARG Q 76 -31.09 44.48 -6.62
N GLY Q 77 -31.56 44.06 -5.44
CA GLY Q 77 -32.31 44.93 -4.58
C GLY Q 77 -33.79 45.00 -4.87
N GLY Q 78 -34.30 44.16 -5.77
CA GLY Q 78 -35.72 44.05 -5.95
C GLY Q 78 -36.35 43.23 -4.84
N ARG Q 79 -37.68 43.20 -4.83
CA ARG Q 79 -38.43 42.53 -3.78
C ARG Q 79 -39.34 41.49 -4.41
N ILE Q 80 -39.23 40.25 -3.93
CA ILE Q 80 -40.00 39.14 -4.46
C ILE Q 80 -41.44 39.26 -3.99
N PHE Q 81 -42.37 39.13 -4.93
CA PHE Q 81 -43.80 39.03 -4.63
C PHE Q 81 -44.33 37.78 -5.30
N LEU Q 82 -44.72 36.80 -4.51
CA LEU Q 82 -45.20 35.52 -5.01
C LEU Q 82 -46.69 35.57 -5.27
N GLN Q 83 -47.15 34.73 -6.19
CA GLN Q 83 -48.55 34.63 -6.55
C GLN Q 83 -48.95 33.15 -6.54
N ASP Q 84 -50.26 32.92 -6.67
CA ASP Q 84 -50.75 31.55 -6.75
C ASP Q 84 -50.07 30.80 -7.89
N ILE Q 85 -49.70 29.56 -7.62
CA ILE Q 85 -49.23 28.65 -8.67
C ILE Q 85 -50.46 27.91 -9.19
N LYS Q 86 -50.87 28.21 -10.42
CA LYS Q 86 -52.06 27.62 -10.99
C LYS Q 86 -51.84 26.13 -11.25
N LYS Q 87 -52.90 25.35 -11.10
CA LYS Q 87 -52.80 23.93 -11.35
C LYS Q 87 -52.61 23.67 -12.85
N PRO Q 88 -51.99 22.55 -13.21
CA PRO Q 88 -51.83 22.25 -14.64
C PRO Q 88 -53.17 22.11 -15.34
N ASP Q 89 -53.18 22.44 -16.63
CA ASP Q 89 -54.43 22.41 -17.39
C ASP Q 89 -55.01 21.00 -17.50
N CYS Q 90 -54.16 19.98 -17.48
CA CYS Q 90 -54.58 18.61 -17.67
C CYS Q 90 -54.31 17.79 -16.42
N ASP Q 91 -55.22 16.87 -16.11
CA ASP Q 91 -54.99 15.85 -15.10
C ASP Q 91 -54.47 14.54 -15.69
N ASP Q 92 -54.86 14.23 -16.93
CA ASP Q 92 -54.49 13.00 -17.61
C ASP Q 92 -53.76 13.39 -18.89
N TRP Q 93 -52.51 12.95 -19.03
CA TRP Q 93 -51.66 13.38 -20.14
C TRP Q 93 -51.71 12.43 -21.33
N GLU Q 94 -52.36 11.28 -21.18
CA GLU Q 94 -52.87 10.40 -22.23
CA GLU Q 94 -52.88 10.39 -22.22
C GLU Q 94 -51.79 9.57 -22.93
N SER Q 95 -50.50 9.87 -22.79
CA SER Q 95 -49.48 9.05 -23.44
C SER Q 95 -48.13 9.70 -23.21
N GLY Q 96 -47.07 8.93 -23.50
CA GLY Q 96 -45.74 9.50 -23.51
C GLY Q 96 -45.57 10.54 -24.61
N LEU Q 97 -46.06 10.23 -25.81
CA LEU Q 97 -45.92 11.17 -26.92
C LEU Q 97 -46.66 12.47 -26.65
N ASN Q 98 -47.91 12.36 -26.16
CA ASN Q 98 -48.68 13.56 -25.87
C ASN Q 98 -48.01 14.39 -24.77
N ALA Q 99 -47.47 13.72 -23.75
CA ALA Q 99 -46.76 14.43 -22.69
C ALA Q 99 -45.54 15.14 -23.24
N MET Q 100 -44.79 14.50 -24.12
CA MET Q 100 -43.63 15.15 -24.72
C MET Q 100 -44.03 16.35 -25.55
N GLU Q 101 -45.12 16.24 -26.31
CA GLU Q 101 -45.59 17.38 -27.08
C GLU Q 101 -46.02 18.53 -26.18
N CYS Q 102 -46.71 18.22 -25.09
CA CYS Q 102 -47.11 19.25 -24.13
C CYS Q 102 -45.89 19.90 -23.50
N ALA Q 103 -44.87 19.11 -23.16
CA ALA Q 103 -43.65 19.66 -22.60
C ALA Q 103 -42.95 20.56 -23.61
N LEU Q 104 -42.95 20.18 -24.88
CA LEU Q 104 -42.35 21.03 -25.92
C LEU Q 104 -43.08 22.36 -25.99
N HIS Q 105 -44.41 22.32 -25.98
CA HIS Q 105 -45.19 23.55 -25.97
C HIS Q 105 -44.85 24.41 -24.77
N LEU Q 106 -44.78 23.79 -23.59
CA LEU Q 106 -44.49 24.54 -22.37
C LEU Q 106 -43.11 25.18 -22.43
N GLU Q 107 -42.11 24.42 -22.88
CA GLU Q 107 -40.75 24.95 -22.94
C GLU Q 107 -40.66 26.10 -23.94
N LYS Q 108 -41.37 26.00 -25.06
CA LYS Q 108 -41.36 27.11 -26.01
C LYS Q 108 -42.05 28.35 -25.41
N ASN Q 109 -43.12 28.14 -24.64
CA ASN Q 109 -43.76 29.28 -23.97
C ASN Q 109 -42.81 29.95 -23.00
N VAL Q 110 -42.10 29.15 -22.20
CA VAL Q 110 -41.14 29.70 -21.25
C VAL Q 110 -40.03 30.45 -21.99
N ASN Q 111 -39.57 29.88 -23.10
CA ASN Q 111 -38.54 30.54 -23.90
C ASN Q 111 -39.03 31.88 -24.41
N GLN Q 112 -40.27 31.94 -24.90
CA GLN Q 112 -40.81 33.21 -25.38
C GLN Q 112 -40.85 34.24 -24.25
N SER Q 113 -41.26 33.80 -23.05
CA SER Q 113 -41.26 34.72 -21.92
C SER Q 113 -39.85 35.23 -21.62
N LEU Q 114 -38.85 34.34 -21.68
CA LEU Q 114 -37.48 34.76 -21.41
C LEU Q 114 -36.99 35.73 -22.48
N LEU Q 115 -37.38 35.51 -23.73
CA LEU Q 115 -36.97 36.42 -24.80
C LEU Q 115 -37.59 37.79 -24.60
N GLU Q 116 -38.86 37.84 -24.18
CA GLU Q 116 -39.48 39.13 -23.87
C GLU Q 116 -38.77 39.81 -22.70
N LEU Q 117 -38.38 39.02 -21.69
CA LEU Q 117 -37.64 39.59 -20.56
C LEU Q 117 -36.31 40.17 -21.02
N HIS Q 118 -35.60 39.46 -21.90
CA HIS Q 118 -34.34 39.97 -22.42
C HIS Q 118 -34.54 41.25 -23.22
N LYS Q 119 -35.61 41.30 -24.02
CA LYS Q 119 -35.90 42.52 -24.76
C LYS Q 119 -36.15 43.69 -23.81
N LEU Q 120 -36.91 43.44 -22.75
CA LEU Q 120 -37.15 44.49 -21.76
C LEU Q 120 -35.84 44.95 -21.13
N ALA Q 121 -34.98 44.01 -20.74
CA ALA Q 121 -33.71 44.37 -20.13
C ALA Q 121 -32.86 45.19 -21.09
N THR Q 122 -32.84 44.81 -22.37
CA THR Q 122 -32.10 45.57 -23.36
C THR Q 122 -32.65 46.99 -23.49
N ASP Q 123 -33.99 47.12 -23.49
CA ASP Q 123 -34.59 48.44 -23.62
CA ASP Q 123 -34.59 48.44 -23.62
C ASP Q 123 -34.24 49.33 -22.43
N LYS Q 124 -34.10 48.75 -21.25
CA LYS Q 124 -33.77 49.50 -20.05
C LYS Q 124 -32.27 49.61 -19.82
N ASN Q 125 -31.46 49.17 -20.78
CA ASN Q 125 -30.00 49.26 -20.69
C ASN Q 125 -29.50 48.63 -19.39
N ASP Q 126 -29.92 47.39 -19.14
CA ASP Q 126 -29.51 46.65 -17.97
C ASP Q 126 -28.61 45.50 -18.42
N PRO Q 127 -27.34 45.75 -18.71
CA PRO Q 127 -26.47 44.69 -19.23
C PRO Q 127 -26.30 43.51 -18.28
N HIS Q 128 -26.32 43.74 -16.97
CA HIS Q 128 -26.18 42.62 -16.05
C HIS Q 128 -27.35 41.66 -16.17
N LEU Q 129 -28.57 42.18 -16.26
CA LEU Q 129 -29.74 41.32 -16.40
C LEU Q 129 -29.73 40.60 -17.74
N CYS Q 130 -29.36 41.30 -18.81
CA CYS Q 130 -29.25 40.65 -20.11
C CYS Q 130 -28.26 39.50 -20.06
N ASP Q 131 -27.09 39.73 -19.44
CA ASP Q 131 -26.08 38.69 -19.34
C ASP Q 131 -26.58 37.52 -18.50
N PHE Q 132 -27.29 37.83 -17.41
CA PHE Q 132 -27.84 36.78 -16.57
C PHE Q 132 -28.77 35.88 -17.37
N ILE Q 133 -29.69 36.49 -18.12
CA ILE Q 133 -30.64 35.72 -18.93
C ILE Q 133 -29.90 34.90 -19.98
N GLU Q 134 -28.94 35.53 -20.68
CA GLU Q 134 -28.20 34.82 -21.71
C GLU Q 134 -27.45 33.63 -21.14
N THR Q 135 -26.76 33.84 -20.03
CA THR Q 135 -25.83 32.84 -19.51
C THR Q 135 -26.58 31.67 -18.88
N HIS Q 136 -27.67 31.95 -18.15
CA HIS Q 136 -28.28 30.91 -17.34
C HIS Q 136 -29.58 30.35 -17.92
N TYR Q 137 -30.18 30.99 -18.92
CA TYR Q 137 -31.52 30.55 -19.32
C TYR Q 137 -31.67 30.27 -20.82
N LEU Q 138 -31.09 31.08 -21.70
CA LEU Q 138 -31.43 30.99 -23.11
C LEU Q 138 -30.92 29.69 -23.73
N ASN Q 139 -29.64 29.36 -23.51
CA ASN Q 139 -29.12 28.13 -24.10
C ASN Q 139 -29.74 26.90 -23.45
N GLU Q 140 -30.03 26.97 -22.16
CA GLU Q 140 -30.73 25.86 -21.51
C GLU Q 140 -32.06 25.59 -22.20
N GLN Q 141 -32.81 26.65 -22.49
CA GLN Q 141 -34.09 26.48 -23.18
C GLN Q 141 -33.89 25.92 -24.59
N VAL Q 142 -32.90 26.42 -25.31
CA VAL Q 142 -32.67 25.90 -26.66
C VAL Q 142 -32.36 24.40 -26.61
N LYS Q 143 -31.50 23.99 -25.68
CA LYS Q 143 -31.17 22.58 -25.55
C LYS Q 143 -32.39 21.76 -25.16
N ALA Q 144 -33.19 22.25 -24.22
CA ALA Q 144 -34.38 21.51 -23.80
C ALA Q 144 -35.36 21.34 -24.95
N ILE Q 145 -35.57 22.40 -25.73
CA ILE Q 145 -36.49 22.34 -26.85
C ILE Q 145 -35.97 21.36 -27.90
N LYS Q 146 -34.67 21.39 -28.19
CA LYS Q 146 -34.10 20.45 -29.15
C LYS Q 146 -34.28 19.01 -28.67
N GLU Q 147 -34.01 18.76 -27.39
CA GLU Q 147 -34.15 17.41 -26.86
C GLU Q 147 -35.60 16.93 -26.94
N LEU Q 148 -36.54 17.78 -26.58
CA LEU Q 148 -37.95 17.38 -26.65
C LEU Q 148 -38.39 17.15 -28.09
N GLY Q 149 -37.92 17.97 -29.01
CA GLY Q 149 -38.22 17.73 -30.41
C GLY Q 149 -37.67 16.39 -30.89
N ASP Q 150 -36.45 16.06 -30.47
CA ASP Q 150 -35.88 14.76 -30.82
C ASP Q 150 -36.75 13.63 -30.27
N HIS Q 151 -37.18 13.76 -29.02
CA HIS Q 151 -38.01 12.72 -28.41
C HIS Q 151 -39.32 12.55 -29.15
N VAL Q 152 -39.96 13.67 -29.49
CA VAL Q 152 -41.23 13.61 -30.23
C VAL Q 152 -41.01 12.95 -31.58
N THR Q 153 -39.96 13.33 -32.29
CA THR Q 153 -39.67 12.73 -33.59
C THR Q 153 -39.51 11.22 -33.46
N ASN Q 154 -38.71 10.77 -32.50
CA ASN Q 154 -38.46 9.34 -32.37
C ASN Q 154 -39.73 8.59 -32.01
N LEU Q 155 -40.52 9.14 -31.07
CA LEU Q 155 -41.76 8.46 -30.69
C LEU Q 155 -42.73 8.37 -31.87
N ARG Q 156 -42.83 9.45 -32.66
CA ARG Q 156 -43.70 9.40 -33.83
C ARG Q 156 -43.21 8.36 -34.84
N LYS Q 157 -41.91 8.32 -35.10
CA LYS Q 157 -41.39 7.37 -36.07
C LYS Q 157 -41.61 5.94 -35.61
N MET Q 158 -41.42 5.67 -34.32
CA MET Q 158 -41.60 4.33 -33.80
C MET Q 158 -43.04 3.84 -33.87
N GLY Q 159 -44.01 4.74 -34.08
CA GLY Q 159 -45.40 4.37 -34.18
C GLY Q 159 -46.25 4.74 -32.99
N ALA Q 160 -45.72 5.49 -32.03
CA ALA Q 160 -46.52 5.98 -30.92
C ALA Q 160 -47.57 6.96 -31.42
N PRO Q 161 -48.68 7.13 -30.67
CA PRO Q 161 -49.03 6.49 -29.40
C PRO Q 161 -49.80 5.18 -29.58
N GLU Q 162 -50.16 4.84 -30.83
CA GLU Q 162 -50.98 3.65 -31.05
C GLU Q 162 -50.24 2.39 -30.63
N SER Q 163 -48.95 2.29 -30.96
CA SER Q 163 -48.14 1.12 -30.61
C SER Q 163 -47.59 1.33 -29.20
N GLY Q 164 -48.21 0.64 -28.24
CA GLY Q 164 -47.67 0.68 -26.88
C GLY Q 164 -46.28 0.09 -26.79
N LEU Q 165 -45.94 -0.82 -27.70
CA LEU Q 165 -44.59 -1.34 -27.77
C LEU Q 165 -43.59 -0.22 -28.04
N ALA Q 166 -43.96 0.73 -28.89
CA ALA Q 166 -43.07 1.85 -29.18
C ALA Q 166 -42.75 2.64 -27.93
N GLU Q 167 -43.77 2.95 -27.13
CA GLU Q 167 -43.52 3.74 -25.92
C GLU Q 167 -42.76 2.92 -24.89
N TYR Q 168 -43.04 1.63 -24.77
CA TYR Q 168 -42.28 0.78 -23.87
C TYR Q 168 -40.79 0.78 -24.23
N LEU Q 169 -40.50 0.59 -25.51
CA LEU Q 169 -39.11 0.51 -25.94
C LEU Q 169 -38.43 1.87 -25.85
N PHE Q 170 -39.15 2.95 -26.13
CA PHE Q 170 -38.58 4.28 -25.96
C PHE Q 170 -38.26 4.54 -24.49
N ASP Q 171 -39.16 4.13 -23.60
CA ASP Q 171 -38.90 4.26 -22.17
C ASP Q 171 -37.64 3.51 -21.77
N LYS Q 172 -37.47 2.29 -22.30
CA LYS Q 172 -36.30 1.49 -21.92
CA LYS Q 172 -36.30 1.49 -21.92
C LYS Q 172 -35.00 2.04 -22.51
N HIS Q 173 -35.01 2.37 -23.80
CA HIS Q 173 -33.75 2.61 -24.51
C HIS Q 173 -33.34 4.07 -24.54
N THR Q 174 -34.28 5.00 -24.65
CA THR Q 174 -33.91 6.42 -24.68
C THR Q 174 -33.91 7.03 -23.29
N LEU Q 175 -34.99 6.86 -22.53
CA LEU Q 175 -35.10 7.46 -21.21
C LEU Q 175 -34.50 6.60 -20.11
N GLY Q 176 -34.12 5.35 -20.41
CA GLY Q 176 -33.55 4.48 -19.40
C GLY Q 176 -32.06 4.68 -19.24
N THR R 5 29.50 -56.39 0.98
CA THR R 5 29.47 -55.31 2.00
C THR R 5 29.26 -53.95 1.35
N SER R 6 28.37 -53.16 1.93
CA SER R 6 28.08 -51.84 1.40
C SER R 6 29.31 -50.95 1.50
N GLN R 7 29.49 -50.10 0.48
CA GLN R 7 30.62 -49.16 0.47
C GLN R 7 30.52 -48.13 1.58
N VAL R 8 29.33 -47.91 2.15
CA VAL R 8 29.16 -46.91 3.20
C VAL R 8 29.22 -47.52 4.59
N ARG R 9 29.18 -48.83 4.73
CA ARG R 9 29.02 -49.45 6.03
C ARG R 9 30.28 -49.25 6.87
N GLN R 10 30.08 -48.85 8.13
CA GLN R 10 31.20 -48.62 9.04
C GLN R 10 30.68 -48.66 10.47
N ASN R 11 31.21 -49.57 11.27
CA ASN R 11 30.85 -49.69 12.69
C ASN R 11 29.36 -50.02 12.86
N TYR R 12 28.82 -50.80 11.91
CA TYR R 12 27.41 -51.21 11.93
C TYR R 12 27.36 -52.72 12.06
N HIS R 13 27.01 -53.20 13.25
CA HIS R 13 26.99 -54.63 13.53
C HIS R 13 25.75 -55.28 12.91
N GLN R 14 25.90 -56.55 12.53
CA GLN R 14 24.79 -57.28 11.93
C GLN R 14 23.61 -57.40 12.91
N ASP R 15 23.91 -57.56 14.20
CA ASP R 15 22.85 -57.62 15.20
C ASP R 15 22.04 -56.33 15.22
N SER R 16 22.71 -55.18 15.12
CA SER R 16 22.01 -53.91 15.07
C SER R 16 21.12 -53.83 13.83
N GLU R 17 21.62 -54.31 12.70
CA GLU R 17 20.83 -54.32 11.47
C GLU R 17 19.55 -55.14 11.65
N ALA R 18 19.69 -56.34 12.21
CA ALA R 18 18.51 -57.18 12.44
C ALA R 18 17.54 -56.53 13.41
N ALA R 19 18.06 -55.93 14.49
CA ALA R 19 17.19 -55.27 15.46
C ALA R 19 16.44 -54.10 14.82
N ILE R 20 17.11 -53.37 13.92
CA ILE R 20 16.45 -52.27 13.24
C ILE R 20 15.32 -52.78 12.36
N ASN R 21 15.54 -53.92 11.68
CA ASN R 21 14.46 -54.48 10.87
C ASN R 21 13.28 -54.88 11.75
N ARG R 22 13.56 -55.48 12.91
CA ARG R 22 12.48 -55.84 13.83
C ARG R 22 11.72 -54.60 14.28
N GLN R 23 12.45 -53.52 14.58
CA GLN R 23 11.79 -52.29 15.02
C GLN R 23 10.93 -51.70 13.91
N ILE R 24 11.39 -51.79 12.67
CA ILE R 24 10.57 -51.33 11.55
C ILE R 24 9.24 -52.08 11.54
N ASN R 25 9.30 -53.40 11.67
CA ASN R 25 8.06 -54.17 11.67
C ASN R 25 7.16 -53.77 12.84
N LEU R 26 7.75 -53.55 14.02
CA LEU R 26 6.95 -53.17 15.18
C LEU R 26 6.25 -51.83 14.97
N GLU R 27 6.96 -50.86 14.37
CA GLU R 27 6.35 -49.55 14.12
C GLU R 27 5.22 -49.66 13.11
N LEU R 28 5.40 -50.47 12.06
CA LEU R 28 4.32 -50.66 11.10
C LEU R 28 3.12 -51.32 11.77
N TYR R 29 3.36 -52.29 12.65
CA TYR R 29 2.27 -52.92 13.38
C TYR R 29 1.52 -51.92 14.25
N ALA R 30 2.25 -51.05 14.94
CA ALA R 30 1.61 -50.02 15.76
C ALA R 30 0.76 -49.10 14.91
N SER R 31 1.27 -48.70 13.74
CA SER R 31 0.46 -47.88 12.84
C SER R 31 -0.83 -48.59 12.46
N TYR R 32 -0.75 -49.90 12.19
CA TYR R 32 -1.94 -50.67 11.84
C TYR R 32 -2.94 -50.69 12.99
N VAL R 33 -2.44 -50.89 14.22
CA VAL R 33 -3.32 -50.91 15.39
C VAL R 33 -4.04 -49.58 15.53
N TYR R 34 -3.32 -48.48 15.36
CA TYR R 34 -3.94 -47.17 15.50
C TYR R 34 -4.96 -46.93 14.39
N LEU R 35 -4.70 -47.43 13.18
CA LEU R 35 -5.68 -47.31 12.11
C LEU R 35 -6.98 -48.03 12.47
N SER R 36 -6.84 -49.26 12.98
CA SER R 36 -8.01 -50.01 13.41
C SER R 36 -8.79 -49.24 14.47
N MET R 37 -8.09 -48.73 15.48
CA MET R 37 -8.75 -47.95 16.52
C MET R 37 -9.48 -46.76 15.92
N SER R 38 -8.82 -46.03 15.04
CA SER R 38 -9.41 -44.82 14.48
C SER R 38 -10.73 -45.14 13.79
N TYR R 39 -10.77 -46.20 12.99
CA TYR R 39 -12.01 -46.48 12.29
C TYR R 39 -13.01 -47.25 13.13
N TYR R 40 -12.63 -47.71 14.33
CA TYR R 40 -13.65 -48.17 15.28
C TYR R 40 -14.51 -47.01 15.76
N PHE R 41 -13.90 -45.86 16.06
CA PHE R 41 -14.64 -44.71 16.56
C PHE R 41 -15.38 -43.97 15.45
N ASP R 42 -15.16 -44.34 14.20
CA ASP R 42 -15.92 -43.80 13.08
C ASP R 42 -17.21 -44.58 12.82
N ARG R 43 -17.43 -45.68 13.53
CA ARG R 43 -18.66 -46.45 13.37
C ARG R 43 -19.86 -45.64 13.81
N ASP R 44 -21.00 -45.89 13.17
CA ASP R 44 -22.21 -45.15 13.48
C ASP R 44 -22.71 -45.43 14.88
N ASP R 45 -22.40 -46.59 15.44
CA ASP R 45 -22.81 -46.95 16.79
C ASP R 45 -21.75 -46.63 17.84
N VAL R 46 -20.68 -45.91 17.46
CA VAL R 46 -19.70 -45.41 18.41
C VAL R 46 -19.65 -43.89 18.27
N ALA R 47 -19.27 -43.42 17.08
CA ALA R 47 -19.48 -42.03 16.67
C ALA R 47 -18.81 -41.04 17.63
N LEU R 48 -17.50 -41.18 17.78
CA LEU R 48 -16.68 -40.22 18.53
C LEU R 48 -15.62 -39.72 17.56
N LYS R 49 -15.93 -38.63 16.85
CA LYS R 49 -15.11 -38.18 15.74
C LYS R 49 -13.70 -37.81 16.18
N ASN R 50 -13.57 -37.15 17.34
CA ASN R 50 -12.26 -36.68 17.74
C ASN R 50 -11.36 -37.82 18.24
N PHE R 51 -11.95 -38.86 18.84
CA PHE R 51 -11.18 -40.06 19.11
C PHE R 51 -10.63 -40.65 17.81
N ALA R 52 -11.48 -40.72 16.78
CA ALA R 52 -11.06 -41.24 15.50
C ALA R 52 -9.92 -40.41 14.93
N LYS R 53 -10.04 -39.09 14.97
CA LYS R 53 -8.98 -38.23 14.45
CA LYS R 53 -8.98 -38.23 14.45
C LYS R 53 -7.69 -38.41 15.22
N TYR R 54 -7.78 -38.49 16.56
CA TYR R 54 -6.59 -38.68 17.38
C TYR R 54 -5.86 -39.94 16.98
N PHE R 55 -6.59 -41.05 16.87
CA PHE R 55 -5.91 -42.31 16.58
C PHE R 55 -5.43 -42.37 15.14
N LEU R 56 -6.10 -41.72 14.20
CA LEU R 56 -5.59 -41.67 12.84
C LEU R 56 -4.28 -40.89 12.79
N HIS R 57 -4.20 -39.77 13.53
CA HIS R 57 -2.95 -39.05 13.62
C HIS R 57 -1.85 -39.92 14.19
N GLN R 58 -2.15 -40.69 15.24
CA GLN R 58 -1.14 -41.58 15.80
C GLN R 58 -0.70 -42.62 14.78
N SER R 59 -1.63 -43.15 14.00
CA SER R 59 -1.27 -44.13 12.97
C SER R 59 -0.28 -43.54 11.98
N HIS R 60 -0.57 -42.33 11.49
CA HIS R 60 0.32 -41.71 10.52
C HIS R 60 1.69 -41.42 11.14
N GLU R 61 1.71 -41.00 12.41
CA GLU R 61 2.98 -40.78 13.08
C GLU R 61 3.81 -42.07 13.17
N GLU R 62 3.14 -43.18 13.48
CA GLU R 62 3.86 -44.46 13.53
C GLU R 62 4.43 -44.81 12.17
N ARG R 63 3.68 -44.58 11.10
CA ARG R 63 4.22 -44.81 9.76
CA ARG R 63 4.23 -44.80 9.77
C ARG R 63 5.47 -43.96 9.52
N GLU R 64 5.43 -42.70 9.95
CA GLU R 64 6.60 -41.84 9.80
CA GLU R 64 6.60 -41.84 9.80
C GLU R 64 7.80 -42.40 10.55
N HIS R 65 7.58 -42.90 11.76
CA HIS R 65 8.67 -43.49 12.54
C HIS R 65 9.27 -44.68 11.81
N ALA R 66 8.42 -45.55 11.25
CA ALA R 66 8.93 -46.70 10.51
C ALA R 66 9.76 -46.25 9.32
N GLU R 67 9.29 -45.24 8.59
CA GLU R 67 10.02 -44.76 7.43
C GLU R 67 11.37 -44.16 7.83
N LYS R 68 11.42 -43.47 8.96
CA LYS R 68 12.69 -42.94 9.44
C LYS R 68 13.66 -44.08 9.76
N LEU R 69 13.15 -45.16 10.35
CA LEU R 69 14.03 -46.30 10.62
C LEU R 69 14.55 -46.92 9.32
N MET R 70 13.70 -47.02 8.29
CA MET R 70 14.17 -47.53 7.01
C MET R 70 15.25 -46.64 6.41
N LYS R 71 15.05 -45.32 6.51
CA LYS R 71 16.08 -44.39 6.05
C LYS R 71 17.38 -44.60 6.80
N LEU R 72 17.30 -44.79 8.12
CA LEU R 72 18.50 -45.06 8.90
C LEU R 72 19.19 -46.33 8.42
N GLN R 73 18.41 -47.39 8.21
CA GLN R 73 18.99 -48.65 7.73
C GLN R 73 19.78 -48.42 6.45
N ASN R 74 19.22 -47.67 5.50
CA ASN R 74 19.94 -47.41 4.26
C ASN R 74 21.15 -46.52 4.49
N GLN R 75 21.04 -45.54 5.39
CA GLN R 75 22.15 -44.62 5.63
C GLN R 75 23.39 -45.37 6.10
N ARG R 76 23.21 -46.36 6.97
CA ARG R 76 24.33 -47.08 7.56
C ARG R 76 24.79 -48.26 6.70
N GLY R 77 24.17 -48.48 5.55
CA GLY R 77 24.57 -49.58 4.69
C GLY R 77 23.94 -50.92 5.02
N GLY R 78 22.98 -50.95 5.93
CA GLY R 78 22.22 -52.16 6.15
C GLY R 78 21.18 -52.35 5.07
N ARG R 79 20.53 -53.51 5.08
CA ARG R 79 19.57 -53.88 4.06
C ARG R 79 18.23 -54.17 4.72
N ILE R 80 17.19 -53.51 4.24
CA ILE R 80 15.85 -53.64 4.80
C ILE R 80 15.27 -54.99 4.38
N PHE R 81 14.73 -55.72 5.34
CA PHE R 81 13.97 -56.94 5.07
C PHE R 81 12.64 -56.82 5.78
N LEU R 82 11.57 -56.71 4.99
CA LEU R 82 10.23 -56.52 5.52
C LEU R 82 9.58 -57.86 5.81
N GLN R 83 8.64 -57.85 6.75
CA GLN R 83 7.89 -59.03 7.15
C GLN R 83 6.41 -58.70 7.16
N ASP R 84 5.59 -59.74 7.34
CA ASP R 84 4.15 -59.54 7.44
C ASP R 84 3.84 -58.56 8.56
N ILE R 85 2.90 -57.65 8.32
CA ILE R 85 2.33 -56.81 9.35
C ILE R 85 1.12 -57.54 9.91
N LYS R 86 1.23 -58.02 11.14
CA LYS R 86 0.15 -58.78 11.75
C LYS R 86 -1.05 -57.88 12.02
N LYS R 87 -2.25 -58.46 11.90
CA LYS R 87 -3.45 -57.70 12.17
C LYS R 87 -3.56 -57.40 13.66
N PRO R 88 -4.24 -56.32 14.04
CA PRO R 88 -4.40 -56.01 15.46
C PRO R 88 -5.13 -57.12 16.18
N ASP R 89 -4.82 -57.26 17.48
CA ASP R 89 -5.42 -58.34 18.27
C ASP R 89 -6.93 -58.19 18.40
N CYS R 90 -7.43 -56.96 18.38
CA CYS R 90 -8.84 -56.68 18.60
C CYS R 90 -9.46 -56.08 17.34
N ASP R 91 -10.71 -56.46 17.07
CA ASP R 91 -11.52 -55.78 16.07
C ASP R 91 -12.42 -54.71 16.67
N ASP R 92 -12.85 -54.88 17.91
CA ASP R 92 -13.75 -53.97 18.60
C ASP R 92 -13.04 -53.49 19.86
N TRP R 93 -12.84 -52.18 19.97
CA TRP R 93 -12.04 -51.62 21.06
C TRP R 93 -12.87 -51.20 22.26
N GLU R 94 -14.19 -51.24 22.15
CA GLU R 94 -15.18 -51.26 23.22
CA GLU R 94 -15.19 -51.26 23.22
C GLU R 94 -15.39 -49.91 23.92
N SER R 95 -14.53 -48.92 23.73
CA SER R 95 -14.76 -47.63 24.38
C SER R 95 -13.55 -46.74 24.13
N GLY R 96 -13.72 -45.45 24.37
CA GLY R 96 -12.59 -44.53 24.36
C GLY R 96 -11.58 -44.85 25.45
N LEU R 97 -12.06 -45.13 26.66
CA LEU R 97 -11.14 -45.44 27.76
C LEU R 97 -10.36 -46.71 27.48
N ASN R 98 -11.04 -47.76 27.02
CA ASN R 98 -10.35 -49.01 26.71
C ASN R 98 -9.33 -48.82 25.60
N ALA R 99 -9.69 -48.04 24.58
CA ALA R 99 -8.75 -47.77 23.50
C ALA R 99 -7.53 -47.01 24.01
N MET R 100 -7.74 -46.03 24.89
CA MET R 100 -6.62 -45.29 25.45
C MET R 100 -5.71 -46.21 26.27
N GLU R 101 -6.31 -47.11 27.05
CA GLU R 101 -5.50 -48.06 27.83
C GLU R 101 -4.71 -48.98 26.92
N CYS R 102 -5.34 -49.47 25.84
CA CYS R 102 -4.63 -50.31 24.89
C CYS R 102 -3.49 -49.55 24.21
N ALA R 103 -3.73 -48.29 23.87
CA ALA R 103 -2.67 -47.47 23.28
C ALA R 103 -1.52 -47.26 24.26
N LEU R 104 -1.83 -47.06 25.54
CA LEU R 104 -0.79 -46.92 26.54
C LEU R 104 0.05 -48.20 26.62
N HIS R 105 -0.61 -49.35 26.63
CA HIS R 105 0.10 -50.63 26.63
C HIS R 105 1.00 -50.75 25.41
N LEU R 106 0.46 -50.41 24.24
CA LEU R 106 1.23 -50.51 23.00
C LEU R 106 2.45 -49.59 23.02
N GLU R 107 2.26 -48.35 23.47
CA GLU R 107 3.37 -47.40 23.48
C GLU R 107 4.45 -47.84 24.47
N LYS R 108 4.05 -48.42 25.60
CA LYS R 108 5.06 -48.92 26.53
C LYS R 108 5.80 -50.11 25.95
N ASN R 109 5.10 -50.97 25.18
CA ASN R 109 5.79 -52.08 24.53
C ASN R 109 6.81 -51.56 23.51
N VAL R 110 6.42 -50.57 22.72
CA VAL R 110 7.35 -49.99 21.74
C VAL R 110 8.53 -49.35 22.45
N ASN R 111 8.27 -48.66 23.56
CA ASN R 111 9.36 -48.06 24.32
C ASN R 111 10.32 -49.11 24.83
N GLN R 112 9.80 -50.23 25.35
CA GLN R 112 10.69 -51.30 25.81
C GLN R 112 11.54 -51.84 24.68
N SER R 113 10.95 -52.01 23.50
CA SER R 113 11.72 -52.44 22.35
C SER R 113 12.83 -51.44 22.01
N LEU R 114 12.52 -50.15 22.06
CA LEU R 114 13.52 -49.13 21.76
C LEU R 114 14.64 -49.15 22.81
N LEU R 115 14.29 -49.37 24.07
CA LEU R 115 15.31 -49.42 25.11
C LEU R 115 16.23 -50.61 24.91
N GLU R 116 15.66 -51.76 24.52
CA GLU R 116 16.50 -52.92 24.21
C GLU R 116 17.40 -52.63 23.01
N LEU R 117 16.86 -51.94 22.00
CA LEU R 117 17.69 -51.56 20.86
C LEU R 117 18.84 -50.66 21.27
N HIS R 118 18.57 -49.68 22.15
CA HIS R 118 19.62 -48.81 22.62
C HIS R 118 20.67 -49.57 23.42
N LYS R 119 20.23 -50.53 24.25
CA LYS R 119 21.19 -51.35 24.99
C LYS R 119 22.07 -52.14 24.02
N LEU R 120 21.49 -52.70 22.97
CA LEU R 120 22.27 -53.42 21.97
C LEU R 120 23.29 -52.49 21.31
N ALA R 121 22.85 -51.30 20.92
CA ALA R 121 23.76 -50.35 20.27
C ALA R 121 24.89 -49.97 21.20
N THR R 122 24.59 -49.76 22.49
CA THR R 122 25.64 -49.46 23.46
C THR R 122 26.62 -50.60 23.58
N ASP R 123 26.12 -51.83 23.61
CA ASP R 123 27.01 -52.99 23.73
CA ASP R 123 27.00 -53.00 23.73
C ASP R 123 27.92 -53.12 22.53
N LYS R 124 27.45 -52.75 21.35
CA LYS R 124 28.25 -52.82 20.12
C LYS R 124 29.04 -51.54 19.87
N ASN R 125 29.05 -50.61 20.82
CA ASN R 125 29.83 -49.38 20.69
C ASN R 125 29.49 -48.64 19.40
N ASP R 126 28.19 -48.45 19.18
CA ASP R 126 27.70 -47.74 18.00
C ASP R 126 27.11 -46.40 18.43
N PRO R 127 27.95 -45.39 18.69
CA PRO R 127 27.41 -44.12 19.21
C PRO R 127 26.43 -43.44 18.28
N HIS R 128 26.60 -43.57 16.96
CA HIS R 128 25.66 -42.94 16.04
C HIS R 128 24.26 -43.52 16.22
N LEU R 129 24.15 -44.84 16.33
CA LEU R 129 22.85 -45.47 16.50
C LEU R 129 22.24 -45.10 17.84
N CYS R 130 23.06 -45.08 18.91
CA CYS R 130 22.57 -44.66 20.22
C CYS R 130 22.00 -43.25 20.15
N ASP R 131 22.75 -42.34 19.51
CA ASP R 131 22.30 -40.96 19.41
C ASP R 131 21.03 -40.86 18.58
N PHE R 132 20.94 -41.64 17.49
CA PHE R 132 19.73 -41.66 16.68
C PHE R 132 18.52 -42.04 17.53
N ILE R 133 18.64 -43.12 18.29
CA ILE R 133 17.53 -43.59 19.13
C ILE R 133 17.19 -42.53 20.18
N GLU R 134 18.20 -41.98 20.84
CA GLU R 134 17.94 -40.97 21.87
C GLU R 134 17.23 -39.76 21.28
N THR R 135 17.73 -39.26 20.17
CA THR R 135 17.26 -37.98 19.63
C THR R 135 15.87 -38.10 19.04
N HIS R 136 15.59 -39.20 18.33
CA HIS R 136 14.37 -39.27 17.54
C HIS R 136 13.27 -40.14 18.15
N TYR R 137 13.58 -40.96 19.16
CA TYR R 137 12.57 -41.92 19.60
C TYR R 137 12.28 -41.91 21.11
N LEU R 138 13.29 -41.76 21.96
CA LEU R 138 13.07 -42.01 23.38
C LEU R 138 12.17 -40.94 24.01
N ASN R 139 12.48 -39.66 23.77
CA ASN R 139 11.66 -38.62 24.36
C ASN R 139 10.27 -38.59 23.73
N GLU R 140 10.16 -38.90 22.45
CA GLU R 140 8.84 -39.00 21.83
C GLU R 140 8.00 -40.04 22.54
N GLN R 141 8.59 -41.20 22.85
CA GLN R 141 7.85 -42.24 23.56
C GLN R 141 7.48 -41.78 24.96
N VAL R 142 8.40 -41.12 25.67
CA VAL R 142 8.08 -40.67 27.02
C VAL R 142 6.91 -39.69 26.98
N LYS R 143 6.93 -38.75 26.04
CA LYS R 143 5.83 -37.80 25.91
C LYS R 143 4.52 -38.48 25.56
N ALA R 144 4.57 -39.44 24.63
CA ALA R 144 3.34 -40.14 24.25
C ALA R 144 2.76 -40.91 25.42
N ILE R 145 3.62 -41.59 26.19
CA ILE R 145 3.16 -42.36 27.33
C ILE R 145 2.54 -41.42 28.38
N LYS R 146 3.20 -40.29 28.64
CA LYS R 146 2.65 -39.33 29.60
C LYS R 146 1.30 -38.82 29.15
N GLU R 147 1.17 -38.48 27.86
CA GLU R 147 -0.10 -37.99 27.35
C GLU R 147 -1.21 -39.03 27.49
N LEU R 148 -0.90 -40.29 27.13
CA LEU R 148 -1.91 -41.33 27.22
C LEU R 148 -2.30 -41.59 28.67
N GLY R 149 -1.33 -41.55 29.59
CA GLY R 149 -1.66 -41.67 30.99
C GLY R 149 -2.57 -40.56 31.47
N ASP R 150 -2.29 -39.32 31.04
CA ASP R 150 -3.17 -38.21 31.38
C ASP R 150 -4.59 -38.44 30.87
N HIS R 151 -4.71 -38.91 29.62
CA HIS R 151 -6.03 -39.15 29.05
C HIS R 151 -6.77 -40.22 29.83
N VAL R 152 -6.08 -41.32 30.16
CA VAL R 152 -6.71 -42.39 30.91
C VAL R 152 -7.17 -41.88 32.27
N THR R 153 -6.32 -41.12 32.96
CA THR R 153 -6.69 -40.57 34.26
C THR R 153 -7.94 -39.71 34.16
N ASN R 154 -7.98 -38.81 33.18
CA ASN R 154 -9.13 -37.92 33.07
C ASN R 154 -10.40 -38.71 32.73
N LEU R 155 -10.31 -39.67 31.81
CA LEU R 155 -11.49 -40.44 31.47
C LEU R 155 -12.00 -41.23 32.66
N ARG R 156 -11.09 -41.83 33.44
CA ARG R 156 -11.51 -42.55 34.65
C ARG R 156 -12.17 -41.61 35.65
N LYS R 157 -11.58 -40.43 35.88
CA LYS R 157 -12.16 -39.51 36.85
C LYS R 157 -13.54 -39.04 36.41
N MET R 158 -13.72 -38.77 35.11
CA MET R 158 -15.01 -38.31 34.62
C MET R 158 -16.10 -39.36 34.74
N GLY R 159 -15.76 -40.62 34.96
CA GLY R 159 -16.74 -41.68 35.08
C GLY R 159 -16.84 -42.63 33.90
N ALA R 160 -15.94 -42.52 32.93
CA ALA R 160 -15.93 -43.46 31.83
C ALA R 160 -15.55 -44.86 32.33
N PRO R 161 -15.93 -45.92 31.60
CA PRO R 161 -16.69 -45.94 30.34
C PRO R 161 -18.19 -45.99 30.56
N GLU R 162 -18.64 -46.14 31.81
CA GLU R 162 -20.06 -46.29 32.07
C GLU R 162 -20.84 -45.05 31.66
N SER R 163 -20.31 -43.88 31.96
CA SER R 163 -20.97 -42.61 31.62
C SER R 163 -20.57 -42.25 30.20
N GLY R 164 -21.48 -42.47 29.25
CA GLY R 164 -21.23 -42.05 27.89
C GLY R 164 -21.09 -40.54 27.78
N LEU R 165 -21.71 -39.80 28.69
CA LEU R 165 -21.53 -38.35 28.73
C LEU R 165 -20.07 -38.00 28.97
N ALA R 166 -19.39 -38.77 29.83
CA ALA R 166 -17.98 -38.51 30.08
C ALA R 166 -17.15 -38.61 28.80
N GLU R 167 -17.37 -39.67 28.02
CA GLU R 167 -16.59 -39.84 26.80
C GLU R 167 -16.97 -38.79 25.75
N TYR R 168 -18.26 -38.44 25.67
CA TYR R 168 -18.67 -37.37 24.75
C TYR R 168 -17.96 -36.06 25.09
N LEU R 169 -17.96 -35.68 26.38
CA LEU R 169 -17.37 -34.41 26.76
C LEU R 169 -15.85 -34.45 26.65
N PHE R 170 -15.22 -35.60 26.92
CA PHE R 170 -13.79 -35.72 26.72
C PHE R 170 -13.44 -35.59 25.25
N ASP R 171 -14.25 -36.20 24.38
CA ASP R 171 -14.05 -36.05 22.95
C ASP R 171 -14.13 -34.59 22.53
N LYS R 172 -15.11 -33.85 23.06
CA LYS R 172 -15.27 -32.45 22.66
CA LYS R 172 -15.27 -32.45 22.66
C LYS R 172 -14.16 -31.58 23.22
N HIS R 173 -13.85 -31.70 24.51
CA HIS R 173 -13.03 -30.70 25.19
C HIS R 173 -11.54 -31.02 25.19
N THR R 174 -11.16 -32.29 25.31
CA THR R 174 -9.75 -32.62 25.32
C THR R 174 -9.23 -32.93 23.91
N LEU R 175 -9.90 -33.82 23.19
CA LEU R 175 -9.46 -34.22 21.86
C LEU R 175 -9.95 -33.29 20.76
N GLY R 176 -10.87 -32.37 21.07
CA GLY R 176 -11.39 -31.47 20.06
C GLY R 176 -10.51 -30.25 19.86
N THR S 5 -45.63 -34.33 -28.06
CA THR S 5 -44.29 -34.76 -27.59
C THR S 5 -43.31 -33.58 -27.62
N SER S 6 -42.55 -33.43 -26.55
CA SER S 6 -41.56 -32.38 -26.47
C SER S 6 -40.50 -32.53 -27.54
N GLN S 7 -40.06 -31.40 -28.10
CA GLN S 7 -39.00 -31.40 -29.10
C GLN S 7 -37.66 -31.89 -28.54
N VAL S 8 -37.49 -31.85 -27.21
CA VAL S 8 -36.24 -32.26 -26.59
C VAL S 8 -36.28 -33.70 -26.10
N ARG S 9 -37.44 -34.32 -26.04
CA ARG S 9 -37.57 -35.62 -25.38
C ARG S 9 -36.84 -36.70 -26.18
N GLN S 10 -36.07 -37.53 -25.48
CA GLN S 10 -35.32 -38.60 -26.12
C GLN S 10 -34.93 -39.62 -25.08
N ASN S 11 -35.37 -40.87 -25.27
CA ASN S 11 -35.03 -41.96 -24.35
C ASN S 11 -35.55 -41.70 -22.94
N TYR S 12 -36.71 -41.05 -22.84
CA TYR S 12 -37.33 -40.72 -21.56
C TYR S 12 -38.69 -41.40 -21.48
N HIS S 13 -38.77 -42.47 -20.71
CA HIS S 13 -39.98 -43.27 -20.62
C HIS S 13 -41.04 -42.57 -19.76
N GLN S 14 -42.30 -42.84 -20.07
CA GLN S 14 -43.40 -42.23 -19.32
C GLN S 14 -43.36 -42.66 -17.86
N ASP S 15 -43.00 -43.92 -17.60
CA ASP S 15 -42.89 -44.40 -16.23
C ASP S 15 -41.86 -43.60 -15.45
N SER S 16 -40.72 -43.29 -16.09
CA SER S 16 -39.71 -42.48 -15.43
C SER S 16 -40.24 -41.09 -15.11
N GLU S 17 -40.99 -40.50 -16.04
CA GLU S 17 -41.57 -39.18 -15.80
C GLU S 17 -42.51 -39.20 -14.61
N ALA S 18 -43.38 -40.21 -14.54
CA ALA S 18 -44.29 -40.33 -13.40
C ALA S 18 -43.53 -40.51 -12.10
N ALA S 19 -42.49 -41.37 -12.11
CA ALA S 19 -41.71 -41.60 -10.90
C ALA S 19 -41.00 -40.32 -10.46
N ILE S 20 -40.54 -39.51 -11.40
CA ILE S 20 -39.91 -38.25 -11.05
C ILE S 20 -40.90 -37.32 -10.38
N ASN S 21 -42.14 -37.27 -10.90
CA ASN S 21 -43.15 -36.44 -10.25
C ASN S 21 -43.42 -36.92 -8.83
N ARG S 22 -43.50 -38.23 -8.63
CA ARG S 22 -43.70 -38.77 -7.29
C ARG S 22 -42.54 -38.37 -6.37
N GLN S 23 -41.30 -38.45 -6.88
CA GLN S 23 -40.15 -38.08 -6.07
C GLN S 23 -40.17 -36.59 -5.71
N ILE S 24 -40.62 -35.75 -6.65
CA ILE S 24 -40.76 -34.33 -6.34
C ILE S 24 -41.69 -34.15 -5.15
N ASN S 25 -42.84 -34.82 -5.19
CA ASN S 25 -43.78 -34.68 -4.08
C ASN S 25 -43.15 -35.17 -2.78
N LEU S 26 -42.42 -36.28 -2.83
CA LEU S 26 -41.81 -36.82 -1.61
C LEU S 26 -40.78 -35.84 -1.03
N GLU S 27 -39.98 -35.21 -1.89
CA GLU S 27 -38.99 -34.25 -1.40
C GLU S 27 -39.68 -33.03 -0.77
N LEU S 28 -40.75 -32.55 -1.39
CA LEU S 28 -41.48 -31.42 -0.80
C LEU S 28 -42.07 -31.81 0.56
N TYR S 29 -42.58 -33.04 0.66
CA TYR S 29 -43.11 -33.51 1.94
C TYR S 29 -42.01 -33.56 3.00
N ALA S 30 -40.83 -34.05 2.63
CA ALA S 30 -39.73 -34.09 3.59
C ALA S 30 -39.35 -32.69 4.05
N SER S 31 -39.32 -31.73 3.12
CA SER S 31 -39.04 -30.35 3.49
C SER S 31 -40.08 -29.87 4.51
N TYR S 32 -41.35 -30.19 4.29
CA TYR S 32 -42.40 -29.78 5.22
C TYR S 32 -42.20 -30.40 6.60
N VAL S 33 -41.84 -31.69 6.64
CA VAL S 33 -41.59 -32.36 7.91
C VAL S 33 -40.47 -31.67 8.67
N TYR S 34 -39.38 -31.35 7.97
CA TYR S 34 -38.26 -30.70 8.63
C TYR S 34 -38.63 -29.30 9.12
N LEU S 35 -39.47 -28.59 8.36
CA LEU S 35 -39.93 -27.28 8.82
C LEU S 35 -40.70 -27.42 10.14
N SER S 36 -41.62 -28.39 10.19
CA SER S 36 -42.37 -28.62 11.43
C SER S 36 -41.43 -28.92 12.58
N MET S 37 -40.47 -29.82 12.36
CA MET S 37 -39.50 -30.14 13.40
C MET S 37 -38.77 -28.90 13.86
N SER S 38 -38.29 -28.09 12.92
CA SER S 38 -37.50 -26.92 13.27
C SER S 38 -38.29 -26.00 14.18
N TYR S 39 -39.55 -25.74 13.86
CA TYR S 39 -40.30 -24.82 14.70
C TYR S 39 -40.88 -25.47 15.94
N TYR S 40 -40.80 -26.79 16.07
CA TYR S 40 -41.07 -27.40 17.37
C TYR S 40 -40.00 -27.02 18.39
N PHE S 41 -38.72 -27.04 17.98
CA PHE S 41 -37.63 -26.72 18.89
C PHE S 41 -37.49 -25.22 19.13
N ASP S 42 -38.24 -24.40 18.41
CA ASP S 42 -38.30 -22.97 18.67
C ASP S 42 -39.34 -22.61 19.72
N ARG S 43 -40.13 -23.57 20.18
CA ARG S 43 -41.12 -23.31 21.21
C ARG S 43 -40.45 -22.90 22.51
N ASP S 44 -41.14 -22.06 23.28
CA ASP S 44 -40.56 -21.58 24.53
C ASP S 44 -40.41 -22.69 25.56
N ASP S 45 -41.21 -23.75 25.46
CA ASP S 45 -41.12 -24.87 26.38
C ASP S 45 -40.25 -26.00 25.84
N VAL S 46 -39.54 -25.78 24.74
CA VAL S 46 -38.55 -26.73 24.23
C VAL S 46 -37.21 -26.02 24.18
N ALA S 47 -37.13 -24.96 23.37
CA ALA S 47 -36.05 -23.98 23.43
C ALA S 47 -34.68 -24.62 23.23
N LEU S 48 -34.50 -25.29 22.10
CA LEU S 48 -33.22 -25.82 21.68
C LEU S 48 -32.90 -25.18 20.33
N LYS S 49 -32.21 -24.04 20.36
CA LYS S 49 -32.06 -23.23 19.16
C LYS S 49 -31.28 -23.95 18.07
N ASN S 50 -30.25 -24.71 18.44
CA ASN S 50 -29.42 -25.33 17.41
C ASN S 50 -30.12 -26.52 16.78
N PHE S 51 -30.96 -27.24 17.53
CA PHE S 51 -31.82 -28.23 16.91
C PHE S 51 -32.72 -27.58 15.86
N ALA S 52 -33.31 -26.44 16.21
CA ALA S 52 -34.17 -25.73 15.28
C ALA S 52 -33.41 -25.33 14.02
N LYS S 53 -32.20 -24.78 14.20
CA LYS S 53 -31.41 -24.37 13.05
CA LYS S 53 -31.41 -24.37 13.05
C LYS S 53 -31.05 -25.57 12.17
N TYR S 54 -30.67 -26.68 12.80
CA TYR S 54 -30.32 -27.88 12.04
C TYR S 54 -31.47 -28.33 11.17
N PHE S 55 -32.66 -28.43 11.76
CA PHE S 55 -33.78 -28.94 11.00
C PHE S 55 -34.27 -27.93 9.96
N LEU S 56 -34.15 -26.64 10.23
CA LEU S 56 -34.50 -25.65 9.20
C LEU S 56 -33.56 -25.76 8.01
N HIS S 57 -32.27 -25.96 8.27
CA HIS S 57 -31.33 -26.18 7.18
C HIS S 57 -31.71 -27.42 6.38
N GLN S 58 -32.09 -28.51 7.06
CA GLN S 58 -32.51 -29.71 6.34
C GLN S 58 -33.74 -29.43 5.49
N SER S 59 -34.69 -28.66 6.01
CA SER S 59 -35.89 -28.32 5.24
C SER S 59 -35.52 -27.59 3.95
N HIS S 60 -34.65 -26.60 4.04
CA HIS S 60 -34.26 -25.86 2.85
C HIS S 60 -33.51 -26.76 1.87
N GLU S 61 -32.67 -27.66 2.37
CA GLU S 61 -31.98 -28.59 1.49
C GLU S 61 -32.97 -29.48 0.75
N GLU S 62 -34.01 -29.94 1.44
CA GLU S 62 -35.01 -30.77 0.78
C GLU S 62 -35.72 -29.98 -0.32
N ARG S 63 -36.03 -28.72 -0.06
CA ARG S 63 -36.65 -27.88 -1.09
CA ARG S 63 -36.65 -27.88 -1.09
C ARG S 63 -35.73 -27.80 -2.31
N GLU S 64 -34.43 -27.64 -2.06
CA GLU S 64 -33.48 -27.58 -3.16
CA GLU S 64 -33.47 -27.59 -3.16
C GLU S 64 -33.48 -28.87 -3.97
N HIS S 65 -33.55 -30.02 -3.28
CA HIS S 65 -33.60 -31.30 -3.99
C HIS S 65 -34.84 -31.39 -4.88
N ALA S 66 -35.98 -30.96 -4.34
CA ALA S 66 -37.21 -30.98 -5.14
C ALA S 66 -37.07 -30.11 -6.37
N GLU S 67 -36.50 -28.92 -6.21
CA GLU S 67 -36.34 -28.01 -7.34
C GLU S 67 -35.40 -28.59 -8.39
N LYS S 68 -34.35 -29.27 -7.95
CA LYS S 68 -33.46 -29.93 -8.91
C LYS S 68 -34.19 -31.01 -9.68
N LEU S 69 -35.06 -31.76 -9.02
CA LEU S 69 -35.85 -32.76 -9.73
C LEU S 69 -36.77 -32.12 -10.76
N MET S 70 -37.39 -30.98 -10.41
CA MET S 70 -38.24 -30.28 -11.37
C MET S 70 -37.43 -29.82 -12.58
N LYS S 71 -36.23 -29.29 -12.32
CA LYS S 71 -35.35 -28.90 -13.42
C LYS S 71 -35.03 -30.08 -14.31
N LEU S 72 -34.75 -31.24 -13.71
CA LEU S 72 -34.48 -32.44 -14.49
C LEU S 72 -35.69 -32.80 -15.34
N GLN S 73 -36.88 -32.76 -14.75
CA GLN S 73 -38.10 -33.09 -15.50
C GLN S 73 -38.20 -32.21 -16.74
N ASN S 74 -37.95 -30.91 -16.60
CA ASN S 74 -38.04 -30.03 -17.76
C ASN S 74 -36.92 -30.28 -18.75
N GLN S 75 -35.72 -30.60 -18.25
CA GLN S 75 -34.59 -30.84 -19.14
C GLN S 75 -34.87 -31.98 -20.10
N ARG S 76 -35.50 -33.04 -19.61
CA ARG S 76 -35.73 -34.23 -20.41
C ARG S 76 -37.03 -34.17 -21.21
N GLY S 77 -37.77 -33.07 -21.12
CA GLY S 77 -39.00 -32.94 -21.87
C GLY S 77 -40.22 -33.52 -21.20
N GLY S 78 -40.11 -33.97 -19.96
CA GLY S 78 -41.27 -34.36 -19.19
C GLY S 78 -42.03 -33.15 -18.69
N ARG S 79 -43.21 -33.40 -18.13
CA ARG S 79 -44.09 -32.34 -17.67
C ARG S 79 -44.37 -32.53 -16.19
N ILE S 80 -44.14 -31.48 -15.42
CA ILE S 80 -44.31 -31.51 -13.97
C ILE S 80 -45.80 -31.48 -13.66
N PHE S 81 -46.23 -32.40 -12.80
CA PHE S 81 -47.58 -32.39 -12.25
C PHE S 81 -47.47 -32.45 -10.74
N LEU S 82 -47.85 -31.36 -10.07
CA LEU S 82 -47.73 -31.25 -8.63
C LEU S 82 -48.98 -31.81 -7.95
N GLN S 83 -48.81 -32.24 -6.70
CA GLN S 83 -49.88 -32.79 -5.90
C GLN S 83 -49.86 -32.12 -4.53
N ASP S 84 -50.89 -32.40 -3.73
CA ASP S 84 -50.94 -31.89 -2.38
C ASP S 84 -49.71 -32.32 -1.61
N ILE S 85 -49.15 -31.40 -0.83
CA ILE S 85 -48.10 -31.73 0.13
C ILE S 85 -48.79 -32.05 1.45
N LYS S 86 -48.76 -33.32 1.84
CA LYS S 86 -49.45 -33.75 3.05
C LYS S 86 -48.76 -33.18 4.28
N LYS S 87 -49.55 -32.89 5.30
CA LYS S 87 -48.98 -32.36 6.54
C LYS S 87 -48.19 -33.46 7.25
N PRO S 88 -47.19 -33.08 8.05
CA PRO S 88 -46.43 -34.09 8.79
C PRO S 88 -47.32 -34.88 9.73
N ASP S 89 -46.93 -36.13 9.97
CA ASP S 89 -47.75 -37.02 10.80
C ASP S 89 -47.84 -36.52 12.24
N CYS S 90 -46.82 -35.83 12.72
CA CYS S 90 -46.75 -35.39 14.11
C CYS S 90 -46.76 -33.87 14.18
N ASP S 91 -47.45 -33.34 15.20
CA ASP S 91 -47.34 -31.93 15.55
C ASP S 91 -46.31 -31.68 16.64
N ASP S 92 -46.11 -32.63 17.53
CA ASP S 92 -45.19 -32.52 18.66
C ASP S 92 -44.17 -33.64 18.53
N TRP S 93 -42.90 -33.28 18.44
CA TRP S 93 -41.83 -34.25 18.16
C TRP S 93 -41.18 -34.79 19.43
N GLU S 94 -41.50 -34.24 20.58
CA GLU S 94 -41.32 -34.77 21.93
CA GLU S 94 -41.32 -34.76 21.93
C GLU S 94 -39.88 -34.74 22.44
N SER S 95 -38.88 -34.50 21.60
CA SER S 95 -37.50 -34.42 22.10
C SER S 95 -36.56 -34.28 20.92
N GLY S 96 -35.31 -33.92 21.23
CA GLY S 96 -34.28 -33.95 20.21
C GLY S 96 -33.98 -35.35 19.71
N LEU S 97 -33.89 -36.32 20.63
CA LEU S 97 -33.61 -37.69 20.24
C LEU S 97 -34.73 -38.25 19.37
N ASN S 98 -35.98 -38.05 19.78
CA ASN S 98 -37.10 -38.56 18.99
C ASN S 98 -37.13 -37.91 17.61
N ALA S 99 -36.86 -36.60 17.55
CA ALA S 99 -36.82 -35.93 16.26
C ALA S 99 -35.72 -36.48 15.37
N MET S 100 -34.54 -36.75 15.95
CA MET S 100 -33.46 -37.33 15.16
C MET S 100 -33.83 -38.72 14.66
N GLU S 101 -34.49 -39.52 15.49
CA GLU S 101 -34.92 -40.85 15.05
C GLU S 101 -35.95 -40.75 13.92
N CYS S 102 -36.90 -39.82 14.04
CA CYS S 102 -37.87 -39.62 12.98
C CYS S 102 -37.21 -39.16 11.70
N ALA S 103 -36.21 -38.27 11.81
CA ALA S 103 -35.49 -37.82 10.63
C ALA S 103 -34.73 -38.97 9.98
N LEU S 104 -34.15 -39.85 10.80
CA LEU S 104 -33.46 -41.02 10.25
C LEU S 104 -34.44 -41.90 9.48
N HIS S 105 -35.61 -42.14 10.06
CA HIS S 105 -36.64 -42.92 9.37
C HIS S 105 -37.03 -42.27 8.05
N LEU S 106 -37.24 -40.95 8.07
CA LEU S 106 -37.64 -40.23 6.87
C LEU S 106 -36.56 -40.31 5.79
N GLU S 107 -35.30 -40.11 6.17
CA GLU S 107 -34.22 -40.14 5.19
C GLU S 107 -34.06 -41.53 4.60
N LYS S 108 -34.26 -42.58 5.40
CA LYS S 108 -34.19 -43.93 4.85
C LYS S 108 -35.35 -44.20 3.90
N ASN S 109 -36.54 -43.66 4.20
CA ASN S 109 -37.66 -43.79 3.28
C ASN S 109 -37.36 -43.10 1.95
N VAL S 110 -36.82 -41.89 2.01
CA VAL S 110 -36.47 -41.17 0.79
C VAL S 110 -35.40 -41.95 0.01
N ASN S 111 -34.43 -42.50 0.72
CA ASN S 111 -33.39 -43.29 0.05
C ASN S 111 -33.99 -44.50 -0.64
N GLN S 112 -34.93 -45.19 0.00
CA GLN S 112 -35.56 -46.34 -0.65
C GLN S 112 -36.30 -45.91 -1.90
N SER S 113 -36.99 -44.77 -1.84
CA SER S 113 -37.66 -44.26 -3.03
C SER S 113 -36.66 -43.98 -4.15
N LEU S 114 -35.53 -43.37 -3.81
CA LEU S 114 -34.51 -43.08 -4.82
C LEU S 114 -33.94 -44.36 -5.42
N LEU S 115 -33.75 -45.39 -4.59
CA LEU S 115 -33.24 -46.66 -5.10
C LEU S 115 -34.23 -47.30 -6.05
N GLU S 116 -35.52 -47.23 -5.73
CA GLU S 116 -36.53 -47.75 -6.65
C GLU S 116 -36.53 -46.96 -7.95
N LEU S 117 -36.37 -45.63 -7.86
CA LEU S 117 -36.29 -44.82 -9.06
C LEU S 117 -35.10 -45.21 -9.92
N HIS S 118 -33.95 -45.46 -9.28
CA HIS S 118 -32.77 -45.86 -10.04
C HIS S 118 -32.97 -47.23 -10.69
N LYS S 119 -33.62 -48.15 -9.98
CA LYS S 119 -33.93 -49.44 -10.57
C LYS S 119 -34.83 -49.29 -11.79
N LEU S 120 -35.84 -48.42 -11.69
CA LEU S 120 -36.70 -48.16 -12.84
C LEU S 120 -35.91 -47.60 -14.01
N ALA S 121 -35.04 -46.62 -13.73
CA ALA S 121 -34.24 -46.02 -14.80
C ALA S 121 -33.34 -47.07 -15.45
N THR S 122 -32.75 -47.94 -14.65
CA THR S 122 -31.91 -49.02 -15.20
C THR S 122 -32.73 -49.94 -16.09
N ASP S 123 -33.95 -50.29 -15.65
CA ASP S 123 -34.79 -51.18 -16.43
CA ASP S 123 -34.80 -51.17 -16.43
C ASP S 123 -35.16 -50.56 -17.77
N LYS S 124 -35.36 -49.24 -17.82
CA LYS S 124 -35.71 -48.53 -19.04
C LYS S 124 -34.49 -48.10 -19.83
N ASN S 125 -33.29 -48.52 -19.42
CA ASN S 125 -32.06 -48.19 -20.14
C ASN S 125 -31.92 -46.68 -20.34
N ASP S 126 -32.07 -45.94 -19.25
CA ASP S 126 -31.93 -44.49 -19.26
C ASP S 126 -30.67 -44.10 -18.50
N PRO S 127 -29.50 -44.21 -19.13
CA PRO S 127 -28.25 -43.93 -18.41
C PRO S 127 -28.14 -42.51 -17.88
N HIS S 128 -28.71 -41.53 -18.57
CA HIS S 128 -28.64 -40.16 -18.06
C HIS S 128 -29.37 -40.04 -16.73
N LEU S 129 -30.55 -40.64 -16.62
CA LEU S 129 -31.31 -40.56 -15.38
C LEU S 129 -30.61 -41.32 -14.27
N CYS S 130 -30.05 -42.49 -14.58
CA CYS S 130 -29.29 -43.24 -13.59
C CYS S 130 -28.12 -42.41 -13.07
N ASP S 131 -27.39 -41.78 -13.98
CA ASP S 131 -26.25 -40.97 -13.57
C ASP S 131 -26.69 -39.78 -12.75
N PHE S 132 -27.81 -39.15 -13.13
CA PHE S 132 -28.34 -38.04 -12.35
C PHE S 132 -28.62 -38.46 -10.91
N ILE S 133 -29.31 -39.59 -10.75
CA ILE S 133 -29.64 -40.08 -9.41
C ILE S 133 -28.37 -40.40 -8.63
N GLU S 134 -27.42 -41.10 -9.27
CA GLU S 134 -26.19 -41.46 -8.59
C GLU S 134 -25.42 -40.23 -8.14
N THR S 135 -25.28 -39.25 -9.04
CA THR S 135 -24.38 -38.13 -8.80
C THR S 135 -24.98 -37.17 -7.77
N HIS S 136 -26.28 -36.92 -7.84
CA HIS S 136 -26.87 -35.85 -7.05
C HIS S 136 -27.63 -36.33 -5.82
N TYR S 137 -27.97 -37.61 -5.72
CA TYR S 137 -28.88 -38.00 -4.65
C TYR S 137 -28.38 -39.14 -3.76
N LEU S 138 -27.75 -40.18 -4.34
CA LEU S 138 -27.51 -41.39 -3.56
C LEU S 138 -26.47 -41.15 -2.46
N ASN S 139 -25.33 -40.55 -2.80
CA ASN S 139 -24.32 -40.31 -1.78
C ASN S 139 -24.78 -39.28 -0.76
N GLU S 140 -25.55 -38.28 -1.20
CA GLU S 140 -26.11 -37.33 -0.24
C GLU S 140 -26.97 -38.04 0.79
N GLN S 141 -27.80 -38.99 0.34
CA GLN S 141 -28.63 -39.74 1.27
C GLN S 141 -27.78 -40.60 2.20
N VAL S 142 -26.75 -41.26 1.66
CA VAL S 142 -25.91 -42.09 2.52
C VAL S 142 -25.25 -41.24 3.60
N LYS S 143 -24.72 -40.07 3.22
CA LYS S 143 -24.10 -39.19 4.19
C LYS S 143 -25.10 -38.70 5.23
N ALA S 144 -26.31 -38.32 4.79
CA ALA S 144 -27.31 -37.84 5.73
C ALA S 144 -27.71 -38.92 6.71
N ILE S 145 -27.88 -40.15 6.23
CA ILE S 145 -28.26 -41.25 7.10
C ILE S 145 -27.15 -41.54 8.09
N LYS S 146 -25.89 -41.53 7.64
CA LYS S 146 -24.78 -41.75 8.56
C LYS S 146 -24.72 -40.67 9.63
N GLU S 147 -24.90 -39.41 9.23
CA GLU S 147 -24.87 -38.32 10.20
C GLU S 147 -25.99 -38.46 11.23
N LEU S 148 -27.20 -38.77 10.77
CA LEU S 148 -28.31 -38.91 11.71
C LEU S 148 -28.09 -40.10 12.64
N GLY S 149 -27.54 -41.20 12.13
CA GLY S 149 -27.21 -42.32 12.99
C GLY S 149 -26.19 -41.93 14.05
N ASP S 150 -25.17 -41.17 13.66
CA ASP S 150 -24.19 -40.69 14.64
C ASP S 150 -24.87 -39.84 15.72
N HIS S 151 -25.76 -38.94 15.29
CA HIS S 151 -26.44 -38.07 16.25
C HIS S 151 -27.28 -38.89 17.23
N VAL S 152 -28.02 -39.87 16.70
CA VAL S 152 -28.85 -40.71 17.56
C VAL S 152 -27.98 -41.47 18.54
N THR S 153 -26.88 -42.03 18.06
CA THR S 153 -25.98 -42.78 18.95
C THR S 153 -25.48 -41.90 20.07
N ASN S 154 -25.00 -40.70 19.74
CA ASN S 154 -24.45 -39.82 20.77
C ASN S 154 -25.51 -39.40 21.77
N LEU S 155 -26.71 -39.05 21.29
CA LEU S 155 -27.77 -38.65 22.20
C LEU S 155 -28.15 -39.79 23.13
N ARG S 156 -28.23 -41.01 22.60
CA ARG S 156 -28.55 -42.16 23.44
C ARG S 156 -27.47 -42.38 24.49
N LYS S 157 -26.20 -42.32 24.09
CA LYS S 157 -25.12 -42.55 25.04
C LYS S 157 -25.10 -41.49 26.12
N MET S 158 -25.35 -40.23 25.77
CA MET S 158 -25.33 -39.16 26.76
C MET S 158 -26.47 -39.28 27.77
N GLY S 159 -27.47 -40.09 27.51
CA GLY S 159 -28.58 -40.28 28.42
C GLY S 159 -29.89 -39.64 28.01
N ALA S 160 -29.98 -39.11 26.80
CA ALA S 160 -31.24 -38.57 26.31
C ALA S 160 -32.25 -39.70 26.13
N PRO S 161 -33.56 -39.38 26.16
CA PRO S 161 -34.17 -38.06 26.34
C PRO S 161 -34.42 -37.72 27.80
N GLU S 162 -34.20 -38.66 28.71
CA GLU S 162 -34.51 -38.43 30.11
C GLU S 162 -33.68 -37.30 30.69
N SER S 163 -32.39 -37.26 30.36
CA SER S 163 -31.49 -36.23 30.86
C SER S 163 -31.58 -35.03 29.92
N GLY S 164 -32.30 -34.00 30.36
CA GLY S 164 -32.35 -32.76 29.59
C GLY S 164 -30.99 -32.11 29.45
N LEU S 165 -30.11 -32.35 30.42
CA LEU S 165 -28.73 -31.87 30.31
C LEU S 165 -28.05 -32.45 29.09
N ALA S 166 -28.32 -33.73 28.78
CA ALA S 166 -27.72 -34.34 27.60
C ALA S 166 -28.12 -33.62 26.34
N GLU S 167 -29.41 -33.31 26.19
CA GLU S 167 -29.86 -32.64 24.97
C GLU S 167 -29.35 -31.20 24.92
N TYR S 168 -29.30 -30.52 26.07
CA TYR S 168 -28.73 -29.17 26.10
C TYR S 168 -27.27 -29.18 25.63
N LEU S 169 -26.48 -30.10 26.17
CA LEU S 169 -25.06 -30.13 25.81
C LEU S 169 -24.85 -30.59 24.38
N PHE S 170 -25.69 -31.52 23.89
CA PHE S 170 -25.60 -31.92 22.50
C PHE S 170 -25.94 -30.76 21.58
N ASP S 171 -26.96 -29.98 21.94
CA ASP S 171 -27.31 -28.79 21.19
C ASP S 171 -26.13 -27.82 21.13
N LYS S 172 -25.45 -27.62 22.25
CA LYS S 172 -24.36 -26.66 22.29
CA LYS S 172 -24.35 -26.66 22.29
C LYS S 172 -23.13 -27.17 21.52
N HIS S 173 -22.73 -28.41 21.76
CA HIS S 173 -21.42 -28.87 21.31
C HIS S 173 -21.43 -29.54 19.95
N THR S 174 -22.48 -30.29 19.61
CA THR S 174 -22.52 -30.95 18.31
C THR S 174 -23.20 -30.08 17.26
N LEU S 175 -24.39 -29.58 17.56
CA LEU S 175 -25.15 -28.79 16.60
C LEU S 175 -24.80 -27.31 16.64
N GLY S 176 -24.02 -26.86 17.61
CA GLY S 176 -23.65 -25.47 17.72
C GLY S 176 -22.45 -25.12 16.86
N THR T 5 -50.07 26.14 29.33
CA THR T 5 -50.03 25.09 28.27
C THR T 5 -48.79 25.25 27.40
N SER T 6 -48.11 24.13 27.14
CA SER T 6 -46.91 24.15 26.32
C SER T 6 -47.24 24.59 24.89
N GLN T 7 -46.33 25.35 24.30
CA GLN T 7 -46.51 25.81 22.92
C GLN T 7 -46.49 24.66 21.93
N VAL T 8 -45.94 23.50 22.30
CA VAL T 8 -45.86 22.36 21.39
C VAL T 8 -47.00 21.37 21.59
N ARG T 9 -47.76 21.49 22.67
CA ARG T 9 -48.75 20.46 23.01
C ARG T 9 -49.88 20.44 21.98
N GLN T 10 -50.24 19.24 21.55
CA GLN T 10 -51.31 19.07 20.57
C GLN T 10 -51.79 17.64 20.63
N ASN T 11 -53.09 17.45 20.91
CA ASN T 11 -53.70 16.12 20.94
C ASN T 11 -53.04 15.22 22.00
N TYR T 12 -52.64 15.81 23.12
CA TYR T 12 -51.99 15.10 24.21
C TYR T 12 -52.83 15.25 25.46
N HIS T 13 -53.56 14.19 25.82
CA HIS T 13 -54.47 14.23 26.95
C HIS T 13 -53.71 14.19 28.27
N GLN T 14 -54.31 14.81 29.30
CA GLN T 14 -53.70 14.81 30.62
C GLN T 14 -53.56 13.40 31.17
N ASP T 15 -54.55 12.54 30.91
CA ASP T 15 -54.47 11.15 31.35
C ASP T 15 -53.26 10.44 30.75
N SER T 16 -53.00 10.70 29.47
CA SER T 16 -51.83 10.10 28.82
C SER T 16 -50.54 10.60 29.47
N GLU T 17 -50.49 11.89 29.81
CA GLU T 17 -49.31 12.44 30.47
C GLU T 17 -49.07 11.75 31.82
N ALA T 18 -50.12 11.60 32.60
CA ALA T 18 -49.99 10.92 33.90
C ALA T 18 -49.56 9.48 33.72
N ALA T 19 -50.14 8.77 32.75
CA ALA T 19 -49.77 7.38 32.52
C ALA T 19 -48.31 7.27 32.10
N ILE T 20 -47.83 8.23 31.30
CA ILE T 20 -46.43 8.21 30.90
C ILE T 20 -45.53 8.40 32.11
N ASN T 21 -45.91 9.28 33.03
CA ASN T 21 -45.10 9.44 34.24
C ASN T 21 -45.06 8.16 35.05
N ARG T 22 -46.22 7.49 35.17
CA ARG T 22 -46.24 6.21 35.88
C ARG T 22 -45.34 5.19 35.21
N GLN T 23 -45.36 5.14 33.88
CA GLN T 23 -44.51 4.19 33.16
C GLN T 23 -43.04 4.51 33.36
N ILE T 24 -42.69 5.78 33.42
CA ILE T 24 -41.30 6.17 33.71
C ILE T 24 -40.89 5.58 35.05
N ASN T 25 -41.74 5.75 36.07
CA ASN T 25 -41.38 5.21 37.37
C ASN T 25 -41.23 3.69 37.32
N LEU T 26 -42.13 3.02 36.60
CA LEU T 26 -42.06 1.57 36.51
C LEU T 26 -40.77 1.10 35.84
N GLU T 27 -40.35 1.79 34.78
CA GLU T 27 -39.12 1.41 34.11
C GLU T 27 -37.90 1.62 35.02
N LEU T 28 -37.88 2.73 35.77
CA LEU T 28 -36.79 2.95 36.70
C LEU T 28 -36.76 1.86 37.78
N TYR T 29 -37.94 1.46 38.25
CA TYR T 29 -38.01 0.39 39.24
C TYR T 29 -37.47 -0.91 38.68
N ALA T 30 -37.83 -1.23 37.43
CA ALA T 30 -37.31 -2.45 36.81
C ALA T 30 -35.79 -2.40 36.69
N SER T 31 -35.25 -1.25 36.30
CA SER T 31 -33.80 -1.10 36.25
C SER T 31 -33.18 -1.39 37.62
N TYR T 32 -33.80 -0.87 38.68
CA TYR T 32 -33.28 -1.11 40.03
C TYR T 32 -33.31 -2.59 40.39
N VAL T 33 -34.41 -3.27 40.04
CA VAL T 33 -34.53 -4.70 40.32
C VAL T 33 -33.41 -5.46 39.63
N TYR T 34 -33.17 -5.14 38.36
CA TYR T 34 -32.12 -5.84 37.61
C TYR T 34 -30.74 -5.55 38.18
N LEU T 35 -30.52 -4.33 38.66
CA LEU T 35 -29.24 -4.02 39.30
C LEU T 35 -29.04 -4.89 40.55
N SER T 36 -30.07 -5.00 41.38
CA SER T 36 -30.00 -5.85 42.55
C SER T 36 -29.67 -7.29 42.16
N MET T 37 -30.40 -7.82 41.17
CA MET T 37 -30.13 -9.17 40.71
C MET T 37 -28.68 -9.32 40.25
N SER T 38 -28.20 -8.37 39.46
CA SER T 38 -26.85 -8.47 38.91
C SER T 38 -25.83 -8.59 40.02
N TYR T 39 -25.95 -7.75 41.06
CA TYR T 39 -24.94 -7.81 42.10
C TYR T 39 -25.20 -8.91 43.12
N TYR T 40 -26.35 -9.60 43.05
CA TYR T 40 -26.48 -10.82 43.82
C TYR T 40 -25.57 -11.92 43.27
N PHE T 41 -25.50 -12.05 41.95
CA PHE T 41 -24.67 -13.07 41.32
C PHE T 41 -23.19 -12.72 41.33
N ASP T 42 -22.83 -11.50 41.75
CA ASP T 42 -21.44 -11.12 41.95
C ASP T 42 -20.94 -11.48 43.34
N ARG T 43 -21.80 -11.97 44.23
CA ARG T 43 -21.37 -12.37 45.56
C ARG T 43 -20.41 -13.55 45.48
N ASP T 44 -19.47 -13.59 46.43
CA ASP T 44 -18.48 -14.65 46.44
C ASP T 44 -19.10 -16.03 46.69
N ASP T 45 -20.25 -16.08 47.35
CA ASP T 45 -20.93 -17.34 47.61
C ASP T 45 -22.00 -17.67 46.56
N VAL T 46 -22.06 -16.90 45.48
CA VAL T 46 -22.93 -17.22 44.35
C VAL T 46 -22.05 -17.38 43.11
N ALA T 47 -21.36 -16.29 42.74
CA ALA T 47 -20.24 -16.34 41.80
C ALA T 47 -20.63 -16.94 40.45
N LEU T 48 -21.62 -16.31 39.81
CA LEU T 48 -22.01 -16.64 38.44
C LEU T 48 -21.86 -15.35 37.63
N LYS T 49 -20.68 -15.18 37.04
CA LYS T 49 -20.34 -13.89 36.44
C LYS T 49 -21.25 -13.55 35.27
N ASN T 50 -21.61 -14.54 34.45
CA ASN T 50 -22.39 -14.23 33.26
C ASN T 50 -23.84 -13.93 33.61
N PHE T 51 -24.39 -14.55 34.66
CA PHE T 51 -25.69 -14.11 35.17
C PHE T 51 -25.62 -12.65 35.58
N ALA T 52 -24.57 -12.27 36.29
CA ALA T 52 -24.42 -10.89 36.73
C ALA T 52 -24.35 -9.95 35.53
N LYS T 53 -23.57 -10.31 34.51
CA LYS T 53 -23.46 -9.46 33.33
CA LYS T 53 -23.46 -9.46 33.33
C LYS T 53 -24.81 -9.34 32.61
N TYR T 54 -25.52 -10.46 32.48
CA TYR T 54 -26.82 -10.44 31.82
C TYR T 54 -27.77 -9.47 32.51
N PHE T 55 -27.86 -9.57 33.84
CA PHE T 55 -28.82 -8.73 34.55
C PHE T 55 -28.36 -7.27 34.59
N LEU T 56 -27.05 -7.02 34.62
CA LEU T 56 -26.58 -5.63 34.53
C LEU T 56 -26.96 -5.02 33.20
N HIS T 57 -26.80 -5.78 32.11
CA HIS T 57 -27.23 -5.31 30.81
C HIS T 57 -28.72 -5.00 30.80
N GLN T 58 -29.53 -5.87 31.39
CA GLN T 58 -30.97 -5.60 31.47
C GLN T 58 -31.26 -4.32 32.25
N SER T 59 -30.53 -4.10 33.35
CA SER T 59 -30.71 -2.88 34.13
C SER T 59 -30.46 -1.64 33.28
N HIS T 60 -29.35 -1.64 32.54
CA HIS T 60 -29.03 -0.48 31.73
C HIS T 60 -30.06 -0.28 30.63
N GLU T 61 -30.55 -1.38 30.03
CA GLU T 61 -31.60 -1.27 29.03
C GLU T 61 -32.87 -0.64 29.61
N GLU T 62 -33.24 -1.04 30.83
CA GLU T 62 -34.41 -0.46 31.46
C GLU T 62 -34.22 1.05 31.67
N ARG T 63 -33.03 1.46 32.10
CA ARG T 63 -32.74 2.88 32.26
CA ARG T 63 -32.76 2.87 32.26
C ARG T 63 -32.94 3.61 30.93
N GLU T 64 -32.46 2.99 29.85
CA GLU T 64 -32.63 3.60 28.53
CA GLU T 64 -32.63 3.59 28.53
C GLU T 64 -34.10 3.75 28.18
N HIS T 65 -34.91 2.74 28.48
CA HIS T 65 -36.34 2.83 28.21
C HIS T 65 -36.97 3.98 28.98
N ALA T 66 -36.61 4.13 30.25
CA ALA T 66 -37.15 5.23 31.04
C ALA T 66 -36.76 6.57 30.44
N GLU T 67 -35.50 6.71 30.02
CA GLU T 67 -35.07 7.97 29.45
C GLU T 67 -35.79 8.27 28.14
N LYS T 68 -36.06 7.24 27.33
CA LYS T 68 -36.83 7.46 26.11
C LYS T 68 -38.24 7.95 26.43
N LEU T 69 -38.85 7.39 27.48
CA LEU T 69 -40.17 7.87 27.89
C LEU T 69 -40.13 9.33 28.33
N MET T 70 -39.08 9.71 29.07
CA MET T 70 -38.95 11.11 29.47
C MET T 70 -38.80 12.02 28.25
N LYS T 71 -38.00 11.59 27.28
CA LYS T 71 -37.88 12.35 26.04
C LYS T 71 -39.22 12.50 25.36
N LEU T 72 -40.01 11.42 25.31
CA LEU T 72 -41.34 11.50 24.72
C LEU T 72 -42.20 12.51 25.45
N GLN T 73 -42.18 12.45 26.79
CA GLN T 73 -42.96 13.40 27.58
C GLN T 73 -42.64 14.83 27.19
N ASN T 74 -41.34 15.14 27.07
CA ASN T 74 -40.97 16.50 26.69
C ASN T 74 -41.36 16.82 25.26
N GLN T 75 -41.24 15.85 24.35
CA GLN T 75 -41.57 16.08 22.95
C GLN T 75 -43.01 16.53 22.78
N ARG T 76 -43.92 15.91 23.53
CA ARG T 76 -45.35 16.20 23.40
C ARG T 76 -45.82 17.35 24.25
N GLY T 77 -44.92 17.99 24.99
CA GLY T 77 -45.29 19.12 25.82
C GLY T 77 -45.82 18.76 27.19
N GLY T 78 -45.75 17.49 27.58
CA GLY T 78 -46.06 17.13 28.94
C GLY T 78 -44.91 17.47 29.87
N ARG T 79 -45.16 17.32 31.17
CA ARG T 79 -44.19 17.68 32.19
C ARG T 79 -43.89 16.47 33.05
N ILE T 80 -42.60 16.16 33.17
CA ILE T 80 -42.15 14.99 33.93
C ILE T 80 -42.29 15.28 35.41
N PHE T 81 -42.90 14.35 36.13
CA PHE T 81 -42.94 14.38 37.59
C PHE T 81 -42.42 13.04 38.10
N LEU T 82 -41.27 13.06 38.74
CA LEU T 82 -40.63 11.85 39.23
C LEU T 82 -41.11 11.51 40.63
N GLN T 83 -41.03 10.22 40.96
CA GLN T 83 -41.45 9.71 42.25
C GLN T 83 -40.34 8.82 42.81
N ASP T 84 -40.50 8.43 44.08
CA ASP T 84 -39.56 7.51 44.68
C ASP T 84 -39.44 6.24 43.85
N ILE T 85 -38.21 5.76 43.69
CA ILE T 85 -37.98 4.44 43.11
C ILE T 85 -37.92 3.45 44.28
N LYS T 86 -38.94 2.60 44.37
CA LYS T 86 -39.02 1.66 45.48
C LYS T 86 -37.93 0.61 45.36
N LYS T 87 -37.43 0.15 46.51
CA LYS T 87 -36.41 -0.88 46.51
C LYS T 87 -37.00 -2.21 46.05
N PRO T 88 -36.18 -3.09 45.48
CA PRO T 88 -36.69 -4.39 45.05
C PRO T 88 -37.25 -5.18 46.22
N ASP T 89 -38.23 -6.03 45.93
CA ASP T 89 -38.90 -6.79 46.99
C ASP T 89 -37.94 -7.77 47.67
N CYS T 90 -36.94 -8.26 46.95
CA CYS T 90 -36.02 -9.26 47.46
C CYS T 90 -34.61 -8.70 47.55
N ASP T 91 -33.89 -9.09 48.59
CA ASP T 91 -32.46 -8.85 48.69
C ASP T 91 -31.64 -10.03 48.20
N ASP T 92 -32.16 -11.25 48.35
CA ASP T 92 -31.47 -12.48 47.98
C ASP T 92 -32.35 -13.20 46.96
N TRP T 93 -31.82 -13.44 45.77
CA TRP T 93 -32.61 -13.98 44.66
C TRP T 93 -32.51 -15.51 44.55
N GLU T 94 -31.65 -16.14 45.34
CA GLU T 94 -31.64 -17.54 45.70
CA GLU T 94 -31.62 -17.55 45.70
C GLU T 94 -31.14 -18.48 44.59
N SER T 95 -31.03 -18.04 43.34
CA SER T 95 -30.52 -18.93 42.30
C SER T 95 -30.65 -18.22 40.96
N GLY T 96 -29.97 -18.79 39.96
CA GLY T 96 -30.18 -18.32 38.60
C GLY T 96 -31.58 -18.58 38.09
N LEU T 97 -32.11 -19.78 38.35
CA LEU T 97 -33.45 -20.10 37.90
C LEU T 97 -34.49 -19.20 38.55
N ASN T 98 -34.39 -19.01 39.86
CA ASN T 98 -35.34 -18.14 40.55
C ASN T 98 -35.26 -16.71 40.04
N ALA T 99 -34.04 -16.23 39.80
CA ALA T 99 -33.88 -14.88 39.26
C ALA T 99 -34.50 -14.77 37.88
N MET T 100 -34.32 -15.78 37.03
CA MET T 100 -34.93 -15.75 35.71
C MET T 100 -36.45 -15.75 35.80
N GLU T 101 -37.01 -16.55 36.71
CA GLU T 101 -38.46 -16.55 36.90
C GLU T 101 -38.96 -15.20 37.37
N CYS T 102 -38.24 -14.58 38.31
CA CYS T 102 -38.61 -13.25 38.79
C CYS T 102 -38.54 -12.23 37.67
N ALA T 103 -37.51 -12.32 36.83
CA ALA T 103 -37.39 -11.40 35.70
C ALA T 103 -38.53 -11.61 34.71
N LEU T 104 -38.94 -12.86 34.49
CA LEU T 104 -40.08 -13.12 33.61
C LEU T 104 -41.34 -12.48 34.17
N HIS T 105 -41.58 -12.64 35.48
CA HIS T 105 -42.72 -12.00 36.10
C HIS T 105 -42.66 -10.49 35.94
N LEU T 106 -41.49 -9.90 36.18
CA LEU T 106 -41.35 -8.44 36.07
C LEU T 106 -41.61 -7.97 34.64
N GLU T 107 -41.05 -8.67 33.65
CA GLU T 107 -41.24 -8.24 32.27
C GLU T 107 -42.69 -8.37 31.84
N LYS T 108 -43.38 -9.40 32.32
CA LYS T 108 -44.80 -9.50 32.01
C LYS T 108 -45.60 -8.39 32.67
N ASN T 109 -45.24 -8.00 33.89
CA ASN T 109 -45.91 -6.87 34.54
C ASN T 109 -45.70 -5.58 33.75
N VAL T 110 -44.46 -5.34 33.30
CA VAL T 110 -44.19 -4.15 32.51
C VAL T 110 -44.97 -4.20 31.21
N ASN T 111 -45.03 -5.36 30.58
CA ASN T 111 -45.79 -5.50 29.33
C ASN T 111 -47.26 -5.18 29.56
N GLN T 112 -47.84 -5.68 30.66
CA GLN T 112 -49.24 -5.37 30.94
C GLN T 112 -49.44 -3.88 31.12
N SER T 113 -48.52 -3.21 31.81
CA SER T 113 -48.62 -1.77 31.97
C SER T 113 -48.57 -1.07 30.60
N LEU T 114 -47.68 -1.53 29.72
CA LEU T 114 -47.59 -0.92 28.39
C LEU T 114 -48.86 -1.15 27.59
N LEU T 115 -49.46 -2.34 27.72
CA LEU T 115 -50.70 -2.60 27.00
C LEU T 115 -51.83 -1.70 27.51
N GLU T 116 -51.88 -1.49 28.82
CA GLU T 116 -52.87 -0.55 29.36
C GLU T 116 -52.62 0.85 28.85
N LEU T 117 -51.35 1.26 28.77
CA LEU T 117 -51.02 2.58 28.22
C LEU T 117 -51.47 2.70 26.77
N HIS T 118 -51.26 1.65 25.98
CA HIS T 118 -51.68 1.68 24.59
C HIS T 118 -53.20 1.76 24.48
N LYS T 119 -53.92 1.02 25.35
CA LYS T 119 -55.37 1.12 25.35
C LYS T 119 -55.83 2.52 25.67
N LEU T 120 -55.18 3.16 26.66
CA LEU T 120 -55.52 4.54 26.99
C LEU T 120 -55.28 5.46 25.80
N ALA T 121 -54.13 5.32 25.15
CA ALA T 121 -53.82 6.16 23.99
C ALA T 121 -54.84 5.96 22.88
N THR T 122 -55.24 4.71 22.63
CA THR T 122 -56.26 4.45 21.63
C THR T 122 -57.58 5.11 22.00
N ASP T 123 -57.96 5.04 23.28
CA ASP T 123 -59.21 5.64 23.70
CA ASP T 123 -59.22 5.64 23.71
C ASP T 123 -59.20 7.15 23.52
N LYS T 124 -58.04 7.79 23.69
CA LYS T 124 -57.90 9.23 23.54
C LYS T 124 -57.56 9.64 22.12
N ASN T 125 -57.58 8.70 21.18
CA ASN T 125 -57.30 8.98 19.77
C ASN T 125 -55.97 9.71 19.60
N ASP T 126 -54.93 9.14 20.20
CA ASP T 126 -53.58 9.69 20.12
C ASP T 126 -52.72 8.75 19.28
N PRO T 127 -52.83 8.81 17.95
CA PRO T 127 -52.08 7.86 17.10
C PRO T 127 -50.58 7.96 17.26
N HIS T 128 -50.03 9.14 17.53
CA HIS T 128 -48.58 9.24 17.69
C HIS T 128 -48.12 8.45 18.91
N LEU T 129 -48.84 8.55 20.02
CA LEU T 129 -48.46 7.81 21.22
C LEU T 129 -48.63 6.32 21.02
N CYS T 130 -49.72 5.90 20.36
CA CYS T 130 -49.91 4.50 20.05
C CYS T 130 -48.75 3.97 19.21
N ASP T 131 -48.35 4.71 18.19
CA ASP T 131 -47.25 4.28 17.34
C ASP T 131 -45.94 4.24 18.11
N PHE T 132 -45.72 5.21 19.00
CA PHE T 132 -44.53 5.21 19.82
C PHE T 132 -44.45 3.93 20.65
N ILE T 133 -45.54 3.59 21.32
CA ILE T 133 -45.56 2.39 22.15
C ILE T 133 -45.35 1.14 21.30
N GLU T 134 -46.04 1.06 20.16
CA GLU T 134 -45.91 -0.11 19.30
C GLU T 134 -44.47 -0.26 18.82
N THR T 135 -43.87 0.83 18.34
CA THR T 135 -42.59 0.75 17.66
C THR T 135 -41.45 0.49 18.64
N HIS T 136 -41.49 1.13 19.82
CA HIS T 136 -40.33 1.11 20.69
C HIS T 136 -40.47 0.17 21.89
N TYR T 137 -41.67 -0.32 22.20
CA TYR T 137 -41.81 -1.06 23.45
C TYR T 137 -42.45 -2.43 23.32
N LEU T 138 -43.48 -2.60 22.49
CA LEU T 138 -44.26 -3.83 22.55
C LEU T 138 -43.46 -5.04 22.06
N ASN T 139 -42.82 -4.91 20.89
CA ASN T 139 -42.05 -6.05 20.39
C ASN T 139 -40.83 -6.32 21.26
N GLU T 140 -40.22 -5.27 21.81
CA GLU T 140 -39.11 -5.48 22.73
C GLU T 140 -39.54 -6.32 23.91
N GLN T 141 -40.72 -6.03 24.47
CA GLN T 141 -41.23 -6.82 25.58
C GLN T 141 -41.53 -8.25 25.16
N VAL T 142 -42.12 -8.43 23.98
CA VAL T 142 -42.42 -9.79 23.54
C VAL T 142 -41.13 -10.60 23.41
N LYS T 143 -40.10 -9.99 22.80
CA LYS T 143 -38.82 -10.68 22.65
C LYS T 143 -38.19 -10.99 24.00
N ALA T 144 -38.22 -10.03 24.93
CA ALA T 144 -37.64 -10.26 26.24
C ALA T 144 -38.34 -11.39 26.97
N ILE T 145 -39.68 -11.41 26.91
CA ILE T 145 -40.44 -12.45 27.57
C ILE T 145 -40.14 -13.81 26.96
N LYS T 146 -40.06 -13.88 25.63
CA LYS T 146 -39.72 -15.14 24.97
C LYS T 146 -38.34 -15.62 25.38
N GLU T 147 -37.36 -14.72 25.43
CA GLU T 147 -36.01 -15.10 25.81
C GLU T 147 -35.98 -15.61 27.25
N LEU T 148 -36.64 -14.92 28.16
CA LEU T 148 -36.65 -15.36 29.55
C LEU T 148 -37.35 -16.70 29.70
N GLY T 149 -38.44 -16.91 28.97
CA GLY T 149 -39.09 -18.20 28.99
C GLY T 149 -38.17 -19.31 28.50
N ASP T 150 -37.41 -19.04 27.43
CA ASP T 150 -36.45 -20.02 26.95
C ASP T 150 -35.41 -20.33 28.02
N HIS T 151 -34.89 -19.30 28.69
CA HIS T 151 -33.89 -19.51 29.72
C HIS T 151 -34.44 -20.36 30.86
N VAL T 152 -35.67 -20.04 31.30
CA VAL T 152 -36.28 -20.80 32.38
C VAL T 152 -36.46 -22.25 31.97
N THR T 153 -36.95 -22.48 30.74
CA THR T 153 -37.14 -23.84 30.26
C THR T 153 -35.83 -24.61 30.29
N ASN T 154 -34.77 -24.01 29.76
CA ASN T 154 -33.49 -24.72 29.69
C ASN T 154 -32.95 -25.01 31.09
N LEU T 155 -33.03 -24.03 31.99
CA LEU T 155 -32.52 -24.25 33.34
C LEU T 155 -33.31 -25.36 34.04
N ARG T 156 -34.64 -25.38 33.87
CA ARG T 156 -35.43 -26.44 34.46
C ARG T 156 -35.05 -27.79 33.90
N LYS T 157 -34.90 -27.89 32.58
CA LYS T 157 -34.58 -29.17 31.97
C LYS T 157 -33.21 -29.66 32.42
N MET T 158 -32.24 -28.76 32.54
CA MET T 158 -30.90 -29.15 32.96
C MET T 158 -30.84 -29.65 34.39
N GLY T 159 -31.88 -29.40 35.19
CA GLY T 159 -31.91 -29.85 36.57
C GLY T 159 -31.73 -28.76 37.62
N ALA T 160 -31.70 -27.50 37.22
CA ALA T 160 -31.62 -26.41 38.19
C ALA T 160 -32.91 -26.36 39.00
N PRO T 161 -32.86 -25.78 40.21
CA PRO T 161 -31.70 -25.17 40.88
C PRO T 161 -30.91 -26.17 41.72
N GLU T 162 -31.41 -27.39 41.85
CA GLU T 162 -30.75 -28.37 42.73
C GLU T 162 -29.35 -28.69 42.23
N SER T 163 -29.19 -28.86 40.92
CA SER T 163 -27.89 -29.19 40.34
C SER T 163 -27.15 -27.88 40.07
N GLY T 164 -26.17 -27.58 40.93
CA GLY T 164 -25.34 -26.41 40.69
C GLY T 164 -24.53 -26.53 39.41
N LEU T 165 -24.24 -27.76 38.99
CA LEU T 165 -23.59 -27.97 37.70
C LEU T 165 -24.44 -27.41 36.57
N ALA T 166 -25.76 -27.58 36.66
CA ALA T 166 -26.65 -27.07 35.61
C ALA T 166 -26.50 -25.56 35.48
N GLU T 167 -26.53 -24.84 36.61
CA GLU T 167 -26.43 -23.38 36.53
C GLU T 167 -25.04 -22.94 36.09
N TYR T 168 -24.00 -23.66 36.53
CA TYR T 168 -22.65 -23.33 36.06
C TYR T 168 -22.55 -23.47 34.55
N LEU T 169 -23.04 -24.58 34.01
CA LEU T 169 -22.94 -24.81 32.57
C LEU T 169 -23.83 -23.87 31.79
N PHE T 170 -25.01 -23.54 32.32
CA PHE T 170 -25.87 -22.56 31.67
C PHE T 170 -25.19 -21.20 31.63
N ASP T 171 -24.55 -20.82 32.73
CA ASP T 171 -23.80 -19.57 32.78
C ASP T 171 -22.71 -19.55 31.71
N LYS T 172 -21.99 -20.66 31.55
CA LYS T 172 -20.90 -20.71 30.58
CA LYS T 172 -20.89 -20.70 30.58
C LYS T 172 -21.41 -20.70 29.15
N HIS T 173 -22.38 -21.56 28.84
CA HIS T 173 -22.72 -21.84 27.44
C HIS T 173 -23.83 -20.96 26.88
N THR T 174 -24.83 -20.61 27.68
CA THR T 174 -25.90 -19.78 27.17
C THR T 174 -25.62 -18.29 27.39
N LEU T 175 -25.28 -17.91 28.62
CA LEU T 175 -25.04 -16.51 28.93
C LEU T 175 -23.62 -16.06 28.67
N GLY T 176 -22.71 -16.98 28.37
CA GLY T 176 -21.32 -16.63 28.12
C GLY T 176 -21.09 -16.21 26.68
N THR U 5 25.06 4.12 58.36
CA THR U 5 23.73 4.56 57.86
C THR U 5 23.79 4.91 56.38
N SER U 6 22.80 4.43 55.63
CA SER U 6 22.75 4.69 54.20
C SER U 6 22.57 6.18 53.93
N GLN U 7 23.23 6.66 52.87
CA GLN U 7 23.12 8.06 52.48
C GLN U 7 21.71 8.43 52.04
N VAL U 8 20.89 7.44 51.65
CA VAL U 8 19.54 7.72 51.18
C VAL U 8 18.49 7.56 52.27
N ARG U 9 18.84 6.99 53.42
CA ARG U 9 17.84 6.64 54.42
C ARG U 9 17.24 7.89 55.04
N GLN U 10 15.91 7.91 55.15
CA GLN U 10 15.20 9.04 55.73
C GLN U 10 13.81 8.59 56.16
N ASN U 11 13.51 8.74 57.45
CA ASN U 11 12.20 8.39 57.99
C ASN U 11 11.89 6.91 57.80
N TYR U 12 12.91 6.06 57.90
CA TYR U 12 12.77 4.62 57.72
C TYR U 12 13.20 3.95 59.02
N HIS U 13 12.23 3.47 59.78
CA HIS U 13 12.49 2.87 61.09
C HIS U 13 13.06 1.47 60.94
N GLN U 14 13.88 1.07 61.92
CA GLN U 14 14.48 -0.26 61.89
C GLN U 14 13.42 -1.35 61.95
N ASP U 15 12.35 -1.11 62.73
CA ASP U 15 11.26 -2.08 62.79
C ASP U 15 10.63 -2.29 61.43
N SER U 16 10.45 -1.21 60.67
CA SER U 16 9.89 -1.34 59.32
C SER U 16 10.82 -2.15 58.42
N GLU U 17 12.13 -1.93 58.55
CA GLU U 17 13.09 -2.69 57.76
C GLU U 17 12.99 -4.17 58.07
N ALA U 18 12.94 -4.52 59.35
CA ALA U 18 12.82 -5.93 59.74
C ALA U 18 11.51 -6.53 59.23
N ALA U 19 10.41 -5.79 59.34
CA ALA U 19 9.12 -6.29 58.88
C ALA U 19 9.14 -6.50 57.36
N ILE U 20 9.82 -5.62 56.63
CA ILE U 20 9.92 -5.80 55.19
C ILE U 20 10.70 -7.07 54.86
N ASN U 21 11.77 -7.34 55.61
CA ASN U 21 12.50 -8.59 55.37
C ASN U 21 11.63 -9.80 55.63
N ARG U 22 10.85 -9.76 56.71
CA ARG U 22 9.93 -10.86 57.00
C ARG U 22 8.92 -11.03 55.87
N GLN U 23 8.39 -9.93 55.34
CA GLN U 23 7.42 -10.02 54.25
C GLN U 23 8.07 -10.60 53.00
N ILE U 24 9.32 -10.24 52.73
CA ILE U 24 10.02 -10.84 51.59
C ILE U 24 10.05 -12.36 51.74
N ASN U 25 10.41 -12.83 52.93
CA ASN U 25 10.46 -14.28 53.12
C ASN U 25 9.09 -14.91 52.93
N LEU U 26 8.04 -14.25 53.44
CA LEU U 26 6.69 -14.80 53.31
C LEU U 26 6.27 -14.89 51.84
N GLU U 27 6.59 -13.87 51.05
CA GLU U 27 6.24 -13.90 49.63
C GLU U 27 6.99 -15.01 48.91
N LEU U 28 8.27 -15.20 49.22
CA LEU U 28 9.01 -16.29 48.60
C LEU U 28 8.41 -17.64 48.99
N TYR U 29 8.00 -17.78 50.25
CA TYR U 29 7.37 -19.02 50.68
C TYR U 29 6.07 -19.27 49.93
N ALA U 30 5.26 -18.23 49.73
CA ALA U 30 4.02 -18.38 48.98
C ALA U 30 4.30 -18.81 47.55
N SER U 31 5.32 -18.21 46.92
CA SER U 31 5.72 -18.65 45.59
C SER U 31 6.06 -20.13 45.57
N TYR U 32 6.79 -20.59 46.58
CA TYR U 32 7.16 -22.00 46.65
C TYR U 32 5.94 -22.90 46.79
N VAL U 33 4.99 -22.49 47.64
CA VAL U 33 3.75 -23.27 47.80
C VAL U 33 3.02 -23.38 46.47
N TYR U 34 2.91 -22.27 45.75
CA TYR U 34 2.20 -22.31 44.47
C TYR U 34 2.93 -23.17 43.45
N LEU U 35 4.26 -23.16 43.48
CA LEU U 35 5.02 -24.06 42.60
C LEU U 35 4.69 -25.51 42.89
N SER U 36 4.70 -25.88 44.17
CA SER U 36 4.35 -27.24 44.55
C SER U 36 2.96 -27.61 44.05
N MET U 37 1.99 -26.73 44.29
CA MET U 37 0.63 -26.98 43.82
C MET U 37 0.61 -27.19 42.31
N SER U 38 1.28 -26.31 41.58
CA SER U 38 1.24 -26.38 40.12
C SER U 38 1.73 -27.73 39.63
N TYR U 39 2.84 -28.21 40.19
CA TYR U 39 3.35 -29.48 39.69
C TYR U 39 2.67 -30.69 40.31
N TYR U 40 1.81 -30.49 41.32
CA TYR U 40 0.93 -31.59 41.72
C TYR U 40 -0.09 -31.90 40.63
N PHE U 41 -0.67 -30.86 40.02
CA PHE U 41 -1.68 -31.05 38.99
C PHE U 41 -1.08 -31.46 37.64
N ASP U 42 0.25 -31.44 37.52
CA ASP U 42 0.93 -31.95 36.35
C ASP U 42 1.20 -33.45 36.43
N ARG U 43 0.91 -34.08 37.57
CA ARG U 43 1.11 -35.51 37.72
C ARG U 43 0.18 -36.27 36.77
N ASP U 44 0.65 -37.44 36.31
CA ASP U 44 -0.12 -38.23 35.38
C ASP U 44 -1.40 -38.77 36.00
N ASP U 45 -1.43 -38.93 37.32
CA ASP U 45 -2.62 -39.42 38.01
C ASP U 45 -3.49 -38.28 38.55
N VAL U 46 -3.20 -37.04 38.18
CA VAL U 46 -4.06 -35.91 38.51
C VAL U 46 -4.48 -35.26 37.20
N ALA U 47 -3.49 -34.75 36.45
CA ALA U 47 -3.67 -34.39 35.04
C ALA U 47 -4.78 -33.35 34.84
N LEU U 48 -4.61 -32.21 35.50
CA LEU U 48 -5.48 -31.05 35.29
C LEU U 48 -4.58 -29.90 34.86
N LYS U 49 -4.40 -29.76 33.54
CA LYS U 49 -3.38 -28.86 33.01
C LYS U 49 -3.66 -27.41 33.37
N ASN U 50 -4.92 -27.00 33.35
CA ASN U 50 -5.22 -25.59 33.59
C ASN U 50 -5.10 -25.22 35.07
N PHE U 51 -5.38 -26.17 35.97
CA PHE U 51 -5.05 -25.94 37.37
C PHE U 51 -3.55 -25.71 37.53
N ALA U 52 -2.74 -26.55 36.87
CA ALA U 52 -1.29 -26.40 36.95
C ALA U 52 -0.86 -25.04 36.42
N LYS U 53 -1.41 -24.62 35.28
CA LYS U 53 -1.04 -23.31 34.73
CA LYS U 53 -1.04 -23.31 34.73
C LYS U 53 -1.44 -22.18 35.67
N TYR U 54 -2.64 -22.26 36.24
CA TYR U 54 -3.10 -21.22 37.15
C TYR U 54 -2.14 -21.08 38.33
N PHE U 55 -1.78 -22.20 38.95
CA PHE U 55 -0.93 -22.11 40.13
C PHE U 55 0.51 -21.72 39.77
N LEU U 56 0.99 -22.11 38.59
CA LEU U 56 2.31 -21.64 38.17
C LEU U 56 2.32 -20.14 37.98
N HIS U 57 1.25 -19.60 37.37
CA HIS U 57 1.15 -18.15 37.25
C HIS U 57 1.15 -17.49 38.61
N GLN U 58 0.41 -18.05 39.58
CA GLN U 58 0.41 -17.47 40.92
C GLN U 58 1.80 -17.50 41.54
N SER U 59 2.53 -18.60 41.33
CA SER U 59 3.88 -18.70 41.87
C SER U 59 4.78 -17.58 41.32
N HIS U 60 4.73 -17.37 40.00
CA HIS U 60 5.55 -16.33 39.41
C HIS U 60 5.14 -14.95 39.91
N GLU U 61 3.83 -14.72 40.08
CA GLU U 61 3.37 -13.44 40.62
C GLU U 61 3.92 -13.22 42.03
N GLU U 62 3.92 -14.27 42.86
CA GLU U 62 4.46 -14.12 44.21
C GLU U 62 5.94 -13.77 44.17
N ARG U 63 6.70 -14.40 43.26
CA ARG U 63 8.11 -14.06 43.10
CA ARG U 63 8.10 -14.06 43.11
C ARG U 63 8.26 -12.58 42.76
N GLU U 64 7.40 -12.10 41.86
CA GLU U 64 7.44 -10.68 41.50
CA GLU U 64 7.44 -10.68 41.50
C GLU U 64 7.17 -9.79 42.70
N HIS U 65 6.21 -10.16 43.55
CA HIS U 65 5.92 -9.37 44.74
C HIS U 65 7.14 -9.33 45.66
N ALA U 66 7.80 -10.46 45.85
CA ALA U 66 8.99 -10.49 46.70
C ALA U 66 10.07 -9.59 46.13
N GLU U 67 10.28 -9.62 44.82
CA GLU U 67 11.31 -8.79 44.21
C GLU U 67 10.98 -7.31 44.35
N LYS U 68 9.69 -6.95 44.24
CA LYS U 68 9.31 -5.57 44.46
C LYS U 68 9.60 -5.13 45.89
N LEU U 69 9.36 -6.01 46.86
CA LEU U 69 9.69 -5.68 48.24
C LEU U 69 11.20 -5.48 48.42
N MET U 70 12.01 -6.32 47.77
CA MET U 70 13.45 -6.14 47.86
C MET U 70 13.88 -4.80 47.26
N LYS U 71 13.28 -4.44 46.12
CA LYS U 71 13.57 -3.15 45.52
C LYS U 71 13.20 -2.01 46.46
N LEU U 72 12.05 -2.14 47.12
CA LEU U 72 11.65 -1.13 48.10
C LEU U 72 12.68 -1.02 49.23
N GLN U 73 13.11 -2.17 49.76
CA GLN U 73 14.11 -2.17 50.81
C GLN U 73 15.34 -1.38 50.39
N ASN U 74 15.81 -1.61 49.17
CA ASN U 74 17.00 -0.88 48.71
C ASN U 74 16.71 0.59 48.49
N GLN U 75 15.52 0.92 47.98
CA GLN U 75 15.17 2.31 47.72
C GLN U 75 15.25 3.15 48.99
N ARG U 76 14.79 2.61 50.11
CA ARG U 76 14.71 3.35 51.37
C ARG U 76 16.00 3.26 52.17
N GLY U 77 17.02 2.57 51.67
CA GLY U 77 18.27 2.47 52.38
C GLY U 77 18.34 1.37 53.40
N GLY U 78 17.33 0.51 53.48
CA GLY U 78 17.43 -0.68 54.30
C GLY U 78 18.29 -1.74 53.63
N ARG U 79 18.58 -2.79 54.39
CA ARG U 79 19.46 -3.85 53.93
C ARG U 79 18.73 -5.18 53.97
N ILE U 80 18.72 -5.88 52.83
CA ILE U 80 18.02 -7.14 52.69
C ILE U 80 18.78 -8.22 53.43
N PHE U 81 18.07 -8.98 54.26
CA PHE U 81 18.62 -10.18 54.89
C PHE U 81 17.68 -11.33 54.59
N LEU U 82 18.15 -12.28 53.79
CA LEU U 82 17.35 -13.42 53.36
C LEU U 82 17.44 -14.54 54.38
N GLN U 83 16.40 -15.37 54.41
CA GLN U 83 16.32 -16.51 55.30
C GLN U 83 15.91 -17.74 54.50
N ASP U 84 15.97 -18.91 55.15
CA ASP U 84 15.54 -20.14 54.51
C ASP U 84 14.10 -20.00 54.03
N ILE U 85 13.82 -20.51 52.83
CA ILE U 85 12.46 -20.65 52.34
C ILE U 85 12.00 -22.04 52.74
N LYS U 86 11.07 -22.10 53.69
CA LYS U 86 10.59 -23.39 54.18
C LYS U 86 9.78 -24.10 53.10
N LYS U 87 9.87 -25.43 53.10
CA LYS U 87 9.13 -26.21 52.13
C LYS U 87 7.64 -26.15 52.45
N PRO U 88 6.78 -26.33 51.44
CA PRO U 88 5.34 -26.30 51.71
C PRO U 88 4.94 -27.40 52.67
N ASP U 89 3.86 -27.14 53.42
CA ASP U 89 3.42 -28.09 54.44
C ASP U 89 2.96 -29.41 53.83
N CYS U 90 2.45 -29.39 52.61
CA CYS U 90 1.88 -30.56 51.96
C CYS U 90 2.69 -30.91 50.72
N ASP U 91 2.84 -32.22 50.47
CA ASP U 91 3.36 -32.71 49.21
C ASP U 91 2.27 -33.07 48.22
N ASP U 92 1.10 -33.50 48.71
CA ASP U 92 -0.02 -33.93 47.90
C ASP U 92 -1.21 -33.06 48.29
N TRP U 93 -1.76 -32.34 47.31
CA TRP U 93 -2.81 -31.35 47.58
C TRP U 93 -4.22 -31.92 47.41
N GLU U 94 -4.35 -33.14 46.91
CA GLU U 94 -5.50 -34.03 47.00
CA GLU U 94 -5.49 -34.03 47.00
C GLU U 94 -6.66 -33.65 46.08
N SER U 95 -6.69 -32.46 45.48
CA SER U 95 -7.78 -32.13 44.57
C SER U 95 -7.64 -30.68 44.15
N GLY U 96 -8.40 -30.30 43.12
CA GLY U 96 -8.49 -28.90 42.76
C GLY U 96 -9.19 -28.08 43.83
N LEU U 97 -10.28 -28.59 44.40
CA LEU U 97 -10.99 -27.85 45.43
C LEU U 97 -10.13 -27.66 46.67
N ASN U 98 -9.45 -28.72 47.11
CA ASN U 98 -8.58 -28.61 48.27
C ASN U 98 -7.45 -27.63 48.02
N ALA U 99 -6.87 -27.66 46.82
CA ALA U 99 -5.80 -26.72 46.50
C ALA U 99 -6.31 -25.29 46.50
N MET U 100 -7.51 -25.06 45.98
CA MET U 100 -8.08 -23.72 45.99
C MET U 100 -8.33 -23.24 47.42
N GLU U 101 -8.83 -24.13 48.28
CA GLU U 101 -9.05 -23.76 49.68
C GLU U 101 -7.72 -23.43 50.37
N CYS U 102 -6.69 -24.23 50.12
CA CYS U 102 -5.38 -23.96 50.69
C CYS U 102 -4.83 -22.62 50.18
N ALA U 103 -5.02 -22.34 48.90
CA ALA U 103 -4.58 -21.06 48.36
C ALA U 103 -5.33 -19.90 48.99
N LEU U 104 -6.63 -20.06 49.23
CA LEU U 104 -7.40 -19.03 49.91
C LEU U 104 -6.84 -18.78 51.31
N HIS U 105 -6.56 -19.85 52.05
CA HIS U 105 -5.97 -19.71 53.37
C HIS U 105 -4.64 -18.97 53.30
N LEU U 106 -3.80 -19.36 52.34
CA LEU U 106 -2.48 -18.73 52.20
C LEU U 106 -2.61 -17.25 51.88
N GLU U 107 -3.50 -16.90 50.95
CA GLU U 107 -3.64 -15.51 50.56
C GLU U 107 -4.18 -14.67 51.71
N LYS U 108 -5.09 -15.23 52.51
CA LYS U 108 -5.57 -14.50 53.67
C LYS U 108 -4.46 -14.32 54.72
N ASN U 109 -3.59 -15.32 54.87
CA ASN U 109 -2.46 -15.15 55.78
C ASN U 109 -1.53 -14.04 55.30
N VAL U 110 -1.22 -14.03 54.00
CA VAL U 110 -0.38 -12.97 53.46
C VAL U 110 -1.03 -11.61 53.64
N ASN U 111 -2.35 -11.54 53.42
CA ASN U 111 -3.06 -10.28 53.61
C ASN U 111 -2.97 -9.81 55.05
N GLN U 112 -3.12 -10.72 56.01
CA GLN U 112 -3.00 -10.33 57.41
C GLN U 112 -1.60 -9.80 57.70
N SER U 113 -0.58 -10.45 57.16
CA SER U 113 0.78 -9.94 57.34
C SER U 113 0.94 -8.54 56.77
N LEU U 114 0.36 -8.30 55.58
CA LEU U 114 0.45 -6.98 54.97
C LEU U 114 -0.29 -5.93 55.81
N LEU U 115 -1.43 -6.31 56.38
CA LEU U 115 -2.17 -5.37 57.22
C LEU U 115 -1.38 -5.03 58.46
N GLU U 116 -0.71 -6.02 59.06
CA GLU U 116 0.15 -5.73 60.21
C GLU U 116 1.31 -4.81 59.81
N LEU U 117 1.88 -5.05 58.63
CA LEU U 117 2.95 -4.17 58.15
C LEU U 117 2.46 -2.75 57.97
N HIS U 118 1.25 -2.58 57.41
CA HIS U 118 0.70 -1.25 57.25
C HIS U 118 0.45 -0.58 58.58
N LYS U 119 -0.06 -1.35 59.57
CA LYS U 119 -0.25 -0.78 60.90
C LYS U 119 1.08 -0.31 61.49
N LEU U 120 2.13 -1.10 61.33
CA LEU U 120 3.44 -0.71 61.83
C LEU U 120 3.91 0.57 61.14
N ALA U 121 3.76 0.64 59.82
CA ALA U 121 4.17 1.83 59.09
C ALA U 121 3.40 3.06 59.56
N THR U 122 2.10 2.90 59.78
CA THR U 122 1.30 4.01 60.29
C THR U 122 1.79 4.45 61.67
N ASP U 123 2.11 3.49 62.53
CA ASP U 123 2.59 3.84 63.87
CA ASP U 123 2.59 3.82 63.87
C ASP U 123 3.90 4.59 63.83
N LYS U 124 4.76 4.28 62.85
CA LYS U 124 6.05 4.94 62.70
C LYS U 124 5.97 6.18 61.82
N ASN U 125 4.78 6.60 61.42
CA ASN U 125 4.58 7.79 60.60
C ASN U 125 5.44 7.74 59.34
N ASP U 126 5.32 6.63 58.62
CA ASP U 126 6.03 6.43 57.37
C ASP U 126 5.04 6.45 56.21
N PRO U 127 4.59 7.63 55.78
CA PRO U 127 3.57 7.68 54.72
C PRO U 127 4.00 7.04 53.42
N HIS U 128 5.27 7.11 53.06
CA HIS U 128 5.71 6.47 51.82
C HIS U 128 5.49 4.97 51.88
N LEU U 129 5.85 4.34 52.99
CA LEU U 129 5.67 2.90 53.12
C LEU U 129 4.20 2.51 53.14
N CYS U 130 3.38 3.29 53.85
CA CYS U 130 1.94 3.04 53.84
C CYS U 130 1.38 3.12 52.43
N ASP U 131 1.78 4.15 51.68
CA ASP U 131 1.29 4.30 50.32
C ASP U 131 1.77 3.15 49.43
N PHE U 132 3.03 2.73 49.61
CA PHE U 132 3.55 1.59 48.86
C PHE U 132 2.69 0.35 49.10
N ILE U 133 2.40 0.05 50.35
CA ILE U 133 1.60 -1.13 50.68
C ILE U 133 0.20 -1.00 50.10
N GLU U 134 -0.42 0.18 50.27
CA GLU U 134 -1.78 0.36 49.76
C GLU U 134 -1.81 0.19 48.25
N THR U 135 -0.88 0.83 47.54
CA THR U 135 -0.94 0.91 46.10
C THR U 135 -0.61 -0.43 45.45
N HIS U 136 0.37 -1.15 45.99
CA HIS U 136 0.90 -2.31 45.29
C HIS U 136 0.43 -3.65 45.86
N TYR U 137 -0.12 -3.68 47.07
CA TYR U 137 -0.36 -4.98 47.70
C TYR U 137 -1.79 -5.20 48.18
N LEU U 138 -2.44 -4.19 48.79
CA LEU U 138 -3.68 -4.46 49.49
C LEU U 138 -4.81 -4.83 48.52
N ASN U 139 -5.00 -4.03 47.46
CA ASN U 139 -6.08 -4.35 46.53
C ASN U 139 -5.78 -5.62 45.74
N GLU U 140 -4.51 -5.88 45.45
CA GLU U 140 -4.16 -7.14 44.80
C GLU U 140 -4.59 -8.32 45.66
N GLN U 141 -4.34 -8.24 46.97
CA GLN U 141 -4.75 -9.30 47.87
C GLN U 141 -6.27 -9.43 47.92
N VAL U 142 -6.98 -8.30 48.00
CA VAL U 142 -8.44 -8.38 48.05
C VAL U 142 -8.97 -9.05 46.79
N LYS U 143 -8.44 -8.68 45.62
CA LYS U 143 -8.88 -9.29 44.38
C LYS U 143 -8.56 -10.78 44.33
N ALA U 144 -7.36 -11.16 44.78
CA ALA U 144 -6.98 -12.57 44.76
C ALA U 144 -7.88 -13.39 45.68
N ILE U 145 -8.18 -12.86 46.87
CA ILE U 145 -9.04 -13.56 47.82
C ILE U 145 -10.44 -13.70 47.24
N LYS U 146 -10.97 -12.64 46.62
CA LYS U 146 -12.29 -12.72 46.02
C LYS U 146 -12.32 -13.76 44.91
N GLU U 147 -11.30 -13.79 44.06
CA GLU U 147 -11.26 -14.75 42.98
C GLU U 147 -11.20 -16.18 43.51
N LEU U 148 -10.36 -16.43 44.51
CA LEU U 148 -10.26 -17.77 45.07
C LEU U 148 -11.57 -18.19 45.74
N GLY U 149 -12.23 -17.25 46.43
CA GLY U 149 -13.53 -17.56 46.99
C GLY U 149 -14.54 -17.94 45.92
N ASP U 150 -14.54 -17.20 44.80
CA ASP U 150 -15.42 -17.54 43.70
C ASP U 150 -15.13 -18.94 43.18
N HIS U 151 -13.85 -19.27 43.01
CA HIS U 151 -13.48 -20.59 42.51
C HIS U 151 -13.95 -21.68 43.46
N VAL U 152 -13.73 -21.48 44.76
CA VAL U 152 -14.15 -22.48 45.75
C VAL U 152 -15.66 -22.65 45.70
N THR U 153 -16.40 -21.54 45.65
CA THR U 153 -17.85 -21.63 45.58
C THR U 153 -18.30 -22.44 44.37
N ASN U 154 -17.75 -22.13 43.20
CA ASN U 154 -18.18 -22.82 41.99
C ASN U 154 -17.83 -24.30 42.04
N LEU U 155 -16.63 -24.64 42.52
CA LEU U 155 -16.25 -26.05 42.60
C LEU U 155 -17.15 -26.80 43.57
N ARG U 156 -17.48 -26.18 44.72
CA ARG U 156 -18.38 -26.82 45.66
C ARG U 156 -19.76 -27.04 45.05
N LYS U 157 -20.29 -26.02 44.37
CA LYS U 157 -21.62 -26.15 43.79
C LYS U 157 -21.65 -27.22 42.71
N MET U 158 -20.60 -27.30 41.90
CA MET U 158 -20.56 -28.30 40.83
C MET U 158 -20.48 -29.73 41.35
N GLY U 159 -20.16 -29.92 42.63
CA GLY U 159 -20.08 -31.25 43.20
C GLY U 159 -18.68 -31.75 43.50
N ALA U 160 -17.66 -30.91 43.34
CA ALA U 160 -16.31 -31.32 43.69
C ALA U 160 -16.20 -31.51 45.20
N PRO U 161 -15.22 -32.32 45.66
CA PRO U 161 -14.21 -33.05 44.89
C PRO U 161 -14.68 -34.44 44.48
N GLU U 162 -15.84 -34.88 44.96
CA GLU U 162 -16.29 -36.24 44.69
C GLU U 162 -16.51 -36.46 43.20
N SER U 163 -17.12 -35.50 42.52
CA SER U 163 -17.38 -35.60 41.09
C SER U 163 -16.15 -35.12 40.34
N GLY U 164 -15.37 -36.06 39.81
CA GLY U 164 -14.24 -35.69 38.98
C GLY U 164 -14.65 -34.95 37.73
N LEU U 165 -15.87 -35.21 37.25
CA LEU U 165 -16.40 -34.45 36.12
C LEU U 165 -16.46 -32.96 36.45
N ALA U 166 -16.82 -32.63 37.70
CA ALA U 166 -16.90 -31.22 38.09
C ALA U 166 -15.54 -30.55 37.94
N GLU U 167 -14.48 -31.19 38.44
CA GLU U 167 -13.16 -30.57 38.36
C GLU U 167 -12.66 -30.53 36.93
N TYR U 168 -12.95 -31.56 36.13
CA TYR U 168 -12.58 -31.53 34.72
C TYR U 168 -13.23 -30.35 34.01
N LEU U 169 -14.53 -30.17 34.22
CA LEU U 169 -15.23 -29.10 33.52
C LEU U 169 -14.83 -27.72 34.05
N PHE U 170 -14.55 -27.62 35.35
CA PHE U 170 -14.05 -26.36 35.89
C PHE U 170 -12.69 -26.03 35.30
N ASP U 171 -11.83 -27.02 35.17
CA ASP U 171 -10.53 -26.83 34.54
C ASP U 171 -10.70 -26.32 33.11
N LYS U 172 -11.64 -26.89 32.36
CA LYS U 172 -11.81 -26.50 30.96
CA LYS U 172 -11.81 -26.49 30.97
C LYS U 172 -12.43 -25.11 30.85
N HIS U 173 -13.50 -24.84 31.59
CA HIS U 173 -14.34 -23.68 31.32
C HIS U 173 -13.94 -22.43 32.13
N THR U 174 -13.51 -22.60 33.37
CA THR U 174 -13.13 -21.44 34.17
C THR U 174 -11.65 -21.13 34.04
N LEU U 175 -10.79 -22.13 34.26
CA LEU U 175 -9.34 -21.91 34.21
C LEU U 175 -8.78 -22.02 32.80
N GLY U 176 -9.57 -22.49 31.83
CA GLY U 176 -9.08 -22.63 30.47
C GLY U 176 -9.16 -21.33 29.68
N THR V 5 51.92 -29.04 -22.66
CA THR V 5 51.61 -27.59 -22.52
C THR V 5 50.12 -27.33 -22.60
N SER V 6 49.61 -26.50 -21.68
CA SER V 6 48.20 -26.17 -21.65
C SER V 6 47.78 -25.44 -22.92
N GLN V 7 46.58 -25.75 -23.40
CA GLN V 7 46.05 -25.09 -24.59
C GLN V 7 45.82 -23.59 -24.37
N VAL V 8 45.71 -23.14 -23.13
CA VAL V 8 45.47 -21.74 -22.84
C VAL V 8 46.74 -20.96 -22.53
N ARG V 9 47.86 -21.64 -22.33
CA ARG V 9 49.07 -20.97 -21.85
C ARG V 9 49.63 -20.04 -22.91
N GLN V 10 49.97 -18.82 -22.50
CA GLN V 10 50.53 -17.83 -23.43
C GLN V 10 51.24 -16.77 -22.62
N ASN V 11 52.54 -16.59 -22.88
CA ASN V 11 53.34 -15.57 -22.22
C ASN V 11 53.40 -15.78 -20.71
N TYR V 12 53.40 -17.05 -20.29
CA TYR V 12 53.44 -17.42 -18.88
C TYR V 12 54.71 -18.22 -18.63
N HIS V 13 55.69 -17.60 -17.99
CA HIS V 13 56.99 -18.21 -17.77
C HIS V 13 56.93 -19.23 -16.64
N GLN V 14 57.77 -20.25 -16.72
CA GLN V 14 57.80 -21.28 -15.68
C GLN V 14 58.19 -20.70 -14.33
N ASP V 15 59.11 -19.73 -14.32
CA ASP V 15 59.49 -19.07 -13.08
C ASP V 15 58.30 -18.39 -12.43
N SER V 16 57.46 -17.73 -13.23
CA SER V 16 56.27 -17.10 -12.69
C SER V 16 55.32 -18.14 -12.09
N GLU V 17 55.17 -19.28 -12.75
CA GLU V 17 54.32 -20.35 -12.24
C GLU V 17 54.82 -20.84 -10.88
N ALA V 18 56.13 -21.07 -10.77
CA ALA V 18 56.70 -21.50 -9.50
C ALA V 18 56.52 -20.45 -8.42
N ALA V 19 56.74 -19.18 -8.75
CA ALA V 19 56.58 -18.12 -7.77
C ALA V 19 55.13 -18.02 -7.31
N ILE V 20 54.18 -18.24 -8.22
CA ILE V 20 52.77 -18.21 -7.83
C ILE V 20 52.47 -19.35 -6.86
N ASN V 21 53.04 -20.53 -7.10
CA ASN V 21 52.81 -21.63 -6.15
C ASN V 21 53.39 -21.29 -4.78
N ARG V 22 54.57 -20.68 -4.75
CA ARG V 22 55.15 -20.27 -3.47
C ARG V 22 54.26 -19.26 -2.77
N GLN V 23 53.71 -18.31 -3.53
CA GLN V 23 52.83 -17.31 -2.92
C GLN V 23 51.56 -17.94 -2.38
N ILE V 24 51.02 -18.94 -3.08
CA ILE V 24 49.86 -19.66 -2.56
C ILE V 24 50.18 -20.24 -1.19
N ASN V 25 51.34 -20.91 -1.08
CA ASN V 25 51.68 -21.50 0.20
C ASN V 25 51.84 -20.44 1.28
N LEU V 26 52.44 -19.30 0.92
CA LEU V 26 52.62 -18.23 1.91
C LEU V 26 51.28 -17.69 2.40
N GLU V 27 50.32 -17.51 1.49
CA GLU V 27 49.00 -17.02 1.89
C GLU V 27 48.31 -18.01 2.80
N LEU V 28 48.40 -19.31 2.48
CA LEU V 28 47.79 -20.31 3.36
C LEU V 28 48.44 -20.29 4.74
N TYR V 29 49.76 -20.12 4.78
CA TYR V 29 50.45 -20.07 6.07
C TYR V 29 50.00 -18.85 6.87
N ALA V 30 49.84 -17.71 6.21
CA ALA V 30 49.35 -16.52 6.91
C ALA V 30 47.95 -16.75 7.46
N SER V 31 47.08 -17.39 6.68
CA SER V 31 45.75 -17.73 7.18
C SER V 31 45.85 -18.58 8.43
N TYR V 32 46.76 -19.56 8.44
CA TYR V 32 46.93 -20.42 9.61
C TYR V 32 47.39 -19.61 10.82
N VAL V 33 48.34 -18.69 10.61
CA VAL V 33 48.83 -17.85 11.70
C VAL V 33 47.68 -17.05 12.31
N TYR V 34 46.86 -16.45 11.45
CA TYR V 34 45.75 -15.65 11.95
C TYR V 34 44.73 -16.50 12.68
N LEU V 35 44.51 -17.74 12.22
CA LEU V 35 43.61 -18.64 12.94
C LEU V 35 44.12 -18.91 14.35
N SER V 36 45.42 -19.22 14.45
CA SER V 36 46.03 -19.44 15.76
C SER V 36 45.84 -18.22 16.66
N MET V 37 46.15 -17.03 16.13
CA MET V 37 45.97 -15.81 16.91
C MET V 37 44.53 -15.67 17.37
N SER V 38 43.58 -15.88 16.47
CA SER V 38 42.17 -15.68 16.81
C SER V 38 41.77 -16.57 17.98
N TYR V 39 42.17 -17.83 17.96
CA TYR V 39 41.75 -18.70 19.04
C TYR V 39 42.63 -18.59 20.28
N TYR V 40 43.74 -17.84 20.21
CA TYR V 40 44.43 -17.48 21.44
C TYR V 40 43.59 -16.51 22.27
N PHE V 41 42.97 -15.52 21.62
CA PHE V 41 42.17 -14.53 22.32
C PHE V 41 40.80 -15.06 22.72
N ASP V 42 40.44 -16.26 22.29
CA ASP V 42 39.23 -16.93 22.75
C ASP V 42 39.45 -17.73 24.02
N ARG V 43 40.69 -17.83 24.50
CA ARG V 43 40.97 -18.54 25.73
C ARG V 43 40.31 -17.85 26.91
N ASP V 44 39.93 -18.64 27.91
CA ASP V 44 39.24 -18.08 29.07
C ASP V 44 40.15 -17.19 29.90
N ASP V 45 41.47 -17.38 29.82
CA ASP V 45 42.42 -16.54 30.55
C ASP V 45 42.97 -15.40 29.69
N VAL V 46 42.40 -15.17 28.51
CA VAL V 46 42.73 -14.01 27.69
C VAL V 46 41.44 -13.23 27.47
N ALA V 47 40.47 -13.85 26.79
CA ALA V 47 39.09 -13.39 26.77
C ALA V 47 38.97 -11.97 26.22
N LEU V 48 39.43 -11.79 25.00
CA LEU V 48 39.25 -10.54 24.25
C LEU V 48 38.52 -10.91 22.96
N LYS V 49 37.19 -10.86 23.00
CA LYS V 49 36.37 -11.40 21.93
C LYS V 49 36.60 -10.68 20.61
N ASN V 50 36.75 -9.35 20.65
CA ASN V 50 36.87 -8.61 19.41
C ASN V 50 38.24 -8.78 18.77
N PHE V 51 39.30 -8.96 19.57
CA PHE V 51 40.57 -9.38 19.01
C PHE V 51 40.43 -10.70 18.26
N ALA V 52 39.74 -11.66 18.88
CA ALA V 52 39.53 -12.95 18.25
C ALA V 52 38.77 -12.80 16.94
N LYS V 53 37.71 -12.00 16.93
CA LYS V 53 36.94 -11.80 15.71
CA LYS V 53 36.94 -11.80 15.71
C LYS V 53 37.79 -11.14 14.63
N TYR V 54 38.58 -10.13 15.01
CA TYR V 54 39.43 -9.45 14.04
C TYR V 54 40.38 -10.43 13.36
N PHE V 55 41.07 -11.25 14.17
CA PHE V 55 42.05 -12.15 13.58
C PHE V 55 41.39 -13.29 12.81
N LEU V 56 40.20 -13.73 13.22
CA LEU V 56 39.49 -14.73 12.42
C LEU V 56 39.12 -14.17 11.06
N HIS V 57 38.66 -12.92 11.02
CA HIS V 57 38.36 -12.28 9.75
C HIS V 57 39.63 -12.22 8.88
N GLN V 58 40.76 -11.86 9.48
CA GLN V 58 42.00 -11.81 8.71
C GLN V 58 42.37 -13.20 8.17
N SER V 59 42.16 -14.24 8.96
CA SER V 59 42.45 -15.60 8.51
C SER V 59 41.61 -15.95 7.28
N HIS V 60 40.32 -15.66 7.33
CA HIS V 60 39.45 -15.97 6.20
C HIS V 60 39.85 -15.15 4.96
N GLU V 61 40.22 -13.89 5.16
CA GLU V 61 40.68 -13.08 4.04
C GLU V 61 41.93 -13.67 3.40
N GLU V 62 42.86 -14.16 4.22
CA GLU V 62 44.06 -14.77 3.67
C GLU V 62 43.71 -16.01 2.86
N ARG V 63 42.77 -16.82 3.34
CA ARG V 63 42.33 -17.98 2.58
CA ARG V 63 42.33 -17.98 2.58
C ARG V 63 41.78 -17.55 1.22
N GLU V 64 41.00 -16.46 1.22
CA GLU V 64 40.46 -15.95 -0.03
CA GLU V 64 40.46 -15.95 -0.03
C GLU V 64 41.57 -15.53 -0.99
N HIS V 65 42.61 -14.88 -0.46
CA HIS V 65 43.73 -14.48 -1.31
C HIS V 65 44.41 -15.70 -1.93
N ALA V 66 44.62 -16.74 -1.13
CA ALA V 66 45.22 -17.96 -1.66
C ALA V 66 44.37 -18.57 -2.76
N GLU V 67 43.06 -18.60 -2.56
CA GLU V 67 42.17 -19.18 -3.56
C GLU V 67 42.19 -18.36 -4.85
N LYS V 68 42.26 -17.03 -4.73
CA LYS V 68 42.38 -16.21 -5.93
C LYS V 68 43.66 -16.50 -6.68
N LEU V 69 44.77 -16.72 -5.96
CA LEU V 69 46.02 -17.08 -6.62
C LEU V 69 45.89 -18.42 -7.35
N MET V 70 45.22 -19.40 -6.73
CA MET V 70 45.02 -20.68 -7.39
C MET V 70 44.19 -20.51 -8.66
N LYS V 71 43.14 -19.69 -8.59
CA LYS V 71 42.35 -19.41 -9.78
C LYS V 71 43.20 -18.78 -10.87
N LEU V 72 44.07 -17.85 -10.49
CA LEU V 72 44.97 -17.24 -11.47
C LEU V 72 45.86 -18.29 -12.10
N GLN V 73 46.45 -19.16 -11.29
CA GLN V 73 47.31 -20.22 -11.81
C GLN V 73 46.57 -21.03 -12.88
N ASN V 74 45.32 -21.40 -12.61
CA ASN V 74 44.57 -22.18 -13.58
C ASN V 74 44.22 -21.35 -14.81
N GLN V 75 43.92 -20.06 -14.62
CA GLN V 75 43.55 -19.21 -15.75
C GLN V 75 44.66 -19.14 -16.77
N ARG V 76 45.91 -19.04 -16.32
CA ARG V 76 47.04 -18.87 -17.21
C ARG V 76 47.61 -20.20 -17.71
N GLY V 77 47.02 -21.32 -17.33
CA GLY V 77 47.50 -22.61 -17.78
C GLY V 77 48.63 -23.20 -16.97
N GLY V 78 48.98 -22.59 -15.84
CA GLY V 78 49.91 -23.20 -14.93
C GLY V 78 49.24 -24.30 -14.12
N ARG V 79 50.05 -25.04 -13.37
CA ARG V 79 49.58 -26.18 -12.61
C ARG V 79 49.91 -25.97 -11.14
N ILE V 80 48.89 -26.08 -10.29
CA ILE V 80 49.03 -25.86 -8.86
C ILE V 80 49.75 -27.05 -8.25
N PHE V 81 50.78 -26.78 -7.45
CA PHE V 81 51.45 -27.79 -6.64
C PHE V 81 51.46 -27.30 -5.20
N LEU V 82 50.72 -27.97 -4.34
CA LEU V 82 50.58 -27.58 -2.95
C LEU V 82 51.70 -28.21 -2.11
N GLN V 83 52.01 -27.55 -1.00
CA GLN V 83 53.05 -28.00 -0.08
C GLN V 83 52.48 -27.96 1.33
N ASP V 84 53.25 -28.52 2.28
CA ASP V 84 52.85 -28.48 3.67
C ASP V 84 52.63 -27.04 4.12
N ILE V 85 51.57 -26.82 4.88
CA ILE V 85 51.36 -25.54 5.55
C ILE V 85 52.01 -25.66 6.93
N LYS V 86 53.10 -24.93 7.13
CA LYS V 86 53.83 -25.01 8.39
C LYS V 86 53.01 -24.40 9.52
N LYS V 87 53.16 -24.97 10.71
CA LYS V 87 52.46 -24.44 11.86
C LYS V 87 53.02 -23.07 12.24
N PRO V 88 52.22 -22.22 12.88
CA PRO V 88 52.74 -20.91 13.30
C PRO V 88 53.88 -21.06 14.28
N ASP V 89 54.78 -20.08 14.26
CA ASP V 89 55.98 -20.14 15.11
C ASP V 89 55.62 -20.11 16.59
N CYS V 90 54.52 -19.45 16.95
CA CYS V 90 54.13 -19.28 18.35
C CYS V 90 52.82 -20.00 18.62
N ASP V 91 52.71 -20.56 19.82
CA ASP V 91 51.44 -21.07 20.33
C ASP V 91 50.72 -20.06 21.22
N ASP V 92 51.48 -19.21 21.92
CA ASP V 92 50.95 -18.21 22.84
C ASP V 92 51.41 -16.85 22.36
N TRP V 93 50.46 -15.97 22.05
CA TRP V 93 50.78 -14.67 21.44
C TRP V 93 50.95 -13.55 22.46
N GLU V 94 50.64 -13.81 23.72
CA GLU V 94 51.05 -13.07 24.92
CA GLU V 94 51.04 -13.08 24.92
C GLU V 94 50.31 -11.75 25.12
N SER V 95 49.59 -11.22 24.13
CA SER V 95 48.85 -9.98 24.37
C SER V 95 48.23 -9.54 23.05
N GLY V 96 47.33 -8.57 23.13
CA GLY V 96 46.82 -7.93 21.93
C GLY V 96 47.88 -7.13 21.21
N LEU V 97 48.69 -6.38 21.95
CA LEU V 97 49.74 -5.57 21.32
C LEU V 97 50.77 -6.46 20.63
N ASN V 98 51.21 -7.52 21.31
CA ASN V 98 52.18 -8.42 20.70
C ASN V 98 51.62 -9.09 19.46
N ALA V 99 50.34 -9.50 19.52
CA ALA V 99 49.71 -10.10 18.35
C ALA V 99 49.64 -9.12 17.20
N MET V 100 49.30 -7.85 17.47
CA MET V 100 49.26 -6.85 16.41
C MET V 100 50.65 -6.64 15.81
N GLU V 101 51.68 -6.60 16.64
CA GLU V 101 53.04 -6.44 16.13
C GLU V 101 53.45 -7.63 15.26
N CYS V 102 53.10 -8.84 15.70
CA CYS V 102 53.39 -10.03 14.89
C CYS V 102 52.63 -9.99 13.57
N ALA V 103 51.37 -9.55 13.60
CA ALA V 103 50.61 -9.44 12.36
C ALA V 103 51.22 -8.40 11.43
N LEU V 104 51.72 -7.29 11.98
CA LEU V 104 52.39 -6.29 11.15
C LEU V 104 53.62 -6.89 10.49
N HIS V 105 54.41 -7.62 11.25
CA HIS V 105 55.58 -8.29 10.69
C HIS V 105 55.18 -9.25 9.57
N LEU V 106 54.13 -10.05 9.82
CA LEU V 106 53.69 -11.02 8.83
C LEU V 106 53.21 -10.33 7.55
N GLU V 107 52.42 -9.26 7.69
CA GLU V 107 51.90 -8.58 6.52
C GLU V 107 53.02 -7.92 5.73
N LYS V 108 54.03 -7.40 6.41
CA LYS V 108 55.17 -6.83 5.68
C LYS V 108 55.96 -7.92 4.96
N ASN V 109 56.09 -9.10 5.57
CA ASN V 109 56.74 -10.20 4.87
C ASN V 109 55.97 -10.61 3.61
N VAL V 110 54.65 -10.71 3.72
CA VAL V 110 53.82 -11.06 2.57
C VAL V 110 53.95 -9.98 1.49
N ASN V 111 53.97 -8.71 1.91
CA ASN V 111 54.12 -7.63 0.94
C ASN V 111 55.46 -7.72 0.22
N GLN V 112 56.54 -8.03 0.95
CA GLN V 112 57.84 -8.18 0.30
C GLN V 112 57.81 -9.31 -0.72
N SER V 113 57.16 -10.43 -0.37
CA SER V 113 57.03 -11.52 -1.31
C SER V 113 56.27 -11.08 -2.57
N LEU V 114 55.19 -10.33 -2.38
CA LEU V 114 54.42 -9.86 -3.53
C LEU V 114 55.24 -8.91 -4.39
N LEU V 115 56.05 -8.07 -3.77
CA LEU V 115 56.88 -7.14 -4.54
C LEU V 115 57.92 -7.90 -5.35
N GLU V 116 58.50 -8.94 -4.77
CA GLU V 116 59.43 -9.78 -5.52
C GLU V 116 58.72 -10.47 -6.68
N LEU V 117 57.49 -10.94 -6.44
CA LEU V 117 56.72 -11.56 -7.52
C LEU V 117 56.46 -10.56 -8.65
N HIS V 118 56.12 -9.32 -8.30
CA HIS V 118 55.88 -8.31 -9.31
C HIS V 118 57.16 -8.00 -10.09
N LYS V 119 58.31 -7.95 -9.39
CA LYS V 119 59.56 -7.73 -10.08
C LYS V 119 59.84 -8.86 -11.07
N LEU V 120 59.59 -10.11 -10.65
CA LEU V 120 59.77 -11.24 -11.56
C LEU V 120 58.87 -11.11 -12.77
N ALA V 121 57.59 -10.78 -12.54
CA ALA V 121 56.66 -10.64 -13.67
C ALA V 121 57.11 -9.55 -14.62
N THR V 122 57.60 -8.42 -14.08
CA THR V 122 58.11 -7.35 -14.92
C THR V 122 59.31 -7.83 -15.74
N ASP V 123 60.22 -8.58 -15.12
CA ASP V 123 61.39 -9.05 -15.83
CA ASP V 123 61.39 -9.06 -15.83
C ASP V 123 61.01 -10.00 -16.96
N LYS V 124 59.94 -10.77 -16.80
CA LYS V 124 59.48 -11.71 -17.81
C LYS V 124 58.48 -11.08 -18.77
N ASN V 125 58.26 -9.78 -18.68
CA ASN V 125 57.35 -9.06 -19.58
C ASN V 125 55.97 -9.71 -19.59
N ASP V 126 55.43 -9.92 -18.40
CA ASP V 126 54.09 -10.50 -18.23
C ASP V 126 53.15 -9.42 -17.71
N PRO V 127 52.65 -8.54 -18.57
CA PRO V 127 51.81 -7.44 -18.08
C PRO V 127 50.54 -7.90 -17.41
N HIS V 128 49.95 -9.01 -17.83
CA HIS V 128 48.73 -9.47 -17.17
C HIS V 128 49.01 -9.84 -15.71
N LEU V 129 50.12 -10.53 -15.45
CA LEU V 129 50.45 -10.90 -14.08
C LEU V 129 50.78 -9.68 -13.24
N CYS V 130 51.53 -8.73 -13.80
CA CYS V 130 51.81 -7.48 -13.10
C CYS V 130 50.53 -6.76 -12.73
N ASP V 131 49.59 -6.67 -13.68
CA ASP V 131 48.33 -5.99 -13.40
C ASP V 131 47.53 -6.74 -12.34
N PHE V 132 47.53 -8.07 -12.41
CA PHE V 132 46.85 -8.87 -11.40
C PHE V 132 47.37 -8.55 -10.01
N ILE V 133 48.70 -8.55 -9.86
CA ILE V 133 49.31 -8.27 -8.55
C ILE V 133 48.97 -6.86 -8.11
N GLU V 134 49.10 -5.88 -9.00
CA GLU V 134 48.82 -4.50 -8.64
C GLU V 134 47.38 -4.33 -8.20
N THR V 135 46.45 -4.88 -8.98
CA THR V 135 45.04 -4.61 -8.76
C THR V 135 44.51 -5.31 -7.53
N HIS V 136 44.95 -6.55 -7.29
CA HIS V 136 44.31 -7.37 -6.26
C HIS V 136 45.12 -7.51 -4.97
N TYR V 137 46.41 -7.13 -4.96
CA TYR V 137 47.21 -7.45 -3.80
C TYR V 137 47.99 -6.28 -3.20
N LEU V 138 48.55 -5.39 -4.03
CA LEU V 138 49.50 -4.41 -3.49
C LEU V 138 48.80 -3.38 -2.61
N ASN V 139 47.71 -2.80 -3.08
CA ASN V 139 47.01 -1.81 -2.25
C ASN V 139 46.37 -2.46 -1.03
N GLU V 140 45.88 -3.70 -1.17
CA GLU V 140 45.34 -4.39 -0.02
C GLU V 140 46.41 -4.51 1.07
N GLN V 141 47.63 -4.87 0.68
CA GLN V 141 48.72 -4.99 1.64
C GLN V 141 49.05 -3.64 2.26
N VAL V 142 49.12 -2.58 1.45
CA VAL V 142 49.43 -1.27 1.99
C VAL V 142 48.39 -0.86 3.02
N LYS V 143 47.11 -1.06 2.70
CA LYS V 143 46.05 -0.72 3.64
C LYS V 143 46.14 -1.55 4.91
N ALA V 144 46.39 -2.85 4.78
CA ALA V 144 46.49 -3.71 5.96
C ALA V 144 47.65 -3.28 6.86
N ILE V 145 48.79 -2.97 6.25
CA ILE V 145 49.95 -2.55 7.02
C ILE V 145 49.67 -1.23 7.72
N LYS V 146 49.04 -0.28 7.04
CA LYS V 146 48.70 0.99 7.66
C LYS V 146 47.75 0.78 8.84
N GLU V 147 46.74 -0.07 8.66
CA GLU V 147 45.78 -0.32 9.74
C GLU V 147 46.47 -0.94 10.94
N LEU V 148 47.33 -1.94 10.71
CA LEU V 148 48.02 -2.58 11.82
C LEU V 148 48.96 -1.61 12.51
N GLY V 149 49.64 -0.76 11.76
CA GLY V 149 50.46 0.27 12.38
C GLY V 149 49.65 1.20 13.25
N ASP V 150 48.46 1.61 12.78
CA ASP V 150 47.59 2.44 13.59
C ASP V 150 47.20 1.73 14.87
N HIS V 151 46.85 0.45 14.78
CA HIS V 151 46.45 -0.31 15.97
C HIS V 151 47.59 -0.38 16.97
N VAL V 152 48.80 -0.68 16.47
CA VAL V 152 49.97 -0.77 17.36
C VAL V 152 50.21 0.57 18.03
N THR V 153 50.14 1.67 17.27
CA THR V 153 50.37 2.98 17.84
C THR V 153 49.37 3.26 18.96
N ASN V 154 48.09 3.01 18.70
CA ASN V 154 47.07 3.31 19.70
C ASN V 154 47.26 2.44 20.94
N LEU V 155 47.53 1.15 20.77
CA LEU V 155 47.72 0.29 21.92
C LEU V 155 48.92 0.73 22.74
N ARG V 156 50.01 1.11 22.08
CA ARG V 156 51.18 1.60 22.81
C ARG V 156 50.86 2.87 23.58
N LYS V 157 50.17 3.81 22.93
CA LYS V 157 49.85 5.08 23.60
C LYS V 157 48.95 4.85 24.80
N MET V 158 47.97 3.95 24.68
CA MET V 158 47.04 3.70 25.78
C MET V 158 47.72 3.04 26.97
N GLY V 159 48.93 2.51 26.81
CA GLY V 159 49.65 1.89 27.90
C GLY V 159 49.74 0.38 27.85
N ALA V 160 49.30 -0.25 26.77
CA ALA V 160 49.44 -1.69 26.62
C ALA V 160 50.92 -2.05 26.50
N PRO V 161 51.29 -3.29 26.83
CA PRO V 161 50.45 -4.41 27.31
C PRO V 161 50.29 -4.42 28.82
N GLU V 162 51.03 -3.55 29.53
CA GLU V 162 51.01 -3.60 30.99
C GLU V 162 49.63 -3.29 31.53
N SER V 163 48.95 -2.30 30.96
CA SER V 163 47.61 -1.91 31.39
C SER V 163 46.60 -2.79 30.68
N GLY V 164 46.04 -3.78 31.39
CA GLY V 164 44.98 -4.59 30.83
C GLY V 164 43.75 -3.77 30.50
N LEU V 165 43.55 -2.67 31.22
CA LEU V 165 42.45 -1.76 30.90
C LEU V 165 42.60 -1.22 29.49
N ALA V 166 43.83 -0.92 29.07
CA ALA V 166 44.07 -0.40 27.74
C ALA V 166 43.60 -1.40 26.68
N GLU V 167 43.97 -2.67 26.84
CA GLU V 167 43.57 -3.67 25.84
C GLU V 167 42.08 -3.92 25.88
N TYR V 168 41.48 -3.92 27.08
CA TYR V 168 40.03 -4.08 27.17
C TYR V 168 39.30 -2.97 26.43
N LEU V 169 39.71 -1.72 26.66
CA LEU V 169 39.03 -0.60 26.02
C LEU V 169 39.32 -0.55 24.53
N PHE V 170 40.52 -0.94 24.11
CA PHE V 170 40.81 -1.01 22.68
C PHE V 170 39.94 -2.07 22.01
N ASP V 171 39.78 -3.21 22.68
CA ASP V 171 38.90 -4.26 22.17
C ASP V 171 37.48 -3.75 22.01
N LYS V 172 36.99 -2.99 23.00
CA LYS V 172 35.61 -2.51 22.93
CA LYS V 172 35.61 -2.51 22.93
C LYS V 172 35.43 -1.43 21.87
N HIS V 173 36.31 -0.43 21.86
CA HIS V 173 36.06 0.79 21.09
C HIS V 173 36.63 0.77 19.68
N THR V 174 37.79 0.16 19.47
CA THR V 174 38.37 0.12 18.13
C THR V 174 37.93 -1.12 17.37
N LEU V 175 38.10 -2.30 17.97
CA LEU V 175 37.77 -3.55 17.29
C LEU V 175 36.30 -3.95 17.45
N GLY V 176 35.55 -3.26 18.31
CA GLY V 176 34.15 -3.58 18.52
C GLY V 176 33.25 -2.94 17.49
N THR W 5 -27.92 -55.58 13.50
CA THR W 5 -27.91 -54.80 12.23
C THR W 5 -27.74 -53.31 12.52
N SER W 6 -26.87 -52.67 11.74
CA SER W 6 -26.62 -51.25 11.92
C SER W 6 -27.88 -50.44 11.61
N GLN W 7 -28.09 -49.37 12.38
CA GLN W 7 -29.24 -48.49 12.16
C GLN W 7 -29.17 -47.77 10.82
N VAL W 8 -27.99 -47.67 10.21
CA VAL W 8 -27.83 -46.98 8.94
C VAL W 8 -27.87 -47.92 7.74
N ARG W 9 -27.77 -49.23 7.95
CA ARG W 9 -27.61 -50.16 6.84
C ARG W 9 -28.86 -50.19 5.98
N GLN W 10 -28.68 -50.14 4.67
CA GLN W 10 -29.81 -50.18 3.74
C GLN W 10 -29.28 -50.57 2.36
N ASN W 11 -29.79 -51.66 1.81
CA ASN W 11 -29.41 -52.12 0.47
C ASN W 11 -27.92 -52.43 0.39
N TYR W 12 -27.36 -52.96 1.48
CA TYR W 12 -25.94 -53.30 1.56
C TYR W 12 -25.83 -54.79 1.84
N HIS W 13 -25.46 -55.55 0.81
CA HIS W 13 -25.41 -57.00 0.90
C HIS W 13 -24.15 -57.44 1.66
N GLN W 14 -24.27 -58.59 2.35
CA GLN W 14 -23.13 -59.11 3.10
C GLN W 14 -21.96 -59.44 2.19
N ASP W 15 -22.24 -59.93 0.99
CA ASP W 15 -21.17 -60.22 0.02
C ASP W 15 -20.40 -58.95 -0.32
N SER W 16 -21.12 -57.83 -0.51
CA SER W 16 -20.44 -56.57 -0.78
C SER W 16 -19.57 -56.15 0.38
N GLU W 17 -20.05 -56.34 1.60
CA GLU W 17 -19.26 -56.00 2.79
C GLU W 17 -17.96 -56.80 2.83
N ALA W 18 -18.06 -58.11 2.58
CA ALA W 18 -16.88 -58.96 2.57
C ALA W 18 -15.91 -58.54 1.47
N ALA W 19 -16.44 -58.25 0.28
CA ALA W 19 -15.58 -57.84 -0.83
C ALA W 19 -14.88 -56.52 -0.52
N ILE W 20 -15.57 -55.62 0.17
CA ILE W 20 -14.94 -54.35 0.55
C ILE W 20 -13.80 -54.60 1.53
N ASN W 21 -13.98 -55.52 2.48
CA ASN W 21 -12.89 -55.83 3.39
C ASN W 21 -11.69 -56.41 2.64
N ARG W 22 -11.96 -57.30 1.68
CA ARG W 22 -10.88 -57.84 0.87
C ARG W 22 -10.15 -56.73 0.11
N GLN W 23 -10.90 -55.80 -0.46
CA GLN W 23 -10.28 -54.69 -1.19
C GLN W 23 -9.43 -53.83 -0.27
N ILE W 24 -9.89 -53.60 0.96
CA ILE W 24 -9.09 -52.85 1.92
C ILE W 24 -7.75 -53.54 2.12
N ASN W 25 -7.77 -54.85 2.31
CA ASN W 25 -6.51 -55.56 2.51
C ASN W 25 -5.62 -55.43 1.28
N LEU W 26 -6.21 -55.54 0.08
CA LEU W 26 -5.41 -55.45 -1.13
C LEU W 26 -4.76 -54.08 -1.28
N GLU W 27 -5.49 -53.01 -0.95
CA GLU W 27 -4.92 -51.66 -1.02
C GLU W 27 -3.79 -51.49 -0.03
N LEU W 28 -3.95 -52.00 1.20
CA LEU W 28 -2.86 -51.92 2.16
C LEU W 28 -1.63 -52.69 1.67
N TYR W 29 -1.85 -53.86 1.07
CA TYR W 29 -0.75 -54.63 0.52
C TYR W 29 -0.03 -53.86 -0.58
N ALA W 30 -0.79 -53.21 -1.46
CA ALA W 30 -0.17 -52.41 -2.52
C ALA W 30 0.66 -51.27 -1.93
N SER W 31 0.14 -50.60 -0.91
CA SER W 31 0.91 -49.57 -0.23
C SER W 31 2.22 -50.13 0.29
N TYR W 32 2.18 -51.32 0.88
CA TYR W 32 3.39 -51.93 1.43
C TYR W 32 4.40 -52.24 0.32
N VAL W 33 3.91 -52.75 -0.81
CA VAL W 33 4.79 -53.04 -1.94
C VAL W 33 5.48 -51.77 -2.42
N TYR W 34 4.72 -50.68 -2.54
CA TYR W 34 5.31 -49.44 -3.01
C TYR W 34 6.31 -48.89 -2.00
N LEU W 35 6.06 -49.07 -0.71
CA LEU W 35 7.04 -48.65 0.30
C LEU W 35 8.35 -49.41 0.13
N SER W 36 8.25 -50.73 -0.04
CA SER W 36 9.46 -51.53 -0.27
C SER W 36 10.22 -51.03 -1.50
N MET W 37 9.49 -50.82 -2.60
CA MET W 37 10.13 -50.32 -3.81
C MET W 37 10.83 -48.99 -3.55
N SER W 38 10.14 -48.07 -2.87
CA SER W 38 10.70 -46.75 -2.64
C SER W 38 12.02 -46.85 -1.91
N TYR W 39 12.08 -47.66 -0.85
CA TYR W 39 13.33 -47.71 -0.11
C TYR W 39 14.36 -48.65 -0.73
N TYR W 40 14.00 -49.38 -1.79
CA TYR W 40 15.05 -50.06 -2.55
C TYR W 40 15.88 -49.06 -3.34
N PHE W 41 15.24 -48.05 -3.92
CA PHE W 41 15.94 -47.04 -4.70
C PHE W 41 16.66 -46.01 -3.83
N ASP W 42 16.44 -46.05 -2.51
CA ASP W 42 17.18 -45.23 -1.57
C ASP W 42 18.49 -45.88 -1.13
N ARG W 43 18.74 -47.12 -1.54
CA ARG W 43 19.99 -47.79 -1.19
C ARG W 43 21.18 -47.08 -1.82
N ASP W 44 22.31 -47.13 -1.14
CA ASP W 44 23.51 -46.45 -1.63
C ASP W 44 24.03 -47.07 -2.92
N ASP W 45 23.74 -48.35 -3.17
CA ASP W 45 24.16 -49.01 -4.39
C ASP W 45 23.09 -48.99 -5.47
N VAL W 46 22.01 -48.24 -5.29
CA VAL W 46 21.01 -48.02 -6.32
C VAL W 46 20.92 -46.52 -6.58
N ALA W 47 20.53 -45.76 -5.56
CA ALA W 47 20.71 -44.32 -5.52
C ALA W 47 20.02 -43.62 -6.69
N LEU W 48 18.71 -43.85 -6.80
CA LEU W 48 17.86 -43.14 -7.75
C LEU W 48 16.78 -42.43 -6.93
N LYS W 49 17.06 -41.18 -6.54
CA LYS W 49 16.22 -40.50 -5.57
C LYS W 49 14.81 -40.29 -6.08
N ASN W 50 14.66 -39.94 -7.37
CA ASN W 50 13.33 -39.63 -7.87
C ASN W 50 12.48 -40.88 -8.06
N PHE W 51 13.09 -42.01 -8.39
CA PHE W 51 12.36 -43.28 -8.33
C PHE W 51 11.83 -43.53 -6.93
N ALA W 52 12.67 -43.31 -5.93
CA ALA W 52 12.25 -43.50 -4.54
C ALA W 52 11.09 -42.58 -4.19
N LYS W 53 11.18 -41.31 -4.59
CA LYS W 53 10.10 -40.38 -4.28
CA LYS W 53 10.10 -40.38 -4.29
C LYS W 53 8.81 -40.79 -4.99
N TYR W 54 8.91 -41.21 -6.25
CA TYR W 54 7.73 -41.63 -7.00
C TYR W 54 7.02 -42.77 -6.29
N PHE W 55 7.78 -43.79 -5.90
CA PHE W 55 7.14 -44.95 -5.30
C PHE W 55 6.66 -44.66 -3.88
N LEU W 56 7.33 -43.78 -3.14
CA LEU W 56 6.80 -43.37 -1.84
C LEU W 56 5.46 -42.66 -1.99
N HIS W 57 5.36 -41.78 -2.99
CA HIS W 57 4.08 -41.12 -3.26
C HIS W 57 3.01 -42.15 -3.58
N GLN W 58 3.34 -43.15 -4.40
CA GLN W 58 2.35 -44.19 -4.72
C GLN W 58 1.93 -44.94 -3.46
N SER W 59 2.87 -45.23 -2.57
CA SER W 59 2.53 -45.93 -1.33
C SER W 59 1.53 -45.13 -0.51
N HIS W 60 1.79 -43.83 -0.35
CA HIS W 60 0.88 -43.01 0.43
C HIS W 60 -0.50 -42.93 -0.24
N GLU W 61 -0.53 -42.83 -1.57
CA GLU W 61 -1.80 -42.83 -2.28
C GLU W 61 -2.58 -44.12 -2.02
N GLU W 62 -1.90 -45.26 -2.04
CA GLU W 62 -2.57 -46.52 -1.77
C GLU W 62 -3.15 -46.53 -0.36
N ARG W 63 -2.41 -46.02 0.62
CA ARG W 63 -2.93 -45.92 1.98
CA ARG W 63 -2.94 -45.93 1.98
C ARG W 63 -4.21 -45.09 2.00
N GLU W 64 -4.20 -43.99 1.26
CA GLU W 64 -5.39 -43.13 1.19
CA GLU W 64 -5.39 -43.13 1.19
C GLU W 64 -6.57 -43.90 0.60
N HIS W 65 -6.33 -44.69 -0.44
CA HIS W 65 -7.42 -45.48 -1.04
C HIS W 65 -7.98 -46.47 -0.02
N ALA W 66 -7.12 -47.13 0.73
CA ALA W 66 -7.59 -48.07 1.75
C ALA W 66 -8.44 -47.36 2.79
N GLU W 67 -8.00 -46.18 3.23
CA GLU W 67 -8.75 -45.45 4.24
C GLU W 67 -10.11 -45.01 3.70
N LYS W 68 -10.16 -44.62 2.42
CA LYS W 68 -11.45 -44.26 1.84
C LYS W 68 -12.39 -45.47 1.82
N LEU W 69 -11.85 -46.66 1.51
CA LEU W 69 -12.69 -47.85 1.55
C LEU W 69 -13.20 -48.13 2.97
N MET W 70 -12.35 -47.94 3.97
CA MET W 70 -12.81 -48.13 5.35
C MET W 70 -13.93 -47.14 5.70
N LYS W 71 -13.76 -45.88 5.28
CA LYS W 71 -14.81 -44.89 5.48
C LYS W 71 -16.10 -45.33 4.82
N LEU W 72 -16.02 -45.85 3.60
CA LEU W 72 -17.21 -46.34 2.91
C LEU W 72 -17.86 -47.46 3.70
N GLN W 73 -17.05 -48.41 4.18
CA GLN W 73 -17.59 -49.52 4.96
C GLN W 73 -18.41 -49.00 6.14
N ASN W 74 -17.86 -48.00 6.86
CA ASN W 74 -18.60 -47.48 8.00
C ASN W 74 -19.83 -46.69 7.56
N GLN W 75 -19.74 -45.97 6.45
CA GLN W 75 -20.88 -45.18 5.98
C GLN W 75 -22.09 -46.06 5.72
N ARG W 76 -21.89 -47.23 5.14
CA ARG W 76 -22.97 -48.11 4.77
C ARG W 76 -23.41 -49.04 5.90
N GLY W 77 -22.78 -48.96 7.06
CA GLY W 77 -23.15 -49.81 8.17
C GLY W 77 -22.49 -51.16 8.19
N GLY W 78 -21.54 -51.41 7.30
CA GLY W 78 -20.73 -52.61 7.40
C GLY W 78 -19.69 -52.48 8.48
N ARG W 79 -19.02 -53.59 8.77
CA ARG W 79 -18.04 -53.66 9.83
C ARG W 79 -16.70 -54.09 9.27
N ILE W 80 -15.67 -53.29 9.56
CA ILE W 80 -14.33 -53.52 9.06
C ILE W 80 -13.72 -54.69 9.81
N PHE W 81 -13.16 -55.64 9.06
CA PHE W 81 -12.36 -56.72 9.63
C PHE W 81 -11.03 -56.76 8.91
N LEU W 82 -9.97 -56.43 9.64
CA LEU W 82 -8.64 -56.34 9.07
C LEU W 82 -7.94 -57.70 9.12
N GLN W 83 -7.00 -57.90 8.20
CA GLN W 83 -6.22 -59.12 8.11
C GLN W 83 -4.75 -58.76 8.02
N ASP W 84 -3.89 -59.78 8.12
CA ASP W 84 -2.47 -59.56 7.97
C ASP W 84 -2.18 -58.90 6.62
N ILE W 85 -1.26 -57.95 6.63
CA ILE W 85 -0.72 -57.38 5.40
C ILE W 85 0.53 -58.19 5.04
N LYS W 86 0.43 -58.98 3.98
CA LYS W 86 1.54 -59.83 3.59
C LYS W 86 2.72 -58.99 3.10
N LYS W 87 3.92 -59.48 3.35
CA LYS W 87 5.11 -58.77 2.89
C LYS W 87 5.20 -58.86 1.36
N PRO W 88 5.86 -57.89 0.73
CA PRO W 88 6.01 -57.94 -0.73
C PRO W 88 6.78 -59.19 -1.15
N ASP W 89 6.48 -59.66 -2.35
CA ASP W 89 7.10 -60.89 -2.85
C ASP W 89 8.61 -60.74 -3.02
N CYS W 90 9.08 -59.53 -3.32
CA CYS W 90 10.48 -59.28 -3.60
C CYS W 90 11.08 -58.36 -2.55
N ASP W 91 12.34 -58.62 -2.19
CA ASP W 91 13.13 -57.70 -1.40
C ASP W 91 14.00 -56.77 -2.25
N ASP W 92 14.44 -57.26 -3.41
CA ASP W 92 15.31 -56.52 -4.32
C ASP W 92 14.59 -56.41 -5.65
N TRP W 93 14.34 -55.18 -6.10
CA TRP W 93 13.54 -54.93 -7.29
C TRP W 93 14.38 -54.80 -8.57
N GLU W 94 15.70 -54.77 -8.44
CA GLU W 94 16.70 -55.03 -9.47
CA GLU W 94 16.70 -55.03 -9.46
C GLU W 94 16.86 -53.90 -10.49
N SER W 95 15.96 -52.93 -10.56
CA SER W 95 16.16 -51.83 -11.51
C SER W 95 14.93 -50.94 -11.49
N GLY W 96 15.08 -49.76 -12.08
CA GLY W 96 13.92 -48.90 -12.29
C GLY W 96 12.92 -49.51 -13.25
N LEU W 97 13.40 -50.08 -14.36
CA LEU W 97 12.50 -50.67 -15.33
C LEU W 97 11.75 -51.86 -14.74
N ASN W 98 12.45 -52.73 -14.02
CA ASN W 98 11.80 -53.88 -13.42
C ASN W 98 10.79 -53.44 -12.38
N ALA W 99 11.11 -52.42 -11.59
CA ALA W 99 10.16 -51.91 -10.61
C ALA W 99 8.93 -51.34 -11.29
N MET W 100 9.10 -50.62 -12.40
CA MET W 100 7.96 -50.09 -13.13
C MET W 100 7.09 -51.20 -13.68
N GLU W 101 7.70 -52.26 -14.22
CA GLU W 101 6.92 -53.39 -14.71
C GLU W 101 6.16 -54.07 -13.60
N CYS W 102 6.80 -54.24 -12.44
CA CYS W 102 6.12 -54.84 -11.28
C CYS W 102 4.96 -53.96 -10.84
N ALA W 103 5.15 -52.64 -10.83
CA ALA W 103 4.07 -51.74 -10.46
C ALA W 103 2.93 -51.82 -11.46
N LEU W 104 3.24 -51.94 -12.73
CA LEU W 104 2.19 -52.09 -13.74
C LEU W 104 1.38 -53.36 -13.48
N HIS W 105 2.08 -54.47 -13.21
CA HIS W 105 1.40 -55.72 -12.88
C HIS W 105 0.50 -55.54 -11.67
N LEU W 106 1.02 -54.91 -10.61
CA LEU W 106 0.25 -54.72 -9.40
C LEU W 106 -0.98 -53.86 -9.65
N GLU W 107 -0.82 -52.77 -10.40
CA GLU W 107 -1.96 -51.89 -10.65
C GLU W 107 -3.02 -52.58 -11.48
N LYS W 108 -2.61 -53.41 -12.44
CA LYS W 108 -3.60 -54.17 -13.20
C LYS W 108 -4.32 -55.21 -12.33
N ASN W 109 -3.60 -55.81 -11.38
CA ASN W 109 -4.25 -56.74 -10.46
C ASN W 109 -5.29 -56.01 -9.60
N VAL W 110 -4.93 -54.84 -9.08
CA VAL W 110 -5.87 -54.06 -8.28
C VAL W 110 -7.08 -53.66 -9.13
N ASN W 111 -6.83 -53.26 -10.39
CA ASN W 111 -7.93 -52.90 -11.27
C ASN W 111 -8.86 -54.08 -11.50
N GLN W 112 -8.31 -55.27 -11.70
CA GLN W 112 -9.16 -56.45 -11.89
C GLN W 112 -10.01 -56.70 -10.65
N SER W 113 -9.41 -56.56 -9.47
CA SER W 113 -10.18 -56.71 -8.24
C SER W 113 -11.32 -55.69 -8.16
N LEU W 114 -11.04 -54.45 -8.53
CA LEU W 114 -12.07 -53.42 -8.50
C LEU W 114 -13.18 -53.72 -9.50
N LEU W 115 -12.82 -54.24 -10.68
CA LEU W 115 -13.83 -54.58 -11.67
C LEU W 115 -14.72 -55.72 -11.16
N GLU W 116 -14.12 -56.71 -10.49
CA GLU W 116 -14.93 -57.77 -9.90
C GLU W 116 -15.85 -57.22 -8.81
N LEU W 117 -15.34 -56.27 -8.01
CA LEU W 117 -16.17 -55.65 -6.99
C LEU W 117 -17.34 -54.90 -7.63
N HIS W 118 -17.10 -54.19 -8.72
CA HIS W 118 -18.18 -53.48 -9.40
C HIS W 118 -19.19 -54.46 -9.97
N LYS W 119 -18.73 -55.58 -10.53
CA LYS W 119 -19.67 -56.59 -11.03
C LYS W 119 -20.53 -57.12 -9.89
N LEU W 120 -19.92 -57.39 -8.74
CA LEU W 120 -20.70 -57.85 -7.59
C LEU W 120 -21.74 -56.81 -7.18
N ALA W 121 -21.34 -55.54 -7.11
CA ALA W 121 -22.27 -54.49 -6.72
C ALA W 121 -23.42 -54.39 -7.72
N THR W 122 -23.12 -54.50 -9.01
CA THR W 122 -24.17 -54.48 -10.03
C THR W 122 -25.12 -55.66 -9.84
N ASP W 123 -24.58 -56.84 -9.57
CA ASP W 123 -25.43 -58.01 -9.38
CA ASP W 123 -25.43 -58.02 -9.38
C ASP W 123 -26.35 -57.86 -8.18
N LYS W 124 -25.90 -57.18 -7.13
CA LYS W 124 -26.68 -56.96 -5.93
C LYS W 124 -27.53 -55.69 -6.01
N ASN W 125 -27.56 -55.02 -7.16
CA ASN W 125 -28.37 -53.82 -7.35
C ASN W 125 -28.05 -52.78 -6.28
N ASP W 126 -26.76 -52.49 -6.12
CA ASP W 126 -26.29 -51.50 -5.18
C ASP W 126 -25.74 -50.30 -5.94
N PRO W 127 -26.60 -49.41 -6.44
CA PRO W 127 -26.11 -48.30 -7.27
C PRO W 127 -25.15 -47.37 -6.54
N HIS W 128 -25.32 -47.17 -5.23
CA HIS W 128 -24.40 -46.30 -4.51
C HIS W 128 -22.99 -46.86 -4.53
N LEU W 129 -22.84 -48.17 -4.31
CA LEU W 129 -21.51 -48.77 -4.31
C LEU W 129 -20.90 -48.76 -5.71
N CYS W 130 -21.72 -49.04 -6.74
CA CYS W 130 -21.24 -48.94 -8.11
C CYS W 130 -20.73 -47.54 -8.41
N ASP W 131 -21.50 -46.52 -8.02
CA ASP W 131 -21.08 -45.15 -8.27
C ASP W 131 -19.81 -44.82 -7.50
N PHE W 132 -19.70 -45.28 -6.26
CA PHE W 132 -18.49 -45.06 -5.47
C PHE W 132 -17.28 -45.61 -6.19
N ILE W 133 -17.37 -46.86 -6.67
CA ILE W 133 -16.25 -47.48 -7.36
C ILE W 133 -15.92 -46.73 -8.64
N GLU W 134 -16.94 -46.39 -9.42
CA GLU W 134 -16.70 -45.68 -10.68
C GLU W 134 -16.03 -44.34 -10.42
N THR W 135 -16.55 -43.58 -9.45
CA THR W 135 -16.12 -42.20 -9.28
C THR W 135 -14.73 -42.12 -8.66
N HIS W 136 -14.43 -42.99 -7.71
CA HIS W 136 -13.20 -42.83 -6.93
C HIS W 136 -12.08 -43.79 -7.31
N TYR W 137 -12.37 -44.85 -8.07
CA TYR W 137 -11.33 -45.87 -8.25
C TYR W 137 -11.03 -46.22 -9.71
N LEU W 138 -12.05 -46.34 -10.56
CA LEU W 138 -11.81 -46.93 -11.88
C LEU W 138 -10.95 -46.02 -12.76
N ASN W 139 -11.30 -44.73 -12.85
CA ASN W 139 -10.49 -43.85 -13.70
C ASN W 139 -9.11 -43.63 -13.10
N GLU W 140 -9.00 -43.60 -11.78
CA GLU W 140 -7.68 -43.49 -11.16
C GLU W 140 -6.80 -44.66 -11.60
N GLN W 141 -7.36 -45.87 -11.60
CA GLN W 141 -6.59 -47.03 -12.02
C GLN W 141 -6.23 -46.94 -13.50
N VAL W 142 -7.16 -46.52 -14.34
CA VAL W 142 -6.84 -46.41 -15.77
C VAL W 142 -5.70 -45.42 -15.98
N LYS W 143 -5.75 -44.27 -15.31
CA LYS W 143 -4.68 -43.29 -15.44
C LYS W 143 -3.36 -43.83 -14.92
N ALA W 144 -3.38 -44.52 -13.79
CA ALA W 144 -2.14 -45.06 -13.23
C ALA W 144 -1.52 -46.09 -14.17
N ILE W 145 -2.36 -46.97 -14.74
CA ILE W 145 -1.87 -47.99 -15.65
C ILE W 145 -1.29 -47.34 -16.91
N LYS W 146 -1.97 -46.33 -17.44
CA LYS W 146 -1.45 -45.63 -18.62
C LYS W 146 -0.11 -44.98 -18.32
N GLU W 147 0.01 -44.32 -17.16
CA GLU W 147 1.27 -43.66 -16.81
C GLU W 147 2.39 -44.68 -16.66
N LEU W 148 2.12 -45.80 -16.00
CA LEU W 148 3.16 -46.82 -15.82
C LEU W 148 3.56 -47.43 -17.16
N GLY W 149 2.59 -47.65 -18.05
CA GLY W 149 2.93 -48.12 -19.38
C GLY W 149 3.81 -47.14 -20.13
N ASP W 150 3.51 -45.85 -20.01
CA ASP W 150 4.35 -44.83 -20.64
C ASP W 150 5.77 -44.89 -20.09
N HIS W 151 5.91 -45.00 -18.76
CA HIS W 151 7.23 -45.06 -18.16
C HIS W 151 8.00 -46.28 -18.65
N VAL W 152 7.33 -47.43 -18.68
CA VAL W 152 8.00 -48.66 -19.14
C VAL W 152 8.45 -48.50 -20.59
N THR W 153 7.58 -47.94 -21.44
CA THR W 153 7.94 -47.75 -22.83
C THR W 153 9.17 -46.86 -22.96
N ASN W 154 9.18 -45.74 -22.24
CA ASN W 154 10.30 -44.82 -22.36
C ASN W 154 11.59 -45.44 -21.85
N LEU W 155 11.53 -46.14 -20.72
CA LEU W 155 12.74 -46.77 -20.19
C LEU W 155 13.26 -47.83 -21.15
N ARG W 156 12.36 -48.62 -21.75
CA ARG W 156 12.81 -49.62 -22.73
C ARG W 156 13.46 -48.96 -23.93
N LYS W 157 12.84 -47.90 -24.45
CA LYS W 157 13.39 -47.23 -25.63
C LYS W 157 14.76 -46.63 -25.34
N MET W 158 14.93 -46.02 -24.16
CA MET W 158 16.20 -45.43 -23.81
C MET W 158 17.31 -46.44 -23.65
N GLY W 159 17.00 -47.72 -23.54
CA GLY W 159 18.01 -48.76 -23.39
C GLY W 159 18.13 -49.37 -22.01
N ALA W 160 17.23 -49.04 -21.08
CA ALA W 160 17.24 -49.67 -19.78
C ALA W 160 16.89 -51.15 -19.92
N PRO W 161 17.31 -51.98 -18.96
CA PRO W 161 18.06 -51.67 -17.74
C PRO W 161 19.58 -51.74 -17.94
N GLU W 162 20.03 -52.19 -19.12
CA GLU W 162 21.46 -52.37 -19.33
C GLU W 162 22.20 -51.04 -19.24
N SER W 163 21.64 -49.99 -19.82
CA SER W 163 22.28 -48.67 -19.81
C SER W 163 21.85 -47.96 -18.53
N GLY W 164 22.77 -47.90 -17.57
CA GLY W 164 22.50 -47.14 -16.35
C GLY W 164 22.31 -45.66 -16.62
N LEU W 165 22.92 -45.17 -17.70
CA LEU W 165 22.70 -43.78 -18.12
C LEU W 165 21.23 -43.55 -18.43
N ALA W 166 20.56 -44.52 -19.05
CA ALA W 166 19.15 -44.37 -19.36
C ALA W 166 18.33 -44.16 -18.10
N GLU W 167 18.56 -44.99 -17.07
CA GLU W 167 17.79 -44.86 -15.85
C GLU W 167 18.14 -43.57 -15.11
N TYR W 168 19.41 -43.17 -15.12
CA TYR W 168 19.79 -41.90 -14.50
C TYR W 168 19.04 -40.74 -15.16
N LEU W 169 19.04 -40.70 -16.50
CA LEU W 169 18.41 -39.60 -17.20
C LEU W 169 16.90 -39.64 -17.06
N PHE W 170 16.31 -40.84 -17.04
CA PHE W 170 14.87 -40.95 -16.81
C PHE W 170 14.52 -40.44 -15.42
N ASP W 171 15.33 -40.79 -14.42
CA ASP W 171 15.12 -40.29 -13.08
C ASP W 171 15.16 -38.77 -13.04
N LYS W 172 16.12 -38.17 -13.75
CA LYS W 172 16.25 -36.71 -13.73
CA LYS W 172 16.25 -36.71 -13.73
C LYS W 172 15.11 -36.03 -14.48
N HIS W 173 14.82 -36.48 -15.69
CA HIS W 173 13.97 -35.71 -16.60
C HIS W 173 12.49 -36.07 -16.52
N THR W 174 12.15 -37.34 -16.31
CA THR W 174 10.74 -37.71 -16.22
C THR W 174 10.22 -37.66 -14.79
N LEU W 175 10.92 -38.31 -13.86
CA LEU W 175 10.48 -38.37 -12.48
C LEU W 175 10.95 -37.18 -11.65
N GLY W 176 11.84 -36.34 -12.18
CA GLY W 176 12.34 -35.20 -11.44
C GLY W 176 11.42 -34.00 -11.56
N THR X 5 34.45 52.01 -12.63
CA THR X 5 33.54 51.72 -11.49
C THR X 5 32.45 50.74 -11.89
N SER X 6 32.21 49.75 -11.04
CA SER X 6 31.19 48.75 -11.32
C SER X 6 29.81 49.39 -11.35
N GLN X 7 28.96 48.89 -12.26
CA GLN X 7 27.60 49.38 -12.37
C GLN X 7 26.76 49.09 -11.14
N VAL X 8 27.17 48.12 -10.32
CA VAL X 8 26.42 47.75 -9.13
C VAL X 8 26.94 48.42 -7.86
N ARG X 9 28.12 49.04 -7.91
CA ARG X 9 28.75 49.53 -6.69
C ARG X 9 27.96 50.69 -6.10
N GLN X 10 27.74 50.65 -4.79
CA GLN X 10 27.01 51.71 -4.11
C GLN X 10 27.32 51.63 -2.62
N ASN X 11 27.86 52.72 -2.07
CA ASN X 11 28.17 52.80 -0.64
C ASN X 11 29.19 51.74 -0.23
N TYR X 12 30.13 51.44 -1.11
CA TYR X 12 31.17 50.44 -0.86
C TYR X 12 32.52 51.13 -0.94
N HIS X 13 33.13 51.36 0.21
CA HIS X 13 34.39 52.08 0.28
C HIS X 13 35.55 51.20 -0.15
N GLN X 14 36.59 51.85 -0.70
CA GLN X 14 37.76 51.11 -1.15
C GLN X 14 38.45 50.40 0.00
N ASP X 15 38.48 51.05 1.18
CA ASP X 15 39.08 50.41 2.35
C ASP X 15 38.35 49.13 2.71
N SER X 16 37.02 49.13 2.62
CA SER X 16 36.26 47.92 2.88
C SER X 16 36.60 46.82 1.88
N GLU X 17 36.75 47.19 0.61
CA GLU X 17 37.12 46.22 -0.42
C GLU X 17 38.48 45.58 -0.11
N ALA X 18 39.46 46.40 0.25
CA ALA X 18 40.78 45.88 0.60
C ALA X 18 40.71 44.98 1.82
N ALA X 19 39.95 45.39 2.84
CA ALA X 19 39.83 44.57 4.05
C ALA X 19 39.16 43.24 3.73
N ILE X 20 38.18 43.23 2.83
CA ILE X 20 37.54 41.98 2.45
C ILE X 20 38.53 41.06 1.76
N ASN X 21 39.40 41.62 0.90
CA ASN X 21 40.40 40.78 0.26
C ASN X 21 41.35 40.19 1.30
N ARG X 22 41.76 40.99 2.28
CA ARG X 22 42.61 40.47 3.35
C ARG X 22 41.92 39.34 4.11
N GLN X 23 40.63 39.51 4.40
CA GLN X 23 39.89 38.49 5.12
C GLN X 23 39.78 37.21 4.30
N ILE X 24 39.61 37.34 2.99
CA ILE X 24 39.60 36.16 2.13
C ILE X 24 40.90 35.39 2.29
N ASN X 25 42.03 36.10 2.23
CA ASN X 25 43.31 35.42 2.37
C ASN X 25 43.42 34.75 3.74
N LEU X 26 42.96 35.43 4.79
CA LEU X 26 43.06 34.85 6.13
C LEU X 26 42.22 33.57 6.25
N GLU X 27 41.03 33.56 5.67
CA GLU X 27 40.18 32.37 5.72
C GLU X 27 40.82 31.22 4.96
N LEU X 28 41.41 31.50 3.79
CA LEU X 28 42.10 30.45 3.05
C LEU X 28 43.28 29.90 3.86
N TYR X 29 44.01 30.79 4.53
CA TYR X 29 45.12 30.34 5.37
C TYR X 29 44.63 29.44 6.50
N ALA X 30 43.51 29.81 7.14
CA ALA X 30 42.97 28.98 8.21
C ALA X 30 42.57 27.61 7.67
N SER X 31 41.95 27.57 6.49
CA SER X 31 41.63 26.29 5.88
C SER X 31 42.88 25.44 5.69
N TYR X 32 43.97 26.07 5.23
CA TYR X 32 45.22 25.33 5.03
C TYR X 32 45.75 24.79 6.35
N VAL X 33 45.69 25.60 7.41
CA VAL X 33 46.16 25.15 8.72
C VAL X 33 45.37 23.93 9.18
N TYR X 34 44.06 23.98 9.02
CA TYR X 34 43.23 22.86 9.46
C TYR X 34 43.50 21.62 8.62
N LEU X 35 43.78 21.79 7.32
CA LEU X 35 44.14 20.64 6.49
C LEU X 35 45.42 19.98 7.01
N SER X 36 46.43 20.79 7.31
CA SER X 36 47.67 20.27 7.86
C SER X 36 47.40 19.50 9.15
N MET X 37 46.63 20.10 10.07
CA MET X 37 46.30 19.42 11.31
C MET X 37 45.62 18.10 11.04
N SER X 38 44.63 18.09 10.15
CA SER X 38 43.87 16.87 9.89
C SER X 38 44.78 15.75 9.45
N TYR X 39 45.71 16.03 8.54
CA TYR X 39 46.56 14.94 8.06
C TYR X 39 47.73 14.66 8.98
N TYR X 40 47.96 15.49 10.01
CA TYR X 40 48.88 15.07 11.06
C TYR X 40 48.32 13.90 11.86
N PHE X 41 47.02 13.96 12.19
CA PHE X 41 46.39 12.91 12.97
C PHE X 41 46.09 11.66 12.15
N ASP X 42 46.28 11.72 10.83
CA ASP X 42 46.17 10.54 9.97
C ASP X 42 47.48 9.77 9.89
N ARG X 43 48.56 10.28 10.48
CA ARG X 43 49.83 9.57 10.46
C ARG X 43 49.73 8.28 11.24
N ASP X 44 50.51 7.27 10.81
CA ASP X 44 50.45 5.97 11.45
C ASP X 44 50.98 6.02 12.88
N ASP X 45 51.85 6.98 13.20
CA ASP X 45 52.38 7.12 14.55
C ASP X 45 51.60 8.12 15.40
N VAL X 46 50.44 8.59 14.91
CA VAL X 46 49.54 9.41 15.70
C VAL X 46 48.19 8.70 15.76
N ALA X 47 47.57 8.50 14.59
CA ALA X 47 46.46 7.56 14.43
C ALA X 47 45.29 7.90 15.36
N LEU X 48 44.77 9.10 15.22
CA LEU X 48 43.54 9.53 15.91
C LEU X 48 42.56 9.95 14.82
N LYS X 49 41.75 8.99 14.35
CA LYS X 49 40.94 9.21 13.16
C LYS X 49 39.92 10.33 13.36
N ASN X 50 39.31 10.40 14.53
CA ASN X 50 38.26 11.39 14.73
C ASN X 50 38.82 12.80 14.87
N PHE X 51 40.02 12.94 15.44
CA PHE X 51 40.70 14.24 15.39
C PHE X 51 40.90 14.67 13.93
N ALA X 52 41.37 13.73 13.10
CA ALA X 52 41.59 14.03 11.70
C ALA X 52 40.29 14.46 11.02
N LYS X 53 39.21 13.73 11.27
CA LYS X 53 37.92 14.09 10.67
CA LYS X 53 37.92 14.09 10.67
C LYS X 53 37.46 15.46 11.13
N TYR X 54 37.59 15.74 12.43
CA TYR X 54 37.19 17.04 12.96
C TYR X 54 37.92 18.17 12.25
N PHE X 55 39.24 18.05 12.14
CA PHE X 55 40.00 19.15 11.56
C PHE X 55 39.78 19.25 10.04
N LEU X 56 39.54 18.12 9.37
CA LEU X 56 39.20 18.20 7.95
C LEU X 56 37.88 18.93 7.75
N HIS X 57 36.89 18.65 8.60
CA HIS X 57 35.63 19.38 8.53
C HIS X 57 35.86 20.88 8.74
N GLN X 58 36.70 21.24 9.72
CA GLN X 58 36.99 22.64 9.94
C GLN X 58 37.65 23.28 8.72
N SER X 59 38.56 22.55 8.07
CA SER X 59 39.22 23.07 6.88
C SER X 59 38.19 23.38 5.79
N HIS X 60 37.28 22.45 5.54
CA HIS X 60 36.28 22.67 4.50
C HIS X 60 35.37 23.83 4.87
N GLU X 61 35.01 23.96 6.14
CA GLU X 61 34.20 25.09 6.57
C GLU X 61 34.91 26.41 6.32
N GLU X 62 36.21 26.47 6.60
CA GLU X 62 36.97 27.68 6.34
C GLU X 62 36.96 28.03 4.85
N ARG X 63 37.12 27.01 3.99
CA ARG X 63 37.05 27.25 2.56
CA ARG X 63 37.05 27.25 2.56
C ARG X 63 35.70 27.86 2.19
N GLU X 64 34.62 27.33 2.79
CA GLU X 64 33.30 27.86 2.52
CA GLU X 64 33.30 27.86 2.53
C GLU X 64 33.20 29.32 2.93
N HIS X 65 33.77 29.67 4.10
CA HIS X 65 33.75 31.07 4.53
C HIS X 65 34.47 31.97 3.54
N ALA X 66 35.63 31.52 3.06
CA ALA X 66 36.37 32.32 2.07
C ALA X 66 35.55 32.52 0.81
N GLU X 67 34.89 31.46 0.35
CA GLU X 67 34.09 31.57 -0.87
C GLU X 67 32.91 32.52 -0.67
N LYS X 68 32.30 32.50 0.51
CA LYS X 68 31.23 33.44 0.79
C LYS X 68 31.73 34.88 0.76
N LEU X 69 32.93 35.11 1.29
CA LEU X 69 33.51 36.46 1.22
C LEU X 69 33.75 36.88 -0.23
N MET X 70 34.24 35.96 -1.07
CA MET X 70 34.43 36.30 -2.48
C MET X 70 33.11 36.63 -3.16
N LYS X 71 32.07 35.86 -2.85
CA LYS X 71 30.74 36.17 -3.37
C LYS X 71 30.30 37.56 -2.94
N LEU X 72 30.53 37.90 -1.67
CA LEU X 72 30.18 39.24 -1.18
C LEU X 72 30.93 40.31 -1.97
N GLN X 73 32.24 40.11 -2.16
CA GLN X 73 33.03 41.06 -2.91
C GLN X 73 32.42 41.32 -4.27
N ASN X 74 32.02 40.26 -4.97
CA ASN X 74 31.43 40.45 -6.30
C ASN X 74 30.05 41.10 -6.20
N GLN X 75 29.28 40.75 -5.17
CA GLN X 75 27.94 41.32 -5.04
C GLN X 75 27.98 42.84 -4.94
N ARG X 76 28.95 43.37 -4.19
CA ARG X 76 29.03 44.80 -3.95
C ARG X 76 29.82 45.54 -5.02
N GLY X 77 30.29 44.85 -6.05
CA GLY X 77 31.04 45.49 -7.12
C GLY X 77 32.51 45.68 -6.85
N GLY X 78 33.04 45.12 -5.77
CA GLY X 78 34.46 45.09 -5.57
C GLY X 78 35.12 44.04 -6.44
N ARG X 79 36.45 44.06 -6.44
CA ARG X 79 37.23 43.16 -7.29
C ARG X 79 38.16 42.33 -6.42
N ILE X 80 38.09 41.02 -6.59
CA ILE X 80 38.88 40.08 -5.80
C ILE X 80 40.31 40.13 -6.27
N PHE X 81 41.25 40.27 -5.34
CA PHE X 81 42.67 40.14 -5.61
C PHE X 81 43.24 39.11 -4.64
N LEU X 82 43.66 37.98 -5.16
CA LEU X 82 44.17 36.88 -4.35
C LEU X 82 45.66 37.03 -4.11
N GLN X 83 46.14 36.45 -3.02
CA GLN X 83 47.54 36.49 -2.64
C GLN X 83 47.98 35.08 -2.28
N ASP X 84 49.29 34.93 -2.08
CA ASP X 84 49.83 33.64 -1.67
C ASP X 84 49.16 33.18 -0.39
N ILE X 85 48.84 31.90 -0.32
CA ILE X 85 48.39 31.27 0.92
C ILE X 85 49.64 30.72 1.61
N LYS X 86 50.02 31.34 2.72
CA LYS X 86 51.23 30.94 3.42
C LYS X 86 51.04 29.56 4.05
N LYS X 87 52.14 28.80 4.10
CA LYS X 87 52.08 27.49 4.70
C LYS X 87 51.89 27.61 6.22
N PRO X 88 51.30 26.61 6.86
CA PRO X 88 51.13 26.67 8.31
C PRO X 88 52.48 26.76 9.02
N ASP X 89 52.47 27.40 10.19
CA ASP X 89 53.72 27.61 10.93
C ASP X 89 54.33 26.29 11.39
N CYS X 90 53.51 25.26 11.63
CA CYS X 90 53.98 23.99 12.17
C CYS X 90 53.73 22.88 11.16
N ASP X 91 54.67 21.95 11.10
CA ASP X 91 54.47 20.69 10.38
C ASP X 91 53.99 19.56 11.28
N ASP X 92 54.38 19.58 12.55
CA ASP X 92 54.04 18.57 13.53
C ASP X 92 53.30 19.25 14.68
N TRP X 93 52.06 18.82 14.93
CA TRP X 93 51.19 19.49 15.89
C TRP X 93 51.26 18.88 17.28
N GLU X 94 51.95 17.75 17.43
CA GLU X 94 52.47 17.17 18.67
CA GLU X 94 52.48 17.17 18.66
C GLU X 94 51.42 16.53 19.57
N SER X 95 50.13 16.74 19.34
CA SER X 95 49.13 16.08 20.18
C SER X 95 47.75 16.63 19.81
N GLY X 96 46.72 15.93 20.29
CA GLY X 96 45.38 16.45 20.16
C GLY X 96 45.17 17.71 20.97
N LEU X 97 45.67 17.74 22.20
CA LEU X 97 45.50 18.93 23.04
C LEU X 97 46.22 20.13 22.43
N ASN X 98 47.46 19.94 21.98
CA ASN X 98 48.20 21.05 21.39
C ASN X 98 47.51 21.54 20.12
N ALA X 99 46.99 20.62 19.31
CA ALA X 99 46.27 21.02 18.11
C ALA X 99 45.01 21.82 18.46
N MET X 100 44.28 21.39 19.49
CA MET X 100 43.10 22.12 19.90
C MET X 100 43.47 23.52 20.39
N GLU X 101 44.56 23.64 21.15
CA GLU X 101 45.00 24.96 21.61
C GLU X 101 45.39 25.85 20.44
N CYS X 102 46.11 25.29 19.46
CA CYS X 102 46.47 26.06 18.27
C CYS X 102 45.23 26.49 17.50
N ALA X 103 44.24 25.61 17.39
CA ALA X 103 43.01 25.97 16.71
C ALA X 103 42.27 27.08 17.45
N LEU X 104 42.27 27.03 18.78
CA LEU X 104 41.66 28.09 19.57
C LEU X 104 42.35 29.43 19.30
N HIS X 105 43.68 29.42 19.29
CA HIS X 105 44.43 30.63 18.97
C HIS X 105 44.08 31.15 17.59
N LEU X 106 44.02 30.25 16.61
CA LEU X 106 43.71 30.65 15.24
C LEU X 106 42.31 31.24 15.13
N GLU X 107 41.33 30.60 15.77
CA GLU X 107 39.96 31.09 15.69
C GLU X 107 39.83 32.44 16.37
N LYS X 108 40.54 32.66 17.47
CA LYS X 108 40.50 33.97 18.10
C LYS X 108 41.16 35.03 17.23
N ASN X 109 42.24 34.67 16.51
CA ASN X 109 42.85 35.62 15.59
C ASN X 109 41.87 35.99 14.46
N VAL X 110 41.19 35.00 13.90
CA VAL X 110 40.22 35.27 12.85
C VAL X 110 39.09 36.14 13.38
N ASN X 111 38.63 35.86 14.61
CA ASN X 111 37.59 36.67 15.21
C ASN X 111 38.03 38.11 15.37
N GLN X 112 39.27 38.33 15.81
CA GLN X 112 39.77 39.70 15.95
C GLN X 112 39.80 40.40 14.60
N SER X 113 40.21 39.69 13.56
CA SER X 113 40.19 40.28 12.23
C SER X 113 38.77 40.66 11.81
N LEU X 114 37.80 39.79 12.09
CA LEU X 114 36.42 40.08 11.74
C LEU X 114 35.89 41.29 12.52
N LEU X 115 36.28 41.40 13.79
CA LEU X 115 35.84 42.55 14.59
C LEU X 115 36.42 43.84 14.05
N GLU X 116 37.69 43.81 13.62
CA GLU X 116 38.28 44.99 13.00
C GLU X 116 37.56 45.33 11.70
N LEU X 117 37.20 44.31 10.92
CA LEU X 117 36.45 44.55 9.68
C LEU X 117 35.10 45.19 9.98
N HIS X 118 34.42 44.70 11.02
CA HIS X 118 33.13 45.30 11.39
C HIS X 118 33.30 46.74 11.84
N LYS X 119 34.36 47.02 12.61
CA LYS X 119 34.61 48.40 13.01
C LYS X 119 34.84 49.29 11.80
N LEU X 120 35.60 48.81 10.82
CA LEU X 120 35.82 49.57 9.59
C LEU X 120 34.50 49.83 8.88
N ALA X 121 33.67 48.79 8.75
CA ALA X 121 32.39 48.95 8.06
C ALA X 121 31.51 49.96 8.79
N THR X 122 31.50 49.91 10.12
CA THR X 122 30.73 50.89 10.89
C THR X 122 31.25 52.30 10.66
N ASP X 123 32.57 52.47 10.62
CA ASP X 123 33.14 53.80 10.41
CA ASP X 123 33.15 53.80 10.40
C ASP X 123 32.78 54.35 9.04
N LYS X 124 32.66 53.48 8.03
CA LYS X 124 32.31 53.89 6.67
C LYS X 124 30.81 53.90 6.43
N ASN X 125 30.00 53.69 7.48
CA ASN X 125 28.55 53.72 7.38
C ASN X 125 28.05 52.76 6.28
N ASP X 126 28.53 51.52 6.36
CA ASP X 126 28.13 50.48 5.42
C ASP X 126 27.27 49.45 6.15
N PRO X 127 25.98 49.75 6.37
CA PRO X 127 25.14 48.82 7.14
C PRO X 127 25.02 47.45 6.52
N HIS X 128 25.03 47.33 5.19
CA HIS X 128 24.93 46.02 4.58
C HIS X 128 26.13 45.15 4.94
N LEU X 129 27.33 45.71 4.90
CA LEU X 129 28.52 44.95 5.25
C LEU X 129 28.53 44.58 6.72
N CYS X 130 28.14 45.52 7.59
CA CYS X 130 28.04 45.22 9.01
C CYS X 130 27.08 44.07 9.25
N ASP X 131 25.91 44.11 8.61
CA ASP X 131 24.93 43.05 8.79
C ASP X 131 25.46 41.72 8.25
N PHE X 132 26.16 41.76 7.11
CA PHE X 132 26.75 40.54 6.57
C PHE X 132 27.70 39.91 7.59
N ILE X 133 28.60 40.71 8.15
CA ILE X 133 29.56 40.20 9.12
C ILE X 133 28.84 39.65 10.35
N GLU X 134 27.87 40.41 10.87
CA GLU X 134 27.14 39.96 12.05
C GLU X 134 26.43 38.64 11.80
N THR X 135 25.72 38.55 10.68
CA THR X 135 24.84 37.43 10.44
C THR X 135 25.62 36.16 10.11
N HIS X 136 26.70 36.27 9.34
CA HIS X 136 27.35 35.09 8.81
C HIS X 136 28.65 34.72 9.51
N TYR X 137 29.23 35.61 10.31
CA TYR X 137 30.58 35.32 10.81
C TYR X 137 30.73 35.43 12.32
N LEU X 138 30.13 36.44 12.97
CA LEU X 138 30.47 36.71 14.36
C LEU X 138 30.00 35.59 15.29
N ASN X 139 28.73 35.18 15.17
CA ASN X 139 28.25 34.13 16.05
C ASN X 139 28.89 32.79 15.73
N GLU X 140 29.20 32.54 14.46
CA GLU X 140 29.93 31.32 14.12
C GLU X 140 31.26 31.28 14.84
N GLN X 141 31.98 32.40 14.87
CA GLN X 141 33.26 32.44 15.56
C GLN X 141 33.07 32.25 17.06
N VAL X 142 32.06 32.89 17.65
CA VAL X 142 31.84 32.73 19.08
C VAL X 142 31.58 31.27 19.42
N LYS X 143 30.72 30.61 18.62
CA LYS X 143 30.43 29.20 18.85
C LYS X 143 31.67 28.33 18.68
N ALA X 144 32.47 28.60 17.64
CA ALA X 144 33.67 27.79 17.42
C ALA X 144 34.66 27.96 18.58
N ILE X 145 34.83 29.19 19.05
CA ILE X 145 35.75 29.44 20.15
C ILE X 145 35.26 28.75 21.41
N LYS X 146 33.95 28.82 21.70
CA LYS X 146 33.41 28.13 22.86
C LYS X 146 33.63 26.63 22.77
N GLU X 147 33.38 26.05 21.60
CA GLU X 147 33.56 24.61 21.42
C GLU X 147 35.02 24.21 21.64
N LEU X 148 35.95 24.96 21.05
CA LEU X 148 37.35 24.64 21.21
C LEU X 148 37.80 24.79 22.66
N GLY X 149 37.30 25.82 23.35
CA GLY X 149 37.59 25.94 24.77
C GLY X 149 37.09 24.75 25.56
N ASP X 150 35.87 24.29 25.26
CA ASP X 150 35.35 23.10 25.93
C ASP X 150 36.24 21.89 25.68
N HIS X 151 36.67 21.71 24.42
CA HIS X 151 37.53 20.57 24.09
C HIS X 151 38.84 20.64 24.86
N VAL X 152 39.46 21.82 24.90
CA VAL X 152 40.72 21.99 25.61
C VAL X 152 40.53 21.68 27.09
N THR X 153 39.45 22.21 27.68
CA THR X 153 39.18 21.95 29.10
C THR X 153 39.07 20.46 29.37
N ASN X 154 38.28 19.76 28.55
CA ASN X 154 38.07 18.34 28.80
C ASN X 154 39.37 17.55 28.63
N LEU X 155 40.15 17.86 27.58
CA LEU X 155 41.40 17.15 27.37
C LEU X 155 42.36 17.38 28.54
N ARG X 156 42.43 18.63 29.02
CA ARG X 156 43.29 18.91 30.17
C ARG X 156 42.84 18.14 31.40
N LYS X 157 41.54 18.14 31.67
CA LYS X 157 41.03 17.45 32.86
C LYS X 157 41.30 15.95 32.78
N MET X 158 41.12 15.36 31.60
CA MET X 158 41.34 13.93 31.44
C MET X 158 42.79 13.53 31.62
N GLY X 159 43.73 14.47 31.60
CA GLY X 159 45.14 14.17 31.78
C GLY X 159 45.98 14.26 30.52
N ALA X 160 45.43 14.74 29.42
CA ALA X 160 46.23 14.93 28.22
C ALA X 160 47.25 16.04 28.44
N PRO X 161 48.35 16.04 27.67
CA PRO X 161 48.72 15.11 26.60
C PRO X 161 49.51 13.91 27.11
N GLU X 162 49.89 13.91 28.39
CA GLU X 162 50.74 12.85 28.91
C GLU X 162 50.04 11.49 28.83
N SER X 163 48.76 11.45 29.18
CA SER X 163 47.99 10.21 29.14
C SER X 163 47.45 10.02 27.73
N GLY X 164 48.07 9.12 26.97
CA GLY X 164 47.54 8.81 25.65
C GLY X 164 46.15 8.19 25.72
N LEU X 165 45.84 7.53 26.84
CA LEU X 165 44.50 7.01 27.04
C LEU X 165 43.47 8.12 27.02
N ALA X 166 43.82 9.28 27.59
CA ALA X 166 42.90 10.41 27.60
C ALA X 166 42.56 10.85 26.19
N GLU X 167 43.57 10.98 25.33
CA GLU X 167 43.31 11.42 23.96
C GLU X 167 42.57 10.35 23.17
N TYR X 168 42.89 9.08 23.40
CA TYR X 168 42.15 8.01 22.73
C TYR X 168 40.67 8.05 23.10
N LEU X 169 40.37 8.18 24.39
CA LEU X 169 38.98 8.17 24.82
C LEU X 169 38.26 9.45 24.39
N PHE X 170 38.96 10.58 24.37
CA PHE X 170 38.35 11.81 23.88
C PHE X 170 38.03 11.68 22.40
N ASP X 171 38.94 11.08 21.63
CA ASP X 171 38.69 10.83 20.22
C ASP X 171 37.45 9.96 20.03
N LYS X 172 37.30 8.92 20.85
CA LYS X 172 36.17 8.02 20.68
CA LYS X 172 36.17 8.02 20.68
C LYS X 172 34.86 8.68 21.11
N HIS X 173 34.84 9.31 22.29
CA HIS X 173 33.58 9.69 22.91
C HIS X 173 33.12 11.10 22.57
N THR X 174 34.04 12.06 22.44
CA THR X 174 33.63 13.42 22.12
C THR X 174 33.61 13.66 20.61
N LEU X 175 34.71 13.33 19.93
CA LEU X 175 34.81 13.57 18.50
C LEU X 175 34.23 12.45 17.64
N GLY X 176 33.88 11.32 18.25
CA GLY X 176 33.33 10.20 17.50
C GLY X 176 31.84 10.31 17.30
#